data_8S0A
#
_entry.id   8S0A
#
_cell.length_a   1.00
_cell.length_b   1.00
_cell.length_c   1.00
_cell.angle_alpha   90.00
_cell.angle_beta   90.00
_cell.angle_gamma   90.00
#
_symmetry.space_group_name_H-M   'P 1'
#
loop_
_entity.id
_entity.type
_entity.pdbx_description
1 polymer 'DNA (22-mer)'
2 polymer 'DNA (22-mer)'
3 polymer 'DNA replication licensing factor MCM2'
4 polymer 'DNA replication licensing factor MCM3'
5 polymer 'DNA replication licensing factor MCM4'
6 polymer 'DNA replication licensing factor MCM5'
7 polymer 'DNA replication licensing factor MCM6'
8 polymer 'DNA replication licensing factor MCM7'
9 non-polymer "ADENOSINE-5'-TRIPHOSPHATE"
10 non-polymer 'MAGNESIUM ION'
11 non-polymer 'ZINC ION'
12 non-polymer "ADENOSINE-5'-DIPHOSPHATE"
#
loop_
_entity_poly.entity_id
_entity_poly.type
_entity_poly.pdbx_seq_one_letter_code
_entity_poly.pdbx_strand_id
1 'polydeoxyribonucleotide'
;(DA)(DT)(DG)(DC)(DA)(DT)(DG)(DC)(DA)(DT)(DG)(DC)(DG)(DC)(DA)(DT)(DG)(DC)(DA)(DT)
(DG)(DC)
;
X
2 'polydeoxyribonucleotide'
;(DG)(DC)(DA)(DT)(DG)(DC)(DA)(DT)(DG)(DC)(DG)(DC)(DA)(DT)(DG)(DC)(DA)(DT)(DG)(DC)
(DA)(DT)
;
Y
3 'polypeptide(L)'
;MAESSESFTMASSPAQRRRGNDPLTSSPGRSSRRTDALTSSPGRDLPPFEDESEGLLGTEGPLEEEEDGEELIGDGMERD
YRAIPELDAYEAEGLALDDEDVEELTASQREAAERAMRQRDREAGRGLGRMRRGLLYDSDEEDEERPARKRRQVERATED
GEEDEEMIESIENLEDLKGHSVREWVSMAGPRLEIHHRFKNFLRTHVDSHGHNVFKERISDMCKENRESLVVNYEDLAAR
EHVLAYFLPEAPAELLQIFDEAALEVVLAMYPKYDRITNHIHVRISHLPLVEELRSLRQLHLNQLIRTSGVVTSCTGVLP
QLSMVKYNCNKCNFVLGPFCQSQNQEVKPGSCPECQSAGPFEVNMEETIYQNYQRIRIQESPGKVAAGRLPRSKDAILLA
DLVDSCKPGDEIELTGIYHNNYDGSLNTANGFPVFATVILANHVAKKDNKVAVGELTDEDVKMITSLSKDQQIGEKIFAS
IAPSIYGHEDIKRGLALALFGGEPKNPGGKHKVRGDINVLLCGDPGTAKSQFLKYIEKVSSRAIFTTGQGASAVGLTAYV
QRHPVSREWTLEAGALVLADRGVCLIDEFDKMNDQDRTSIHEAMEQQSISISKAGIVTSLQARCTVIAAANPIGGRYDPS
LTFSENVDLTEPIISRFDILCVVRDTVDPVQDEMLARFVVGSHVRHHPSNKEEEGLANGSAAEPAMPNTYGVEPLPQEVL
KKYIIYAKERVHPKLNQMDQDKVAKMYSDLRKESMATGSIPITVRHIESMIRMAEAHARIHLRDYVIEDDVNMAIRVMLE
SFIDTQKFSVMRSMRKTFARYLSFRRDNNELLLFILKQLVAEQVTYQRNRFGAQQDTIEVPEKDLVDKARQINIHNLSAF
YDSELFRMNKFSHDLKRKMILQQF
;
2
4 'polypeptide(L)'
;GEMAGTVVLDDVELREAQRDYLDFLDDEEDQGIYQSKVRELISDNQYRLIVNVNDLRRKNEKRANRLLNNAFEELVAFQR
ALKDFVASIDATYAKQYEEFYVGLEGSFGSKHVSPRTLTSCFLSCVVCVEGIVTKCSLVRPKVVRSVHYCPATKKTIERR
YSDLTTLVAFPSSSVYPTKDEENNPLETEYGLSVYKDHQTITIQEMPEKAPAGQLPRSVDVILDDDLVDKAKPGDRVQVV
GTYRCLPGKKGGYTSGTFRTVLIACNVKQMSKDAQPSFSAEDIAKIKKFSKTRSKDIFDQLAKSLAPSIHGHDYVKKAIL
CLLLGGVERDLENGSHIRGDINILLIGDPSVAKSQLLRYVLCTAPRAIPTTGRGSSGVGLTAAVTTDQETGERRLEAGAM
VLADRGVVCIDEFDKMSDMDRTAIHEVMEQGRVTIAKAGIHARLNARCSVLAAANPVYGRYDQYKTPMENIGLQDSLLSR
FDLLFIMLDQMDPEQDREISDHVLRMHRYRAPGEQDGDAMPLGSAVDILATDDPNFSQEDQQDTQIYEKHDNLLHGTKKK
KEKMVSAAFMKKYIHVAKIIKPVLTQESATYIAEEYSRLRSQDSMSSDTARTSPVTARTLETLIRLATAHAKARMSKTVD
LQDAEEAVELVQYAYFKKVLEKEKKRKKRSEDESETEDEEEKSQEDQEQKRKRRKTRQPDAKDGDSYDPYDFSDTEEEMP
QVHTPKTADSQETKESQKVELSESRLKAFKVALLDVFREAHAQSIGMNRLTESINRDSEEPFSSVEIQAALSKMQDDNQV
MVSEGIIFLI
;
3
5 'polypeptide(L)'
;MSSPASTPSRRGSRRGRATPAQTPRSEDARSSPSQRRRGEDSTSTGELQPMPTSPGVDLQSPAAQDVLFSSPPQMHSSAI
PLDFDVSSPLTYGTPSSRVEGTPRSGVRGTPVRQRPDLGSAQKGLQVDLQSDGAAAEDIVASEQSLGQKLVIWGTDVNVA
ACKENFQRFLQRFIDPLAKEEENVGIDITEPLYMQRLGEINVIGEPFLNVNCEHIKSFDKNLYRQLISYPQEVIPTFDMA
VNEIFFDRYPDSILEHQIQVRPFNALKTKNMRNLNPEDIDQLITISGMVIRTSQLIPEMQEAFFQCQVCAHTTRVEMDRG
RIAEPSVCGRCHTTHSMALIHNRSLFSDKQMIKLQESPEDMPAGQTPHTVILFAHNDLVDKVQPGDRVNVTGIYRAVPIR
VNPRVSNVKSVYKTHIDVIHYRKTDAKRLHGLDEEAEQKLFSEKRVELLKELSRKPDIYERLASALAPSIYEHEDIKKGI
LLQLFGGTRKDFSHTGRGKFRAEINILLCGDPGTSKSQLLQYVYNLVPRGQYTSGKGSSAVGLTAYVMKDPETRQLVLQT
GALVLSDNGICCIDEFDKMNESTRSVLHEVMEQQTLSIAKAGIICQLNARTSVLAAANPIESQWNPKKTTIENIQLPHTL
LSRFDLIFLMLDPQDEAYDRRLAHHLVALYYQSEEQAEEELLDMAVLKDYIAYAHSTIMPRLSEEASQALIEAYVDMRKI
GSSRGMVSAYPRQLESLIRLAEAHAKVRLSNKVEAIDVEEAKRLHREALKQSATDPRTGIVDISILTTGMSATSRKRKEE
LAEALKKLILSKGKTPALKYQQLFEDIRGQSDIAITKDMFEEALRALADDDFLTVTGKTVRLL
;
4
6 'polypeptide(L)'
;MSGFDDPGIFYSDSFGGDAQADEGQARKSQLQRRFKEFLRQYRVGTDRTGFTFKYRDELKRHYNLGEYWIEVEMEDLASF
DEDLADYLYKQPAEHLQLLEEAAKEVADEVTRPRPSGEEVLQDIQVMLKSDASPSSIRSLKSDMMSHLVKIPGIIIAASA
VRAKATRISIQCRSCRNTLTNIAMRPGLEGYALPRKCNTDQAGRPKCPLDPYFIMPDKCKCVDFQTLKLQELPDAVPHGE
MPRHMQLYCDRYLCDKVVPGNRVTIMGIYSIKKFGLTTSRGRDRVGVGIRSSYIRVLGIQVDTDGSGRSFAGAVSPQEEE
EFRRLAALPNVYEVISKSIAPSIFGGTDMKKAIACLLFGGSRKRLPDGLTRRGDINLLMLGDPGTAKSQLLKFVEKCSPI
GVYTSGKGSSAAGLTASVMRDPSSRNFIMEGGAMVLADGGVVCIDEFDKMREDDRVAIHEAMEQQTISIAKAGITTTLNS
RCSVLAAANSVFGRWDETKGEDNIDFMPTILSRFDMIFIVKDEHNEERDVMLAKHVITLHVSALTQTQAVEGEIDLAKLK
KFIAYCRVKCGPRLSAEAAEKLKNRYIIMRSGARQHERDSDRRSSIPITVRQLEAIVRIAEALSKMKLQPFATEADVEEA
LRLFQVSTLDAALSGTLSGVEGFTSQEDQEMLSRIEKQLKRRFAIGSQVSEHSIIKDFTKQKYPEHAIHKVLQLMLRRGE
IQHRMQRKVLYRLK
;
5
7 'polypeptide(L)'
;MDLAAAAEPGAGSQHLEVRDEVAEKCQKLFLDFLEEFQSSDGEIKYLQLAEELIRPERNTLVVSFVDLEQFNQQLSTTIQ
EEFYRVYPYLCRALKTFVKDRKEIPLAKDFYVAFQDLPTRHKIRELTSSRIGLLTRISGQVVRTHPVHPELVSGTFLCLD
CQTVIRDVEQQFKYTQPNICRNPVCANRRRFLLDTNKSRFVDFQKVRIQETQAELPRGSIPRSLEVILRAEAVESAQAGD
KCDFTGTLIVVPDVSKLSTPGARAETNSRVSGVDGYETEGIRGLRALGVRDLSYRLVFLACCVAPTNPRFGGKELRDEEQ
TAESIKNQMTVKEWEKVFEMSQDKNLYHNLCTSLFPTIHGNDEVKRGVLLMLFGGVPKTTGEGTSLRGDINVCIVGDPST
AKSQFLKHVEEFSPRAVYTSGKASSAAGLTAAVVRDEESHEFVIEAGALMLADNGVCCIDEFDKMDVRDQVAIHEAMEQQ
TISITKAGVKATLNARTSILAAANPISGHYDRSKSLKQNINLSAPIMSRFDLFFILVDECNEVTDYAIARRIVDLHSRIE
ESIDRVYSLDDIRRYLLFARQFKPKISKESEDFIVEQYKHLRQRDGSGVTKSSWRITVRQLESMIRLSEAMARMHCCDEV
QPKHVKEAFRLLNKSIIRVETPDVNLDQEEEIQMEVDEGAGGINGHADSPAPVNGINGYNEDINQESAPKASLRLGFSEY
CRISNLIVLHLRKVEEEEDESALKRSELVNWYLKEIESEIDSEEELINKKRIIEKVIHRLTHYDHVLIELTQAGLKGSTE
GSESYEEDPYLVVNPNYLLED
;
6
8 'polypeptide(L)'
;MALKDYALEKEKVKKFLQEFYQDDELGKKQFKYGNQLVRLAHREQVALYVDLDDVAEDDPELVDSICENARRYAKLFADA
VQELLPQYKEREVVNKDVLDVYIEHRLMMEQRSRDPGMVRSPQNQYPAELMRRFELYFQGPSSNKPRVIREVRADSVGKL
VTVRGIVTRVSEVKPKMVVATYTCDQCGAETYQPIQSPTFMPLIMCPSQECQTNRSGGRLYLQTRGSRFIKFQEMKMQEH
SDQVPVGNIPRSITVLVEGENTRIAQPGDHVSVTGIFLPILRTGFRQVVQGLLSETYLEAHRIVKMNKSEDDESGAGELT
REELRQIAEEDFYEKLAASIAPEIYGHEDVKKALLLLLVGGVDQSPRGMKIRGNINICLMGDPGVAKSQLLSYIDRLAPR
SQYTTGRGSSGVGLTAAVLRDSVSGELTLEGGALVLADQGVCCIDEFDKMAEADRTAIHEVMEQQTISIAKAGILTTLNA
RCSILAAANPAYGRYNPRRSLEQNIQLPAALLSRFDLLWLIQDRPDRDNDLRLAQHITYVHQHSRQPPSQFEPLDMKLMR
RYIAMCREKQPMVPESLADYITAAYVEMRREAWASKDATYTSARTLLAILRLSTALARLRMVDVVEKEDVNEAIRLMEMS
KDSLLGDKGQTARTQRPADVIFATVRELVSGGRSVRFSEAEQRCVSRGFTPAQFQAALDEYEELNVWQVNASRTRITFV
;
7
#
# COMPACT_ATOMS: atom_id res chain seq x y z
N SER C 181 -4.91 59.94 11.29
CA SER C 181 -5.83 58.95 10.73
C SER C 181 -7.20 59.05 11.40
N VAL C 182 -8.18 58.31 10.85
CA VAL C 182 -9.52 58.30 11.42
C VAL C 182 -9.50 57.69 12.82
N ARG C 183 -8.73 56.61 12.98
CA ARG C 183 -8.65 55.95 14.28
C ARG C 183 -8.05 56.86 15.34
N GLU C 184 -7.07 57.68 14.95
CA GLU C 184 -6.47 58.62 15.90
C GLU C 184 -7.50 59.61 16.42
N TRP C 185 -8.34 60.14 15.52
CA TRP C 185 -9.39 61.06 15.93
C TRP C 185 -10.44 60.35 16.78
N VAL C 186 -10.75 59.10 16.44
CA VAL C 186 -11.75 58.35 17.19
C VAL C 186 -11.26 58.04 18.60
N SER C 187 -9.95 57.85 18.77
CA SER C 187 -9.41 57.35 20.04
C SER C 187 -9.69 58.31 21.19
N MET C 188 -9.58 59.61 20.95
CA MET C 188 -9.72 60.58 22.04
C MET C 188 -11.15 60.63 22.56
N ALA C 189 -11.29 61.11 23.80
CA ALA C 189 -12.52 60.91 24.56
C ALA C 189 -13.64 61.83 24.07
N GLY C 190 -13.29 63.02 23.58
CA GLY C 190 -14.27 64.00 23.18
C GLY C 190 -15.22 63.50 22.09
N PRO C 191 -14.67 63.23 20.91
CA PRO C 191 -15.51 62.64 19.86
C PRO C 191 -16.10 61.29 20.24
N ARG C 192 -15.43 60.53 21.11
CA ARG C 192 -16.03 59.29 21.61
C ARG C 192 -17.36 59.56 22.30
N LEU C 193 -17.37 60.50 23.24
CA LEU C 193 -18.60 60.85 23.95
C LEU C 193 -19.63 61.44 23.00
N GLU C 194 -19.18 62.28 22.07
CA GLU C 194 -20.11 62.89 21.11
C GLU C 194 -20.78 61.82 20.26
N ILE C 195 -20.01 60.85 19.77
CA ILE C 195 -20.55 59.77 18.95
C ILE C 195 -21.46 58.89 19.79
N HIS C 196 -21.11 58.67 21.06
CA HIS C 196 -21.97 57.89 21.96
C HIS C 196 -23.33 58.55 22.11
N HIS C 197 -23.35 59.86 22.36
CA HIS C 197 -24.61 60.58 22.50
C HIS C 197 -25.39 60.57 21.19
N ARG C 198 -24.69 60.76 20.06
CA ARG C 198 -25.36 60.76 18.76
C ARG C 198 -26.00 59.41 18.46
N PHE C 199 -25.29 58.33 18.78
CA PHE C 199 -25.83 57.00 18.53
C PHE C 199 -26.99 56.68 19.46
N LYS C 200 -26.92 57.15 20.72
CA LYS C 200 -28.05 56.99 21.61
C LYS C 200 -29.29 57.72 21.08
N ASN C 201 -29.10 58.95 20.60
CA ASN C 201 -30.20 59.72 20.03
C ASN C 201 -30.76 59.02 18.79
N PHE C 202 -29.87 58.48 17.95
CA PHE C 202 -30.31 57.77 16.76
C PHE C 202 -31.13 56.54 17.12
N LEU C 203 -30.69 55.79 18.14
CA LEU C 203 -31.44 54.62 18.59
C LEU C 203 -32.80 55.02 19.12
N ARG C 204 -32.85 56.12 19.88
CA ARG C 204 -34.11 56.52 20.51
C ARG C 204 -35.11 57.08 19.49
N THR C 205 -34.63 57.81 18.48
CA THR C 205 -35.53 58.57 17.62
C THR C 205 -35.74 57.94 16.24
N HIS C 206 -35.11 56.81 15.94
CA HIS C 206 -35.26 56.21 14.62
C HIS C 206 -36.65 55.64 14.44
N VAL C 207 -37.24 55.89 13.28
CA VAL C 207 -38.57 55.41 12.93
C VAL C 207 -38.53 54.86 11.50
N ASP C 208 -39.53 54.03 11.18
CA ASP C 208 -39.62 53.47 9.84
C ASP C 208 -40.27 54.47 8.88
N SER C 209 -40.59 53.99 7.68
CA SER C 209 -41.28 54.82 6.70
C SER C 209 -42.70 55.16 7.14
N HIS C 210 -43.32 54.33 7.98
CA HIS C 210 -44.67 54.57 8.47
C HIS C 210 -44.71 55.26 9.82
N GLY C 211 -43.55 55.62 10.38
CA GLY C 211 -43.49 56.32 11.64
C GLY C 211 -43.35 55.45 12.87
N HIS C 212 -43.48 54.14 12.74
CA HIS C 212 -43.33 53.26 13.90
C HIS C 212 -41.87 53.17 14.32
N ASN C 213 -41.64 53.08 15.63
CA ASN C 213 -40.30 52.96 16.17
C ASN C 213 -39.76 51.56 15.89
N VAL C 214 -38.80 51.46 14.97
CA VAL C 214 -38.24 50.16 14.60
C VAL C 214 -37.49 49.55 15.77
N PHE C 215 -36.66 50.36 16.44
CA PHE C 215 -35.83 49.83 17.51
C PHE C 215 -36.66 49.36 18.70
N LYS C 216 -37.80 50.02 18.96
CA LYS C 216 -38.66 49.59 20.06
C LYS C 216 -39.10 48.14 19.87
N GLU C 217 -39.68 47.84 18.71
CA GLU C 217 -40.18 46.50 18.47
C GLU C 217 -39.03 45.50 18.31
N ARG C 218 -37.91 45.93 17.72
CA ARG C 218 -36.76 45.04 17.59
C ARG C 218 -36.21 44.65 18.96
N ILE C 219 -36.09 45.61 19.86
CA ILE C 219 -35.59 45.32 21.20
C ILE C 219 -36.60 44.47 21.97
N SER C 220 -37.89 44.72 21.78
CA SER C 220 -38.90 43.88 22.44
C SER C 220 -38.80 42.43 21.96
N ASP C 221 -38.63 42.24 20.65
CA ASP C 221 -38.49 40.88 20.12
C ASP C 221 -37.21 40.23 20.62
N MET C 222 -36.11 40.99 20.70
CA MET C 222 -34.88 40.45 21.25
C MET C 222 -35.06 40.06 22.71
N CYS C 223 -35.79 40.87 23.47
CA CYS C 223 -36.06 40.57 24.87
C CYS C 223 -36.89 39.30 25.02
N LYS C 224 -37.86 39.09 24.13
CA LYS C 224 -38.73 37.94 24.22
C LYS C 224 -37.97 36.61 24.16
N GLU C 225 -36.78 36.60 23.58
CA GLU C 225 -35.99 35.38 23.44
C GLU C 225 -34.68 35.41 24.23
N ASN C 226 -34.47 36.45 25.04
CA ASN C 226 -33.26 36.58 25.86
C ASN C 226 -32.00 36.51 25.01
N ARG C 227 -32.03 37.19 23.87
CA ARG C 227 -30.88 37.19 22.95
C ARG C 227 -29.82 38.16 23.44
N GLU C 228 -28.69 38.17 22.73
CA GLU C 228 -27.55 38.99 23.09
C GLU C 228 -27.00 39.79 21.92
N SER C 229 -27.71 39.84 20.79
CA SER C 229 -27.24 40.53 19.61
C SER C 229 -28.30 41.48 19.08
N LEU C 230 -27.83 42.55 18.43
CA LEU C 230 -28.70 43.55 17.82
C LEU C 230 -28.24 43.79 16.39
N VAL C 231 -29.20 44.02 15.50
CA VAL C 231 -28.93 44.19 14.07
C VAL C 231 -29.21 45.64 13.69
N VAL C 232 -28.24 46.27 13.03
CA VAL C 232 -28.34 47.65 12.59
C VAL C 232 -28.08 47.72 11.10
N ASN C 233 -28.96 48.42 10.39
CA ASN C 233 -28.86 48.57 8.94
C ASN C 233 -27.97 49.77 8.61
N TYR C 234 -27.04 49.56 7.68
CA TYR C 234 -26.12 50.63 7.33
C TYR C 234 -26.82 51.74 6.55
N GLU C 235 -27.84 51.39 5.77
CA GLU C 235 -28.55 52.38 4.97
C GLU C 235 -29.23 53.42 5.85
N ASP C 236 -29.92 52.95 6.90
CA ASP C 236 -30.59 53.88 7.82
C ASP C 236 -29.58 54.74 8.56
N LEU C 237 -28.47 54.14 8.99
CA LEU C 237 -27.44 54.89 9.69
C LEU C 237 -26.87 55.99 8.79
N ALA C 238 -26.61 55.66 7.52
CA ALA C 238 -26.10 56.66 6.58
C ALA C 238 -27.13 57.75 6.34
N ALA C 239 -28.41 57.37 6.23
CA ALA C 239 -29.46 58.36 5.99
C ALA C 239 -29.58 59.33 7.17
N ARG C 240 -29.49 58.82 8.40
CA ARG C 240 -29.67 59.67 9.57
C ARG C 240 -28.41 60.48 9.87
N GLU C 241 -27.30 59.81 10.16
CA GLU C 241 -26.06 60.46 10.53
C GLU C 241 -24.96 60.01 9.56
N HIS C 242 -24.49 60.96 8.73
CA HIS C 242 -23.55 60.61 7.67
C HIS C 242 -22.14 60.37 8.24
N VAL C 243 -21.80 61.04 9.34
CA VAL C 243 -20.43 60.99 9.85
C VAL C 243 -20.10 59.58 10.36
N LEU C 244 -21.05 58.94 11.05
CA LEU C 244 -20.81 57.60 11.57
C LEU C 244 -20.64 56.61 10.42
N ALA C 245 -21.48 56.72 9.38
CA ALA C 245 -21.37 55.84 8.23
C ALA C 245 -20.04 56.05 7.50
N TYR C 246 -19.61 57.31 7.40
CA TYR C 246 -18.33 57.59 6.76
C TYR C 246 -17.16 57.00 7.54
N PHE C 247 -17.19 57.14 8.87
CA PHE C 247 -16.08 56.66 9.67
C PHE C 247 -16.11 55.14 9.86
N LEU C 248 -17.27 54.52 9.63
CA LEU C 248 -17.43 53.09 9.93
C LEU C 248 -16.48 52.17 9.19
N PRO C 249 -16.31 52.26 7.85
CA PRO C 249 -15.43 51.29 7.19
C PRO C 249 -13.96 51.41 7.57
N GLU C 250 -13.49 52.61 7.90
CA GLU C 250 -12.08 52.84 8.16
C GLU C 250 -11.71 52.77 9.63
N ALA C 251 -12.66 52.48 10.51
CA ALA C 251 -12.39 52.35 11.93
C ALA C 251 -13.43 51.43 12.57
N PRO C 252 -13.39 50.13 12.27
CA PRO C 252 -14.50 49.27 12.73
C PRO C 252 -14.49 48.98 14.22
N ALA C 253 -13.32 48.66 14.80
CA ALA C 253 -13.29 48.12 16.15
C ALA C 253 -13.78 49.15 17.18
N GLU C 254 -13.21 50.35 17.15
CA GLU C 254 -13.55 51.36 18.16
C GLU C 254 -14.99 51.82 18.01
N LEU C 255 -15.44 52.05 16.78
CA LEU C 255 -16.82 52.49 16.56
C LEU C 255 -17.81 51.40 16.97
N LEU C 256 -17.48 50.13 16.69
CA LEU C 256 -18.33 49.04 17.13
C LEU C 256 -18.39 48.96 18.66
N GLN C 257 -17.25 49.20 19.32
CA GLN C 257 -17.25 49.23 20.77
C GLN C 257 -18.14 50.34 21.31
N ILE C 258 -18.05 51.52 20.70
CA ILE C 258 -18.89 52.65 21.12
C ILE C 258 -20.36 52.33 20.90
N PHE C 259 -20.69 51.72 19.76
CA PHE C 259 -22.07 51.36 19.48
C PHE C 259 -22.58 50.31 20.46
N ASP C 260 -21.72 49.35 20.82
CA ASP C 260 -22.09 48.35 21.82
C ASP C 260 -22.38 49.01 23.16
N GLU C 261 -21.54 49.97 23.56
CA GLU C 261 -21.76 50.67 24.82
C GLU C 261 -23.08 51.44 24.79
N ALA C 262 -23.35 52.14 23.68
CA ALA C 262 -24.58 52.92 23.57
C ALA C 262 -25.81 52.01 23.58
N ALA C 263 -25.74 50.90 22.86
CA ALA C 263 -26.85 49.96 22.83
C ALA C 263 -27.09 49.35 24.22
N LEU C 264 -26.01 49.01 24.93
CA LEU C 264 -26.16 48.47 26.27
C LEU C 264 -26.79 49.49 27.20
N GLU C 265 -26.37 50.75 27.11
CA GLU C 265 -26.96 51.79 27.94
C GLU C 265 -28.45 51.96 27.65
N VAL C 266 -28.81 51.99 26.37
CA VAL C 266 -30.22 52.17 25.99
C VAL C 266 -31.06 50.99 26.48
N VAL C 267 -30.55 49.76 26.28
CA VAL C 267 -31.31 48.58 26.67
C VAL C 267 -31.46 48.53 28.19
N LEU C 268 -30.40 48.85 28.94
CA LEU C 268 -30.49 48.88 30.38
C LEU C 268 -31.47 49.95 30.85
N ALA C 269 -31.53 51.08 30.15
CA ALA C 269 -32.53 52.09 30.45
C ALA C 269 -33.94 51.55 30.21
N MET C 270 -34.12 50.77 29.14
CA MET C 270 -35.44 50.21 28.85
C MET C 270 -35.81 49.13 29.86
N TYR C 271 -34.88 48.21 30.15
CA TYR C 271 -35.13 47.12 31.08
C TYR C 271 -34.00 47.05 32.08
N PRO C 272 -34.28 47.07 33.39
CA PRO C 272 -33.20 47.08 34.38
C PRO C 272 -32.72 45.70 34.82
N LYS C 273 -33.49 44.64 34.56
CA LYS C 273 -33.14 43.32 35.06
C LYS C 273 -31.97 42.69 34.31
N TYR C 274 -31.60 43.23 33.16
CA TYR C 274 -30.65 42.54 32.29
C TYR C 274 -29.25 42.52 32.89
N ASP C 275 -28.97 43.37 33.87
CA ASP C 275 -27.71 43.30 34.58
C ASP C 275 -27.52 41.95 35.24
N ARG C 276 -28.62 41.24 35.51
CA ARG C 276 -28.53 39.89 36.07
C ARG C 276 -28.41 38.84 34.97
N ILE C 277 -28.92 39.13 33.77
CA ILE C 277 -28.99 38.14 32.71
C ILE C 277 -27.79 38.26 31.77
N THR C 278 -27.66 39.39 31.09
CA THR C 278 -26.61 39.62 30.10
C THR C 278 -25.93 40.95 30.39
N ASN C 279 -24.61 40.93 30.50
CA ASN C 279 -23.86 42.14 30.83
C ASN C 279 -23.38 42.90 29.60
N HIS C 280 -23.54 42.35 28.40
CA HIS C 280 -23.05 43.02 27.19
C HIS C 280 -23.97 42.68 26.03
N ILE C 281 -23.95 43.56 25.03
CA ILE C 281 -24.76 43.41 23.82
C ILE C 281 -23.89 43.76 22.61
N HIS C 282 -23.98 42.93 21.57
CA HIS C 282 -23.21 43.13 20.36
C HIS C 282 -24.07 43.82 19.31
N VAL C 283 -23.44 44.69 18.51
CA VAL C 283 -24.10 45.40 17.42
C VAL C 283 -23.51 44.90 16.11
N ARG C 284 -24.37 44.49 15.18
CA ARG C 284 -23.95 43.89 13.92
C ARG C 284 -24.57 44.66 12.76
N ILE C 285 -23.80 44.83 11.70
CA ILE C 285 -24.25 45.53 10.50
C ILE C 285 -24.82 44.51 9.52
N SER C 286 -26.03 44.76 9.05
CA SER C 286 -26.72 43.82 8.17
C SER C 286 -26.40 44.04 6.70
N HIS C 287 -26.71 45.23 6.18
CA HIS C 287 -26.51 45.54 4.78
C HIS C 287 -25.27 46.41 4.61
N LEU C 288 -24.69 46.36 3.42
CA LEU C 288 -23.52 47.15 3.06
C LEU C 288 -23.46 47.25 1.54
N PRO C 289 -22.81 48.27 1.01
CA PRO C 289 -22.51 48.28 -0.44
C PRO C 289 -21.60 47.12 -0.77
N LEU C 290 -22.03 46.27 -1.71
CA LEU C 290 -21.35 45.03 -2.03
C LEU C 290 -19.91 45.28 -2.42
N VAL C 291 -18.99 44.53 -1.82
CA VAL C 291 -17.56 44.69 -2.01
C VAL C 291 -17.07 43.56 -2.91
N GLU C 292 -15.86 43.73 -3.46
CA GLU C 292 -15.28 42.80 -4.41
C GLU C 292 -15.13 41.40 -3.82
N GLU C 293 -14.87 40.41 -4.68
CA GLU C 293 -14.77 39.02 -4.25
C GLU C 293 -13.45 38.76 -3.55
N LEU C 294 -13.21 37.48 -3.24
CA LEU C 294 -12.02 37.09 -2.50
C LEU C 294 -10.73 37.35 -3.27
N ARG C 295 -10.80 37.49 -4.59
CA ARG C 295 -9.59 37.68 -5.38
C ARG C 295 -9.03 39.09 -5.22
N SER C 296 -9.88 40.09 -4.99
CA SER C 296 -9.44 41.47 -5.03
C SER C 296 -8.99 41.97 -3.65
N LEU C 297 -9.08 41.14 -2.62
CA LEU C 297 -8.60 41.54 -1.30
C LEU C 297 -7.09 41.70 -1.32
N ARG C 298 -6.62 42.92 -1.06
CA ARG C 298 -5.22 43.27 -1.22
C ARG C 298 -4.83 44.27 -0.14
N GLN C 299 -3.69 44.94 -0.35
CA GLN C 299 -3.14 45.84 0.66
C GLN C 299 -4.06 47.03 0.93
N LEU C 300 -4.85 47.44 -0.07
CA LEU C 300 -5.71 48.60 0.09
C LEU C 300 -6.79 48.36 1.13
N HIS C 301 -7.09 47.10 1.45
CA HIS C 301 -8.17 46.77 2.38
C HIS C 301 -7.69 46.49 3.80
N LEU C 302 -6.44 46.82 4.13
CA LEU C 302 -5.93 46.54 5.46
C LEU C 302 -6.70 47.32 6.52
N ASN C 303 -7.09 46.62 7.59
CA ASN C 303 -7.79 47.21 8.74
C ASN C 303 -9.08 47.93 8.34
N GLN C 304 -9.78 47.43 7.33
CA GLN C 304 -11.03 48.01 6.88
C GLN C 304 -12.16 47.01 6.99
N LEU C 305 -13.38 47.48 6.70
CA LEU C 305 -14.57 46.65 6.71
C LEU C 305 -14.92 46.24 5.30
N ILE C 306 -15.07 44.93 5.08
CA ILE C 306 -15.32 44.38 3.76
C ILE C 306 -16.52 43.46 3.81
N ARG C 307 -17.11 43.22 2.64
CA ARG C 307 -18.22 42.29 2.49
C ARG C 307 -17.89 41.31 1.38
N THR C 308 -17.95 40.02 1.69
CA THR C 308 -17.60 38.97 0.74
C THR C 308 -18.70 37.91 0.72
N SER C 309 -18.68 37.08 -0.31
CA SER C 309 -19.58 35.95 -0.44
C SER C 309 -18.77 34.71 -0.79
N GLY C 310 -19.12 33.58 -0.20
CA GLY C 310 -18.35 32.38 -0.42
C GLY C 310 -19.10 31.14 0.01
N VAL C 311 -18.38 30.03 0.02
CA VAL C 311 -18.92 28.73 0.39
C VAL C 311 -18.08 28.15 1.52
N VAL C 312 -18.75 27.67 2.56
CA VAL C 312 -18.11 27.08 3.72
C VAL C 312 -17.58 25.70 3.36
N THR C 313 -16.32 25.43 3.74
CA THR C 313 -15.69 24.14 3.46
C THR C 313 -15.28 23.37 4.70
N SER C 314 -15.13 24.01 5.84
CA SER C 314 -14.70 23.33 7.06
C SER C 314 -15.24 24.06 8.27
N CYS C 315 -15.26 23.36 9.40
CA CYS C 315 -15.73 23.92 10.66
C CYS C 315 -14.98 23.26 11.80
N THR C 316 -14.49 24.07 12.74
CA THR C 316 -13.71 23.56 13.87
C THR C 316 -14.55 23.32 15.11
N GLY C 317 -15.85 23.60 15.08
CA GLY C 317 -16.71 23.39 16.22
C GLY C 317 -16.67 24.56 17.19
N VAL C 318 -17.14 24.29 18.41
CA VAL C 318 -17.23 25.29 19.47
C VAL C 318 -16.05 25.11 20.40
N LEU C 319 -15.34 26.20 20.68
CA LEU C 319 -14.21 26.12 21.60
C LEU C 319 -14.31 27.21 22.66
N PRO C 320 -13.82 26.95 23.88
CA PRO C 320 -13.81 27.99 24.92
C PRO C 320 -12.56 28.84 24.90
N GLN C 321 -12.72 30.17 24.91
CA GLN C 321 -11.61 31.09 24.98
C GLN C 321 -11.72 31.94 26.25
N LEU C 322 -10.57 32.37 26.75
CA LEU C 322 -10.54 33.10 28.01
C LEU C 322 -11.04 34.53 27.83
N SER C 323 -11.52 35.12 28.93
CA SER C 323 -11.91 36.52 28.96
C SER C 323 -12.01 36.95 30.42
N MET C 324 -11.43 38.10 30.74
CA MET C 324 -11.34 38.58 32.12
C MET C 324 -10.69 37.52 33.01
N VAL C 325 -9.45 37.17 32.67
CA VAL C 325 -8.78 36.04 33.32
C VAL C 325 -8.37 36.44 34.73
N LYS C 326 -8.63 35.55 35.68
CA LYS C 326 -8.17 35.68 37.05
C LYS C 326 -7.11 34.62 37.33
N TYR C 327 -5.99 35.03 37.89
CA TYR C 327 -4.86 34.15 38.13
C TYR C 327 -4.69 33.88 39.62
N ASN C 328 -4.21 32.69 39.95
CA ASN C 328 -3.91 32.31 41.32
C ASN C 328 -2.40 32.29 41.52
N CYS C 329 -1.94 32.99 42.55
CA CYS C 329 -0.51 33.01 42.85
C CYS C 329 -0.05 31.65 43.35
N ASN C 330 1.22 31.34 43.12
CA ASN C 330 1.77 30.05 43.51
C ASN C 330 2.26 30.02 44.94
N LYS C 331 2.90 31.08 45.41
CA LYS C 331 3.39 31.12 46.79
C LYS C 331 2.24 31.38 47.75
N CYS C 332 1.56 32.51 47.59
CA CYS C 332 0.39 32.82 48.41
C CYS C 332 -0.89 32.48 47.67
N ASN C 333 -2.05 32.79 48.26
CA ASN C 333 -3.33 32.45 47.67
C ASN C 333 -4.08 33.64 47.09
N PHE C 334 -3.42 34.76 46.86
CA PHE C 334 -4.08 35.94 46.31
C PHE C 334 -4.57 35.68 44.90
N VAL C 335 -5.77 36.16 44.61
CA VAL C 335 -6.37 36.05 43.28
C VAL C 335 -6.17 37.39 42.58
N LEU C 336 -5.43 37.37 41.47
CA LEU C 336 -5.14 38.60 40.74
C LEU C 336 -6.41 39.13 40.07
N GLY C 337 -6.39 40.43 39.77
CA GLY C 337 -7.52 41.09 39.15
C GLY C 337 -7.75 40.62 37.73
N PRO C 338 -8.96 40.85 37.22
CA PRO C 338 -9.28 40.40 35.85
C PRO C 338 -8.42 41.13 34.82
N PHE C 339 -8.03 40.40 33.77
CA PHE C 339 -7.24 40.94 32.68
C PHE C 339 -8.00 40.73 31.37
N CYS C 340 -8.13 41.80 30.60
CA CYS C 340 -8.81 41.71 29.31
C CYS C 340 -8.00 40.82 28.35
N GLN C 341 -8.67 39.86 27.74
CA GLN C 341 -8.01 38.91 26.84
C GLN C 341 -8.06 39.47 25.42
N SER C 342 -6.97 40.09 24.99
CA SER C 342 -6.88 40.56 23.62
C SER C 342 -6.59 39.40 22.67
N GLN C 343 -7.10 39.52 21.45
CA GLN C 343 -6.92 38.49 20.44
C GLN C 343 -5.60 38.62 19.70
N ASN C 344 -4.81 39.65 19.99
CA ASN C 344 -3.54 39.83 19.31
C ASN C 344 -2.39 39.16 20.06
N GLN C 345 -2.35 39.29 21.38
CA GLN C 345 -1.28 38.72 22.19
C GLN C 345 -1.88 38.00 23.38
N GLU C 346 -1.12 37.03 23.90
CA GLU C 346 -1.54 36.32 25.10
C GLU C 346 -1.35 37.18 26.33
N VAL C 347 -2.17 36.93 27.35
CA VAL C 347 -2.13 37.73 28.57
C VAL C 347 -0.90 37.36 29.37
N LYS C 348 -0.12 38.37 29.75
CA LYS C 348 1.09 38.19 30.56
C LYS C 348 0.99 39.03 31.83
N PRO C 349 0.51 38.46 32.94
CA PRO C 349 0.42 39.25 34.18
C PRO C 349 1.80 39.67 34.67
N GLY C 350 1.87 40.87 35.24
CA GLY C 350 3.12 41.41 35.71
C GLY C 350 3.65 40.76 36.96
N SER C 351 2.99 40.95 38.09
CA SER C 351 3.43 40.41 39.35
C SER C 351 2.29 40.47 40.36
N CYS C 352 2.44 39.71 41.43
CA CYS C 352 1.45 39.69 42.50
C CYS C 352 1.60 40.95 43.36
N PRO C 353 0.54 41.74 43.57
CA PRO C 353 0.69 42.98 44.35
C PRO C 353 1.15 42.76 45.78
N GLU C 354 0.75 41.66 46.42
CA GLU C 354 1.06 41.46 47.84
C GLU C 354 2.47 40.93 48.04
N CYS C 355 2.76 39.74 47.49
CA CYS C 355 4.05 39.10 47.72
C CYS C 355 5.14 39.60 46.79
N GLN C 356 4.79 40.42 45.80
CA GLN C 356 5.73 41.02 44.84
C GLN C 356 6.48 39.99 44.01
N SER C 357 6.03 38.74 44.00
CA SER C 357 6.70 37.71 43.22
C SER C 357 6.27 37.78 41.76
N ALA C 358 7.15 37.29 40.88
CA ALA C 358 6.89 37.28 39.45
C ALA C 358 7.12 35.88 38.85
N GLY C 359 6.75 34.84 39.59
CA GLY C 359 6.92 33.49 39.14
C GLY C 359 5.77 33.02 38.27
N PRO C 360 5.66 31.71 38.09
CA PRO C 360 4.57 31.17 37.27
C PRO C 360 3.22 31.32 37.96
N PHE C 361 2.17 31.35 37.13
CA PHE C 361 0.81 31.52 37.62
C PHE C 361 -0.09 30.48 36.96
N GLU C 362 -1.23 30.23 37.60
CA GLU C 362 -2.23 29.30 37.09
C GLU C 362 -3.57 30.02 36.95
N VAL C 363 -4.41 29.49 36.07
CA VAL C 363 -5.69 30.12 35.77
C VAL C 363 -6.74 29.66 36.77
N ASN C 364 -7.45 30.61 37.36
CA ASN C 364 -8.55 30.31 38.28
C ASN C 364 -9.76 29.90 37.45
N MET C 365 -9.94 28.58 37.31
CA MET C 365 -11.00 28.06 36.44
C MET C 365 -12.39 28.37 36.99
N GLU C 366 -12.52 28.47 38.31
CA GLU C 366 -13.85 28.61 38.90
C GLU C 366 -14.45 29.98 38.64
N GLU C 367 -13.61 31.02 38.52
CA GLU C 367 -14.10 32.39 38.40
C GLU C 367 -13.82 33.02 37.05
N THR C 368 -13.04 32.37 36.19
CA THR C 368 -12.73 32.95 34.88
C THR C 368 -13.96 32.92 33.98
N ILE C 369 -14.07 33.93 33.13
CA ILE C 369 -15.16 34.05 32.16
C ILE C 369 -14.69 33.50 30.83
N TYR C 370 -15.58 32.83 30.11
CA TYR C 370 -15.25 32.16 28.87
C TYR C 370 -16.18 32.60 27.75
N GLN C 371 -15.68 32.48 26.52
CA GLN C 371 -16.37 32.94 25.32
C GLN C 371 -16.30 31.85 24.26
N ASN C 372 -17.28 31.86 23.35
CA ASN C 372 -17.33 30.88 22.27
C ASN C 372 -16.42 31.30 21.12
N TYR C 373 -15.75 30.32 20.52
CA TYR C 373 -14.81 30.56 19.44
C TYR C 373 -14.99 29.50 18.36
N GLN C 374 -14.95 29.92 17.10
CA GLN C 374 -15.08 29.01 15.98
C GLN C 374 -14.28 29.55 14.80
N ARG C 375 -13.77 28.64 13.97
CA ARG C 375 -12.98 28.98 12.80
C ARG C 375 -13.57 28.31 11.57
N ILE C 376 -13.59 29.05 10.46
CA ILE C 376 -14.20 28.58 9.22
C ILE C 376 -13.28 28.89 8.05
N ARG C 377 -13.21 27.96 7.10
CA ARG C 377 -12.51 28.15 5.84
C ARG C 377 -13.54 28.36 4.74
N ILE C 378 -13.35 29.41 3.93
CA ILE C 378 -14.33 29.84 2.94
C ILE C 378 -13.68 29.83 1.58
N GLN C 379 -14.38 29.24 0.60
CA GLN C 379 -13.89 29.11 -0.76
C GLN C 379 -14.89 29.74 -1.71
N GLU C 380 -14.39 30.28 -2.82
CA GLU C 380 -15.25 30.93 -3.81
C GLU C 380 -16.23 29.92 -4.41
N SER C 381 -17.38 30.43 -4.83
CA SER C 381 -18.39 29.61 -5.48
C SER C 381 -17.85 29.12 -6.82
N PRO C 382 -17.89 27.81 -7.09
CA PRO C 382 -17.33 27.31 -8.36
C PRO C 382 -18.02 27.86 -9.59
N GLY C 383 -19.30 28.21 -9.50
CA GLY C 383 -20.00 28.74 -10.66
C GLY C 383 -19.49 30.10 -11.12
N LYS C 384 -19.08 30.95 -10.17
CA LYS C 384 -18.61 32.29 -10.50
C LYS C 384 -17.12 32.34 -10.84
N VAL C 385 -16.41 31.22 -10.72
CA VAL C 385 -14.98 31.21 -11.02
C VAL C 385 -14.77 31.21 -12.53
N ALA C 386 -13.95 32.14 -13.01
CA ALA C 386 -13.66 32.21 -14.43
C ALA C 386 -12.84 31.00 -14.88
N ALA C 387 -12.99 30.63 -16.15
CA ALA C 387 -12.27 29.49 -16.68
C ALA C 387 -10.78 29.79 -16.74
N GLY C 388 -9.97 28.77 -16.47
CA GLY C 388 -8.53 28.89 -16.51
C GLY C 388 -7.87 29.28 -15.20
N ARG C 389 -8.64 29.51 -14.14
CA ARG C 389 -8.10 29.88 -12.85
C ARG C 389 -8.80 29.08 -11.76
N LEU C 390 -8.11 28.96 -10.61
CA LEU C 390 -8.62 28.13 -9.52
C LEU C 390 -9.24 28.98 -8.43
N PRO C 391 -10.23 28.45 -7.73
CA PRO C 391 -10.83 29.18 -6.61
C PRO C 391 -9.83 29.38 -5.48
N ARG C 392 -10.00 30.48 -4.76
CA ARG C 392 -9.13 30.84 -3.65
C ARG C 392 -9.93 30.86 -2.35
N SER C 393 -9.24 30.59 -1.24
CA SER C 393 -9.88 30.40 0.05
C SER C 393 -9.26 31.31 1.10
N LYS C 394 -10.04 31.58 2.14
CA LYS C 394 -9.59 32.44 3.24
C LYS C 394 -10.20 31.95 4.54
N ASP C 395 -9.62 32.39 5.65
CA ASP C 395 -10.04 31.96 6.98
C ASP C 395 -10.81 33.06 7.68
N ALA C 396 -11.81 32.67 8.47
CA ALA C 396 -12.64 33.59 9.23
C ALA C 396 -12.86 33.05 10.63
N ILE C 397 -13.10 33.96 11.57
CA ILE C 397 -13.28 33.62 12.98
C ILE C 397 -14.63 34.15 13.44
N LEU C 398 -15.41 33.30 14.10
CA LEU C 398 -16.69 33.67 14.68
C LEU C 398 -16.62 33.55 16.20
N LEU C 399 -17.26 34.50 16.88
CA LEU C 399 -17.23 34.57 18.33
C LEU C 399 -18.64 34.83 18.86
N ALA C 400 -18.87 34.40 20.11
CA ALA C 400 -20.10 34.65 20.85
C ALA C 400 -21.27 34.04 20.10
N ASP C 401 -22.27 34.81 19.67
CA ASP C 401 -23.49 34.23 19.12
C ASP C 401 -23.34 33.74 17.69
N LEU C 402 -22.24 34.11 17.01
CA LEU C 402 -22.07 33.70 15.62
C LEU C 402 -21.69 32.25 15.48
N VAL C 403 -21.35 31.56 16.58
CA VAL C 403 -20.86 30.19 16.49
C VAL C 403 -22.01 29.27 16.09
N ASP C 404 -21.68 28.25 15.28
CA ASP C 404 -22.63 27.24 14.84
C ASP C 404 -23.78 27.84 14.03
N SER C 405 -23.47 28.83 13.20
CA SER C 405 -24.47 29.44 12.33
C SER C 405 -24.32 29.04 10.87
N CYS C 406 -23.31 28.22 10.54
CA CYS C 406 -23.06 27.82 9.16
C CYS C 406 -22.71 26.34 9.11
N LYS C 407 -23.43 25.59 8.27
CA LYS C 407 -23.07 24.21 8.02
C LYS C 407 -22.01 24.12 6.92
N PRO C 408 -21.17 23.10 6.95
CA PRO C 408 -20.19 22.91 5.87
C PRO C 408 -20.90 22.68 4.53
N GLY C 409 -20.32 23.21 3.47
CA GLY C 409 -20.88 23.09 2.14
C GLY C 409 -21.97 24.10 1.81
N ASP C 410 -22.26 25.03 2.71
CA ASP C 410 -23.31 26.01 2.47
C ASP C 410 -22.71 27.31 1.93
N GLU C 411 -23.55 28.09 1.27
CA GLU C 411 -23.16 29.37 0.68
C GLU C 411 -23.59 30.49 1.62
N ILE C 412 -22.63 31.34 2.01
CA ILE C 412 -22.87 32.41 2.98
C ILE C 412 -22.29 33.70 2.44
N GLU C 413 -22.70 34.80 3.09
CA GLU C 413 -22.16 36.13 2.85
C GLU C 413 -21.76 36.73 4.19
N LEU C 414 -20.56 37.29 4.26
CA LEU C 414 -20.01 37.82 5.50
C LEU C 414 -19.64 39.29 5.35
N THR C 415 -19.78 40.01 6.45
CA THR C 415 -19.20 41.34 6.62
C THR C 415 -18.17 41.25 7.74
N GLY C 416 -16.94 41.66 7.46
CA GLY C 416 -15.87 41.43 8.40
C GLY C 416 -14.78 42.47 8.32
N ILE C 417 -13.74 42.25 9.14
CA ILE C 417 -12.60 43.14 9.25
C ILE C 417 -11.37 42.41 8.75
N TYR C 418 -10.60 43.05 7.88
CA TYR C 418 -9.42 42.44 7.27
C TYR C 418 -8.23 42.76 8.15
N HIS C 419 -7.70 41.74 8.84
CA HIS C 419 -6.83 41.94 9.97
C HIS C 419 -5.46 41.30 9.75
N ASN C 420 -4.43 41.93 10.33
CA ASN C 420 -3.08 41.38 10.34
C ASN C 420 -2.45 41.47 11.72
N ASN C 421 -2.91 42.41 12.55
CA ASN C 421 -2.27 42.71 13.82
C ASN C 421 -2.58 41.62 14.85
N TYR C 422 -1.93 40.48 14.67
CA TYR C 422 -1.94 39.40 15.65
C TYR C 422 -0.56 38.76 15.67
N ASP C 423 -0.13 38.34 16.86
CA ASP C 423 1.22 37.81 17.02
C ASP C 423 1.40 36.54 16.21
N GLY C 424 2.58 36.40 15.59
CA GLY C 424 2.87 35.26 14.75
C GLY C 424 2.44 35.40 13.30
N SER C 425 1.88 36.55 12.91
CA SER C 425 1.43 36.72 11.53
C SER C 425 2.60 36.88 10.57
N LEU C 426 3.71 37.46 11.03
CA LEU C 426 4.86 37.74 10.17
C LEU C 426 5.75 36.50 10.11
N ASN C 427 6.12 36.10 8.90
CA ASN C 427 7.05 34.99 8.70
C ASN C 427 8.46 35.48 8.98
N THR C 428 9.07 34.96 10.04
CA THR C 428 10.36 35.43 10.52
C THR C 428 11.43 34.36 10.55
N ALA C 429 11.08 33.10 10.79
CA ALA C 429 12.08 32.04 10.92
C ALA C 429 12.87 31.87 9.63
N ASN C 430 12.18 31.85 8.49
CA ASN C 430 12.85 31.69 7.21
C ASN C 430 11.93 32.22 6.11
N GLY C 431 12.53 32.51 4.97
CA GLY C 431 11.77 32.97 3.82
C GLY C 431 11.56 34.47 3.80
N PHE C 432 10.73 34.89 2.86
CA PHE C 432 10.45 36.31 2.67
C PHE C 432 9.60 36.85 3.82
N PRO C 433 9.67 38.16 4.08
CA PRO C 433 8.83 38.75 5.14
C PRO C 433 7.38 38.89 4.70
N VAL C 434 6.64 37.79 4.85
CA VAL C 434 5.28 37.68 4.35
C VAL C 434 4.31 37.64 5.53
N PHE C 435 3.27 38.45 5.45
CA PHE C 435 2.23 38.51 6.47
C PHE C 435 1.04 37.64 6.08
N ALA C 436 0.38 37.08 7.09
CA ALA C 436 -0.79 36.23 6.89
C ALA C 436 -2.03 37.01 7.30
N THR C 437 -3.05 36.97 6.45
CA THR C 437 -4.26 37.75 6.67
C THR C 437 -5.38 36.88 7.21
N VAL C 438 -6.12 37.42 8.18
CA VAL C 438 -7.23 36.73 8.82
C VAL C 438 -8.42 37.70 8.92
N ILE C 439 -9.60 37.20 8.56
CA ILE C 439 -10.82 38.00 8.54
C ILE C 439 -11.60 37.74 9.81
N LEU C 440 -11.99 38.82 10.48
CA LEU C 440 -12.83 38.76 11.67
C LEU C 440 -14.24 39.19 11.28
N ALA C 441 -15.16 38.23 11.21
CA ALA C 441 -16.51 38.50 10.76
C ALA C 441 -17.42 38.87 11.92
N ASN C 442 -18.47 39.64 11.60
CA ASN C 442 -19.44 40.06 12.61
C ASN C 442 -20.88 39.94 12.14
N HIS C 443 -21.13 39.40 10.94
CA HIS C 443 -22.48 39.22 10.45
C HIS C 443 -22.49 38.10 9.41
N VAL C 444 -23.54 37.29 9.44
CA VAL C 444 -23.71 36.16 8.54
C VAL C 444 -25.05 36.28 7.84
N ALA C 445 -25.05 36.10 6.52
CA ALA C 445 -26.27 36.11 5.72
C ALA C 445 -26.31 34.83 4.90
N LYS C 446 -27.41 34.10 4.98
CA LYS C 446 -27.57 32.86 4.22
C LYS C 446 -27.97 33.15 2.77
N ASP C 458 -50.97 25.21 12.71
CA ASP C 458 -52.33 24.95 13.19
C ASP C 458 -53.30 24.86 12.03
N GLU C 459 -53.29 25.89 11.18
CA GLU C 459 -54.17 25.89 10.01
C GLU C 459 -53.75 24.83 9.00
N ASP C 460 -52.47 24.42 9.04
CA ASP C 460 -52.00 23.38 8.14
C ASP C 460 -52.71 22.06 8.41
N VAL C 461 -52.96 21.74 9.68
CA VAL C 461 -53.67 20.51 10.02
C VAL C 461 -55.07 20.53 9.44
N LYS C 462 -55.76 21.67 9.58
CA LYS C 462 -57.11 21.79 9.02
C LYS C 462 -57.10 21.69 7.51
N MET C 463 -56.10 22.28 6.87
CA MET C 463 -55.98 22.18 5.41
C MET C 463 -55.74 20.74 4.98
N ILE C 464 -54.90 20.01 5.72
CA ILE C 464 -54.65 18.60 5.41
C ILE C 464 -55.91 17.78 5.57
N THR C 465 -56.67 18.02 6.65
CA THR C 465 -57.92 17.30 6.85
C THR C 465 -58.92 17.59 5.74
N SER C 466 -59.00 18.86 5.31
CA SER C 466 -59.88 19.22 4.22
C SER C 466 -59.46 18.54 2.92
N LEU C 467 -58.15 18.48 2.66
CA LEU C 467 -57.66 17.79 1.47
C LEU C 467 -57.98 16.31 1.50
N SER C 468 -57.88 15.69 2.69
CA SER C 468 -58.20 14.28 2.81
C SER C 468 -59.67 13.99 2.51
N LYS C 469 -60.53 15.00 2.69
CA LYS C 469 -61.96 14.80 2.42
C LYS C 469 -62.24 14.75 0.92
N ASP C 470 -61.26 15.13 0.09
CA ASP C 470 -61.46 15.09 -1.35
C ASP C 470 -61.56 13.65 -1.83
N GLN C 471 -62.45 13.41 -2.80
CA GLN C 471 -62.70 12.07 -3.29
C GLN C 471 -61.55 11.54 -4.16
N GLN C 472 -60.78 12.43 -4.77
CA GLN C 472 -59.68 12.03 -5.65
C GLN C 472 -58.31 12.44 -5.08
N ILE C 473 -58.17 12.34 -3.76
CA ILE C 473 -56.90 12.71 -3.13
C ILE C 473 -55.80 11.72 -3.48
N GLY C 474 -56.15 10.43 -3.55
CA GLY C 474 -55.13 9.42 -3.87
C GLY C 474 -54.58 9.58 -5.27
N GLU C 475 -55.47 9.83 -6.24
CA GLU C 475 -55.02 10.05 -7.61
C GLU C 475 -54.15 11.30 -7.72
N LYS C 476 -54.51 12.36 -6.99
CA LYS C 476 -53.70 13.57 -6.99
C LYS C 476 -52.32 13.30 -6.40
N ILE C 477 -52.25 12.53 -5.32
CA ILE C 477 -50.96 12.21 -4.72
C ILE C 477 -50.13 11.37 -5.68
N PHE C 478 -50.76 10.39 -6.34
CA PHE C 478 -50.03 9.55 -7.28
C PHE C 478 -49.49 10.37 -8.46
N ALA C 479 -50.29 11.30 -8.97
CA ALA C 479 -49.85 12.10 -10.11
C ALA C 479 -48.84 13.17 -9.69
N SER C 480 -48.81 13.53 -8.40
CA SER C 480 -47.91 14.59 -7.96
C SER C 480 -46.45 14.17 -8.00
N ILE C 481 -46.17 12.88 -7.78
CA ILE C 481 -44.79 12.42 -7.71
C ILE C 481 -44.15 12.46 -9.09
N ALA C 482 -42.94 13.00 -9.15
CA ALA C 482 -42.13 13.11 -10.36
C ALA C 482 -42.85 13.89 -11.45
N PRO C 483 -43.06 15.20 -11.27
CA PRO C 483 -43.71 15.99 -12.34
C PRO C 483 -42.89 16.03 -13.62
N SER C 484 -41.57 15.98 -13.53
CA SER C 484 -40.71 16.10 -14.71
C SER C 484 -40.51 14.78 -15.44
N ILE C 485 -41.02 13.68 -14.93
CA ILE C 485 -40.87 12.37 -15.56
C ILE C 485 -42.20 12.02 -16.23
N TYR C 486 -42.13 11.70 -17.52
CA TYR C 486 -43.33 11.41 -18.29
C TYR C 486 -43.63 9.91 -18.25
N GLY C 487 -44.90 9.58 -18.00
CA GLY C 487 -45.31 8.19 -17.97
C GLY C 487 -44.91 7.49 -16.67
N HIS C 488 -44.94 6.16 -16.73
CA HIS C 488 -44.57 5.31 -15.59
C HIS C 488 -45.46 5.57 -14.38
N GLU C 489 -46.78 5.46 -14.58
CA GLU C 489 -47.72 5.70 -13.49
C GLU C 489 -47.58 4.65 -12.39
N ASP C 490 -47.38 3.39 -12.78
CA ASP C 490 -47.24 2.32 -11.80
C ASP C 490 -46.02 2.53 -10.92
N ILE C 491 -44.91 2.99 -11.51
CA ILE C 491 -43.71 3.27 -10.74
C ILE C 491 -43.98 4.35 -9.71
N LYS C 492 -44.67 5.41 -10.12
CA LYS C 492 -44.99 6.50 -9.19
C LYS C 492 -45.91 6.02 -8.07
N ARG C 493 -46.89 5.18 -8.41
CA ARG C 493 -47.78 4.63 -7.40
C ARG C 493 -47.03 3.77 -6.39
N GLY C 494 -46.13 2.91 -6.88
CA GLY C 494 -45.33 2.10 -5.98
C GLY C 494 -44.42 2.93 -5.11
N LEU C 495 -43.83 3.99 -5.67
CA LEU C 495 -42.99 4.87 -4.87
C LEU C 495 -43.79 5.61 -3.81
N ALA C 496 -45.03 6.02 -4.13
CA ALA C 496 -45.89 6.63 -3.14
C ALA C 496 -46.20 5.66 -2.00
N LEU C 497 -46.51 4.41 -2.36
CA LEU C 497 -46.79 3.39 -1.34
C LEU C 497 -45.57 3.17 -0.46
N ALA C 498 -44.38 3.13 -1.05
CA ALA C 498 -43.15 2.96 -0.28
C ALA C 498 -42.91 4.16 0.63
N LEU C 499 -43.15 5.36 0.12
CA LEU C 499 -42.90 6.58 0.90
C LEU C 499 -43.83 6.66 2.10
N PHE C 500 -45.11 6.34 1.91
CA PHE C 500 -46.04 6.40 3.04
C PHE C 500 -45.74 5.31 4.07
N GLY C 501 -45.35 4.13 3.60
CA GLY C 501 -44.93 3.08 4.50
C GLY C 501 -46.09 2.40 5.23
N GLY C 502 -45.71 1.49 6.12
CA GLY C 502 -46.68 0.72 6.88
C GLY C 502 -46.50 0.86 8.38
N GLU C 503 -46.65 -0.25 9.10
CA GLU C 503 -46.53 -0.25 10.56
C GLU C 503 -45.86 -1.54 11.03
N PRO C 504 -44.71 -1.45 11.71
CA PRO C 504 -44.06 -2.65 12.22
C PRO C 504 -44.85 -3.25 13.37
N LYS C 505 -44.66 -4.56 13.57
CA LYS C 505 -45.36 -5.27 14.63
C LYS C 505 -44.37 -6.17 15.37
N ASN C 506 -44.66 -6.44 16.65
CA ASN C 506 -43.81 -7.28 17.47
C ASN C 506 -44.63 -7.83 18.63
N PRO C 507 -45.32 -8.96 18.42
CA PRO C 507 -46.00 -9.61 19.56
C PRO C 507 -45.00 -10.06 20.61
N GLY C 508 -45.02 -9.42 21.77
CA GLY C 508 -43.99 -9.69 22.74
C GLY C 508 -42.62 -9.26 22.23
N GLY C 509 -41.60 -10.01 22.63
CA GLY C 509 -40.25 -9.75 22.17
C GLY C 509 -39.66 -10.92 21.41
N LYS C 510 -40.48 -11.62 20.64
CA LYS C 510 -40.08 -12.84 19.93
C LYS C 510 -40.20 -12.73 18.43
N HIS C 511 -41.33 -12.25 17.92
CA HIS C 511 -41.62 -12.23 16.49
C HIS C 511 -41.66 -10.78 16.00
N LYS C 512 -40.63 -10.39 15.24
CA LYS C 512 -40.56 -9.03 14.71
C LYS C 512 -40.94 -9.04 13.24
N VAL C 513 -41.87 -8.15 12.86
CA VAL C 513 -42.28 -7.98 11.47
C VAL C 513 -42.10 -6.52 11.11
N ARG C 514 -41.32 -6.26 10.06
CA ARG C 514 -41.04 -4.90 9.64
C ARG C 514 -42.22 -4.31 8.86
N GLY C 515 -42.17 -2.99 8.68
CA GLY C 515 -43.23 -2.29 7.97
C GLY C 515 -42.71 -1.45 6.82
N ASP C 516 -41.43 -1.59 6.51
CA ASP C 516 -40.82 -0.84 5.41
C ASP C 516 -41.07 -1.56 4.10
N ILE C 517 -41.29 -0.78 3.03
CA ILE C 517 -41.56 -1.32 1.71
C ILE C 517 -40.35 -1.01 0.83
N ASN C 518 -39.51 -2.02 0.62
CA ASN C 518 -38.34 -1.86 -0.26
C ASN C 518 -38.76 -1.97 -1.72
N VAL C 519 -38.10 -1.19 -2.57
CA VAL C 519 -38.46 -1.09 -3.98
C VAL C 519 -37.21 -1.34 -4.81
N LEU C 520 -37.34 -2.18 -5.83
CA LEU C 520 -36.27 -2.43 -6.79
C LEU C 520 -36.80 -2.17 -8.19
N LEU C 521 -36.04 -1.40 -8.97
CA LEU C 521 -36.37 -1.13 -10.36
C LEU C 521 -35.27 -1.71 -11.23
N CYS C 522 -35.66 -2.45 -12.26
CA CYS C 522 -34.73 -2.97 -13.25
C CYS C 522 -35.19 -2.52 -14.62
N GLY C 523 -34.27 -1.94 -15.40
CA GLY C 523 -34.68 -1.38 -16.67
C GLY C 523 -33.52 -1.25 -17.63
N ASP C 524 -33.89 -1.07 -18.89
CA ASP C 524 -32.93 -0.85 -19.96
C ASP C 524 -32.34 0.55 -19.85
N PRO C 525 -31.16 0.78 -20.44
CA PRO C 525 -30.59 2.13 -20.41
C PRO C 525 -31.49 3.13 -21.13
N GLY C 526 -31.49 4.36 -20.62
CA GLY C 526 -32.27 5.43 -21.20
C GLY C 526 -33.70 5.53 -20.73
N THR C 527 -34.07 4.85 -19.65
CA THR C 527 -35.43 4.89 -19.13
C THR C 527 -35.59 5.82 -17.93
N ALA C 528 -34.60 6.65 -17.62
CA ALA C 528 -34.68 7.64 -16.55
C ALA C 528 -34.91 7.00 -15.19
N LYS C 529 -34.06 6.04 -14.84
CA LYS C 529 -34.14 5.42 -13.52
C LYS C 529 -33.54 6.33 -12.45
N SER C 530 -32.49 7.08 -12.81
CA SER C 530 -31.81 7.91 -11.82
C SER C 530 -32.62 9.14 -11.45
N GLN C 531 -33.48 9.62 -12.35
CA GLN C 531 -34.29 10.80 -12.07
C GLN C 531 -35.26 10.52 -10.93
N PHE C 532 -35.85 9.32 -10.88
CA PHE C 532 -36.73 8.97 -9.78
C PHE C 532 -35.99 8.99 -8.45
N LEU C 533 -34.78 8.43 -8.42
CA LEU C 533 -33.99 8.45 -7.20
C LEU C 533 -33.65 9.87 -6.77
N LYS C 534 -33.27 10.72 -7.73
CA LYS C 534 -32.96 12.11 -7.40
C LYS C 534 -34.17 12.84 -6.84
N TYR C 535 -35.34 12.62 -7.46
CA TYR C 535 -36.57 13.26 -6.96
C TYR C 535 -36.91 12.76 -5.56
N ILE C 536 -36.75 11.46 -5.31
CA ILE C 536 -37.03 10.92 -3.98
C ILE C 536 -36.06 11.50 -2.96
N GLU C 537 -34.79 11.64 -3.32
CA GLU C 537 -33.83 12.27 -2.43
C GLU C 537 -34.21 13.70 -2.12
N LYS C 538 -34.68 14.44 -3.13
CA LYS C 538 -35.12 15.82 -2.91
C LYS C 538 -36.32 15.87 -1.97
N VAL C 539 -37.30 14.99 -2.18
CA VAL C 539 -38.54 15.05 -1.41
C VAL C 539 -38.31 14.59 0.03
N SER C 540 -37.60 13.48 0.20
CA SER C 540 -37.48 12.87 1.52
C SER C 540 -36.68 13.76 2.47
N SER C 541 -37.13 13.83 3.72
CA SER C 541 -36.44 14.64 4.73
C SER C 541 -35.10 14.03 5.09
N ARG C 542 -35.04 12.71 5.25
CA ARG C 542 -33.82 11.99 5.58
C ARG C 542 -33.59 10.94 4.49
N ALA C 543 -32.84 11.31 3.46
CA ALA C 543 -32.54 10.42 2.35
C ALA C 543 -31.03 10.42 2.10
N ILE C 544 -30.48 9.23 1.91
CA ILE C 544 -29.06 9.06 1.63
C ILE C 544 -28.92 8.36 0.28
N PHE C 545 -28.21 9.01 -0.64
CA PHE C 545 -28.01 8.51 -1.99
C PHE C 545 -26.60 7.95 -2.14
N THR C 546 -26.50 6.79 -2.77
CA THR C 546 -25.20 6.16 -2.97
C THR C 546 -25.21 5.34 -4.25
N THR C 547 -24.02 5.09 -4.78
CA THR C 547 -23.85 4.31 -5.99
C THR C 547 -22.89 3.16 -5.71
N GLY C 548 -23.19 2.00 -6.30
CA GLY C 548 -22.35 0.83 -6.14
C GLY C 548 -21.14 0.77 -7.04
N GLN C 549 -21.03 1.68 -8.00
CA GLN C 549 -19.87 1.69 -8.88
C GLN C 549 -18.59 2.01 -8.11
N GLY C 550 -18.65 2.97 -7.20
CA GLY C 550 -17.49 3.35 -6.43
C GLY C 550 -17.29 4.85 -6.33
N ALA C 551 -16.33 5.28 -5.51
CA ALA C 551 -16.03 6.69 -5.29
C ALA C 551 -17.26 7.46 -4.82
N SER C 552 -18.06 6.82 -3.97
CA SER C 552 -19.26 7.45 -3.46
C SER C 552 -18.91 8.40 -2.31
N ALA C 553 -19.71 9.46 -2.18
CA ALA C 553 -19.49 10.41 -1.08
C ALA C 553 -19.70 9.75 0.27
N VAL C 554 -20.72 8.91 0.39
CA VAL C 554 -21.03 8.20 1.64
C VAL C 554 -20.83 6.72 1.39
N GLY C 555 -20.02 6.08 2.24
CA GLY C 555 -19.75 4.68 2.08
C GLY C 555 -20.92 3.81 2.52
N LEU C 556 -20.81 2.52 2.20
CA LEU C 556 -21.84 1.53 2.53
C LEU C 556 -21.38 0.57 3.62
N THR C 557 -20.15 0.70 4.11
CA THR C 557 -19.62 -0.18 5.14
C THR C 557 -18.99 0.68 6.23
N ALA C 558 -19.27 0.31 7.49
CA ALA C 558 -18.73 1.04 8.62
C ALA C 558 -17.25 0.73 8.82
N TYR C 559 -16.51 1.74 9.26
CA TYR C 559 -15.08 1.58 9.50
C TYR C 559 -14.61 2.64 10.48
N VAL C 560 -13.48 2.37 11.12
CA VAL C 560 -12.88 3.29 12.08
C VAL C 560 -11.61 3.85 11.45
N GLN C 561 -11.50 5.17 11.42
CA GLN C 561 -10.38 5.81 10.73
C GLN C 561 -10.20 7.22 11.28
N ARG C 562 -9.03 7.80 11.02
CA ARG C 562 -8.80 9.21 11.29
C ARG C 562 -9.32 10.02 10.11
N HIS C 563 -10.24 10.93 10.38
CA HIS C 563 -10.87 11.72 9.32
C HIS C 563 -9.83 12.60 8.62
N PRO C 564 -9.82 12.64 7.30
CA PRO C 564 -8.81 13.46 6.59
C PRO C 564 -8.90 14.95 6.92
N VAL C 565 -10.09 15.46 7.17
CA VAL C 565 -10.27 16.90 7.39
C VAL C 565 -10.06 17.24 8.85
N SER C 566 -10.86 16.66 9.74
CA SER C 566 -10.79 16.99 11.16
C SER C 566 -9.60 16.37 11.86
N ARG C 567 -8.93 15.39 11.24
CA ARG C 567 -7.77 14.70 11.82
C ARG C 567 -8.09 14.08 13.17
N GLU C 568 -9.29 13.55 13.34
CA GLU C 568 -9.72 12.94 14.59
C GLU C 568 -10.11 11.49 14.37
N TRP C 569 -9.92 10.69 15.43
CA TRP C 569 -10.22 9.26 15.40
C TRP C 569 -11.73 9.07 15.48
N THR C 570 -12.34 8.63 14.38
CA THR C 570 -13.79 8.55 14.27
C THR C 570 -14.20 7.14 13.85
N LEU C 571 -15.45 6.80 14.18
CA LEU C 571 -16.12 5.60 13.70
C LEU C 571 -17.22 6.03 12.77
N GLU C 572 -17.03 5.81 11.47
CA GLU C 572 -17.98 6.23 10.44
C GLU C 572 -18.81 5.02 10.04
N ALA C 573 -20.11 5.10 10.26
CA ALA C 573 -21.02 4.02 9.88
C ALA C 573 -21.41 4.14 8.41
N GLY C 574 -22.01 3.08 7.89
CA GLY C 574 -22.44 3.07 6.51
C GLY C 574 -23.66 3.94 6.29
N ALA C 575 -24.06 4.03 5.02
CA ALA C 575 -25.24 4.80 4.66
C ALA C 575 -26.51 4.20 5.27
N LEU C 576 -26.51 2.88 5.52
CA LEU C 576 -27.67 2.25 6.11
C LEU C 576 -27.94 2.75 7.52
N VAL C 577 -26.89 2.91 8.32
CA VAL C 577 -27.06 3.40 9.68
C VAL C 577 -27.43 4.88 9.67
N LEU C 578 -26.80 5.68 8.82
CA LEU C 578 -27.12 7.10 8.75
C LEU C 578 -28.54 7.34 8.27
N ALA C 579 -29.13 6.37 7.57
CA ALA C 579 -30.50 6.47 7.08
C ALA C 579 -31.51 5.82 8.02
N ASP C 580 -31.18 5.68 9.30
CA ASP C 580 -32.12 5.11 10.26
C ASP C 580 -33.40 5.94 10.30
N ARG C 581 -34.54 5.25 10.21
CA ARG C 581 -35.86 5.88 10.08
C ARG C 581 -35.91 6.81 8.87
N GLY C 582 -35.20 6.48 7.80
CA GLY C 582 -35.17 7.30 6.61
C GLY C 582 -35.25 6.49 5.33
N VAL C 583 -34.60 6.99 4.27
CA VAL C 583 -34.61 6.35 2.97
C VAL C 583 -33.18 6.21 2.47
N CYS C 584 -32.87 5.06 1.88
CA CYS C 584 -31.57 4.79 1.28
C CYS C 584 -31.76 4.44 -0.18
N LEU C 585 -31.14 5.22 -1.06
CA LEU C 585 -31.24 5.04 -2.51
C LEU C 585 -29.91 4.52 -3.03
N ILE C 586 -29.98 3.46 -3.82
CA ILE C 586 -28.81 2.80 -4.38
C ILE C 586 -28.92 2.81 -5.90
N ASP C 587 -27.89 3.34 -6.55
CA ASP C 587 -27.77 3.32 -8.00
C ASP C 587 -26.67 2.34 -8.40
N GLU C 588 -26.82 1.75 -9.59
CA GLU C 588 -25.90 0.72 -10.08
C GLU C 588 -25.81 -0.44 -9.07
N PHE C 589 -26.96 -1.06 -8.83
CA PHE C 589 -27.08 -2.08 -7.80
C PHE C 589 -26.30 -3.36 -8.14
N ASP C 590 -26.01 -3.58 -9.42
CA ASP C 590 -25.32 -4.80 -9.83
C ASP C 590 -23.80 -4.66 -9.89
N LYS C 591 -23.26 -3.48 -9.62
CA LYS C 591 -21.81 -3.28 -9.66
C LYS C 591 -21.15 -3.43 -8.29
N MET C 592 -21.90 -3.81 -7.26
CA MET C 592 -21.37 -3.84 -5.90
C MET C 592 -20.42 -5.02 -5.72
N ASN C 593 -19.57 -4.91 -4.70
CA ASN C 593 -18.64 -5.96 -4.35
C ASN C 593 -19.20 -6.84 -3.23
N ASP C 594 -18.36 -7.75 -2.72
CA ASP C 594 -18.83 -8.72 -1.73
C ASP C 594 -19.20 -8.04 -0.41
N GLN C 595 -18.40 -7.07 0.04
CA GLN C 595 -18.64 -6.44 1.33
C GLN C 595 -19.97 -5.69 1.33
N ASP C 596 -20.24 -4.93 0.26
CA ASP C 596 -21.50 -4.20 0.18
C ASP C 596 -22.69 -5.15 0.12
N ARG C 597 -22.56 -6.25 -0.63
CA ARG C 597 -23.64 -7.22 -0.70
C ARG C 597 -23.93 -7.84 0.66
N THR C 598 -22.89 -8.23 1.38
CA THR C 598 -23.08 -8.81 2.72
C THR C 598 -23.71 -7.80 3.67
N SER C 599 -23.24 -6.55 3.64
CA SER C 599 -23.79 -5.53 4.51
C SER C 599 -25.27 -5.27 4.20
N ILE C 600 -25.62 -5.20 2.92
CA ILE C 600 -27.02 -4.98 2.54
C ILE C 600 -27.87 -6.17 2.96
N HIS C 601 -27.35 -7.39 2.78
CA HIS C 601 -28.10 -8.59 3.16
C HIS C 601 -28.40 -8.58 4.65
N GLU C 602 -27.39 -8.26 5.48
CA GLU C 602 -27.61 -8.28 6.92
C GLU C 602 -28.46 -7.09 7.37
N ALA C 603 -28.40 -5.97 6.66
CA ALA C 603 -29.22 -4.83 7.01
C ALA C 603 -30.68 -5.02 6.60
N MET C 604 -30.92 -5.84 5.59
CA MET C 604 -32.28 -6.12 5.14
C MET C 604 -32.92 -7.29 5.89
N GLU C 605 -32.12 -8.27 6.32
CA GLU C 605 -32.67 -9.40 7.05
C GLU C 605 -32.79 -9.10 8.53
N GLN C 606 -31.66 -8.81 9.19
CA GLN C 606 -31.66 -8.57 10.64
C GLN C 606 -31.99 -7.13 11.01
N GLN C 607 -31.98 -6.22 10.03
CA GLN C 607 -32.22 -4.79 10.28
C GLN C 607 -31.24 -4.22 11.30
N SER C 608 -30.00 -4.71 11.29
CA SER C 608 -28.97 -4.23 12.20
C SER C 608 -27.61 -4.53 11.60
N ILE C 609 -26.60 -3.80 12.06
CA ILE C 609 -25.23 -3.96 11.60
C ILE C 609 -24.34 -4.21 12.81
N SER C 610 -23.54 -5.28 12.75
CA SER C 610 -22.60 -5.63 13.80
C SER C 610 -21.19 -5.29 13.36
N ILE C 611 -20.46 -4.60 14.24
CA ILE C 611 -19.10 -4.14 13.95
C ILE C 611 -18.17 -4.70 15.01
N SER C 612 -17.07 -5.32 14.59
CA SER C 612 -16.02 -5.80 15.49
C SER C 612 -14.69 -5.42 14.86
N LYS C 613 -14.20 -4.22 15.20
CA LYS C 613 -12.99 -3.68 14.57
C LYS C 613 -12.23 -2.83 15.58
N ALA C 614 -10.91 -3.03 15.62
CA ALA C 614 -10.00 -2.21 16.42
C ALA C 614 -10.42 -2.19 17.90
N GLY C 615 -10.81 -3.35 18.41
CA GLY C 615 -11.22 -3.47 19.79
C GLY C 615 -12.60 -2.93 20.09
N ILE C 616 -13.38 -2.56 19.08
CA ILE C 616 -14.71 -2.02 19.26
C ILE C 616 -15.72 -3.06 18.78
N VAL C 617 -16.65 -3.43 19.65
CA VAL C 617 -17.72 -4.35 19.33
C VAL C 617 -19.04 -3.63 19.57
N THR C 618 -19.80 -3.41 18.49
CA THR C 618 -21.02 -2.63 18.55
C THR C 618 -22.09 -3.27 17.68
N SER C 619 -23.34 -2.98 18.02
CA SER C 619 -24.49 -3.33 17.20
C SER C 619 -25.34 -2.07 17.02
N LEU C 620 -25.65 -1.74 15.76
CA LEU C 620 -26.34 -0.50 15.43
C LEU C 620 -27.59 -0.80 14.64
N GLN C 621 -28.65 -0.05 14.92
CA GLN C 621 -29.92 -0.21 14.22
C GLN C 621 -29.85 0.43 12.84
N ALA C 622 -30.47 -0.24 11.87
CA ALA C 622 -30.47 0.21 10.48
C ALA C 622 -31.87 0.13 9.89
N ARG C 623 -32.86 0.64 10.63
CA ARG C 623 -34.25 0.66 10.17
C ARG C 623 -34.38 1.72 9.08
N CYS C 624 -34.41 1.25 7.82
CA CYS C 624 -34.46 2.13 6.68
C CYS C 624 -35.23 1.47 5.54
N THR C 625 -35.70 2.30 4.62
CA THR C 625 -36.37 1.81 3.41
C THR C 625 -35.44 1.93 2.22
N VAL C 626 -35.22 0.82 1.51
CA VAL C 626 -34.23 0.72 0.45
C VAL C 626 -34.92 0.81 -0.90
N ILE C 627 -34.43 1.71 -1.75
CA ILE C 627 -34.88 1.83 -3.13
C ILE C 627 -33.65 1.70 -4.03
N ALA C 628 -33.68 0.73 -4.94
CA ALA C 628 -32.51 0.38 -5.74
C ALA C 628 -32.84 0.42 -7.22
N ALA C 629 -31.83 0.74 -8.03
CA ALA C 629 -31.95 0.78 -9.48
C ALA C 629 -30.92 -0.14 -10.12
N ALA C 630 -31.31 -0.81 -11.20
CA ALA C 630 -30.43 -1.82 -11.80
C ALA C 630 -30.79 -2.00 -13.28
N ASN C 631 -29.86 -2.64 -13.99
CA ASN C 631 -29.91 -2.94 -15.41
C ASN C 631 -29.78 -4.44 -15.64
N PRO C 632 -30.27 -4.95 -16.77
CA PRO C 632 -30.16 -6.40 -17.02
C PRO C 632 -28.74 -6.82 -17.32
N ILE C 633 -28.53 -8.14 -17.28
CA ILE C 633 -27.19 -8.70 -17.47
C ILE C 633 -26.68 -8.42 -18.87
N GLY C 634 -27.51 -8.71 -19.88
CA GLY C 634 -27.13 -8.55 -21.26
C GLY C 634 -27.32 -7.17 -21.84
N GLY C 635 -27.75 -6.20 -21.04
CA GLY C 635 -28.02 -4.87 -21.52
C GLY C 635 -29.41 -4.67 -22.09
N ARG C 636 -30.21 -5.73 -22.17
CA ARG C 636 -31.58 -5.63 -22.67
C ARG C 636 -32.39 -6.75 -22.04
N TYR C 637 -33.58 -6.41 -21.55
CA TYR C 637 -34.42 -7.40 -20.87
C TYR C 637 -34.94 -8.42 -21.88
N ASP C 638 -34.91 -9.70 -21.49
CA ASP C 638 -35.41 -10.78 -22.34
C ASP C 638 -36.68 -11.35 -21.72
N PRO C 639 -37.85 -11.13 -22.33
CA PRO C 639 -39.09 -11.67 -21.75
C PRO C 639 -39.11 -13.19 -21.65
N SER C 640 -38.36 -13.89 -22.51
CA SER C 640 -38.36 -15.35 -22.50
C SER C 640 -37.74 -15.92 -21.22
N LEU C 641 -36.92 -15.15 -20.52
CA LEU C 641 -36.29 -15.59 -19.29
C LEU C 641 -36.95 -14.95 -18.07
N THR C 642 -36.78 -15.58 -16.93
CA THR C 642 -37.35 -15.06 -15.69
C THR C 642 -36.57 -13.83 -15.21
N PHE C 643 -37.15 -13.16 -14.22
CA PHE C 643 -36.51 -11.96 -13.67
C PHE C 643 -35.19 -12.31 -12.99
N SER C 644 -35.16 -13.44 -12.28
CA SER C 644 -33.94 -13.84 -11.58
C SER C 644 -32.79 -14.11 -12.55
N GLU C 645 -33.08 -14.74 -13.69
CA GLU C 645 -32.05 -15.05 -14.68
C GLU C 645 -31.55 -13.81 -15.41
N ASN C 646 -32.30 -12.70 -15.39
CA ASN C 646 -31.93 -11.50 -16.10
C ASN C 646 -31.12 -10.52 -15.24
N VAL C 647 -30.94 -10.80 -13.96
CA VAL C 647 -30.24 -9.90 -13.05
C VAL C 647 -29.10 -10.67 -12.39
N ASP C 648 -27.96 -9.98 -12.22
CA ASP C 648 -26.80 -10.57 -11.59
C ASP C 648 -27.00 -10.85 -10.11
N LEU C 649 -28.06 -10.32 -9.50
CA LEU C 649 -28.31 -10.51 -8.08
C LEU C 649 -28.72 -11.96 -7.80
N THR C 650 -28.66 -12.34 -6.53
CA THR C 650 -29.05 -13.66 -6.09
C THR C 650 -30.51 -13.66 -5.63
N GLU C 651 -31.09 -14.86 -5.58
CA GLU C 651 -32.47 -15.00 -5.16
C GLU C 651 -32.75 -14.49 -3.74
N PRO C 652 -31.92 -14.80 -2.72
CA PRO C 652 -32.22 -14.25 -1.39
C PRO C 652 -32.26 -12.73 -1.33
N ILE C 653 -31.41 -12.05 -2.11
CA ILE C 653 -31.43 -10.59 -2.13
C ILE C 653 -32.72 -10.08 -2.77
N ILE C 654 -33.13 -10.71 -3.87
CA ILE C 654 -34.35 -10.29 -4.55
C ILE C 654 -35.57 -10.54 -3.68
N SER C 655 -35.54 -11.62 -2.90
CA SER C 655 -36.69 -11.97 -2.07
C SER C 655 -37.00 -10.91 -1.02
N ARG C 656 -36.01 -10.09 -0.66
CA ARG C 656 -36.23 -9.07 0.38
C ARG C 656 -37.11 -7.94 -0.13
N PHE C 657 -37.00 -7.59 -1.41
CA PHE C 657 -37.72 -6.44 -1.95
C PHE C 657 -39.21 -6.77 -2.08
N ASP C 658 -40.06 -5.85 -1.60
CA ASP C 658 -41.50 -6.05 -1.70
C ASP C 658 -42.02 -5.77 -3.10
N ILE C 659 -41.49 -4.74 -3.77
CA ILE C 659 -41.96 -4.32 -5.07
C ILE C 659 -40.80 -4.41 -6.07
N LEU C 660 -41.05 -5.09 -7.18
CA LEU C 660 -40.09 -5.20 -8.29
C LEU C 660 -40.74 -4.62 -9.54
N CYS C 661 -40.06 -3.66 -10.16
CA CYS C 661 -40.55 -3.01 -11.37
C CYS C 661 -39.64 -3.35 -12.54
N VAL C 662 -40.24 -3.64 -13.69
CA VAL C 662 -39.51 -3.97 -14.91
C VAL C 662 -39.84 -2.92 -15.96
N VAL C 663 -38.79 -2.29 -16.51
CA VAL C 663 -38.94 -1.23 -17.50
C VAL C 663 -38.31 -1.70 -18.80
N ARG C 664 -39.04 -1.57 -19.89
CA ARG C 664 -38.58 -1.98 -21.21
C ARG C 664 -38.59 -0.77 -22.15
N ASP C 665 -37.92 -0.93 -23.29
CA ASP C 665 -37.76 0.17 -24.24
C ASP C 665 -38.38 -0.18 -25.59
N THR C 666 -39.59 -0.70 -25.59
CA THR C 666 -40.28 -1.02 -26.83
C THR C 666 -40.53 0.25 -27.64
N VAL C 667 -40.51 0.10 -28.96
CA VAL C 667 -40.61 1.23 -29.87
C VAL C 667 -42.09 1.52 -30.12
N ASP C 668 -42.62 2.52 -29.43
CA ASP C 668 -43.97 3.01 -29.67
C ASP C 668 -43.89 4.42 -30.26
N PRO C 669 -44.26 4.60 -31.53
CA PRO C 669 -44.06 5.91 -32.17
C PRO C 669 -44.75 7.07 -31.46
N VAL C 670 -45.95 6.87 -30.95
CA VAL C 670 -46.68 7.97 -30.32
C VAL C 670 -46.02 8.35 -28.99
N GLN C 671 -45.67 7.35 -28.19
CA GLN C 671 -44.99 7.60 -26.92
C GLN C 671 -43.64 8.27 -27.15
N ASP C 672 -42.89 7.79 -28.16
CA ASP C 672 -41.60 8.39 -28.48
C ASP C 672 -41.76 9.84 -28.93
N GLU C 673 -42.79 10.12 -29.74
CA GLU C 673 -43.03 11.49 -30.19
C GLU C 673 -43.36 12.40 -29.01
N MET C 674 -44.22 11.92 -28.10
CA MET C 674 -44.58 12.73 -26.94
C MET C 674 -43.37 12.97 -26.04
N LEU C 675 -42.55 11.94 -25.84
CA LEU C 675 -41.35 12.09 -25.02
C LEU C 675 -40.38 13.08 -25.66
N ALA C 676 -40.22 13.02 -26.98
CA ALA C 676 -39.34 13.96 -27.67
C ALA C 676 -39.86 15.38 -27.55
N ARG C 677 -41.18 15.56 -27.68
CA ARG C 677 -41.77 16.88 -27.51
C ARG C 677 -41.51 17.42 -26.10
N PHE C 678 -41.69 16.57 -25.09
CA PHE C 678 -41.46 16.99 -23.72
C PHE C 678 -39.99 17.39 -23.50
N VAL C 679 -39.06 16.58 -24.04
CA VAL C 679 -37.64 16.86 -23.86
C VAL C 679 -37.26 18.17 -24.54
N VAL C 680 -37.74 18.38 -25.77
CA VAL C 680 -37.40 19.60 -26.51
C VAL C 680 -38.00 20.81 -25.83
N GLY C 681 -39.23 20.68 -25.31
CA GLY C 681 -39.82 21.78 -24.57
C GLY C 681 -39.06 22.11 -23.31
N SER C 682 -38.60 21.09 -22.59
CA SER C 682 -37.79 21.32 -21.39
C SER C 682 -36.49 22.02 -21.74
N HIS C 683 -35.85 21.61 -22.83
CA HIS C 683 -34.61 22.26 -23.25
C HIS C 683 -34.86 23.71 -23.64
N VAL C 684 -35.97 23.98 -24.35
CA VAL C 684 -36.24 25.33 -24.82
C VAL C 684 -36.58 26.25 -23.65
N ARG C 685 -37.35 25.75 -22.67
CA ARG C 685 -37.79 26.60 -21.57
C ARG C 685 -36.62 27.11 -20.73
N HIS C 686 -35.62 26.25 -20.49
CA HIS C 686 -34.53 26.58 -19.58
C HIS C 686 -33.37 27.28 -20.27
N HIS C 687 -33.61 27.95 -21.39
CA HIS C 687 -32.54 28.72 -22.02
C HIS C 687 -32.17 29.90 -21.13
N PRO C 688 -30.88 30.28 -21.08
CA PRO C 688 -30.48 31.36 -20.16
C PRO C 688 -31.19 32.68 -20.41
N SER C 689 -31.50 33.01 -21.65
CA SER C 689 -32.19 34.26 -21.97
C SER C 689 -33.67 34.16 -21.58
N PRO C 707 -50.07 18.77 -16.52
CA PRO C 707 -51.38 19.04 -17.11
C PRO C 707 -51.76 18.01 -18.17
N ASN C 708 -50.89 17.04 -18.42
CA ASN C 708 -51.14 16.01 -19.41
C ASN C 708 -51.79 14.76 -18.83
N THR C 709 -51.83 14.62 -17.52
CA THR C 709 -52.42 13.46 -16.88
C THR C 709 -53.92 13.67 -16.65
N TYR C 710 -54.61 12.58 -16.33
CA TYR C 710 -56.05 12.64 -16.05
C TYR C 710 -56.36 13.32 -14.72
N GLY C 711 -55.37 13.51 -13.86
CA GLY C 711 -55.61 14.17 -12.59
C GLY C 711 -56.00 15.62 -12.79
N VAL C 712 -56.86 16.12 -11.90
CA VAL C 712 -57.34 17.49 -12.01
C VAL C 712 -56.23 18.48 -11.74
N GLU C 713 -55.47 18.28 -10.66
CA GLU C 713 -54.41 19.21 -10.30
C GLU C 713 -53.39 18.54 -9.39
N PRO C 714 -52.11 18.54 -9.76
CA PRO C 714 -51.08 18.02 -8.86
C PRO C 714 -50.87 18.93 -7.66
N LEU C 715 -50.55 18.32 -6.52
CA LEU C 715 -50.34 19.08 -5.31
C LEU C 715 -48.95 19.75 -5.33
N PRO C 716 -48.82 20.92 -4.71
CA PRO C 716 -47.51 21.54 -4.58
C PRO C 716 -46.61 20.75 -3.64
N GLN C 717 -45.30 20.93 -3.80
CA GLN C 717 -44.32 20.10 -3.09
C GLN C 717 -44.40 20.31 -1.58
N GLU C 718 -44.55 21.55 -1.15
CA GLU C 718 -44.60 21.83 0.29
C GLU C 718 -45.83 21.19 0.93
N VAL C 719 -46.99 21.28 0.27
CA VAL C 719 -48.19 20.65 0.79
C VAL C 719 -48.03 19.14 0.82
N LEU C 720 -47.36 18.56 -0.18
CA LEU C 720 -47.11 17.12 -0.19
C LEU C 720 -46.21 16.73 0.98
N LYS C 721 -45.18 17.53 1.26
CA LYS C 721 -44.29 17.24 2.38
C LYS C 721 -45.05 17.31 3.71
N LYS C 722 -45.89 18.34 3.87
CA LYS C 722 -46.67 18.46 5.10
C LYS C 722 -47.64 17.29 5.24
N TYR C 723 -48.26 16.88 4.14
CA TYR C 723 -49.17 15.73 4.17
C TYR C 723 -48.43 14.46 4.59
N ILE C 724 -47.24 14.25 4.03
CA ILE C 724 -46.46 13.06 4.36
C ILE C 724 -46.09 13.07 5.83
N ILE C 725 -45.63 14.23 6.34
CA ILE C 725 -45.23 14.34 7.74
C ILE C 725 -46.42 14.06 8.66
N TYR C 726 -47.57 14.67 8.35
CA TYR C 726 -48.75 14.49 9.18
C TYR C 726 -49.23 13.04 9.16
N ALA C 727 -49.23 12.41 7.98
CA ALA C 727 -49.67 11.03 7.87
C ALA C 727 -48.74 10.10 8.64
N LYS C 728 -47.43 10.33 8.56
CA LYS C 728 -46.49 9.51 9.31
C LYS C 728 -46.64 9.71 10.80
N GLU C 729 -46.89 10.96 11.24
CA GLU C 729 -46.93 11.24 12.66
C GLU C 729 -48.21 10.74 13.33
N ARG C 730 -49.36 10.98 12.70
CA ARG C 730 -50.63 10.86 13.40
C ARG C 730 -51.59 9.80 12.86
N VAL C 731 -51.14 8.93 11.96
CA VAL C 731 -51.99 7.89 11.39
C VAL C 731 -51.44 6.52 11.77
N HIS C 732 -52.29 5.67 12.33
CA HIS C 732 -51.95 4.29 12.69
C HIS C 732 -53.15 3.40 12.36
N PRO C 733 -53.21 2.89 11.14
CA PRO C 733 -54.36 2.06 10.74
C PRO C 733 -54.40 0.75 11.50
N LYS C 734 -55.61 0.22 11.67
CA LYS C 734 -55.84 -1.07 12.34
C LYS C 734 -56.58 -2.01 11.41
N LEU C 735 -56.32 -3.31 11.57
CA LEU C 735 -56.88 -4.35 10.70
C LEU C 735 -58.05 -5.08 11.34
N ASN C 736 -58.88 -4.39 12.13
CA ASN C 736 -59.98 -5.05 12.83
C ASN C 736 -61.14 -5.41 11.91
N GLN C 737 -61.14 -4.97 10.65
CA GLN C 737 -62.25 -5.23 9.73
C GLN C 737 -61.81 -6.01 8.49
N MET C 738 -60.74 -6.81 8.60
CA MET C 738 -60.28 -7.59 7.47
C MET C 738 -61.19 -8.78 7.22
N ASP C 739 -61.22 -9.23 5.97
CA ASP C 739 -61.99 -10.41 5.57
C ASP C 739 -61.02 -11.54 5.28
N GLN C 740 -60.91 -12.48 6.22
CA GLN C 740 -59.93 -13.55 6.11
C GLN C 740 -60.31 -14.58 5.05
N ASP C 741 -61.60 -14.83 4.86
CA ASP C 741 -62.05 -15.89 3.96
C ASP C 741 -61.63 -15.61 2.53
N LYS C 742 -61.85 -14.37 2.07
CA LYS C 742 -61.51 -14.03 0.69
C LYS C 742 -60.01 -14.13 0.46
N VAL C 743 -59.21 -13.65 1.41
CA VAL C 743 -57.75 -13.71 1.28
C VAL C 743 -57.29 -15.15 1.24
N ALA C 744 -57.84 -15.99 2.11
CA ALA C 744 -57.46 -17.41 2.15
C ALA C 744 -57.82 -18.10 0.85
N LYS C 745 -59.02 -17.85 0.33
CA LYS C 745 -59.43 -18.47 -0.93
C LYS C 745 -58.54 -18.02 -2.08
N MET C 746 -58.23 -16.72 -2.13
CA MET C 746 -57.37 -16.21 -3.19
C MET C 746 -55.98 -16.81 -3.11
N TYR C 747 -55.42 -16.92 -1.89
CA TYR C 747 -54.09 -17.51 -1.74
C TYR C 747 -54.10 -18.98 -2.16
N SER C 748 -55.13 -19.72 -1.77
CA SER C 748 -55.22 -21.14 -2.14
C SER C 748 -55.32 -21.30 -3.66
N ASP C 749 -56.17 -20.49 -4.30
CA ASP C 749 -56.31 -20.57 -5.75
C ASP C 749 -55.01 -20.18 -6.45
N LEU C 750 -54.34 -19.14 -5.95
CA LEU C 750 -53.09 -18.70 -6.55
C LEU C 750 -52.03 -19.79 -6.46
N ARG C 751 -51.89 -20.41 -5.28
CA ARG C 751 -50.90 -21.48 -5.12
C ARG C 751 -51.25 -22.67 -6.01
N LYS C 752 -52.53 -23.05 -6.07
CA LYS C 752 -52.94 -24.19 -6.87
C LYS C 752 -52.64 -23.97 -8.35
N GLU C 753 -53.00 -22.80 -8.87
CA GLU C 753 -52.79 -22.55 -10.29
C GLU C 753 -51.33 -22.29 -10.62
N SER C 754 -50.56 -21.72 -9.68
CA SER C 754 -49.14 -21.54 -9.89
C SER C 754 -48.43 -22.89 -9.97
N MET C 755 -48.81 -23.83 -9.11
CA MET C 755 -48.23 -25.16 -9.19
C MET C 755 -48.75 -25.93 -10.40
N ALA C 756 -49.97 -25.64 -10.84
CA ALA C 756 -50.46 -26.20 -12.10
C ALA C 756 -49.58 -25.74 -13.26
N THR C 757 -49.24 -24.45 -13.30
CA THR C 757 -48.26 -23.98 -14.27
C THR C 757 -46.89 -24.59 -14.01
N GLY C 758 -46.49 -24.68 -12.74
CA GLY C 758 -45.27 -25.36 -12.38
C GLY C 758 -44.02 -24.51 -12.37
N SER C 759 -44.11 -23.26 -11.93
CA SER C 759 -42.92 -22.40 -11.90
C SER C 759 -43.16 -21.26 -10.90
N ILE C 760 -42.24 -21.14 -9.94
CA ILE C 760 -42.22 -20.06 -8.95
C ILE C 760 -43.57 -19.98 -8.25
N PRO C 761 -43.86 -20.89 -7.32
CA PRO C 761 -45.11 -20.78 -6.56
C PRO C 761 -45.09 -19.60 -5.60
N ILE C 762 -46.29 -19.12 -5.28
CA ILE C 762 -46.42 -18.02 -4.32
C ILE C 762 -46.20 -18.54 -2.91
N THR C 763 -45.90 -17.62 -2.00
CA THR C 763 -45.62 -17.99 -0.61
C THR C 763 -46.35 -17.04 0.33
N VAL C 764 -46.12 -17.23 1.62
CA VAL C 764 -46.76 -16.46 2.67
C VAL C 764 -46.30 -15.00 2.60
N ARG C 765 -45.02 -14.80 2.24
CA ARG C 765 -44.42 -13.47 2.30
C ARG C 765 -45.26 -12.43 1.57
N HIS C 766 -45.68 -12.73 0.34
CA HIS C 766 -46.46 -11.78 -0.45
C HIS C 766 -47.66 -11.28 0.35
N ILE C 767 -48.38 -12.20 1.01
CA ILE C 767 -49.55 -11.80 1.78
C ILE C 767 -49.18 -10.71 2.78
N GLU C 768 -48.10 -10.92 3.54
CA GLU C 768 -47.64 -9.91 4.48
C GLU C 768 -47.41 -8.60 3.76
N SER C 769 -46.69 -8.64 2.64
CA SER C 769 -46.46 -7.44 1.85
C SER C 769 -47.79 -6.78 1.49
N MET C 770 -48.74 -7.59 1.01
CA MET C 770 -50.07 -7.08 0.70
C MET C 770 -50.63 -6.31 1.89
N ILE C 771 -50.59 -6.93 3.08
CA ILE C 771 -51.10 -6.27 4.27
C ILE C 771 -50.42 -4.92 4.45
N ARG C 772 -49.08 -4.90 4.35
CA ARG C 772 -48.35 -3.65 4.47
C ARG C 772 -48.89 -2.62 3.50
N MET C 773 -49.02 -3.00 2.23
CA MET C 773 -49.52 -2.06 1.23
C MET C 773 -50.90 -1.56 1.61
N ALA C 774 -51.76 -2.46 2.09
CA ALA C 774 -53.09 -2.05 2.53
C ALA C 774 -52.99 -0.95 3.57
N GLU C 775 -52.14 -1.18 4.59
CA GLU C 775 -51.97 -0.16 5.63
C GLU C 775 -51.48 1.14 5.00
N ALA C 776 -50.55 1.05 4.05
CA ALA C 776 -50.06 2.25 3.37
C ALA C 776 -51.22 3.01 2.75
N HIS C 777 -52.12 2.30 2.08
CA HIS C 777 -53.28 2.96 1.49
C HIS C 777 -54.14 3.60 2.56
N ALA C 778 -54.33 2.91 3.69
CA ALA C 778 -55.12 3.47 4.78
C ALA C 778 -54.44 4.71 5.35
N ARG C 779 -53.12 4.82 5.18
CA ARG C 779 -52.42 6.00 5.64
C ARG C 779 -52.64 7.18 4.70
N ILE C 780 -52.87 6.89 3.42
CA ILE C 780 -53.08 7.96 2.44
C ILE C 780 -54.37 8.72 2.73
N HIS C 781 -55.44 7.98 3.01
CA HIS C 781 -56.75 8.59 3.27
C HIS C 781 -56.97 8.92 4.74
N LEU C 782 -55.96 8.74 5.59
CA LEU C 782 -56.03 9.02 7.03
C LEU C 782 -57.07 8.14 7.73
N ARG C 783 -57.41 7.00 7.15
CA ARG C 783 -58.39 6.11 7.77
C ARG C 783 -57.77 5.37 8.94
N ASP C 784 -58.48 5.34 10.07
CA ASP C 784 -58.00 4.60 11.23
C ASP C 784 -58.22 3.10 11.09
N TYR C 785 -59.06 2.67 10.15
CA TYR C 785 -59.32 1.26 9.93
C TYR C 785 -59.25 0.96 8.44
N VAL C 786 -58.70 -0.20 8.11
CA VAL C 786 -58.55 -0.59 6.70
C VAL C 786 -59.88 -1.13 6.19
N ILE C 787 -60.22 -0.78 4.94
CA ILE C 787 -61.47 -1.21 4.32
C ILE C 787 -61.13 -2.02 3.08
N GLU C 788 -62.19 -2.43 2.37
CA GLU C 788 -62.03 -3.35 1.25
C GLU C 788 -61.28 -2.72 0.08
N ASP C 789 -61.40 -1.40 -0.07
CA ASP C 789 -60.76 -0.73 -1.20
C ASP C 789 -59.24 -0.86 -1.13
N ASP C 790 -58.67 -0.60 0.05
CA ASP C 790 -57.23 -0.71 0.22
C ASP C 790 -56.76 -2.14 0.03
N VAL C 791 -57.53 -3.12 0.55
CA VAL C 791 -57.16 -4.52 0.39
C VAL C 791 -57.15 -4.90 -1.09
N ASN C 792 -58.17 -4.47 -1.83
CA ASN C 792 -58.24 -4.78 -3.26
C ASN C 792 -57.09 -4.13 -4.02
N MET C 793 -56.77 -2.88 -3.68
CA MET C 793 -55.65 -2.21 -4.35
C MET C 793 -54.33 -2.91 -4.07
N ALA C 794 -54.10 -3.30 -2.82
CA ALA C 794 -52.89 -4.02 -2.48
C ALA C 794 -52.82 -5.37 -3.19
N ILE C 795 -53.96 -6.06 -3.28
CA ILE C 795 -54.01 -7.33 -4.00
C ILE C 795 -53.64 -7.13 -5.47
N ARG C 796 -54.20 -6.10 -6.09
CA ARG C 796 -53.91 -5.82 -7.49
C ARG C 796 -52.43 -5.53 -7.70
N VAL C 797 -51.86 -4.69 -6.83
CA VAL C 797 -50.45 -4.33 -6.97
C VAL C 797 -49.56 -5.56 -6.79
N MET C 798 -49.84 -6.37 -5.76
CA MET C 798 -49.03 -7.56 -5.51
C MET C 798 -49.15 -8.56 -6.66
N LEU C 799 -50.36 -8.76 -7.18
CA LEU C 799 -50.55 -9.69 -8.29
C LEU C 799 -49.83 -9.20 -9.54
N GLU C 800 -49.89 -7.90 -9.82
CA GLU C 800 -49.17 -7.35 -10.97
C GLU C 800 -47.67 -7.56 -10.82
N SER C 801 -47.14 -7.28 -9.63
CA SER C 801 -45.71 -7.47 -9.40
C SER C 801 -45.29 -8.93 -9.55
N PHE C 802 -46.11 -9.85 -9.02
CA PHE C 802 -45.79 -11.27 -9.12
C PHE C 802 -45.86 -11.75 -10.57
N ILE C 803 -46.86 -11.29 -11.32
CA ILE C 803 -47.05 -11.74 -12.69
C ILE C 803 -45.95 -11.21 -13.60
N ASP C 804 -45.55 -9.94 -13.40
CA ASP C 804 -44.58 -9.33 -14.30
C ASP C 804 -43.22 -10.03 -14.26
N THR C 805 -42.93 -10.80 -13.22
CA THR C 805 -41.63 -11.47 -13.10
C THR C 805 -41.58 -12.83 -13.79
N GLN C 806 -42.72 -13.35 -14.26
CA GLN C 806 -42.72 -14.66 -14.89
C GLN C 806 -42.35 -14.55 -16.37
N LYS C 807 -42.07 -15.71 -16.97
CA LYS C 807 -41.73 -15.76 -18.38
C LYS C 807 -43.00 -15.67 -19.24
N PHE C 808 -42.79 -15.60 -20.56
CA PHE C 808 -43.84 -15.27 -21.52
C PHE C 808 -45.11 -16.10 -21.37
N SER C 809 -45.00 -17.42 -21.54
CA SER C 809 -46.19 -18.27 -21.53
C SER C 809 -46.87 -18.24 -20.17
N VAL C 810 -46.10 -18.34 -19.09
CA VAL C 810 -46.67 -18.35 -17.75
C VAL C 810 -47.34 -17.01 -17.46
N MET C 811 -46.68 -15.91 -17.84
CA MET C 811 -47.25 -14.58 -17.62
C MET C 811 -48.56 -14.42 -18.38
N ARG C 812 -48.59 -14.88 -19.63
CA ARG C 812 -49.82 -14.76 -20.43
C ARG C 812 -50.95 -15.60 -19.82
N SER C 813 -50.63 -16.82 -19.40
CA SER C 813 -51.65 -17.68 -18.80
C SER C 813 -52.19 -17.08 -17.50
N MET C 814 -51.30 -16.55 -16.66
CA MET C 814 -51.74 -15.94 -15.41
C MET C 814 -52.55 -14.67 -15.66
N ARG C 815 -52.15 -13.87 -16.65
CA ARG C 815 -52.92 -12.67 -16.97
C ARG C 815 -54.31 -13.03 -17.48
N LYS C 816 -54.41 -14.07 -18.30
CA LYS C 816 -55.72 -14.53 -18.77
C LYS C 816 -56.57 -15.05 -17.61
N THR C 817 -55.95 -15.80 -16.70
CA THR C 817 -56.72 -16.43 -15.63
C THR C 817 -57.19 -15.42 -14.59
N PHE C 818 -56.32 -14.48 -14.19
CA PHE C 818 -56.60 -13.58 -13.09
C PHE C 818 -57.06 -12.20 -13.54
N ALA C 819 -57.88 -12.14 -14.60
CA ALA C 819 -58.36 -10.84 -15.08
C ALA C 819 -59.30 -10.17 -14.08
N ARG C 820 -59.93 -10.96 -13.20
CA ARG C 820 -60.88 -10.39 -12.26
C ARG C 820 -60.22 -9.46 -11.26
N TYR C 821 -59.14 -9.92 -10.62
CA TYR C 821 -58.50 -9.13 -9.58
C TYR C 821 -57.72 -7.96 -10.16
N LEU C 822 -57.09 -8.15 -11.32
CA LEU C 822 -56.26 -7.10 -11.90
C LEU C 822 -57.09 -5.95 -12.45
N SER C 823 -58.40 -6.10 -12.57
CA SER C 823 -59.27 -5.08 -13.15
C SER C 823 -59.90 -4.16 -12.11
N PHE C 824 -59.43 -4.21 -10.86
CA PHE C 824 -60.01 -3.38 -9.81
C PHE C 824 -59.70 -1.90 -10.07
N ARG C 825 -60.74 -1.09 -10.17
CA ARG C 825 -60.64 0.35 -10.42
C ARG C 825 -59.88 0.67 -11.70
N ARG C 826 -59.85 -0.27 -12.65
CA ARG C 826 -59.24 0.00 -13.94
C ARG C 826 -60.26 0.61 -14.90
N ASP C 827 -59.78 1.10 -16.03
CA ASP C 827 -60.61 1.71 -17.06
C ASP C 827 -60.72 0.75 -18.24
N ASN C 828 -61.96 0.48 -18.67
CA ASN C 828 -62.17 -0.39 -19.82
C ASN C 828 -61.56 0.21 -21.08
N ASN C 829 -61.53 1.55 -21.17
CA ASN C 829 -60.93 2.21 -22.31
C ASN C 829 -59.45 1.87 -22.43
N GLU C 830 -58.75 1.78 -21.29
CA GLU C 830 -57.34 1.40 -21.31
C GLU C 830 -57.16 -0.03 -21.85
N LEU C 831 -58.03 -0.94 -21.43
CA LEU C 831 -57.93 -2.32 -21.91
C LEU C 831 -58.20 -2.39 -23.42
N LEU C 832 -59.22 -1.66 -23.88
CA LEU C 832 -59.49 -1.64 -25.33
C LEU C 832 -58.34 -1.01 -26.10
N LEU C 833 -57.72 0.02 -25.53
CA LEU C 833 -56.54 0.62 -26.15
C LEU C 833 -55.39 -0.39 -26.24
N PHE C 834 -55.22 -1.19 -25.19
CA PHE C 834 -54.19 -2.22 -25.20
C PHE C 834 -54.46 -3.25 -26.29
N ILE C 835 -55.72 -3.66 -26.43
CA ILE C 835 -56.09 -4.61 -27.47
C ILE C 835 -55.80 -4.02 -28.85
N LEU C 836 -56.19 -2.75 -29.05
CA LEU C 836 -55.96 -2.09 -30.33
C LEU C 836 -54.48 -1.96 -30.62
N LYS C 837 -53.68 -1.66 -29.60
CA LYS C 837 -52.23 -1.56 -29.78
C LYS C 837 -51.63 -2.91 -30.16
N GLN C 838 -52.11 -3.99 -29.53
CA GLN C 838 -51.64 -5.32 -29.89
C GLN C 838 -51.95 -5.64 -31.35
N LEU C 839 -53.19 -5.35 -31.77
CA LEU C 839 -53.58 -5.62 -33.15
C LEU C 839 -52.75 -4.79 -34.13
N VAL C 840 -52.55 -3.51 -33.81
CA VAL C 840 -51.77 -2.62 -34.67
C VAL C 840 -50.33 -3.11 -34.77
N ALA C 841 -49.76 -3.54 -33.64
CA ALA C 841 -48.39 -4.03 -33.65
C ALA C 841 -48.28 -5.29 -34.50
N GLU C 842 -49.25 -6.20 -34.39
CA GLU C 842 -49.24 -7.41 -35.21
C GLU C 842 -49.31 -7.06 -36.69
N GLN C 843 -50.22 -6.14 -37.06
CA GLN C 843 -50.35 -5.76 -38.46
C GLN C 843 -49.09 -5.10 -38.98
N VAL C 844 -48.49 -4.21 -38.18
CA VAL C 844 -47.27 -3.53 -38.60
C VAL C 844 -46.13 -4.52 -38.76
N THR C 845 -46.01 -5.48 -37.84
CA THR C 845 -44.97 -6.50 -37.94
C THR C 845 -45.14 -7.32 -39.21
N TYR C 846 -46.38 -7.74 -39.50
CA TYR C 846 -46.63 -8.50 -40.72
C TYR C 846 -46.28 -7.70 -41.96
N GLN C 847 -46.68 -6.42 -41.99
CA GLN C 847 -46.41 -5.57 -43.15
C GLN C 847 -44.91 -5.39 -43.34
N ARG C 848 -44.18 -5.12 -42.26
CA ARG C 848 -42.74 -4.93 -42.36
C ARG C 848 -42.04 -6.21 -42.81
N ASN C 849 -42.49 -7.36 -42.31
CA ASN C 849 -41.83 -8.62 -42.66
C ASN C 849 -42.10 -8.99 -44.12
N ARG C 850 -43.33 -8.78 -44.60
CA ARG C 850 -43.65 -9.18 -45.97
C ARG C 850 -43.21 -8.13 -46.98
N PHE C 851 -43.77 -6.93 -46.88
CA PHE C 851 -43.48 -5.89 -47.88
C PHE C 851 -42.04 -5.41 -47.82
N GLY C 852 -41.38 -5.55 -46.67
CA GLY C 852 -40.04 -5.04 -46.49
C GLY C 852 -39.95 -3.59 -46.09
N ALA C 853 -41.08 -2.89 -46.00
CA ALA C 853 -41.12 -1.49 -45.58
C ALA C 853 -42.52 -1.17 -45.10
N GLN C 854 -42.62 -0.16 -44.24
CA GLN C 854 -43.90 0.23 -43.70
C GLN C 854 -44.75 0.93 -44.74
N GLN C 855 -46.07 0.82 -44.59
CA GLN C 855 -47.01 1.51 -45.45
C GLN C 855 -47.43 2.83 -44.80
N ASP C 856 -48.04 3.70 -45.60
CA ASP C 856 -48.41 5.03 -45.14
C ASP C 856 -49.57 5.04 -44.15
N THR C 857 -50.44 4.04 -44.19
CA THR C 857 -51.61 4.00 -43.31
C THR C 857 -51.73 2.63 -42.67
N ILE C 858 -52.36 2.61 -41.50
CA ILE C 858 -52.63 1.37 -40.77
C ILE C 858 -54.14 1.26 -40.58
N GLU C 859 -54.71 0.11 -40.94
CA GLU C 859 -56.15 -0.11 -40.82
C GLU C 859 -56.39 -1.44 -40.13
N VAL C 860 -57.48 -1.49 -39.36
CA VAL C 860 -57.85 -2.71 -38.64
C VAL C 860 -59.36 -2.84 -38.61
N PRO C 861 -59.91 -4.04 -38.87
CA PRO C 861 -61.36 -4.21 -38.81
C PRO C 861 -61.89 -4.06 -37.39
N GLU C 862 -63.12 -3.58 -37.28
CA GLU C 862 -63.75 -3.41 -35.98
C GLU C 862 -64.20 -4.75 -35.40
N LYS C 863 -64.47 -5.74 -36.26
CA LYS C 863 -65.03 -7.01 -35.80
C LYS C 863 -64.07 -7.74 -34.86
N ASP C 864 -62.78 -7.70 -35.14
CA ASP C 864 -61.81 -8.36 -34.27
C ASP C 864 -61.79 -7.72 -32.89
N LEU C 865 -61.81 -6.38 -32.83
CA LEU C 865 -61.84 -5.69 -31.55
C LEU C 865 -63.13 -6.01 -30.80
N VAL C 866 -64.26 -6.07 -31.51
CA VAL C 866 -65.53 -6.41 -30.87
C VAL C 866 -65.47 -7.83 -30.31
N ASP C 867 -64.90 -8.76 -31.07
CA ASP C 867 -64.82 -10.14 -30.61
C ASP C 867 -63.93 -10.26 -29.38
N LYS C 868 -62.80 -9.55 -29.36
CA LYS C 868 -61.93 -9.59 -28.20
C LYS C 868 -62.60 -8.94 -26.99
N ALA C 869 -63.35 -7.86 -27.21
CA ALA C 869 -64.11 -7.26 -26.12
C ALA C 869 -65.17 -8.21 -25.57
N ARG C 870 -65.83 -8.96 -26.46
CA ARG C 870 -66.77 -9.99 -26.02
C ARG C 870 -66.06 -11.06 -25.21
N GLN C 871 -64.85 -11.44 -25.63
CA GLN C 871 -64.03 -12.34 -24.82
C GLN C 871 -63.74 -11.76 -23.44
N ILE C 872 -63.54 -10.44 -23.36
CA ILE C 872 -63.39 -9.77 -22.07
C ILE C 872 -64.75 -9.34 -21.51
N ASN C 873 -65.85 -9.74 -22.15
CA ASN C 873 -67.21 -9.44 -21.72
C ASN C 873 -67.51 -7.94 -21.80
N ILE C 874 -67.14 -7.32 -22.92
CA ILE C 874 -67.48 -5.94 -23.22
C ILE C 874 -68.24 -5.92 -24.54
N HIS C 875 -69.41 -5.29 -24.54
CA HIS C 875 -70.28 -5.30 -25.71
C HIS C 875 -70.56 -3.92 -26.29
N ASN C 876 -70.05 -2.86 -25.69
CA ASN C 876 -70.26 -1.50 -26.19
C ASN C 876 -68.91 -0.80 -26.32
N LEU C 877 -68.71 -0.10 -27.45
CA LEU C 877 -67.47 0.59 -27.73
C LEU C 877 -67.65 2.05 -28.12
N SER C 878 -68.88 2.58 -28.08
CA SER C 878 -69.10 3.96 -28.44
C SER C 878 -68.38 4.91 -27.50
N ALA C 879 -68.39 4.60 -26.20
CA ALA C 879 -67.68 5.43 -25.23
C ALA C 879 -66.18 5.42 -25.49
N PHE C 880 -65.65 4.26 -25.88
CA PHE C 880 -64.22 4.17 -26.21
C PHE C 880 -63.88 5.03 -27.41
N TYR C 881 -64.74 5.03 -28.43
CA TYR C 881 -64.53 5.89 -29.58
C TYR C 881 -64.60 7.36 -29.18
N ASP C 882 -65.53 7.70 -28.28
CA ASP C 882 -65.65 9.07 -27.81
C ASP C 882 -64.69 9.39 -26.67
N SER C 883 -63.92 8.41 -26.20
CA SER C 883 -63.00 8.65 -25.10
C SER C 883 -61.83 9.50 -25.54
N GLU C 884 -61.20 10.17 -24.57
CA GLU C 884 -60.05 11.02 -24.87
C GLU C 884 -58.84 10.20 -25.30
N LEU C 885 -58.72 8.97 -24.77
CA LEU C 885 -57.58 8.12 -25.11
C LEU C 885 -57.58 7.78 -26.60
N PHE C 886 -58.77 7.65 -27.18
CA PHE C 886 -58.87 7.35 -28.62
C PHE C 886 -58.26 8.48 -29.45
N ARG C 887 -58.54 9.73 -29.07
CA ARG C 887 -58.01 10.87 -29.82
C ARG C 887 -56.54 11.10 -29.50
N MET C 888 -56.11 10.78 -28.28
CA MET C 888 -54.72 11.00 -27.89
C MET C 888 -53.77 10.16 -28.72
N ASN C 889 -54.13 8.90 -28.97
CA ASN C 889 -53.31 8.02 -29.80
C ASN C 889 -53.54 8.21 -31.29
N LYS C 890 -54.30 9.23 -31.68
CA LYS C 890 -54.52 9.57 -33.09
C LYS C 890 -55.20 8.43 -33.84
N PHE C 891 -56.16 7.77 -33.18
CA PHE C 891 -56.98 6.78 -33.84
C PHE C 891 -58.27 7.41 -34.37
N SER C 892 -58.78 6.85 -35.47
CA SER C 892 -60.03 7.30 -36.05
C SER C 892 -60.89 6.09 -36.37
N HIS C 893 -62.21 6.29 -36.32
CA HIS C 893 -63.19 5.23 -36.60
C HIS C 893 -64.01 5.65 -37.79
N ASP C 894 -64.13 4.76 -38.78
CA ASP C 894 -64.90 5.02 -39.99
C ASP C 894 -66.07 4.04 -40.03
N LEU C 895 -67.29 4.58 -39.92
CA LEU C 895 -68.48 3.76 -40.03
C LEU C 895 -68.81 3.42 -41.48
N LYS C 896 -68.31 4.23 -42.42
CA LYS C 896 -68.56 3.96 -43.83
C LYS C 896 -67.92 2.64 -44.27
N ARG C 897 -66.80 2.27 -43.63
CA ARG C 897 -66.15 1.00 -43.91
C ARG C 897 -66.07 0.09 -42.68
N LYS C 898 -66.59 0.54 -41.53
CA LYS C 898 -66.52 -0.22 -40.28
C LYS C 898 -65.08 -0.58 -39.94
N MET C 899 -64.20 0.43 -39.97
CA MET C 899 -62.77 0.22 -39.79
C MET C 899 -62.22 1.19 -38.77
N ILE C 900 -61.01 0.90 -38.30
CA ILE C 900 -60.26 1.81 -37.43
C ILE C 900 -58.93 2.12 -38.13
N LEU C 901 -58.63 3.40 -38.27
CA LEU C 901 -57.49 3.88 -39.04
C LEU C 901 -56.54 4.66 -38.13
N GLN C 902 -55.25 4.46 -38.36
CA GLN C 902 -54.19 5.17 -37.66
C GLN C 902 -53.05 5.49 -38.62
N VAL D 12 16.97 -0.96 63.88
CA VAL D 12 16.54 -2.03 64.77
C VAL D 12 15.72 -3.05 63.99
N GLU D 13 14.77 -2.55 63.19
CA GLU D 13 13.93 -3.44 62.39
C GLU D 13 14.76 -4.21 61.36
N LEU D 14 15.69 -3.52 60.69
CA LEU D 14 16.53 -4.19 59.70
C LEU D 14 17.42 -5.25 60.35
N ARG D 15 17.97 -4.94 61.52
CA ARG D 15 18.82 -5.92 62.22
C ARG D 15 18.01 -7.14 62.64
N GLU D 16 16.79 -6.92 63.13
CA GLU D 16 15.93 -8.05 63.50
C GLU D 16 15.56 -8.89 62.29
N ALA D 17 15.27 -8.24 61.16
CA ALA D 17 14.97 -8.98 59.94
C ALA D 17 16.17 -9.79 59.49
N GLN D 18 17.37 -9.21 59.56
CA GLN D 18 18.58 -9.95 59.20
C GLN D 18 18.79 -11.13 60.12
N ARG D 19 18.54 -10.96 61.42
CA ARG D 19 18.67 -12.06 62.37
C ARG D 19 17.70 -13.18 62.04
N ASP D 20 16.44 -12.82 61.73
CA ASP D 20 15.45 -13.83 61.39
C ASP D 20 15.84 -14.56 60.11
N TYR D 21 16.34 -13.83 59.11
CA TYR D 21 16.77 -14.46 57.87
C TYR D 21 17.96 -15.39 58.09
N LEU D 22 18.91 -15.00 58.94
CA LEU D 22 20.04 -15.87 59.27
C LEU D 22 19.56 -17.13 59.97
N ASP D 23 18.61 -16.97 60.91
CA ASP D 23 18.06 -18.14 61.61
C ASP D 23 17.31 -19.06 60.66
N PHE D 24 16.71 -18.50 59.60
CA PHE D 24 15.96 -19.32 58.65
C PHE D 24 16.85 -20.34 57.94
N LEU D 25 18.07 -19.95 57.57
CA LEU D 25 18.94 -20.80 56.77
C LEU D 25 19.54 -21.97 57.53
N ASP D 26 19.84 -21.81 58.82
CA ASP D 26 20.48 -22.86 59.61
C ASP D 26 19.44 -23.93 59.96
N ASP D 27 19.31 -24.88 59.04
CA ASP D 27 18.34 -25.97 59.17
C ASP D 27 18.95 -27.35 59.04
N GLU D 28 20.29 -27.46 59.06
CA GLU D 28 20.92 -28.77 58.90
C GLU D 28 20.53 -29.73 60.02
N GLU D 29 20.42 -29.22 61.25
CA GLU D 29 19.98 -30.03 62.39
C GLU D 29 18.46 -30.13 62.47
N ASP D 30 17.75 -29.73 61.42
CA ASP D 30 16.29 -29.78 61.42
C ASP D 30 15.79 -30.33 60.10
N GLN D 31 16.52 -31.31 59.54
CA GLN D 31 16.19 -31.98 58.28
C GLN D 31 16.15 -31.01 57.11
N GLY D 32 16.88 -29.90 57.19
CA GLY D 32 16.89 -28.90 56.15
C GLY D 32 17.63 -29.31 54.89
N ILE D 33 17.32 -28.64 53.78
CA ILE D 33 17.97 -28.91 52.51
C ILE D 33 18.81 -27.74 52.03
N TYR D 34 18.56 -26.53 52.54
CA TYR D 34 19.19 -25.33 51.99
C TYR D 34 20.71 -25.35 52.12
N GLN D 35 21.23 -26.03 53.14
CA GLN D 35 22.69 -26.13 53.25
C GLN D 35 23.27 -26.94 52.09
N SER D 36 22.62 -28.04 51.74
CA SER D 36 23.04 -28.81 50.57
C SER D 36 22.89 -27.98 49.30
N LYS D 37 21.84 -27.16 49.22
CA LYS D 37 21.65 -26.30 48.06
C LYS D 37 22.81 -25.30 47.94
N VAL D 38 23.22 -24.71 49.06
CA VAL D 38 24.33 -23.76 49.04
C VAL D 38 25.63 -24.46 48.67
N ARG D 39 25.83 -25.69 49.18
CA ARG D 39 27.02 -26.45 48.80
C ARG D 39 27.04 -26.72 47.30
N GLU D 40 25.88 -27.09 46.74
CA GLU D 40 25.79 -27.32 45.30
C GLU D 40 26.06 -26.03 44.52
N LEU D 41 25.54 -24.90 45.01
CA LEU D 41 25.78 -23.62 44.35
C LEU D 41 27.27 -23.29 44.33
N ILE D 42 27.96 -23.52 45.46
CA ILE D 42 29.41 -23.31 45.48
C ILE D 42 30.11 -24.25 44.52
N SER D 43 29.68 -25.51 44.49
CA SER D 43 30.27 -26.49 43.59
C SER D 43 30.04 -26.12 42.13
N ASP D 44 28.84 -25.62 41.82
CA ASP D 44 28.47 -25.31 40.44
C ASP D 44 28.84 -23.88 40.03
N ASN D 45 29.54 -23.14 40.89
CA ASN D 45 29.98 -21.77 40.59
C ASN D 45 28.80 -20.85 40.32
N GLN D 46 27.68 -21.07 40.99
CA GLN D 46 26.51 -20.21 40.86
C GLN D 46 26.37 -19.33 42.10
N TYR D 47 25.80 -18.14 41.89
CA TYR D 47 25.64 -17.16 42.96
C TYR D 47 24.19 -16.72 43.11
N ARG D 48 23.25 -17.63 42.85
CA ARG D 48 21.83 -17.33 43.00
C ARG D 48 21.14 -18.52 43.65
N LEU D 49 20.33 -18.24 44.67
CA LEU D 49 19.61 -19.26 45.42
C LEU D 49 18.12 -19.04 45.28
N ILE D 50 17.38 -20.14 45.10
CA ILE D 50 15.93 -20.11 44.97
C ILE D 50 15.34 -20.65 46.27
N VAL D 51 14.48 -19.86 46.90
CA VAL D 51 13.85 -20.21 48.17
C VAL D 51 12.35 -20.23 47.98
N ASN D 52 11.71 -21.33 48.40
CA ASN D 52 10.27 -21.47 48.28
C ASN D 52 9.59 -20.54 49.29
N VAL D 53 8.61 -19.76 48.80
CA VAL D 53 7.86 -18.87 49.68
C VAL D 53 7.01 -19.66 50.65
N ASN D 54 6.49 -20.82 50.21
CA ASN D 54 5.63 -21.62 51.08
C ASN D 54 6.37 -22.09 52.32
N ASP D 55 7.63 -22.54 52.16
CA ASP D 55 8.40 -23.00 53.31
C ASP D 55 8.66 -21.85 54.28
N LEU D 56 9.00 -20.67 53.78
CA LEU D 56 9.24 -19.52 54.64
C LEU D 56 7.96 -19.14 55.39
N ARG D 57 6.83 -19.17 54.69
CA ARG D 57 5.55 -18.87 55.34
C ARG D 57 5.24 -19.89 56.42
N ARG D 58 5.54 -21.16 56.17
CA ARG D 58 5.35 -22.19 57.18
C ARG D 58 6.22 -21.94 58.40
N LYS D 59 7.48 -21.54 58.17
CA LYS D 59 8.41 -21.33 59.27
C LYS D 59 8.23 -19.96 59.93
N ASN D 60 7.95 -18.92 59.14
CA ASN D 60 7.80 -17.57 59.69
C ASN D 60 6.80 -16.82 58.82
N GLU D 61 5.57 -16.71 59.30
CA GLU D 61 4.53 -16.03 58.54
C GLU D 61 4.72 -14.52 58.56
N LYS D 62 5.18 -13.97 59.68
CA LYS D 62 5.38 -12.53 59.78
C LYS D 62 6.44 -12.03 58.81
N ARG D 63 7.56 -12.75 58.73
CA ARG D 63 8.63 -12.37 57.81
C ARG D 63 8.16 -12.46 56.36
N ALA D 64 7.41 -13.52 56.02
CA ALA D 64 6.88 -13.65 54.67
C ALA D 64 5.93 -12.51 54.34
N ASN D 65 5.06 -12.15 55.29
CA ASN D 65 4.12 -11.05 55.06
C ASN D 65 4.86 -9.73 54.88
N ARG D 66 5.88 -9.50 55.69
CA ARG D 66 6.66 -8.26 55.55
C ARG D 66 7.40 -8.22 54.22
N LEU D 67 7.96 -9.35 53.79
CA LEU D 67 8.67 -9.41 52.52
C LEU D 67 7.72 -9.16 51.35
N LEU D 68 6.52 -9.75 51.41
CA LEU D 68 5.56 -9.56 50.33
C LEU D 68 5.04 -8.13 50.29
N ASN D 69 4.73 -7.55 51.46
CA ASN D 69 4.23 -6.18 51.50
C ASN D 69 5.33 -5.14 51.40
N ASN D 70 6.59 -5.53 51.62
CA ASN D 70 7.71 -4.60 51.50
C ASN D 70 8.89 -5.41 50.97
N ALA D 71 9.32 -5.11 49.75
CA ALA D 71 10.28 -5.96 49.06
C ALA D 71 11.72 -5.47 49.20
N PHE D 72 11.97 -4.20 48.87
CA PHE D 72 13.34 -3.72 48.69
C PHE D 72 14.18 -3.91 49.95
N GLU D 73 13.69 -3.41 51.08
CA GLU D 73 14.45 -3.50 52.33
C GLU D 73 14.62 -4.95 52.76
N GLU D 74 13.54 -5.73 52.69
CA GLU D 74 13.61 -7.13 53.08
C GLU D 74 14.54 -7.92 52.16
N LEU D 75 14.48 -7.64 50.86
CA LEU D 75 15.38 -8.33 49.92
C LEU D 75 16.83 -7.96 50.19
N VAL D 76 17.10 -6.68 50.50
CA VAL D 76 18.47 -6.27 50.83
C VAL D 76 18.96 -6.99 52.08
N ALA D 77 18.09 -7.08 53.10
CA ALA D 77 18.45 -7.78 54.33
C ALA D 77 18.72 -9.26 54.06
N PHE D 78 17.89 -9.88 53.21
CA PHE D 78 18.09 -11.29 52.90
C PHE D 78 19.37 -11.52 52.11
N GLN D 79 19.70 -10.60 51.20
CA GLN D 79 20.97 -10.70 50.48
C GLN D 79 22.15 -10.56 51.43
N ARG D 80 22.04 -9.64 52.40
CA ARG D 80 23.09 -9.51 53.40
C ARG D 80 23.24 -10.78 54.22
N ALA D 81 22.12 -11.39 54.61
CA ALA D 81 22.15 -12.63 55.37
C ALA D 81 22.78 -13.75 54.56
N LEU D 82 22.45 -13.83 53.27
CA LEU D 82 23.05 -14.84 52.41
C LEU D 82 24.55 -14.61 52.24
N LYS D 83 24.96 -13.34 52.13
CA LYS D 83 26.37 -13.02 52.07
C LYS D 83 27.10 -13.50 53.32
N ASP D 84 26.51 -13.23 54.49
CA ASP D 84 27.11 -13.66 55.76
C ASP D 84 27.19 -15.18 55.83
N PHE D 85 26.13 -15.86 55.39
CA PHE D 85 26.10 -17.32 55.43
C PHE D 85 27.16 -17.93 54.51
N VAL D 86 27.27 -17.41 53.28
CA VAL D 86 28.28 -17.90 52.35
C VAL D 86 29.68 -17.59 52.87
N ALA D 87 29.85 -16.43 53.52
CA ALA D 87 31.13 -16.10 54.12
C ALA D 87 31.51 -17.12 55.18
N SER D 88 30.58 -17.41 56.09
CA SER D 88 30.79 -18.38 57.16
C SER D 88 31.12 -19.76 56.60
N ILE D 89 30.44 -20.16 55.52
CA ILE D 89 30.73 -21.46 54.92
C ILE D 89 32.12 -21.47 54.30
N ASP D 90 32.36 -20.60 53.30
CA ASP D 90 33.66 -20.51 52.66
C ASP D 90 33.87 -19.05 52.22
N ALA D 91 34.54 -18.29 53.10
CA ALA D 91 34.88 -16.91 52.75
C ALA D 91 35.73 -16.81 51.50
N THR D 92 36.42 -17.89 51.13
CA THR D 92 37.24 -17.88 49.91
C THR D 92 36.38 -17.63 48.68
N TYR D 93 35.22 -18.29 48.62
CA TYR D 93 34.34 -18.13 47.46
C TYR D 93 33.72 -16.74 47.42
N ALA D 94 33.42 -16.16 48.59
CA ALA D 94 32.71 -14.89 48.63
C ALA D 94 33.56 -13.73 48.11
N LYS D 95 34.87 -13.94 47.97
CA LYS D 95 35.74 -12.87 47.50
C LYS D 95 35.48 -12.51 46.05
N GLN D 96 35.08 -13.50 45.24
CA GLN D 96 34.92 -13.27 43.81
C GLN D 96 33.80 -12.27 43.50
N TYR D 97 32.66 -12.41 44.18
CA TYR D 97 31.48 -11.61 43.88
C TYR D 97 31.19 -10.65 45.02
N GLU D 98 30.77 -9.43 44.66
CA GLU D 98 30.46 -8.42 45.67
C GLU D 98 29.24 -8.80 46.49
N GLU D 99 28.15 -9.17 45.82
CA GLU D 99 26.90 -9.51 46.49
C GLU D 99 26.21 -10.64 45.74
N PHE D 100 25.34 -11.36 46.45
CA PHE D 100 24.56 -12.43 45.86
C PHE D 100 23.13 -11.95 45.59
N TYR D 101 22.40 -12.76 44.83
CA TYR D 101 21.05 -12.43 44.40
C TYR D 101 20.09 -13.55 44.79
N VAL D 102 18.83 -13.16 44.97
CA VAL D 102 17.80 -14.02 45.57
C VAL D 102 16.77 -14.37 44.51
N GLY D 103 16.33 -15.62 44.49
CA GLY D 103 15.23 -16.06 43.65
C GLY D 103 14.09 -16.54 44.54
N LEU D 104 12.87 -16.46 44.01
CA LEU D 104 11.67 -16.78 44.77
C LEU D 104 10.81 -17.79 44.01
N GLU D 105 10.13 -18.64 44.77
CA GLU D 105 9.27 -19.67 44.21
C GLU D 105 8.16 -19.98 45.20
N GLY D 106 7.05 -20.50 44.69
CA GLY D 106 5.94 -20.94 45.51
C GLY D 106 4.61 -20.38 45.02
N SER D 107 3.61 -20.47 45.89
CA SER D 107 2.26 -19.99 45.59
C SER D 107 2.06 -18.68 46.34
N PHE D 108 1.80 -17.59 45.60
CA PHE D 108 1.61 -16.29 46.22
C PHE D 108 0.15 -16.03 46.54
N GLY D 109 -0.77 -16.64 45.80
CA GLY D 109 -2.19 -16.48 46.08
C GLY D 109 -2.78 -15.21 45.48
N SER D 110 -3.09 -14.25 46.34
CA SER D 110 -3.69 -13.00 45.88
C SER D 110 -2.73 -12.17 45.03
N LYS D 111 -1.43 -12.41 45.14
CA LYS D 111 -0.44 -11.65 44.38
C LYS D 111 -0.11 -12.29 43.04
N HIS D 112 -0.71 -13.43 42.71
CA HIS D 112 -0.57 -14.01 41.37
C HIS D 112 -1.42 -13.17 40.41
N VAL D 113 -0.78 -12.29 39.66
CA VAL D 113 -1.47 -11.25 38.92
C VAL D 113 -1.08 -11.30 37.45
N SER D 114 -2.10 -11.28 36.59
CA SER D 114 -1.96 -11.23 35.15
C SER D 114 -1.69 -9.79 34.70
N PRO D 115 -1.13 -9.60 33.49
CA PRO D 115 -0.81 -8.24 33.03
C PRO D 115 -2.04 -7.33 32.99
N ARG D 116 -3.21 -7.91 32.72
CA ARG D 116 -4.44 -7.13 32.69
C ARG D 116 -4.86 -6.63 34.06
N THR D 117 -4.56 -7.37 35.12
CA THR D 117 -5.02 -7.04 36.46
C THR D 117 -3.98 -6.34 37.32
N LEU D 118 -2.86 -5.91 36.72
CA LEU D 118 -1.86 -5.17 37.48
C LEU D 118 -2.39 -3.78 37.82
N THR D 119 -2.27 -3.40 39.09
CA THR D 119 -2.75 -2.11 39.56
C THR D 119 -1.71 -1.49 40.49
N SER D 120 -1.99 -0.26 40.93
CA SER D 120 -1.08 0.43 41.83
C SER D 120 -1.11 -0.14 43.24
N CYS D 121 -2.07 -1.00 43.55
CA CYS D 121 -2.14 -1.59 44.88
C CYS D 121 -0.96 -2.52 45.15
N PHE D 122 -0.29 -2.99 44.10
CA PHE D 122 0.83 -3.91 44.24
C PHE D 122 2.17 -3.20 44.18
N LEU D 123 2.20 -1.88 44.38
CA LEU D 123 3.46 -1.15 44.39
C LEU D 123 4.32 -1.58 45.57
N SER D 124 5.64 -1.63 45.33
CA SER D 124 6.65 -2.02 46.30
C SER D 124 6.46 -3.43 46.83
N CYS D 125 5.73 -4.29 46.11
CA CYS D 125 5.47 -5.65 46.53
C CYS D 125 6.13 -6.63 45.56
N VAL D 126 6.04 -7.92 45.89
CA VAL D 126 6.57 -8.99 45.05
C VAL D 126 5.40 -9.66 44.36
N VAL D 127 5.43 -9.70 43.03
CA VAL D 127 4.33 -10.23 42.24
C VAL D 127 4.86 -11.30 41.30
N CYS D 128 3.95 -12.17 40.87
CA CYS D 128 4.22 -13.23 39.91
C CYS D 128 3.29 -13.07 38.73
N VAL D 129 3.84 -13.10 37.51
CA VAL D 129 3.07 -12.89 36.30
C VAL D 129 3.41 -14.02 35.33
N GLU D 130 2.43 -14.35 34.47
CA GLU D 130 2.60 -15.35 33.44
C GLU D 130 2.21 -14.73 32.11
N GLY D 131 3.06 -14.88 31.09
CA GLY D 131 2.76 -14.24 29.83
C GLY D 131 3.62 -14.77 28.71
N ILE D 132 3.60 -14.04 27.60
CA ILE D 132 4.37 -14.36 26.41
C ILE D 132 5.29 -13.20 26.09
N VAL D 133 6.46 -13.50 25.54
CA VAL D 133 7.45 -12.48 25.24
C VAL D 133 7.25 -11.99 23.81
N THR D 134 7.19 -10.66 23.65
CA THR D 134 7.00 -10.05 22.33
C THR D 134 8.15 -9.15 21.91
N LYS D 135 8.81 -8.44 22.82
CA LYS D 135 9.89 -7.54 22.47
C LYS D 135 11.10 -7.83 23.35
N CYS D 136 12.28 -7.83 22.73
CA CYS D 136 13.53 -8.03 23.44
C CYS D 136 14.54 -7.02 22.92
N SER D 137 15.54 -6.73 23.76
CA SER D 137 16.56 -5.73 23.43
C SER D 137 17.93 -6.37 23.48
N LEU D 138 18.89 -5.70 22.84
CA LEU D 138 20.26 -6.20 22.82
C LEU D 138 20.88 -6.14 24.21
N VAL D 139 21.77 -7.10 24.49
CA VAL D 139 22.46 -7.13 25.77
C VAL D 139 23.42 -5.96 25.85
N ARG D 140 23.37 -5.23 26.96
CA ARG D 140 24.25 -4.07 27.09
C ARG D 140 25.01 -4.12 28.42
N PRO D 141 26.26 -3.66 28.43
CA PRO D 141 27.00 -3.57 29.70
C PRO D 141 26.65 -2.30 30.46
N LYS D 142 26.78 -2.39 31.79
CA LYS D 142 26.55 -1.26 32.68
C LYS D 142 27.71 -1.17 33.65
N VAL D 143 28.19 0.06 33.87
CA VAL D 143 29.39 0.28 34.67
C VAL D 143 29.06 0.14 36.16
N VAL D 144 30.01 -0.44 36.90
CA VAL D 144 29.89 -0.53 38.35
C VAL D 144 31.02 0.26 38.99
N ARG D 145 32.26 0.00 38.55
CA ARG D 145 33.44 0.70 39.05
C ARG D 145 34.28 1.16 37.87
N SER D 146 35.03 2.25 38.08
CA SER D 146 35.89 2.82 37.05
C SER D 146 37.27 3.07 37.63
N VAL D 147 38.30 2.81 36.82
CA VAL D 147 39.69 3.01 37.20
C VAL D 147 40.35 3.90 36.17
N HIS D 148 41.06 4.93 36.64
CA HIS D 148 41.73 5.87 35.74
C HIS D 148 43.19 6.00 36.14
N TYR D 149 44.04 6.28 35.15
CA TYR D 149 45.48 6.41 35.35
C TYR D 149 45.96 7.71 34.72
N CYS D 150 46.96 8.32 35.37
CA CYS D 150 47.54 9.57 34.90
C CYS D 150 48.98 9.35 34.47
N PRO D 151 49.27 9.32 33.17
CA PRO D 151 50.66 9.12 32.74
C PRO D 151 51.61 10.23 33.20
N ALA D 152 51.11 11.46 33.35
CA ALA D 152 51.96 12.57 33.77
C ALA D 152 52.47 12.39 35.18
N THR D 153 51.63 11.90 36.10
CA THR D 153 52.02 11.77 37.50
C THR D 153 52.08 10.32 38.00
N LYS D 154 51.78 9.34 37.16
CA LYS D 154 51.82 7.92 37.54
C LYS D 154 50.96 7.67 38.77
N LYS D 155 49.72 8.15 38.72
CA LYS D 155 48.77 8.01 39.81
C LYS D 155 47.48 7.38 39.30
N THR D 156 46.88 6.52 40.12
CA THR D 156 45.66 5.82 39.78
C THR D 156 44.54 6.24 40.71
N ILE D 157 43.35 6.43 40.14
CA ILE D 157 42.17 6.82 40.89
C ILE D 157 41.05 5.83 40.63
N GLU D 158 40.18 5.67 41.62
CA GLU D 158 39.09 4.70 41.59
C GLU D 158 37.78 5.44 41.85
N ARG D 159 36.72 5.06 41.14
CA ARG D 159 35.39 5.62 41.32
C ARG D 159 34.37 4.50 41.35
N ARG D 160 33.35 4.65 42.19
CA ARG D 160 32.27 3.68 42.31
C ARG D 160 30.95 4.30 41.88
N TYR D 161 30.09 3.49 41.28
CA TYR D 161 28.79 3.94 40.79
C TYR D 161 27.68 3.13 41.43
N SER D 162 26.54 3.77 41.63
CA SER D 162 25.39 3.10 42.23
C SER D 162 24.08 3.63 41.62
N VAL D 175 28.89 11.40 36.78
CA VAL D 175 29.94 12.25 36.22
C VAL D 175 31.19 11.42 35.93
N TYR D 176 31.68 11.51 34.69
CA TYR D 176 32.85 10.75 34.28
C TYR D 176 34.08 11.64 34.37
N PRO D 177 35.03 11.34 35.26
CA PRO D 177 36.23 12.18 35.36
C PRO D 177 37.09 12.07 34.11
N THR D 178 37.70 13.19 33.73
CA THR D 178 38.55 13.25 32.55
C THR D 178 39.91 13.89 32.77
N LYS D 179 40.07 14.75 33.76
CA LYS D 179 41.31 15.50 33.97
C LYS D 179 41.79 15.35 35.40
N ASP D 180 43.09 15.50 35.59
CA ASP D 180 43.69 15.47 36.91
C ASP D 180 43.48 16.81 37.62
N GLU D 181 43.94 16.89 38.87
CA GLU D 181 43.85 18.15 39.61
C GLU D 181 44.66 19.25 38.95
N GLU D 182 45.82 18.92 38.40
CA GLU D 182 46.64 19.87 37.66
C GLU D 182 46.35 19.84 36.16
N ASN D 183 45.13 19.47 35.78
CA ASN D 183 44.66 19.44 34.39
C ASN D 183 45.44 18.45 33.53
N ASN D 184 46.12 17.50 34.14
CA ASN D 184 46.81 16.47 33.37
C ASN D 184 45.79 15.50 32.77
N PRO D 185 45.97 15.05 31.53
CA PRO D 185 45.01 14.13 30.93
C PRO D 185 44.98 12.78 31.65
N LEU D 186 43.82 12.15 31.66
CA LEU D 186 43.62 10.86 32.29
C LEU D 186 43.30 9.81 31.24
N GLU D 187 43.87 8.61 31.39
CA GLU D 187 43.65 7.51 30.46
C GLU D 187 42.85 6.42 31.18
N THR D 188 41.79 5.94 30.52
CA THR D 188 40.90 4.96 31.12
C THR D 188 41.45 3.54 30.95
N GLU D 189 41.31 2.74 32.00
CA GLU D 189 41.69 1.32 31.98
C GLU D 189 40.40 0.51 31.90
N TYR D 190 40.04 0.10 30.68
CA TYR D 190 38.81 -0.66 30.48
C TYR D 190 38.88 -2.02 31.16
N GLY D 191 40.04 -2.67 31.12
CA GLY D 191 40.17 -3.99 31.71
C GLY D 191 39.99 -4.00 33.22
N LEU D 192 40.44 -2.94 33.89
CA LEU D 192 40.33 -2.89 35.35
C LEU D 192 38.92 -2.54 35.81
N SER D 193 38.07 -2.05 34.91
CA SER D 193 36.73 -1.65 35.29
C SER D 193 35.83 -2.90 35.45
N VAL D 194 34.63 -2.66 35.98
CA VAL D 194 33.66 -3.71 36.25
C VAL D 194 32.38 -3.40 35.52
N TYR D 195 31.86 -4.38 34.78
CA TYR D 195 30.62 -4.21 34.02
C TYR D 195 29.69 -5.37 34.32
N LYS D 196 28.39 -5.10 34.21
CA LYS D 196 27.37 -6.11 34.42
C LYS D 196 26.36 -6.08 33.27
N ASP D 197 25.80 -7.24 32.94
CA ASP D 197 24.88 -7.33 31.81
C ASP D 197 23.54 -6.71 32.16
N HIS D 198 22.83 -6.25 31.12
CA HIS D 198 21.52 -5.64 31.29
C HIS D 198 20.71 -5.83 30.01
N GLN D 199 19.41 -6.08 30.19
CA GLN D 199 18.50 -6.28 29.06
C GLN D 199 17.10 -5.89 29.50
N THR D 200 16.26 -5.55 28.52
CA THR D 200 14.87 -5.20 28.75
C THR D 200 13.98 -6.03 27.83
N ILE D 201 12.90 -6.59 28.39
CA ILE D 201 11.97 -7.42 27.64
C ILE D 201 10.55 -6.94 27.91
N THR D 202 9.63 -7.40 27.06
CA THR D 202 8.22 -7.05 27.16
C THR D 202 7.39 -8.32 27.25
N ILE D 203 6.41 -8.31 28.15
CA ILE D 203 5.53 -9.45 28.38
C ILE D 203 4.10 -9.05 28.07
N GLN D 204 3.43 -9.83 27.22
CA GLN D 204 2.06 -9.56 26.83
C GLN D 204 1.15 -10.67 27.32
N GLU D 205 -0.08 -10.30 27.66
CA GLU D 205 -1.07 -11.27 28.13
C GLU D 205 -1.34 -12.32 27.04
N MET D 206 -1.47 -13.57 27.46
CA MET D 206 -1.70 -14.65 26.52
C MET D 206 -3.05 -14.47 25.83
N PRO D 207 -3.11 -14.57 24.50
CA PRO D 207 -4.41 -14.42 23.82
C PRO D 207 -5.42 -15.49 24.19
N GLU D 208 -4.97 -16.65 24.69
CA GLU D 208 -5.90 -17.70 25.04
C GLU D 208 -6.75 -17.34 26.25
N LYS D 209 -6.28 -16.40 27.08
CA LYS D 209 -7.00 -15.99 28.28
C LYS D 209 -7.59 -14.59 28.19
N ALA D 210 -7.10 -13.75 27.28
CA ALA D 210 -7.62 -12.39 27.17
C ALA D 210 -9.06 -12.41 26.65
N PRO D 211 -9.90 -11.48 27.09
CA PRO D 211 -11.26 -11.42 26.57
C PRO D 211 -11.27 -11.16 25.07
N ALA D 212 -12.25 -11.76 24.39
CA ALA D 212 -12.35 -11.61 22.95
C ALA D 212 -12.77 -10.20 22.58
N GLY D 213 -12.15 -9.67 21.52
CA GLY D 213 -12.49 -8.35 21.02
C GLY D 213 -11.87 -7.19 21.76
N GLN D 214 -10.94 -7.43 22.67
CA GLN D 214 -10.29 -6.37 23.43
C GLN D 214 -8.79 -6.35 23.17
N LEU D 215 -8.22 -5.15 23.17
CA LEU D 215 -6.81 -5.00 22.93
C LEU D 215 -5.99 -5.54 24.10
N PRO D 216 -4.82 -6.12 23.84
CA PRO D 216 -3.99 -6.66 24.92
C PRO D 216 -3.25 -5.56 25.67
N ARG D 217 -2.73 -5.95 26.84
CA ARG D 217 -1.96 -5.07 27.70
C ARG D 217 -0.62 -5.70 28.00
N SER D 218 0.42 -4.88 28.10
CA SER D 218 1.80 -5.37 28.20
C SER D 218 2.50 -4.74 29.39
N VAL D 219 3.55 -5.44 29.84
CA VAL D 219 4.37 -5.00 30.97
C VAL D 219 5.83 -5.05 30.53
N ASP D 220 6.66 -4.20 31.14
CA ASP D 220 8.08 -4.13 30.82
C ASP D 220 8.88 -4.72 31.98
N VAL D 221 9.87 -5.56 31.64
CA VAL D 221 10.68 -6.26 32.63
C VAL D 221 12.14 -5.98 32.35
N ILE D 222 12.92 -5.82 33.41
CA ILE D 222 14.37 -5.59 33.32
C ILE D 222 15.10 -6.82 33.86
N LEU D 223 16.04 -7.33 33.08
CA LEU D 223 16.83 -8.50 33.45
C LEU D 223 18.30 -8.09 33.59
N ASP D 224 18.94 -8.55 34.67
CA ASP D 224 20.32 -8.23 34.95
C ASP D 224 21.06 -9.49 35.37
N ASP D 225 22.40 -9.43 35.25
CA ASP D 225 23.30 -10.48 35.70
C ASP D 225 23.05 -11.75 34.88
N ASP D 226 22.73 -12.88 35.50
CA ASP D 226 22.65 -14.16 34.79
C ASP D 226 21.29 -14.43 34.18
N LEU D 227 20.30 -13.56 34.37
CA LEU D 227 18.97 -13.77 33.83
C LEU D 227 18.77 -13.11 32.47
N VAL D 228 19.83 -12.56 31.88
CA VAL D 228 19.69 -11.79 30.64
C VAL D 228 19.27 -12.70 29.48
N ASP D 229 19.94 -13.83 29.32
CA ASP D 229 19.75 -14.70 28.16
C ASP D 229 18.83 -15.88 28.45
N LYS D 230 17.84 -15.70 29.33
CA LYS D 230 16.90 -16.78 29.64
C LYS D 230 15.54 -16.59 29.01
N ALA D 231 15.37 -15.61 28.11
CA ALA D 231 14.08 -15.38 27.48
C ALA D 231 14.30 -15.05 26.00
N LYS D 232 13.32 -15.44 25.19
CA LYS D 232 13.33 -15.17 23.76
C LYS D 232 11.92 -14.78 23.33
N PRO D 233 11.78 -14.00 22.26
CA PRO D 233 10.44 -13.60 21.82
C PRO D 233 9.63 -14.79 21.35
N GLY D 234 8.30 -14.68 21.51
CA GLY D 234 7.40 -15.75 21.13
C GLY D 234 7.39 -16.93 22.07
N ASP D 235 7.81 -16.75 23.32
CA ASP D 235 7.90 -17.83 24.29
C ASP D 235 7.05 -17.52 25.51
N ARG D 236 6.51 -18.57 26.13
CA ARG D 236 5.66 -18.44 27.30
C ARG D 236 6.51 -18.59 28.55
N VAL D 237 6.50 -17.56 29.40
CA VAL D 237 7.35 -17.51 30.58
C VAL D 237 6.53 -17.09 31.80
N GLN D 238 7.10 -17.34 32.97
CA GLN D 238 6.56 -16.89 34.25
C GLN D 238 7.65 -16.13 34.99
N VAL D 239 7.36 -14.89 35.37
CA VAL D 239 8.35 -14.00 35.96
C VAL D 239 7.88 -13.55 37.35
N VAL D 240 8.76 -13.67 38.33
CA VAL D 240 8.51 -13.20 39.68
C VAL D 240 9.46 -12.05 39.96
N GLY D 241 8.91 -10.93 40.43
CA GLY D 241 9.74 -9.76 40.64
C GLY D 241 9.00 -8.68 41.38
N THR D 242 9.74 -7.60 41.67
CA THR D 242 9.18 -6.47 42.40
C THR D 242 8.59 -5.44 41.43
N TYR D 243 7.59 -4.72 41.91
CA TYR D 243 6.85 -3.75 41.13
C TYR D 243 7.13 -2.36 41.68
N ARG D 244 7.69 -1.48 40.84
CA ARG D 244 8.13 -0.17 41.28
C ARG D 244 7.81 0.86 40.21
N CYS D 245 7.77 2.12 40.64
CA CYS D 245 7.60 3.25 39.74
C CYS D 245 8.94 3.88 39.39
N LEU D 246 8.93 4.67 38.31
CA LEU D 246 10.10 5.42 37.89
C LEU D 246 9.87 6.89 38.18
N PRO D 247 10.78 7.56 38.90
CA PRO D 247 10.53 8.96 39.27
C PRO D 247 10.54 9.87 38.05
N GLY D 248 9.78 10.96 38.13
CA GLY D 248 9.80 11.95 37.07
C GLY D 248 11.19 12.53 36.89
N LYS D 249 11.63 12.61 35.64
CA LYS D 249 12.96 13.10 35.34
C LYS D 249 13.07 14.60 35.64
N LYS D 250 14.29 15.11 35.59
CA LYS D 250 14.58 16.46 36.05
C LYS D 250 13.75 17.50 35.31
N GLY D 251 13.20 18.45 36.06
CA GLY D 251 12.41 19.51 35.49
C GLY D 251 11.72 20.29 36.59
N GLY D 252 11.48 21.57 36.30
CA GLY D 252 10.81 22.42 37.27
C GLY D 252 9.34 22.10 37.41
N TYR D 253 8.74 21.47 36.41
CA TYR D 253 7.34 21.10 36.42
C TYR D 253 7.21 19.61 36.16
N THR D 254 6.29 18.97 36.90
CA THR D 254 6.06 17.54 36.79
C THR D 254 4.60 17.27 36.47
N SER D 255 4.37 16.20 35.70
CA SER D 255 3.01 15.84 35.32
C SER D 255 2.31 14.99 36.38
N GLY D 256 3.07 14.47 37.35
CA GLY D 256 2.47 13.66 38.39
C GLY D 256 2.20 12.22 38.02
N THR D 257 2.60 11.79 36.83
CA THR D 257 2.38 10.43 36.36
C THR D 257 3.74 9.73 36.22
N PHE D 258 3.87 8.57 36.86
CA PHE D 258 5.11 7.82 36.81
C PHE D 258 4.92 6.51 36.03
N ARG D 259 5.96 6.10 35.31
CA ARG D 259 5.95 4.84 34.60
C ARG D 259 6.33 3.70 35.53
N THR D 260 5.64 2.57 35.39
CA THR D 260 5.88 1.40 36.22
C THR D 260 6.61 0.33 35.43
N VAL D 261 7.70 -0.17 36.01
CA VAL D 261 8.53 -1.19 35.37
C VAL D 261 8.83 -2.29 36.37
N LEU D 262 8.65 -3.53 35.95
CA LEU D 262 8.95 -4.69 36.78
C LEU D 262 10.44 -4.95 36.81
N ILE D 263 10.94 -5.28 37.99
CA ILE D 263 12.34 -5.67 38.18
C ILE D 263 12.32 -7.15 38.56
N ALA D 264 12.75 -8.00 37.63
CA ALA D 264 12.62 -9.44 37.81
C ALA D 264 13.68 -9.97 38.77
N CYS D 265 13.32 -11.04 39.47
CA CYS D 265 14.26 -11.80 40.28
C CYS D 265 14.29 -13.28 39.92
N ASN D 266 13.34 -13.78 39.14
CA ASN D 266 13.33 -15.18 38.72
C ASN D 266 12.44 -15.31 37.49
N VAL D 267 12.94 -16.02 36.48
CA VAL D 267 12.19 -16.29 35.26
C VAL D 267 12.17 -17.80 35.06
N LYS D 268 11.01 -18.33 34.68
CA LYS D 268 10.80 -19.76 34.54
C LYS D 268 10.15 -20.06 33.20
N GLN D 269 10.66 -21.09 32.52
CA GLN D 269 10.07 -21.61 31.29
C GLN D 269 9.02 -22.64 31.68
N MET D 270 7.75 -22.27 31.50
CA MET D 270 6.66 -23.16 31.89
C MET D 270 6.67 -24.42 31.04
N SER D 271 6.50 -25.57 31.71
CA SER D 271 6.50 -26.86 31.03
C SER D 271 5.52 -27.83 31.69
N PHE D 278 12.46 -33.95 37.19
CA PHE D 278 12.79 -35.36 37.25
C PHE D 278 12.91 -35.85 38.68
N SER D 279 12.52 -37.10 38.93
CA SER D 279 12.57 -37.66 40.26
C SER D 279 13.96 -38.19 40.57
N ALA D 280 14.09 -38.91 41.68
CA ALA D 280 15.37 -39.43 42.15
C ALA D 280 15.40 -40.95 42.20
N GLU D 281 14.41 -41.57 42.83
CA GLU D 281 14.46 -43.01 43.08
C GLU D 281 13.71 -43.84 42.03
N ASP D 282 13.17 -43.21 40.99
CA ASP D 282 12.49 -43.98 39.95
C ASP D 282 13.47 -44.70 39.03
N ILE D 283 14.77 -44.43 39.16
CA ILE D 283 15.76 -45.15 38.37
C ILE D 283 15.72 -46.64 38.69
N ALA D 284 15.55 -46.97 39.97
CA ALA D 284 15.44 -48.37 40.36
C ALA D 284 14.21 -49.03 39.72
N LYS D 285 13.09 -48.31 39.70
CA LYS D 285 11.88 -48.83 39.08
C LYS D 285 12.10 -49.06 37.58
N ILE D 286 12.75 -48.11 36.92
CA ILE D 286 13.02 -48.25 35.47
C ILE D 286 13.91 -49.45 35.22
N LYS D 287 14.97 -49.59 36.02
CA LYS D 287 15.90 -50.70 35.82
C LYS D 287 15.21 -52.05 36.06
N LYS D 288 14.39 -52.13 37.12
CA LYS D 288 13.68 -53.37 37.40
C LYS D 288 12.71 -53.71 36.29
N PHE D 289 11.93 -52.73 35.84
CA PHE D 289 10.95 -52.98 34.78
C PHE D 289 11.64 -53.43 33.49
N SER D 290 12.74 -52.78 33.13
CA SER D 290 13.46 -53.16 31.94
C SER D 290 14.02 -54.58 32.06
N LYS D 291 14.81 -54.83 33.12
CA LYS D 291 15.45 -56.13 33.27
C LYS D 291 14.43 -57.25 33.40
N THR D 292 13.21 -56.93 33.83
CA THR D 292 12.17 -57.95 33.91
C THR D 292 11.53 -58.19 32.55
N ARG D 293 10.93 -57.15 31.96
CA ARG D 293 10.12 -57.35 30.77
C ARG D 293 10.96 -57.59 29.52
N SER D 294 12.02 -56.82 29.30
CA SER D 294 12.84 -56.93 28.10
C SER D 294 12.01 -56.87 26.82
N LYS D 295 11.71 -58.04 26.25
CA LYS D 295 11.03 -58.11 24.96
C LYS D 295 9.63 -57.51 25.03
N ASP D 296 8.93 -57.72 26.14
CA ASP D 296 7.55 -57.26 26.25
C ASP D 296 7.44 -55.75 26.46
N ILE D 297 8.57 -55.05 26.63
CA ILE D 297 8.54 -53.62 26.91
C ILE D 297 7.86 -52.87 25.77
N PHE D 298 8.29 -53.13 24.53
CA PHE D 298 7.74 -52.41 23.39
C PHE D 298 6.26 -52.71 23.21
N ASP D 299 5.86 -53.97 23.36
CA ASP D 299 4.46 -54.34 23.20
C ASP D 299 3.60 -53.66 24.26
N GLN D 300 4.06 -53.65 25.52
CA GLN D 300 3.28 -53.01 26.58
C GLN D 300 3.20 -51.51 26.37
N LEU D 301 4.30 -50.88 25.94
CA LEU D 301 4.26 -49.44 25.71
C LEU D 301 3.33 -49.09 24.56
N ALA D 302 3.35 -49.88 23.49
CA ALA D 302 2.46 -49.63 22.37
C ALA D 302 1.00 -49.86 22.76
N LYS D 303 0.74 -50.89 23.55
CA LYS D 303 -0.64 -51.19 23.95
C LYS D 303 -1.23 -50.10 24.82
N SER D 304 -0.46 -49.54 25.74
CA SER D 304 -0.94 -48.54 26.68
C SER D 304 -0.77 -47.11 26.19
N LEU D 305 -0.59 -46.91 24.88
CA LEU D 305 -0.39 -45.56 24.36
C LEU D 305 -1.61 -44.68 24.61
N ALA D 306 -2.80 -45.16 24.23
CA ALA D 306 -4.00 -44.37 24.39
C ALA D 306 -5.20 -45.27 24.68
N PRO D 307 -5.57 -45.44 25.95
CA PRO D 307 -6.76 -46.25 26.27
C PRO D 307 -8.04 -45.71 25.67
N SER D 308 -8.15 -44.39 25.51
CA SER D 308 -9.37 -43.78 24.99
C SER D 308 -9.63 -44.13 23.53
N ILE D 309 -8.65 -44.67 22.82
CA ILE D 309 -8.78 -45.04 21.41
C ILE D 309 -8.64 -46.55 21.30
N HIS D 310 -9.59 -47.19 20.62
CA HIS D 310 -9.65 -48.64 20.51
C HIS D 310 -9.08 -49.08 19.17
N GLY D 311 -8.22 -50.10 19.20
CA GLY D 311 -7.65 -50.64 17.99
C GLY D 311 -6.47 -49.83 17.48
N HIS D 312 -6.14 -50.09 16.21
CA HIS D 312 -5.04 -49.41 15.51
C HIS D 312 -3.72 -49.61 16.25
N ASP D 313 -3.31 -50.89 16.32
CA ASP D 313 -2.07 -51.22 17.02
C ASP D 313 -0.84 -50.76 16.23
N TYR D 314 -0.86 -50.93 14.91
CA TYR D 314 0.28 -50.54 14.10
C TYR D 314 0.48 -49.03 14.13
N VAL D 315 -0.61 -48.27 14.12
CA VAL D 315 -0.50 -46.81 14.21
C VAL D 315 0.10 -46.42 15.55
N LYS D 316 -0.31 -47.08 16.64
CA LYS D 316 0.27 -46.80 17.94
C LYS D 316 1.75 -47.13 17.99
N LYS D 317 2.14 -48.25 17.36
CA LYS D 317 3.56 -48.61 17.30
C LYS D 317 4.36 -47.57 16.54
N ALA D 318 3.80 -47.08 15.43
CA ALA D 318 4.48 -46.06 14.64
C ALA D 318 4.59 -44.75 15.44
N ILE D 319 3.56 -44.40 16.19
CA ILE D 319 3.62 -43.20 17.02
C ILE D 319 4.67 -43.35 18.10
N LEU D 320 4.77 -44.54 18.70
CA LEU D 320 5.80 -44.80 19.69
C LEU D 320 7.19 -44.70 19.08
N CYS D 321 7.35 -45.20 17.85
CA CYS D 321 8.62 -45.05 17.14
C CYS D 321 8.96 -43.59 16.88
N LEU D 322 7.96 -42.77 16.54
CA LEU D 322 8.19 -41.33 16.41
C LEU D 322 8.63 -40.73 17.73
N LEU D 323 7.98 -41.13 18.83
CA LEU D 323 8.35 -40.61 20.15
C LEU D 323 9.79 -40.97 20.50
N LEU D 324 10.20 -42.19 20.16
CA LEU D 324 11.57 -42.61 20.40
C LEU D 324 12.53 -41.99 19.39
N GLY D 325 12.25 -42.14 18.10
CA GLY D 325 13.05 -41.54 17.07
C GLY D 325 14.29 -42.37 16.71
N GLY D 326 14.96 -41.94 15.65
CA GLY D 326 16.16 -42.59 15.18
C GLY D 326 17.42 -41.96 15.76
N VAL D 327 18.53 -42.21 15.07
CA VAL D 327 19.84 -41.70 15.46
C VAL D 327 20.37 -40.82 14.34
N GLU D 328 20.74 -39.59 14.69
CA GLU D 328 21.38 -38.69 13.74
C GLU D 328 22.86 -39.03 13.62
N ARG D 329 23.35 -39.03 12.38
CA ARG D 329 24.74 -39.40 12.11
C ARG D 329 25.43 -38.29 11.34
N ASP D 330 26.62 -37.92 11.80
CA ASP D 330 27.48 -36.96 11.12
C ASP D 330 28.85 -37.59 10.88
N LEU D 331 29.40 -37.34 9.70
CA LEU D 331 30.62 -38.00 9.27
C LEU D 331 31.72 -36.96 9.03
N GLU D 332 32.89 -37.46 8.64
CA GLU D 332 34.07 -36.60 8.50
C GLU D 332 33.88 -35.55 7.42
N ASN D 333 33.30 -35.93 6.28
CA ASN D 333 33.13 -35.01 5.16
C ASN D 333 32.06 -33.96 5.41
N GLY D 334 31.42 -33.95 6.58
CA GLY D 334 30.37 -33.01 6.86
C GLY D 334 29.01 -33.40 6.33
N SER D 335 28.89 -34.58 5.70
CA SER D 335 27.60 -35.03 5.20
C SER D 335 26.64 -35.30 6.35
N HIS D 336 25.36 -35.05 6.11
CA HIS D 336 24.33 -35.19 7.13
C HIS D 336 23.33 -36.25 6.69
N ILE D 337 22.96 -37.12 7.63
CA ILE D 337 21.98 -38.18 7.40
C ILE D 337 20.81 -37.94 8.34
N ARG D 338 19.60 -37.87 7.77
CA ARG D 338 18.41 -37.59 8.56
C ARG D 338 18.12 -38.73 9.53
N GLY D 339 17.59 -38.39 10.69
CA GLY D 339 17.25 -39.37 11.70
C GLY D 339 15.81 -39.32 12.14
N ASP D 340 15.02 -38.44 11.51
CA ASP D 340 13.62 -38.31 11.87
C ASP D 340 12.75 -39.17 10.94
N ILE D 341 11.54 -39.44 11.41
CA ILE D 341 10.58 -40.26 10.66
C ILE D 341 9.34 -39.42 10.39
N ASN D 342 8.67 -39.73 9.28
CA ASN D 342 7.46 -39.02 8.88
C ASN D 342 6.37 -40.04 8.54
N ILE D 343 5.16 -39.79 9.04
CA ILE D 343 4.04 -40.71 8.85
C ILE D 343 2.83 -39.94 8.36
N LEU D 344 2.15 -40.49 7.36
CA LEU D 344 0.95 -39.90 6.81
C LEU D 344 -0.20 -40.89 6.93
N LEU D 345 -1.30 -40.45 7.54
CA LEU D 345 -2.48 -41.27 7.75
C LEU D 345 -3.60 -40.81 6.83
N ILE D 346 -4.20 -41.74 6.10
CA ILE D 346 -5.32 -41.46 5.21
C ILE D 346 -6.43 -42.45 5.50
N GLY D 347 -7.66 -41.98 5.56
CA GLY D 347 -8.77 -42.89 5.82
C GLY D 347 -10.10 -42.18 5.81
N ASP D 348 -11.13 -42.95 6.13
CA ASP D 348 -12.48 -42.45 6.19
C ASP D 348 -12.65 -41.52 7.40
N PRO D 349 -13.69 -40.67 7.39
CA PRO D 349 -13.94 -39.83 8.56
C PRO D 349 -14.32 -40.66 9.78
N SER D 350 -14.03 -40.09 10.96
CA SER D 350 -14.39 -40.70 12.25
C SER D 350 -13.67 -42.02 12.48
N VAL D 351 -12.34 -41.99 12.30
CA VAL D 351 -11.48 -43.12 12.63
C VAL D 351 -10.41 -42.71 13.66
N ALA D 352 -10.69 -41.62 14.38
CA ALA D 352 -9.84 -41.14 15.48
C ALA D 352 -8.42 -40.79 15.03
N LYS D 353 -8.30 -39.97 13.98
CA LYS D 353 -6.99 -39.47 13.59
C LYS D 353 -6.67 -38.17 14.31
N SER D 354 -7.64 -37.24 14.35
CA SER D 354 -7.44 -35.98 15.05
C SER D 354 -7.24 -36.22 16.54
N GLN D 355 -7.89 -37.24 17.09
CA GLN D 355 -7.68 -37.59 18.50
C GLN D 355 -6.25 -38.03 18.74
N LEU D 356 -5.69 -38.85 17.84
CA LEU D 356 -4.29 -39.24 17.96
C LEU D 356 -3.36 -38.04 17.84
N LEU D 357 -3.66 -37.14 16.91
CA LEU D 357 -2.84 -35.93 16.75
C LEU D 357 -2.86 -35.09 18.02
N ARG D 358 -4.05 -34.91 18.61
CA ARG D 358 -4.16 -34.15 19.85
C ARG D 358 -3.43 -34.83 21.00
N TYR D 359 -3.51 -36.16 21.08
CA TYR D 359 -2.78 -36.88 22.12
C TYR D 359 -1.27 -36.69 21.96
N VAL D 360 -0.78 -36.76 20.73
CA VAL D 360 0.65 -36.54 20.49
C VAL D 360 1.03 -35.11 20.87
N LEU D 361 0.16 -34.14 20.56
CA LEU D 361 0.40 -32.76 20.94
C LEU D 361 0.51 -32.63 22.46
N CYS D 362 -0.38 -33.29 23.18
CA CYS D 362 -0.38 -33.21 24.64
C CYS D 362 0.85 -33.87 25.24
N THR D 363 1.27 -35.01 24.67
CA THR D 363 2.34 -35.80 25.29
C THR D 363 3.72 -35.31 24.88
N ALA D 364 3.89 -34.92 23.61
CA ALA D 364 5.20 -34.53 23.13
C ALA D 364 5.67 -33.25 23.84
N PRO D 365 6.96 -33.13 24.15
CA PRO D 365 7.42 -31.90 24.82
C PRO D 365 7.32 -30.66 23.93
N ARG D 366 7.84 -30.73 22.71
CA ARG D 366 7.78 -29.62 21.75
C ARG D 366 6.89 -30.06 20.59
N ALA D 367 5.58 -29.83 20.74
CA ALA D 367 4.60 -30.19 19.73
C ALA D 367 3.87 -28.94 19.27
N ILE D 368 3.74 -28.77 17.95
CA ILE D 368 3.14 -27.59 17.37
C ILE D 368 2.08 -28.00 16.36
N PRO D 369 0.81 -27.61 16.54
CA PRO D 369 -0.20 -27.91 15.51
C PRO D 369 -0.30 -26.82 14.46
N THR D 370 -0.24 -27.20 13.19
CA THR D 370 -0.35 -26.25 12.07
C THR D 370 -1.26 -26.87 11.02
N THR D 371 -2.49 -26.35 10.93
CA THR D 371 -3.44 -26.88 9.96
C THR D 371 -3.05 -26.46 8.54
N GLY D 372 -3.83 -26.94 7.57
CA GLY D 372 -3.57 -26.69 6.17
C GLY D 372 -3.51 -25.22 5.79
N ARG D 373 -4.64 -24.53 5.89
CA ARG D 373 -4.69 -23.12 5.52
C ARG D 373 -4.51 -22.19 6.71
N GLY D 374 -4.28 -22.74 7.91
CA GLY D 374 -4.05 -21.90 9.06
C GLY D 374 -2.77 -21.09 8.96
N SER D 375 -1.72 -21.70 8.44
CA SER D 375 -0.43 -21.05 8.26
C SER D 375 0.06 -21.25 6.83
N SER D 376 0.65 -20.21 6.26
CA SER D 376 1.19 -20.26 4.91
C SER D 376 2.68 -20.60 4.95
N GLY D 377 3.34 -20.50 3.80
CA GLY D 377 4.76 -20.75 3.73
C GLY D 377 5.58 -19.75 4.53
N VAL D 378 5.13 -18.50 4.62
CA VAL D 378 5.82 -17.50 5.41
C VAL D 378 5.69 -17.76 6.91
N GLY D 379 4.63 -18.43 7.33
CA GLY D 379 4.47 -18.76 8.75
C GLY D 379 5.21 -20.02 9.15
N LEU D 380 5.26 -20.99 8.24
CA LEU D 380 5.95 -22.24 8.55
C LEU D 380 7.46 -22.07 8.47
N THR D 381 7.93 -21.14 7.63
CA THR D 381 9.35 -20.93 7.39
C THR D 381 9.74 -19.52 7.80
N ALA D 382 10.89 -19.40 8.45
CA ALA D 382 11.37 -18.12 8.94
C ALA D 382 11.48 -17.11 7.79
N ALA D 383 11.33 -15.83 8.13
CA ALA D 383 11.29 -14.76 7.14
C ALA D 383 12.23 -13.64 7.57
N VAL D 384 12.37 -12.65 6.68
CA VAL D 384 13.24 -11.50 6.89
C VAL D 384 12.38 -10.25 6.93
N THR D 385 12.59 -9.43 7.96
CA THR D 385 11.90 -8.15 8.09
C THR D 385 12.93 -7.04 8.31
N THR D 386 12.76 -5.93 7.60
CA THR D 386 13.68 -4.80 7.73
C THR D 386 13.25 -3.97 8.93
N ASP D 387 14.16 -3.81 9.88
CA ASP D 387 13.86 -3.07 11.10
C ASP D 387 13.92 -1.57 10.81
N GLN D 388 12.83 -0.86 11.11
CA GLN D 388 12.78 0.57 10.88
C GLN D 388 13.59 1.34 11.91
N GLU D 389 13.76 0.77 13.11
CA GLU D 389 14.47 1.47 14.18
C GLU D 389 15.94 1.68 13.83
N THR D 390 16.59 0.65 13.28
CA THR D 390 18.01 0.71 12.98
C THR D 390 18.35 0.62 11.51
N GLY D 391 17.40 0.29 10.64
CA GLY D 391 17.67 0.13 9.22
C GLY D 391 18.22 -1.21 8.82
N GLU D 392 18.42 -2.13 9.78
CA GLU D 392 18.97 -3.44 9.48
C GLU D 392 17.85 -4.42 9.15
N ARG D 393 18.25 -5.62 8.74
CA ARG D 393 17.32 -6.70 8.41
C ARG D 393 17.50 -7.82 9.42
N ARG D 394 16.39 -8.26 10.01
CA ARG D 394 16.40 -9.29 11.04
C ARG D 394 15.57 -10.49 10.59
N LEU D 395 15.83 -11.63 11.22
CA LEU D 395 15.15 -12.87 10.92
C LEU D 395 14.11 -13.17 11.99
N GLU D 396 12.91 -13.53 11.55
CA GLU D 396 11.84 -13.96 12.44
C GLU D 396 11.57 -15.44 12.18
N ALA D 397 11.66 -16.24 13.23
CA ALA D 397 11.57 -17.70 13.09
C ALA D 397 10.16 -18.12 12.71
N GLY D 398 10.06 -19.19 11.92
CA GLY D 398 8.78 -19.76 11.54
C GLY D 398 8.32 -20.84 12.50
N ALA D 399 7.21 -21.49 12.12
CA ALA D 399 6.64 -22.53 12.95
C ALA D 399 7.58 -23.73 13.06
N MET D 400 8.16 -24.14 11.93
CA MET D 400 9.04 -25.31 11.95
C MET D 400 10.40 -24.99 12.58
N VAL D 401 10.83 -23.74 12.49
CA VAL D 401 12.11 -23.37 13.10
C VAL D 401 12.04 -23.49 14.62
N LEU D 402 10.93 -23.05 15.22
CA LEU D 402 10.77 -23.12 16.66
C LEU D 402 10.75 -24.58 17.13
N ALA D 403 10.10 -25.46 16.38
CA ALA D 403 9.95 -26.85 16.78
C ALA D 403 11.20 -27.66 16.45
N ASP D 404 12.36 -27.24 16.97
CA ASP D 404 13.58 -28.00 16.77
C ASP D 404 13.57 -29.23 17.67
N ARG D 405 13.88 -30.39 17.09
CA ARG D 405 13.86 -31.67 17.80
C ARG D 405 12.50 -31.92 18.46
N GLY D 406 11.44 -31.60 17.71
CA GLY D 406 10.09 -31.75 18.21
C GLY D 406 9.15 -32.40 17.22
N VAL D 407 7.86 -32.13 17.36
CA VAL D 407 6.83 -32.72 16.51
C VAL D 407 5.92 -31.61 15.99
N VAL D 408 5.61 -31.67 14.69
CA VAL D 408 4.69 -30.74 14.05
C VAL D 408 3.53 -31.56 13.49
N CYS D 409 2.31 -31.23 13.92
CA CYS D 409 1.10 -31.93 13.50
C CYS D 409 0.35 -31.07 12.50
N ILE D 410 -0.03 -31.67 11.37
CA ILE D 410 -0.69 -30.96 10.28
C ILE D 410 -1.99 -31.71 9.99
N ASP D 411 -3.11 -31.17 10.46
CA ASP D 411 -4.42 -31.69 10.11
C ASP D 411 -4.89 -31.05 8.81
N GLU D 412 -5.74 -31.78 8.09
CA GLU D 412 -6.21 -31.36 6.76
C GLU D 412 -5.04 -31.09 5.83
N PHE D 413 -4.15 -32.07 5.72
CA PHE D 413 -2.93 -31.88 4.92
C PHE D 413 -3.24 -31.73 3.44
N ASP D 414 -4.35 -32.29 2.98
CA ASP D 414 -4.69 -32.20 1.56
C ASP D 414 -5.02 -30.76 1.15
N LYS D 415 -5.55 -29.97 2.08
CA LYS D 415 -5.95 -28.60 1.76
C LYS D 415 -4.75 -27.69 1.55
N MET D 416 -3.56 -28.13 1.96
CA MET D 416 -2.37 -27.30 1.87
C MET D 416 -2.00 -27.05 0.41
N SER D 417 -1.50 -25.84 0.14
CA SER D 417 -1.10 -25.47 -1.21
C SER D 417 0.20 -26.16 -1.60
N ASP D 418 0.48 -26.18 -2.90
CA ASP D 418 1.67 -26.84 -3.42
C ASP D 418 2.95 -26.16 -2.94
N MET D 419 2.94 -24.83 -2.91
CA MET D 419 4.15 -24.08 -2.55
C MET D 419 4.58 -24.37 -1.12
N ASP D 420 3.61 -24.49 -0.22
CA ASP D 420 3.93 -24.86 1.15
C ASP D 420 4.56 -26.25 1.22
N ARG D 421 4.08 -27.18 0.39
CA ARG D 421 4.68 -28.50 0.33
C ARG D 421 6.11 -28.45 -0.17
N THR D 422 6.36 -27.62 -1.19
CA THR D 422 7.72 -27.45 -1.70
C THR D 422 8.63 -26.88 -0.62
N ALA D 423 8.13 -25.92 0.15
CA ALA D 423 8.91 -25.36 1.26
C ALA D 423 9.19 -26.42 2.32
N ILE D 424 8.19 -27.23 2.65
CA ILE D 424 8.34 -28.28 3.66
C ILE D 424 9.27 -29.38 3.18
N HIS D 425 9.45 -29.50 1.86
CA HIS D 425 10.29 -30.55 1.30
C HIS D 425 11.73 -30.46 1.81
N GLU D 426 12.29 -29.25 1.89
CA GLU D 426 13.67 -29.11 2.35
C GLU D 426 13.82 -29.58 3.80
N VAL D 427 12.86 -29.21 4.66
CA VAL D 427 12.90 -29.65 6.05
C VAL D 427 12.75 -31.16 6.13
N MET D 428 11.86 -31.73 5.33
CA MET D 428 11.66 -33.18 5.36
C MET D 428 12.87 -33.92 4.82
N GLU D 429 13.65 -33.28 3.94
CA GLU D 429 14.83 -33.93 3.38
C GLU D 429 16.02 -33.85 4.33
N GLN D 430 16.45 -32.62 4.66
CA GLN D 430 17.65 -32.45 5.45
C GLN D 430 17.44 -31.69 6.76
N GLY D 431 16.22 -31.24 7.05
CA GLY D 431 15.97 -30.53 8.28
C GLY D 431 16.70 -29.22 8.42
N ARG D 432 16.82 -28.45 7.34
CA ARG D 432 17.46 -27.15 7.37
C ARG D 432 16.72 -26.21 6.44
N VAL D 433 16.79 -24.92 6.76
CA VAL D 433 16.12 -23.87 6.01
C VAL D 433 17.15 -22.84 5.57
N THR D 434 17.20 -22.58 4.26
CA THR D 434 18.11 -21.60 3.69
C THR D 434 17.35 -20.34 3.33
N ILE D 435 17.80 -19.20 3.85
CA ILE D 435 17.13 -17.92 3.64
C ILE D 435 18.18 -16.93 3.15
N ALA D 436 17.82 -16.09 2.20
CA ALA D 436 18.76 -15.09 1.68
C ALA D 436 17.99 -13.93 1.08
N LYS D 437 18.20 -12.74 1.63
CA LYS D 437 17.70 -11.51 1.04
C LYS D 437 18.83 -10.49 1.09
N ALA D 438 19.07 -9.82 -0.02
CA ALA D 438 20.29 -9.02 -0.23
C ALA D 438 20.70 -8.24 1.01
N GLY D 439 21.92 -8.47 1.48
CA GLY D 439 22.40 -7.91 2.74
C GLY D 439 22.42 -8.89 3.89
N ILE D 440 21.82 -10.06 3.74
CA ILE D 440 21.77 -11.06 4.80
C ILE D 440 21.45 -12.41 4.18
N HIS D 441 22.07 -13.46 4.72
CA HIS D 441 21.81 -14.83 4.30
C HIS D 441 22.17 -15.75 5.44
N ALA D 442 21.36 -16.78 5.67
CA ALA D 442 21.55 -17.66 6.81
C ALA D 442 20.95 -19.04 6.52
N ARG D 443 21.38 -20.01 7.32
CA ARG D 443 20.84 -21.36 7.31
C ARG D 443 20.47 -21.75 8.73
N LEU D 444 19.20 -22.08 8.94
CA LEU D 444 18.65 -22.38 10.25
C LEU D 444 18.35 -23.88 10.37
N ASN D 445 18.51 -24.39 11.58
CA ASN D 445 18.26 -25.80 11.84
C ASN D 445 16.76 -26.06 11.98
N ALA D 446 16.29 -27.12 11.34
CA ALA D 446 14.88 -27.49 11.38
C ALA D 446 14.75 -29.00 11.56
N ARG D 447 15.51 -29.57 12.49
CA ARG D 447 15.52 -31.01 12.72
C ARG D 447 14.25 -31.46 13.44
N CYS D 448 13.15 -31.54 12.71
CA CYS D 448 11.85 -31.86 13.31
C CYS D 448 11.24 -33.11 12.68
N SER D 449 10.14 -33.56 13.26
CA SER D 449 9.36 -34.69 12.75
C SER D 449 7.93 -34.22 12.50
N VAL D 450 7.27 -34.88 11.54
CA VAL D 450 5.98 -34.41 11.04
C VAL D 450 4.95 -35.53 11.14
N LEU D 451 3.79 -35.19 11.70
CA LEU D 451 2.57 -35.97 11.57
C LEU D 451 1.63 -35.25 10.62
N ALA D 452 1.03 -35.99 9.70
CA ALA D 452 0.12 -35.42 8.73
C ALA D 452 -1.16 -36.24 8.66
N ALA D 453 -2.30 -35.55 8.61
CA ALA D 453 -3.60 -36.18 8.45
C ALA D 453 -4.32 -35.57 7.27
N ALA D 454 -4.77 -36.41 6.34
CA ALA D 454 -5.42 -35.94 5.13
C ALA D 454 -6.61 -36.83 4.80
N ASN D 455 -7.57 -36.28 4.06
CA ASN D 455 -8.77 -36.96 3.61
C ASN D 455 -8.66 -37.36 2.15
N PRO D 456 -9.34 -38.42 1.75
CA PRO D 456 -9.33 -38.81 0.33
C PRO D 456 -10.03 -37.77 -0.54
N VAL D 457 -9.66 -37.76 -1.83
CA VAL D 457 -10.20 -36.78 -2.76
C VAL D 457 -11.70 -36.95 -2.92
N TYR D 458 -12.17 -38.20 -2.88
CA TYR D 458 -13.59 -38.48 -3.03
C TYR D 458 -14.36 -38.42 -1.71
N GLY D 459 -13.75 -37.90 -0.66
CA GLY D 459 -14.38 -37.84 0.65
C GLY D 459 -14.30 -39.14 1.44
N ARG D 460 -14.73 -40.23 0.82
CA ARG D 460 -14.64 -41.57 1.41
C ARG D 460 -13.76 -42.44 0.52
N TYR D 461 -12.98 -43.32 1.16
CA TYR D 461 -12.03 -44.16 0.43
C TYR D 461 -12.77 -45.18 -0.44
N ASP D 462 -12.61 -45.09 -1.75
CA ASP D 462 -13.23 -46.04 -2.66
C ASP D 462 -12.41 -47.34 -2.67
N GLN D 463 -13.08 -48.45 -2.37
CA GLN D 463 -12.40 -49.74 -2.28
C GLN D 463 -11.89 -50.19 -3.65
N TYR D 464 -12.69 -50.01 -4.70
CA TYR D 464 -12.35 -50.55 -6.00
C TYR D 464 -11.18 -49.82 -6.65
N LYS D 465 -11.15 -48.49 -6.54
CA LYS D 465 -10.11 -47.71 -7.21
C LYS D 465 -8.75 -47.94 -6.56
N THR D 466 -7.70 -47.77 -7.36
CA THR D 466 -6.35 -47.95 -6.88
C THR D 466 -5.98 -46.86 -5.88
N PRO D 467 -5.06 -47.15 -4.95
CA PRO D 467 -4.66 -46.13 -3.97
C PRO D 467 -4.08 -44.87 -4.59
N MET D 468 -3.48 -44.97 -5.78
CA MET D 468 -2.90 -43.80 -6.43
C MET D 468 -3.97 -42.76 -6.74
N GLU D 469 -5.12 -43.21 -7.25
CA GLU D 469 -6.21 -42.28 -7.56
C GLU D 469 -6.79 -41.68 -6.29
N ASN D 470 -6.92 -42.49 -5.24
CA ASN D 470 -7.53 -42.02 -4.00
C ASN D 470 -6.65 -41.00 -3.29
N ILE D 471 -5.34 -41.28 -3.18
CA ILE D 471 -4.45 -40.37 -2.49
C ILE D 471 -4.28 -39.07 -3.27
N GLY D 472 -4.04 -39.18 -4.58
CA GLY D 472 -3.91 -38.00 -5.42
C GLY D 472 -2.75 -37.10 -5.06
N LEU D 473 -1.58 -37.68 -4.78
CA LEU D 473 -0.38 -36.93 -4.43
C LEU D 473 0.77 -37.36 -5.33
N GLN D 474 1.72 -36.44 -5.54
CA GLN D 474 2.87 -36.72 -6.38
C GLN D 474 3.78 -37.76 -5.71
N ASP D 475 4.57 -38.43 -6.55
CA ASP D 475 5.44 -39.49 -6.05
C ASP D 475 6.53 -38.97 -5.14
N SER D 476 7.06 -37.77 -5.42
CA SER D 476 8.14 -37.23 -4.61
C SER D 476 7.69 -36.96 -3.17
N LEU D 477 6.49 -36.40 -3.01
CA LEU D 477 5.99 -36.09 -1.68
C LEU D 477 5.78 -37.37 -0.87
N LEU D 478 5.22 -38.41 -1.51
CA LEU D 478 5.04 -39.68 -0.82
C LEU D 478 6.37 -40.33 -0.49
N SER D 479 7.34 -40.23 -1.40
CA SER D 479 8.65 -40.82 -1.15
C SER D 479 9.36 -40.15 0.02
N ARG D 480 9.25 -38.82 0.11
CA ARG D 480 9.85 -38.11 1.24
C ARG D 480 9.20 -38.49 2.56
N PHE D 481 7.96 -38.95 2.54
CA PHE D 481 7.35 -39.53 3.73
C PHE D 481 7.93 -40.91 3.99
N ASP D 482 7.99 -41.29 5.27
CA ASP D 482 8.57 -42.57 5.63
C ASP D 482 7.53 -43.68 5.69
N LEU D 483 6.34 -43.41 6.23
CA LEU D 483 5.32 -44.42 6.39
C LEU D 483 3.97 -43.88 5.95
N LEU D 484 3.20 -44.74 5.28
CA LEU D 484 1.85 -44.43 4.84
C LEU D 484 0.89 -45.44 5.47
N PHE D 485 -0.16 -44.93 6.11
CA PHE D 485 -1.16 -45.78 6.74
C PHE D 485 -2.52 -45.49 6.13
N ILE D 486 -3.28 -46.55 5.85
CA ILE D 486 -4.62 -46.45 5.31
C ILE D 486 -5.57 -47.09 6.32
N MET D 487 -6.58 -46.33 6.75
CA MET D 487 -7.54 -46.78 7.74
C MET D 487 -8.93 -46.80 7.12
N LEU D 488 -9.68 -47.87 7.38
CA LEU D 488 -10.99 -48.06 6.78
C LEU D 488 -12.03 -48.29 7.86
N ASP D 489 -13.23 -47.75 7.63
CA ASP D 489 -14.35 -47.91 8.55
C ASP D 489 -15.22 -49.06 8.03
N GLN D 490 -14.75 -50.27 8.26
CA GLN D 490 -15.48 -51.47 7.85
C GLN D 490 -16.63 -51.72 8.81
N MET D 491 -17.84 -51.84 8.27
CA MET D 491 -19.04 -51.99 9.10
C MET D 491 -19.30 -53.46 9.43
N ASP D 492 -18.36 -54.04 10.17
CA ASP D 492 -18.50 -55.41 10.64
C ASP D 492 -19.25 -55.42 11.96
N PRO D 493 -20.28 -56.27 12.12
CA PRO D 493 -21.10 -56.22 13.34
C PRO D 493 -20.31 -56.43 14.62
N GLU D 494 -19.33 -57.32 14.64
CA GLU D 494 -18.54 -57.55 15.85
C GLU D 494 -17.68 -56.34 16.18
N GLN D 495 -17.03 -55.76 15.16
CA GLN D 495 -16.24 -54.56 15.38
C GLN D 495 -17.10 -53.42 15.86
N ASP D 496 -18.28 -53.26 15.27
CA ASP D 496 -19.20 -52.21 15.71
C ASP D 496 -19.63 -52.43 17.15
N ARG D 497 -19.92 -53.68 17.53
CA ARG D 497 -20.30 -53.98 18.91
C ARG D 497 -19.18 -53.62 19.87
N GLU D 498 -17.95 -54.00 19.54
CA GLU D 498 -16.82 -53.71 20.41
C GLU D 498 -16.59 -52.20 20.53
N ILE D 499 -16.68 -51.49 19.40
CA ILE D 499 -16.46 -50.05 19.42
C ILE D 499 -17.54 -49.35 20.24
N SER D 500 -18.80 -49.77 20.08
CA SER D 500 -19.88 -49.19 20.88
C SER D 500 -19.68 -49.47 22.36
N ASP D 501 -19.27 -50.70 22.70
CA ASP D 501 -18.99 -51.02 24.09
C ASP D 501 -17.94 -50.09 24.66
N HIS D 502 -16.82 -49.93 23.95
CA HIS D 502 -15.73 -49.08 24.44
C HIS D 502 -16.17 -47.63 24.56
N VAL D 503 -16.90 -47.12 23.56
CA VAL D 503 -17.29 -45.72 23.55
C VAL D 503 -18.24 -45.43 24.71
N LEU D 504 -19.23 -46.30 24.92
CA LEU D 504 -20.18 -46.05 26.00
C LEU D 504 -19.55 -46.29 27.37
N ARG D 505 -18.60 -47.21 27.48
CA ARG D 505 -17.88 -47.37 28.74
C ARG D 505 -17.09 -46.11 29.07
N MET D 506 -16.44 -45.52 28.06
CA MET D 506 -15.71 -44.27 28.29
C MET D 506 -16.66 -43.12 28.62
N HIS D 507 -17.81 -43.07 27.95
CA HIS D 507 -18.77 -41.99 28.19
C HIS D 507 -19.41 -42.09 29.56
N ARG D 508 -19.65 -43.30 30.06
CA ARG D 508 -20.29 -43.47 31.35
C ARG D 508 -19.33 -43.17 32.51
N TYR D 509 -18.04 -43.09 32.22
CA TYR D 509 -17.05 -42.92 33.28
C TYR D 509 -17.14 -41.54 33.91
N ARG D 510 -16.95 -41.49 35.22
CA ARG D 510 -16.85 -40.25 35.98
C ARG D 510 -15.65 -40.32 36.90
N ALA D 511 -14.94 -39.21 37.02
CA ALA D 511 -13.72 -39.19 37.81
C ALA D 511 -14.05 -39.42 39.29
N PRO D 512 -13.25 -40.22 40.00
CA PRO D 512 -13.50 -40.42 41.44
C PRO D 512 -13.23 -39.13 42.21
N GLY D 513 -13.94 -38.98 43.33
CA GLY D 513 -13.84 -37.80 44.16
C GLY D 513 -14.76 -36.66 43.74
N GLU D 514 -15.49 -36.83 42.65
CA GLU D 514 -16.43 -35.83 42.16
C GLU D 514 -17.85 -36.33 42.39
N GLN D 515 -18.69 -35.51 43.01
CA GLN D 515 -20.06 -35.91 43.30
C GLN D 515 -20.84 -36.14 42.01
N ASP D 516 -21.73 -37.12 42.04
CA ASP D 516 -22.54 -37.43 40.87
C ASP D 516 -23.50 -36.27 40.57
N GLY D 517 -23.64 -35.96 39.29
CA GLY D 517 -24.50 -34.88 38.86
C GLY D 517 -23.88 -33.50 38.97
N ASP D 518 -22.64 -33.39 39.38
CA ASP D 518 -21.99 -32.09 39.51
C ASP D 518 -21.68 -31.51 38.12
N ALA D 519 -21.80 -30.20 38.02
CA ALA D 519 -21.53 -29.50 36.76
C ALA D 519 -20.02 -29.25 36.65
N MET D 520 -19.63 -28.49 35.62
CA MET D 520 -18.23 -28.18 35.40
C MET D 520 -18.05 -26.72 34.97
N THR D 544 4.59 -42.56 42.29
CA THR D 544 3.79 -42.94 41.14
C THR D 544 4.02 -44.40 40.76
N GLN D 545 2.97 -45.21 40.89
CA GLN D 545 3.08 -46.63 40.55
C GLN D 545 3.28 -46.79 39.05
N ILE D 546 4.03 -47.85 38.69
CA ILE D 546 4.30 -48.11 37.28
C ILE D 546 3.02 -48.45 36.54
N TYR D 547 2.17 -49.27 37.15
CA TYR D 547 0.93 -49.73 36.53
C TYR D 547 -0.24 -48.95 37.09
N GLU D 548 -1.11 -48.48 36.19
CA GLU D 548 -2.29 -47.71 36.59
C GLU D 548 -3.26 -48.59 37.35
N LYS D 549 -3.94 -48.01 38.33
CA LYS D 549 -4.96 -48.72 39.09
C LYS D 549 -6.09 -49.18 38.17
N HIS D 550 -6.53 -50.43 38.37
CA HIS D 550 -7.58 -50.99 37.55
C HIS D 550 -8.91 -50.29 37.84
N ASP D 551 -9.66 -50.00 36.77
CA ASP D 551 -10.97 -49.36 36.86
C ASP D 551 -12.00 -50.25 36.19
N ASN D 552 -13.18 -50.33 36.81
CA ASN D 552 -14.23 -51.20 36.27
C ASN D 552 -14.76 -50.70 34.93
N LEU D 553 -14.67 -49.39 34.68
CA LEU D 553 -15.20 -48.81 33.46
C LEU D 553 -14.10 -48.54 32.42
N LEU D 554 -12.97 -47.96 32.84
CA LEU D 554 -11.91 -47.63 31.89
C LEU D 554 -11.26 -48.88 31.31
N HIS D 555 -11.17 -49.95 32.10
CA HIS D 555 -10.50 -51.17 31.66
C HIS D 555 -11.49 -52.31 31.42
N GLY D 556 -12.31 -52.64 32.42
CA GLY D 556 -13.27 -53.71 32.30
C GLY D 556 -12.88 -54.93 33.12
N THR D 557 -13.87 -55.78 33.37
CA THR D 557 -13.66 -56.98 34.18
C THR D 557 -12.70 -57.95 33.50
N LYS D 558 -12.82 -58.09 32.18
CA LYS D 558 -11.97 -59.02 31.46
C LYS D 558 -10.50 -58.61 31.50
N LYS D 559 -10.25 -57.30 31.44
CA LYS D 559 -8.88 -56.78 31.39
C LYS D 559 -8.16 -56.82 32.73
N LYS D 560 -8.71 -57.50 33.74
CA LYS D 560 -8.04 -57.55 35.04
C LYS D 560 -6.71 -58.27 34.97
N LYS D 561 -6.49 -59.10 33.95
CA LYS D 561 -5.25 -59.86 33.86
C LYS D 561 -4.07 -58.99 33.42
N GLU D 562 -4.35 -57.81 32.87
CA GLU D 562 -3.30 -56.93 32.36
C GLU D 562 -3.54 -55.51 32.89
N LYS D 563 -2.48 -54.70 32.85
CA LYS D 563 -2.53 -53.34 33.36
C LYS D 563 -1.86 -52.41 32.36
N MET D 564 -2.21 -51.14 32.45
CA MET D 564 -1.66 -50.10 31.59
C MET D 564 -0.63 -49.28 32.36
N VAL D 565 0.35 -48.74 31.64
CA VAL D 565 1.43 -47.98 32.26
C VAL D 565 0.97 -46.55 32.49
N SER D 566 1.39 -45.96 33.60
CA SER D 566 1.03 -44.58 33.92
C SER D 566 1.71 -43.61 32.96
N ALA D 567 1.07 -42.45 32.78
CA ALA D 567 1.55 -41.48 31.81
C ALA D 567 2.91 -40.91 32.19
N ALA D 568 3.09 -40.56 33.48
CA ALA D 568 4.34 -39.95 33.91
C ALA D 568 5.51 -40.92 33.78
N PHE D 569 5.32 -42.16 34.20
CA PHE D 569 6.35 -43.17 34.07
C PHE D 569 6.67 -43.43 32.61
N MET D 570 5.64 -43.44 31.76
CA MET D 570 5.85 -43.60 30.33
C MET D 570 6.70 -42.47 29.76
N LYS D 571 6.42 -41.23 30.18
CA LYS D 571 7.18 -40.09 29.71
C LYS D 571 8.64 -40.19 30.14
N LYS D 572 8.87 -40.54 31.40
CA LYS D 572 10.23 -40.68 31.93
C LYS D 572 10.98 -41.77 31.17
N TYR D 573 10.32 -42.92 30.95
CA TYR D 573 10.96 -44.01 30.24
C TYR D 573 11.26 -43.63 28.79
N ILE D 574 10.35 -42.89 28.15
CA ILE D 574 10.57 -42.45 26.78
C ILE D 574 11.78 -41.52 26.72
N HIS D 575 11.89 -40.60 27.68
CA HIS D 575 13.03 -39.69 27.71
C HIS D 575 14.34 -40.46 27.91
N VAL D 576 14.35 -41.40 28.86
CA VAL D 576 15.55 -42.18 29.13
C VAL D 576 15.95 -42.99 27.90
N ALA D 577 14.97 -43.60 27.23
CA ALA D 577 15.26 -44.36 26.02
C ALA D 577 15.79 -43.46 24.90
N LYS D 578 15.22 -42.25 24.78
CA LYS D 578 15.69 -41.31 23.77
C LYS D 578 17.13 -40.89 24.05
N ILE D 579 17.53 -40.88 25.32
CA ILE D 579 18.93 -40.57 25.64
C ILE D 579 19.86 -41.64 25.08
N ILE D 580 19.43 -42.90 25.10
CA ILE D 580 20.32 -44.01 24.77
C ILE D 580 20.71 -43.97 23.29
N LYS D 581 21.95 -44.36 23.00
CA LYS D 581 22.52 -44.39 21.66
C LYS D 581 22.87 -45.83 21.30
N PRO D 582 22.02 -46.52 20.54
CA PRO D 582 22.31 -47.91 20.18
C PRO D 582 23.36 -48.00 19.07
N VAL D 583 23.79 -49.24 18.83
CA VAL D 583 24.78 -49.54 17.80
C VAL D 583 24.27 -50.72 16.96
N LEU D 584 24.43 -50.61 15.66
CA LEU D 584 23.99 -51.65 14.72
C LEU D 584 25.01 -52.77 14.65
N THR D 585 24.53 -54.00 14.51
CA THR D 585 25.40 -55.17 14.42
C THR D 585 25.50 -55.66 12.97
N GLN D 586 26.46 -56.58 12.76
CA GLN D 586 26.68 -57.11 11.42
C GLN D 586 25.62 -58.14 11.03
N GLU D 587 25.08 -58.87 12.02
CA GLU D 587 24.11 -59.91 11.71
C GLU D 587 22.85 -59.34 11.08
N SER D 588 22.36 -58.21 11.62
CA SER D 588 21.13 -57.61 11.11
C SER D 588 21.32 -56.91 9.77
N ALA D 589 22.54 -56.45 9.47
CA ALA D 589 22.75 -55.68 8.24
C ALA D 589 22.51 -56.53 6.99
N THR D 590 23.06 -57.74 6.96
CA THR D 590 22.86 -58.61 5.80
C THR D 590 21.40 -59.00 5.66
N TYR D 591 20.73 -59.28 6.78
CA TYR D 591 19.32 -59.63 6.76
C TYR D 591 18.49 -58.47 6.19
N ILE D 592 18.77 -57.25 6.65
CA ILE D 592 18.04 -56.08 6.18
C ILE D 592 18.29 -55.86 4.69
N ALA D 593 19.55 -56.02 4.25
CA ALA D 593 19.86 -55.84 2.84
C ALA D 593 19.14 -56.86 1.97
N GLU D 594 19.13 -58.13 2.40
CA GLU D 594 18.45 -59.17 1.63
C GLU D 594 16.96 -58.93 1.59
N GLU D 595 16.37 -58.49 2.69
CA GLU D 595 14.94 -58.21 2.69
C GLU D 595 14.60 -56.97 1.85
N TYR D 596 15.49 -55.98 1.81
CA TYR D 596 15.29 -54.85 0.91
C TYR D 596 15.33 -55.29 -0.55
N SER D 597 16.28 -56.17 -0.88
CA SER D 597 16.33 -56.71 -2.25
C SER D 597 15.07 -57.50 -2.58
N ARG D 598 14.59 -58.28 -1.62
CA ARG D 598 13.33 -59.02 -1.83
C ARG D 598 12.17 -58.07 -2.04
N LEU D 599 12.11 -56.99 -1.25
CA LEU D 599 11.04 -56.01 -1.39
C LEU D 599 11.07 -55.35 -2.76
N ARG D 600 12.26 -55.02 -3.24
CA ARG D 600 12.36 -54.38 -4.55
C ARG D 600 12.00 -55.37 -5.67
N SER D 601 12.39 -56.63 -5.52
CA SER D 601 12.11 -57.63 -6.54
C SER D 601 10.67 -58.13 -6.46
N GLN D 602 9.95 -57.79 -5.39
CA GLN D 602 8.57 -58.22 -5.21
C GLN D 602 7.64 -57.69 -6.30
N ASP D 603 8.12 -56.82 -7.20
CA ASP D 603 7.28 -56.34 -8.30
C ASP D 603 6.74 -57.49 -9.13
N SER D 604 7.48 -58.60 -9.22
CA SER D 604 6.98 -59.78 -9.91
C SER D 604 6.25 -60.73 -8.98
N MET D 605 6.20 -60.43 -7.68
CA MET D 605 5.53 -61.27 -6.69
C MET D 605 4.45 -60.52 -5.92
N SER D 606 3.90 -59.46 -6.51
CA SER D 606 2.89 -58.66 -5.83
C SER D 606 1.49 -59.26 -5.93
N SER D 607 1.29 -60.26 -6.78
CA SER D 607 -0.02 -60.91 -6.99
C SER D 607 -1.00 -59.83 -7.44
N ASP D 608 -2.22 -59.82 -6.91
CA ASP D 608 -3.21 -58.80 -7.25
C ASP D 608 -3.15 -57.57 -6.36
N THR D 609 -2.29 -57.58 -5.33
CA THR D 609 -2.19 -56.45 -4.42
C THR D 609 -1.41 -55.31 -5.08
N ALA D 610 -1.74 -54.09 -4.67
CA ALA D 610 -1.06 -52.89 -5.15
C ALA D 610 -0.18 -52.31 -4.04
N ARG D 611 0.71 -51.42 -4.45
CA ARG D 611 1.65 -50.76 -3.55
C ARG D 611 1.19 -49.33 -3.30
N THR D 612 1.19 -48.93 -2.02
CA THR D 612 0.76 -47.58 -1.67
C THR D 612 1.80 -46.55 -2.04
N SER D 613 3.07 -46.83 -1.79
CA SER D 613 4.16 -45.89 -2.05
C SER D 613 5.28 -46.57 -2.82
N PRO D 614 5.96 -45.84 -3.70
CA PRO D 614 7.10 -46.42 -4.41
C PRO D 614 8.24 -46.75 -3.46
N VAL D 615 9.01 -47.76 -3.85
CA VAL D 615 10.14 -48.23 -3.05
C VAL D 615 11.40 -47.64 -3.67
N THR D 616 12.09 -46.80 -2.89
CA THR D 616 13.32 -46.14 -3.32
C THR D 616 14.41 -46.43 -2.30
N ALA D 617 15.55 -45.74 -2.46
CA ALA D 617 16.67 -45.92 -1.54
C ALA D 617 16.31 -45.43 -0.14
N ARG D 618 15.33 -44.53 -0.03
CA ARG D 618 14.93 -44.01 1.27
C ARG D 618 14.26 -45.09 2.12
N THR D 619 13.74 -46.14 1.48
CA THR D 619 13.08 -47.20 2.23
C THR D 619 14.07 -47.98 3.09
N LEU D 620 15.30 -48.14 2.60
CA LEU D 620 16.32 -48.81 3.40
C LEU D 620 16.67 -47.99 4.64
N GLU D 621 16.80 -46.67 4.47
CA GLU D 621 17.04 -45.80 5.61
C GLU D 621 15.86 -45.83 6.59
N THR D 622 14.63 -45.91 6.05
CA THR D 622 13.46 -46.04 6.91
C THR D 622 13.49 -47.33 7.70
N LEU D 623 13.88 -48.43 7.06
CA LEU D 623 14.03 -49.70 7.76
C LEU D 623 15.05 -49.59 8.89
N ILE D 624 16.21 -49.01 8.60
CA ILE D 624 17.26 -48.88 9.61
C ILE D 624 16.79 -47.99 10.75
N ARG D 625 16.07 -46.91 10.42
CA ARG D 625 15.61 -45.97 11.44
C ARG D 625 14.56 -46.61 12.34
N LEU D 626 13.63 -47.35 11.75
CA LEU D 626 12.63 -48.07 12.55
C LEU D 626 13.29 -49.11 13.44
N ALA D 627 14.29 -49.82 12.91
CA ALA D 627 15.02 -50.79 13.72
C ALA D 627 15.72 -50.09 14.89
N THR D 628 16.33 -48.94 14.63
CA THR D 628 17.00 -48.19 15.69
C THR D 628 16.01 -47.72 16.75
N ALA D 629 14.83 -47.27 16.32
CA ALA D 629 13.80 -46.85 17.27
C ALA D 629 13.32 -48.02 18.13
N HIS D 630 13.09 -49.18 17.50
CA HIS D 630 12.65 -50.35 18.26
C HIS D 630 13.74 -50.82 19.22
N ALA D 631 15.00 -50.67 18.82
CA ALA D 631 16.10 -50.97 19.74
C ALA D 631 16.13 -49.98 20.90
N LYS D 632 15.81 -48.71 20.62
CA LYS D 632 15.70 -47.72 21.70
C LYS D 632 14.54 -48.03 22.63
N ALA D 633 13.51 -48.73 22.14
CA ALA D 633 12.33 -48.99 22.96
C ALA D 633 12.70 -49.72 24.25
N ARG D 634 13.54 -50.74 24.15
CA ARG D 634 14.04 -51.45 25.31
C ARG D 634 15.50 -51.08 25.53
N MET D 635 15.85 -50.77 26.78
CA MET D 635 17.19 -50.27 27.10
C MET D 635 18.22 -51.36 26.79
N SER D 636 18.97 -51.18 25.71
CA SER D 636 19.97 -52.14 25.28
C SER D 636 21.12 -51.38 24.62
N LYS D 637 22.01 -52.12 23.98
CA LYS D 637 23.19 -51.55 23.33
C LYS D 637 23.36 -51.95 21.87
N THR D 638 22.84 -53.11 21.47
CA THR D 638 23.07 -53.63 20.13
C THR D 638 21.76 -53.98 19.46
N VAL D 639 21.79 -54.00 18.13
CA VAL D 639 20.61 -54.34 17.33
C VAL D 639 20.56 -55.84 17.10
N ASP D 640 19.40 -56.44 17.32
CA ASP D 640 19.21 -57.88 17.21
C ASP D 640 18.30 -58.19 16.01
N LEU D 641 18.04 -59.49 15.82
CA LEU D 641 17.29 -59.93 14.65
C LEU D 641 15.81 -59.56 14.76
N GLN D 642 15.19 -59.82 15.92
CA GLN D 642 13.79 -59.47 16.10
C GLN D 642 13.56 -57.97 15.95
N ASP D 643 14.58 -57.18 16.29
CA ASP D 643 14.51 -55.73 16.13
C ASP D 643 14.28 -55.36 14.68
N ALA D 644 15.02 -56.00 13.75
CA ALA D 644 14.80 -55.74 12.33
C ALA D 644 13.52 -56.40 11.83
N GLU D 645 13.15 -57.54 12.43
CA GLU D 645 11.93 -58.24 12.01
C GLU D 645 10.69 -57.39 12.28
N GLU D 646 10.66 -56.67 13.39
CA GLU D 646 9.53 -55.81 13.69
C GLU D 646 9.37 -54.72 12.63
N ALA D 647 10.47 -54.07 12.26
CA ALA D 647 10.41 -53.04 11.23
C ALA D 647 10.01 -53.62 9.89
N VAL D 648 10.51 -54.83 9.57
CA VAL D 648 10.14 -55.47 8.32
C VAL D 648 8.64 -55.77 8.30
N GLU D 649 8.09 -56.25 9.41
CA GLU D 649 6.65 -56.50 9.49
C GLU D 649 5.87 -55.21 9.31
N LEU D 650 6.34 -54.13 9.93
CA LEU D 650 5.67 -52.84 9.79
C LEU D 650 5.65 -52.39 8.33
N VAL D 651 6.79 -52.54 7.64
CA VAL D 651 6.86 -52.14 6.23
C VAL D 651 5.95 -53.02 5.37
N GLN D 652 5.92 -54.33 5.66
CA GLN D 652 5.03 -55.23 4.93
C GLN D 652 3.58 -54.80 5.10
N TYR D 653 3.17 -54.46 6.32
CA TYR D 653 1.80 -54.03 6.56
C TYR D 653 1.50 -52.70 5.87
N ALA D 654 2.45 -51.77 5.90
CA ALA D 654 2.17 -50.42 5.43
C ALA D 654 2.19 -50.32 3.90
N TYR D 655 3.09 -51.06 3.24
CA TYR D 655 3.39 -50.75 1.84
C TYR D 655 2.42 -51.38 0.84
N PHE D 656 1.78 -52.49 1.18
CA PHE D 656 0.95 -53.21 0.22
C PHE D 656 -0.49 -53.30 0.71
N LYS D 657 -1.43 -53.24 -0.23
CA LYS D 657 -2.84 -53.33 0.07
C LYS D 657 -3.56 -54.07 -1.04
N LYS D 658 -4.55 -54.88 -0.66
CA LYS D 658 -5.36 -55.61 -1.63
C LYS D 658 -6.37 -54.69 -2.29
N VAL D 659 -6.71 -54.99 -3.54
CA VAL D 659 -7.71 -54.23 -4.29
C VAL D 659 -8.95 -55.09 -4.49
N LEU D 660 -10.10 -54.56 -4.11
CA LEU D 660 -11.37 -55.28 -4.20
C LEU D 660 -12.02 -55.01 -5.55
N GLU D 661 -12.61 -56.04 -6.14
CA GLU D 661 -13.30 -55.91 -7.42
C GLU D 661 -14.70 -55.34 -7.24
N VAL E 151 56.64 29.27 -1.89
CA VAL E 151 55.78 28.12 -1.66
C VAL E 151 55.61 27.85 -0.17
N ILE E 152 54.55 27.14 0.18
CA ILE E 152 54.23 26.83 1.57
C ILE E 152 55.16 25.71 2.05
N TRP E 153 55.47 25.73 3.35
CA TRP E 153 56.33 24.74 3.97
C TRP E 153 55.88 23.31 3.68
N GLY E 154 56.84 22.40 3.52
CA GLY E 154 56.53 21.02 3.20
C GLY E 154 56.60 20.68 1.74
N THR E 155 57.07 21.60 0.89
CA THR E 155 57.14 21.37 -0.54
C THR E 155 58.55 21.70 -1.03
N ASP E 156 58.96 20.99 -2.07
CA ASP E 156 60.26 21.22 -2.71
C ASP E 156 60.11 21.96 -4.04
N VAL E 157 58.93 22.49 -4.33
CA VAL E 157 58.71 23.18 -5.61
C VAL E 157 59.32 24.57 -5.56
N ASN E 158 60.07 24.93 -6.59
CA ASN E 158 60.65 26.26 -6.74
C ASN E 158 59.95 26.96 -7.90
N VAL E 159 59.44 28.17 -7.64
CA VAL E 159 58.62 28.85 -8.62
C VAL E 159 59.44 29.24 -9.85
N ALA E 160 60.61 29.84 -9.63
CA ALA E 160 61.40 30.34 -10.75
C ALA E 160 61.89 29.21 -11.64
N ALA E 161 62.35 28.11 -11.03
CA ALA E 161 62.85 26.99 -11.81
C ALA E 161 61.75 26.38 -12.66
N CYS E 162 60.56 26.18 -12.07
CA CYS E 162 59.44 25.63 -12.83
C CYS E 162 59.02 26.57 -13.95
N LYS E 163 59.00 27.88 -13.67
CA LYS E 163 58.64 28.85 -14.70
C LYS E 163 59.60 28.80 -15.87
N GLU E 164 60.90 28.79 -15.59
CA GLU E 164 61.89 28.73 -16.65
C GLU E 164 61.79 27.42 -17.43
N ASN E 165 61.58 26.32 -16.71
CA ASN E 165 61.47 25.01 -17.36
C ASN E 165 60.26 24.97 -18.30
N PHE E 166 59.12 25.51 -17.85
CA PHE E 166 57.93 25.52 -18.69
C PHE E 166 58.11 26.44 -19.88
N GLN E 167 58.75 27.60 -19.68
CA GLN E 167 58.99 28.51 -20.79
C GLN E 167 59.88 27.86 -21.85
N ARG E 168 60.91 27.13 -21.41
CA ARG E 168 61.77 26.42 -22.35
C ARG E 168 61.01 25.28 -23.04
N PHE E 169 60.17 24.58 -22.28
CA PHE E 169 59.45 23.44 -22.83
C PHE E 169 58.45 23.87 -23.89
N LEU E 170 57.78 25.00 -23.68
CA LEU E 170 56.79 25.47 -24.65
C LEU E 170 57.42 25.80 -26.00
N GLN E 171 58.73 26.02 -26.03
CA GLN E 171 59.41 26.37 -27.26
C GLN E 171 60.28 25.24 -27.82
N ARG E 172 60.65 24.27 -26.99
CA ARG E 172 61.63 23.27 -27.41
C ARG E 172 61.02 21.92 -27.74
N PHE E 173 59.77 21.66 -27.33
CA PHE E 173 59.22 20.32 -27.46
C PHE E 173 58.83 20.02 -28.90
N ILE E 174 59.38 18.93 -29.44
CA ILE E 174 59.04 18.43 -30.77
C ILE E 174 58.96 16.91 -30.70
N ASP E 175 57.88 16.36 -31.26
CA ASP E 175 57.68 14.92 -31.30
C ASP E 175 57.74 14.44 -32.74
N PRO E 176 58.68 13.55 -33.08
CA PRO E 176 58.74 13.03 -34.46
C PRO E 176 57.74 11.91 -34.70
N LEU E 177 57.37 11.19 -33.64
CA LEU E 177 56.42 10.09 -33.78
C LEU E 177 55.00 10.56 -34.06
N ALA E 178 54.70 11.83 -33.82
CA ALA E 178 53.37 12.35 -34.09
C ALA E 178 53.09 12.32 -35.58
N LYS E 179 51.88 11.87 -35.95
CA LYS E 179 51.47 11.75 -37.33
C LYS E 179 50.38 12.77 -37.65
N GLU E 180 50.11 12.93 -38.95
CA GLU E 180 49.06 13.84 -39.38
C GLU E 180 47.67 13.30 -39.08
N GLU E 181 47.56 12.05 -38.65
CA GLU E 181 46.26 11.48 -38.33
C GLU E 181 45.60 12.21 -37.17
N GLU E 182 46.38 12.74 -36.24
CA GLU E 182 45.87 13.51 -35.12
C GLU E 182 46.39 14.93 -35.04
N ASN E 183 47.55 15.24 -35.62
CA ASN E 183 48.09 16.60 -35.63
C ASN E 183 47.51 17.38 -36.81
N VAL E 184 46.25 17.79 -36.65
CA VAL E 184 45.53 18.45 -37.72
C VAL E 184 45.94 19.92 -37.78
N GLY E 185 46.31 20.38 -38.98
CA GLY E 185 46.62 21.78 -39.19
C GLY E 185 47.87 22.28 -38.50
N ILE E 186 48.76 21.39 -38.08
CA ILE E 186 49.98 21.75 -37.38
C ILE E 186 51.16 21.14 -38.12
N ASP E 187 52.21 21.95 -38.35
CA ASP E 187 53.43 21.48 -38.99
C ASP E 187 54.24 20.72 -37.95
N ILE E 188 54.46 19.42 -38.20
CA ILE E 188 55.18 18.58 -37.24
C ILE E 188 56.64 19.01 -37.15
N THR E 189 57.22 19.47 -38.26
CA THR E 189 58.62 19.88 -38.25
C THR E 189 58.87 21.05 -37.30
N GLU E 190 57.86 21.92 -37.14
CA GLU E 190 57.93 23.06 -36.24
C GLU E 190 57.47 22.65 -34.85
N PRO E 191 57.83 23.44 -33.82
CA PRO E 191 57.35 23.12 -32.46
C PRO E 191 55.83 23.10 -32.40
N LEU E 192 55.31 22.19 -31.58
CA LEU E 192 53.86 21.94 -31.53
C LEU E 192 53.14 22.96 -30.67
N TYR E 193 53.64 23.19 -29.44
CA TYR E 193 52.91 24.04 -28.51
C TYR E 193 52.97 25.51 -28.92
N MET E 194 54.06 25.91 -29.59
CA MET E 194 54.12 27.26 -30.16
C MET E 194 53.05 27.44 -31.22
N GLN E 195 52.86 26.42 -32.07
CA GLN E 195 51.79 26.48 -33.06
C GLN E 195 50.42 26.49 -32.40
N ARG E 196 50.27 25.76 -31.30
CA ARG E 196 49.01 25.80 -30.55
C ARG E 196 48.74 27.19 -30.00
N LEU E 197 49.78 27.85 -29.47
CA LEU E 197 49.61 29.21 -28.98
C LEU E 197 49.27 30.17 -30.12
N GLY E 198 49.89 29.97 -31.29
CA GLY E 198 49.53 30.78 -32.44
C GLY E 198 48.08 30.58 -32.88
N GLU E 199 47.62 29.33 -32.85
CA GLU E 199 46.22 29.05 -33.16
C GLU E 199 45.30 29.70 -32.14
N ILE E 200 45.69 29.68 -30.86
CA ILE E 200 44.92 30.35 -29.83
C ILE E 200 44.84 31.85 -30.10
N ASN E 201 45.97 32.45 -30.48
CA ASN E 201 45.97 33.88 -30.81
C ASN E 201 45.07 34.17 -31.99
N VAL E 202 45.09 33.30 -33.01
CA VAL E 202 44.25 33.51 -34.19
C VAL E 202 42.77 33.41 -33.81
N ILE E 203 42.42 32.40 -33.02
CA ILE E 203 41.02 32.17 -32.69
C ILE E 203 40.58 33.04 -31.51
N GLY E 204 41.41 33.14 -30.47
CA GLY E 204 41.05 33.90 -29.30
C GLY E 204 40.56 33.08 -28.12
N GLU E 205 40.64 31.76 -28.19
CA GLU E 205 40.22 30.93 -27.07
C GLU E 205 41.21 31.05 -25.92
N PRO E 206 40.78 31.46 -24.73
CA PRO E 206 41.72 31.70 -23.63
C PRO E 206 42.18 30.44 -22.91
N PHE E 207 41.97 29.26 -23.47
CA PHE E 207 42.30 28.01 -22.81
C PHE E 207 43.21 27.17 -23.68
N LEU E 208 44.19 26.50 -23.06
CA LEU E 208 45.16 25.66 -23.76
C LEU E 208 45.17 24.29 -23.12
N ASN E 209 45.25 23.24 -23.95
CA ASN E 209 45.28 21.87 -23.48
C ASN E 209 46.69 21.32 -23.62
N VAL E 210 47.21 20.75 -22.54
CA VAL E 210 48.57 20.21 -22.50
C VAL E 210 48.50 18.76 -22.04
N ASN E 211 49.16 17.87 -22.77
CA ASN E 211 49.19 16.44 -22.45
C ASN E 211 50.27 16.19 -21.42
N CYS E 212 49.93 15.39 -20.40
CA CYS E 212 50.89 15.08 -19.35
C CYS E 212 51.99 14.14 -19.86
N GLU E 213 51.65 13.28 -20.82
CA GLU E 213 52.66 12.38 -21.38
C GLU E 213 53.77 13.15 -22.08
N HIS E 214 53.44 14.24 -22.77
CA HIS E 214 54.47 15.07 -23.38
C HIS E 214 55.40 15.67 -22.33
N ILE E 215 54.82 16.14 -21.22
CA ILE E 215 55.62 16.70 -20.13
C ILE E 215 56.55 15.64 -19.56
N LYS E 216 56.03 14.43 -19.35
CA LYS E 216 56.86 13.34 -18.84
C LYS E 216 57.97 12.99 -19.82
N SER E 217 57.67 13.00 -21.12
CA SER E 217 58.70 12.73 -22.13
C SER E 217 59.79 13.79 -22.08
N PHE E 218 59.41 15.06 -21.91
CA PHE E 218 60.41 16.11 -21.79
C PHE E 218 61.30 15.90 -20.57
N ASP E 219 60.69 15.72 -19.40
CA ASP E 219 61.43 15.45 -18.18
C ASP E 219 60.50 14.81 -17.16
N LYS E 220 61.09 14.16 -16.17
CA LYS E 220 60.31 13.48 -15.15
C LYS E 220 60.12 14.31 -13.89
N ASN E 221 61.08 15.18 -13.56
CA ASN E 221 60.97 15.99 -12.36
C ASN E 221 59.78 16.94 -12.43
N LEU E 222 59.61 17.61 -13.57
CA LEU E 222 58.48 18.53 -13.71
C LEU E 222 57.15 17.79 -13.67
N TYR E 223 57.07 16.63 -14.31
CA TYR E 223 55.84 15.84 -14.28
C TYR E 223 55.51 15.40 -12.87
N ARG E 224 56.51 14.93 -12.13
CA ARG E 224 56.28 14.50 -10.75
C ARG E 224 55.85 15.66 -9.88
N GLN E 225 56.48 16.83 -10.05
CA GLN E 225 56.10 17.99 -9.26
C GLN E 225 54.68 18.44 -9.59
N LEU E 226 54.30 18.41 -10.87
CA LEU E 226 52.95 18.78 -11.26
C LEU E 226 51.92 17.82 -10.70
N ILE E 227 52.21 16.52 -10.74
CA ILE E 227 51.27 15.53 -10.20
C ILE E 227 51.15 15.70 -8.69
N SER E 228 52.27 15.93 -8.01
CA SER E 228 52.27 15.98 -6.55
C SER E 228 51.57 17.24 -6.03
N TYR E 229 51.90 18.40 -6.59
CA TYR E 229 51.43 19.69 -6.09
C TYR E 229 50.84 20.51 -7.24
N PRO E 230 49.67 20.13 -7.75
CA PRO E 230 49.07 20.92 -8.85
C PRO E 230 48.75 22.35 -8.47
N GLN E 231 48.37 22.59 -7.21
CA GLN E 231 47.87 23.90 -6.80
C GLN E 231 48.93 24.98 -6.97
N GLU E 232 50.19 24.65 -6.72
CA GLU E 232 51.26 25.64 -6.89
C GLU E 232 51.80 25.65 -8.31
N VAL E 233 51.81 24.49 -8.97
CA VAL E 233 52.42 24.39 -10.30
C VAL E 233 51.57 25.11 -11.35
N ILE E 234 50.24 24.93 -11.29
CA ILE E 234 49.37 25.42 -12.35
C ILE E 234 49.46 26.95 -12.54
N PRO E 235 49.39 27.77 -11.48
CA PRO E 235 49.51 29.23 -11.71
C PRO E 235 50.83 29.63 -12.35
N THR E 236 51.92 28.93 -12.02
CA THR E 236 53.20 29.21 -12.65
C THR E 236 53.13 28.96 -14.16
N PHE E 237 52.51 27.84 -14.55
CA PHE E 237 52.33 27.56 -15.97
C PHE E 237 51.46 28.63 -16.63
N ASP E 238 50.40 29.04 -15.94
CA ASP E 238 49.51 30.06 -16.49
C ASP E 238 50.25 31.37 -16.74
N MET E 239 51.04 31.82 -15.76
CA MET E 239 51.73 33.09 -15.91
C MET E 239 52.84 33.00 -16.95
N ALA E 240 53.51 31.85 -17.04
CA ALA E 240 54.53 31.67 -18.08
C ALA E 240 53.90 31.72 -19.47
N VAL E 241 52.77 31.03 -19.65
CA VAL E 241 52.09 31.04 -20.93
C VAL E 241 51.63 32.45 -21.28
N ASN E 242 51.08 33.17 -20.29
CA ASN E 242 50.64 34.54 -20.54
C ASN E 242 51.80 35.43 -20.96
N GLU E 243 52.94 35.30 -20.26
CA GLU E 243 54.10 36.11 -20.60
C GLU E 243 54.58 35.82 -22.02
N ILE E 244 54.67 34.53 -22.38
CA ILE E 244 55.13 34.17 -23.72
C ILE E 244 54.15 34.69 -24.78
N PHE E 245 52.85 34.50 -24.54
CA PHE E 245 51.85 34.93 -25.51
C PHE E 245 51.87 36.44 -25.71
N PHE E 246 52.00 37.20 -24.62
CA PHE E 246 52.03 38.65 -24.75
C PHE E 246 53.35 39.13 -25.33
N ASP E 247 54.43 38.37 -25.16
CA ASP E 247 55.70 38.74 -25.77
C ASP E 247 55.66 38.52 -27.29
N ARG E 248 55.15 37.38 -27.73
CA ARG E 248 55.18 37.08 -29.16
C ARG E 248 54.12 37.85 -29.94
N TYR E 249 52.93 38.02 -29.36
CA TYR E 249 51.79 38.61 -30.07
C TYR E 249 51.27 39.84 -29.34
N PRO E 250 51.84 41.02 -29.60
CA PRO E 250 51.27 42.26 -29.07
C PRO E 250 49.96 42.61 -29.74
N ASP E 251 49.20 43.53 -29.13
CA ASP E 251 47.94 44.09 -29.62
C ASP E 251 46.81 43.06 -29.68
N SER E 252 47.00 41.85 -29.16
CA SER E 252 45.94 40.87 -29.15
C SER E 252 44.84 41.29 -28.16
N ILE E 253 43.62 40.89 -28.48
CA ILE E 253 42.45 41.24 -27.67
C ILE E 253 41.80 39.95 -27.17
N LEU E 254 41.65 39.84 -25.85
CA LEU E 254 41.00 38.70 -25.22
C LEU E 254 40.10 39.23 -24.11
N GLU E 255 39.52 38.30 -23.34
CA GLU E 255 38.69 38.67 -22.20
C GLU E 255 39.37 38.48 -20.86
N HIS E 256 40.35 37.57 -20.76
CA HIS E 256 41.10 37.36 -19.52
C HIS E 256 42.36 36.58 -19.87
N GLN E 257 43.20 36.38 -18.86
CA GLN E 257 44.48 35.73 -19.07
C GLN E 257 44.30 34.26 -19.43
N ILE E 258 45.28 33.73 -20.17
CA ILE E 258 45.19 32.36 -20.64
C ILE E 258 45.42 31.37 -19.50
N GLN E 259 44.60 30.31 -19.48
CA GLN E 259 44.67 29.27 -18.46
C GLN E 259 45.04 27.95 -19.12
N VAL E 260 45.72 27.09 -18.36
CA VAL E 260 46.21 25.82 -18.88
C VAL E 260 45.48 24.67 -18.19
N ARG E 261 45.10 23.67 -18.98
CA ARG E 261 44.35 22.51 -18.49
C ARG E 261 45.12 21.23 -18.82
N PRO E 262 45.80 20.62 -17.86
CA PRO E 262 46.47 19.35 -18.12
C PRO E 262 45.48 18.20 -18.24
N PHE E 263 45.92 17.14 -18.91
CA PHE E 263 45.09 15.97 -19.12
C PHE E 263 45.96 14.79 -19.52
N ASN E 264 45.33 13.61 -19.59
CA ASN E 264 45.98 12.33 -19.83
C ASN E 264 47.07 12.01 -18.81
N ALA E 265 46.80 12.22 -17.52
CA ALA E 265 47.68 11.71 -16.48
C ALA E 265 47.55 10.21 -16.36
N LEU E 266 48.35 9.61 -15.49
CA LEU E 266 48.32 8.17 -15.29
C LEU E 266 46.94 7.73 -14.81
N LYS E 267 46.34 6.80 -15.55
CA LYS E 267 44.97 6.38 -15.30
C LYS E 267 44.93 5.38 -14.15
N THR E 268 44.18 5.71 -13.10
CA THR E 268 43.96 4.76 -12.01
C THR E 268 42.99 3.69 -12.46
N LYS E 269 43.37 2.42 -12.25
CA LYS E 269 42.54 1.30 -12.70
C LYS E 269 41.22 1.25 -11.96
N ASN E 270 41.22 1.53 -10.65
CA ASN E 270 39.99 1.48 -9.87
C ASN E 270 39.99 2.59 -8.84
N MET E 271 38.83 3.22 -8.64
CA MET E 271 38.69 4.25 -7.63
C MET E 271 38.87 3.68 -6.22
N ARG E 272 38.33 2.47 -5.98
CA ARG E 272 38.37 1.86 -4.66
C ARG E 272 39.80 1.47 -4.25
N ASN E 273 40.75 1.51 -5.18
CA ASN E 273 42.14 1.24 -4.86
C ASN E 273 42.87 2.46 -4.29
N LEU E 274 42.23 3.63 -4.28
CA LEU E 274 42.87 4.84 -3.80
C LEU E 274 43.07 4.79 -2.29
N ASN E 275 44.01 5.60 -1.80
CA ASN E 275 44.39 5.67 -0.40
C ASN E 275 44.46 7.13 0.04
N PRO E 276 44.41 7.39 1.35
CA PRO E 276 44.55 8.78 1.81
C PRO E 276 45.86 9.43 1.40
N GLU E 277 46.87 8.64 1.05
CA GLU E 277 48.12 9.19 0.52
C GLU E 277 47.91 9.97 -0.78
N ASP E 278 46.85 9.65 -1.53
CA ASP E 278 46.58 10.28 -2.81
C ASP E 278 45.74 11.54 -2.70
N ILE E 279 45.46 12.02 -1.49
CA ILE E 279 44.64 13.22 -1.31
C ILE E 279 45.36 14.41 -1.93
N ASP E 280 44.59 15.23 -2.65
CA ASP E 280 45.11 16.43 -3.34
C ASP E 280 46.15 16.06 -4.40
N GLN E 281 45.76 15.19 -5.33
CA GLN E 281 46.62 14.79 -6.43
C GLN E 281 45.79 14.72 -7.71
N LEU E 282 46.49 14.76 -8.84
CA LEU E 282 45.85 14.74 -10.15
C LEU E 282 45.46 13.31 -10.52
N ILE E 283 44.18 13.11 -10.84
CA ILE E 283 43.64 11.79 -11.12
C ILE E 283 42.76 11.85 -12.36
N THR E 284 42.82 10.78 -13.17
CA THR E 284 42.02 10.64 -14.37
C THR E 284 41.07 9.46 -14.21
N ILE E 285 39.81 9.66 -14.65
CA ILE E 285 38.74 8.70 -14.49
C ILE E 285 38.03 8.53 -15.84
N SER E 286 37.40 7.37 -16.01
CA SER E 286 36.55 7.09 -17.16
C SER E 286 35.20 6.64 -16.63
N GLY E 287 34.12 7.20 -17.14
CA GLY E 287 32.82 6.88 -16.58
C GLY E 287 31.69 7.39 -17.44
N MET E 288 30.47 7.25 -16.92
CA MET E 288 29.26 7.67 -17.60
C MET E 288 28.44 8.57 -16.68
N VAL E 289 27.91 9.65 -17.24
CA VAL E 289 27.18 10.65 -16.48
C VAL E 289 25.73 10.20 -16.33
N ILE E 290 25.20 10.28 -15.11
CA ILE E 290 23.81 9.92 -14.85
C ILE E 290 23.00 11.04 -14.24
N ARG E 291 23.59 12.00 -13.54
CA ARG E 291 22.86 13.11 -12.95
C ARG E 291 23.67 14.39 -13.07
N THR E 292 22.99 15.48 -13.44
CA THR E 292 23.59 16.81 -13.47
C THR E 292 22.64 17.76 -12.76
N SER E 293 23.15 18.52 -11.80
CA SER E 293 22.32 19.41 -11.02
C SER E 293 22.26 20.80 -11.65
N GLN E 294 21.47 21.68 -11.05
CA GLN E 294 21.32 23.04 -11.54
C GLN E 294 22.52 23.89 -11.12
N LEU E 295 22.62 25.07 -11.73
CA LEU E 295 23.71 26.00 -11.41
C LEU E 295 23.57 26.53 -9.99
N ILE E 296 24.70 26.67 -9.32
CA ILE E 296 24.77 27.17 -7.95
C ILE E 296 25.72 28.35 -7.93
N PRO E 297 25.32 29.50 -7.37
CA PRO E 297 26.24 30.64 -7.29
C PRO E 297 27.13 30.59 -6.06
N GLU E 298 28.41 30.88 -6.23
CA GLU E 298 29.37 30.94 -5.14
C GLU E 298 30.01 32.32 -5.11
N MET E 299 29.99 32.95 -3.94
CA MET E 299 30.48 34.33 -3.82
C MET E 299 32.01 34.37 -3.88
N GLN E 300 32.53 35.40 -4.54
CA GLN E 300 33.97 35.66 -4.58
C GLN E 300 34.34 36.96 -3.91
N GLU E 301 33.59 38.03 -4.16
CA GLU E 301 33.81 39.32 -3.54
C GLU E 301 32.54 39.75 -2.79
N ALA E 302 32.72 40.55 -1.76
CA ALA E 302 31.61 41.02 -0.93
C ALA E 302 31.54 42.54 -0.98
N PHE E 303 30.33 43.06 -1.10
CA PHE E 303 30.06 44.48 -1.16
C PHE E 303 29.45 44.93 0.16
N PHE E 304 30.02 45.97 0.76
CA PHE E 304 29.55 46.48 2.04
C PHE E 304 29.18 47.96 1.90
N GLN E 305 28.09 48.34 2.55
CA GLN E 305 27.61 49.71 2.53
C GLN E 305 27.36 50.20 3.95
N CYS E 306 27.65 51.48 4.20
CA CYS E 306 27.47 52.06 5.51
C CYS E 306 26.03 52.58 5.65
N GLN E 307 25.50 52.50 6.87
CA GLN E 307 24.13 52.94 7.11
C GLN E 307 24.04 54.46 7.15
N VAL E 308 25.04 55.12 7.72
CA VAL E 308 24.97 56.55 7.97
C VAL E 308 25.50 57.33 6.76
N CYS E 309 26.78 57.10 6.42
CA CYS E 309 27.40 57.84 5.32
C CYS E 309 27.24 57.16 3.96
N ALA E 310 26.94 55.85 3.94
CA ALA E 310 26.69 55.11 2.70
C ALA E 310 27.92 55.13 1.78
N HIS E 311 29.04 54.64 2.29
CA HIS E 311 30.24 54.53 1.47
C HIS E 311 30.33 53.13 0.85
N THR E 312 31.01 53.06 -0.29
CA THR E 312 31.13 51.83 -1.06
C THR E 312 32.49 51.19 -0.82
N THR E 313 32.48 49.98 -0.28
CA THR E 313 33.70 49.22 -0.02
C THR E 313 33.55 47.80 -0.57
N ARG E 314 34.68 47.17 -0.86
CA ARG E 314 34.68 45.81 -1.38
C ARG E 314 35.72 44.99 -0.64
N VAL E 315 35.40 43.72 -0.38
CA VAL E 315 36.28 42.81 0.32
C VAL E 315 36.45 41.55 -0.53
N GLU E 316 37.68 41.05 -0.59
CA GLU E 316 38.00 39.86 -1.38
C GLU E 316 38.13 38.67 -0.44
N MET E 317 37.54 37.54 -0.84
CA MET E 317 37.60 36.33 -0.04
C MET E 317 39.03 35.82 0.07
N ASP E 318 39.43 35.44 1.29
CA ASP E 318 40.74 34.87 1.55
C ASP E 318 40.57 33.61 2.40
N ARG E 319 41.17 32.51 1.96
CA ARG E 319 41.12 31.22 2.65
C ARG E 319 39.69 30.71 2.83
N GLY E 320 38.77 31.13 1.96
CA GLY E 320 37.39 30.68 2.04
C GLY E 320 36.54 31.39 3.05
N ARG E 321 37.05 32.42 3.72
CA ARG E 321 36.32 33.16 4.73
C ARG E 321 36.44 34.65 4.46
N ILE E 322 35.34 35.37 4.65
CA ILE E 322 35.30 36.82 4.47
C ILE E 322 35.19 37.46 5.85
N ALA E 323 36.11 38.37 6.15
CA ALA E 323 36.11 39.10 7.41
C ALA E 323 35.48 40.47 7.17
N GLU E 324 34.23 40.63 7.59
CA GLU E 324 33.54 41.89 7.42
C GLU E 324 34.13 42.95 8.34
N PRO E 325 34.38 44.16 7.87
CA PRO E 325 34.92 45.20 8.75
C PRO E 325 33.96 45.52 9.89
N SER E 326 34.53 45.75 11.07
CA SER E 326 33.74 46.12 12.24
C SER E 326 33.67 47.63 12.45
N VAL E 327 34.42 48.40 11.67
CA VAL E 327 34.44 49.86 11.79
C VAL E 327 34.34 50.45 10.38
N CYS E 328 33.83 51.67 10.30
CA CYS E 328 33.67 52.33 9.01
C CYS E 328 35.00 52.90 8.53
N GLY E 329 34.96 53.58 7.39
CA GLY E 329 36.15 54.18 6.81
C GLY E 329 36.05 55.68 6.66
N ARG E 330 34.84 56.22 6.76
CA ARG E 330 34.60 57.64 6.68
C ARG E 330 34.05 58.24 7.96
N CYS E 331 33.03 57.62 8.56
CA CYS E 331 32.47 58.08 9.83
C CYS E 331 32.98 57.29 11.03
N HIS E 332 33.75 56.23 10.82
CA HIS E 332 34.37 55.43 11.87
C HIS E 332 33.35 54.83 12.84
N THR E 333 32.11 54.64 12.40
CA THR E 333 31.10 54.05 13.25
C THR E 333 31.28 52.53 13.33
N THR E 334 31.13 51.99 14.53
CA THR E 334 31.30 50.56 14.77
C THR E 334 30.05 49.81 14.35
N HIS E 335 30.24 48.68 13.67
CA HIS E 335 29.15 47.81 13.23
C HIS E 335 28.15 48.55 12.35
N SER E 336 28.63 49.49 11.55
CA SER E 336 27.77 50.27 10.66
C SER E 336 27.81 49.78 9.22
N MET E 337 28.48 48.67 8.94
CA MET E 337 28.61 48.15 7.58
C MET E 337 27.66 46.97 7.40
N ALA E 338 26.91 46.97 6.29
CA ALA E 338 25.98 45.90 5.97
C ALA E 338 26.34 45.31 4.61
N LEU E 339 26.22 43.98 4.52
CA LEU E 339 26.54 43.28 3.28
C LEU E 339 25.38 43.38 2.31
N ILE E 340 25.69 43.60 1.03
CA ILE E 340 24.71 43.61 -0.05
C ILE E 340 25.05 42.45 -0.97
N HIS E 341 24.11 41.51 -1.11
CA HIS E 341 24.38 40.30 -1.88
C HIS E 341 24.39 40.59 -3.38
N ASN E 342 23.49 41.48 -3.84
CA ASN E 342 23.31 41.68 -5.26
C ASN E 342 24.43 42.49 -5.90
N ARG E 343 25.19 43.24 -5.11
CA ARG E 343 26.33 43.98 -5.65
C ARG E 343 27.61 43.16 -5.62
N SER E 344 27.54 41.92 -5.17
CA SER E 344 28.70 41.06 -5.08
C SER E 344 28.99 40.40 -6.43
N LEU E 345 30.02 39.56 -6.45
CA LEU E 345 30.44 38.81 -7.63
C LEU E 345 30.30 37.33 -7.33
N PHE E 346 29.75 36.57 -8.29
CA PHE E 346 29.46 35.17 -8.10
C PHE E 346 30.01 34.36 -9.28
N SER E 347 30.25 33.08 -9.00
CA SER E 347 30.74 32.14 -10.01
C SER E 347 29.86 30.90 -10.00
N ASP E 348 29.82 30.22 -11.14
CA ASP E 348 28.96 29.06 -11.32
C ASP E 348 29.60 27.81 -10.75
N LYS E 349 28.77 26.94 -10.16
CA LYS E 349 29.18 25.63 -9.69
C LYS E 349 28.12 24.61 -10.03
N GLN E 350 28.54 23.42 -10.46
CA GLN E 350 27.62 22.37 -10.85
C GLN E 350 28.08 21.05 -10.25
N MET E 351 27.11 20.21 -9.89
CA MET E 351 27.37 18.90 -9.32
C MET E 351 26.95 17.82 -10.30
N ILE E 352 27.84 16.88 -10.58
CA ILE E 352 27.59 15.82 -11.55
C ILE E 352 27.87 14.48 -10.88
N LYS E 353 27.21 13.43 -11.37
CA LYS E 353 27.36 12.08 -10.84
C LYS E 353 27.87 11.16 -11.94
N LEU E 354 28.89 10.37 -11.62
CA LEU E 354 29.49 9.41 -12.54
C LEU E 354 29.28 7.99 -12.03
N GLN E 355 29.06 7.07 -12.96
CA GLN E 355 29.02 5.64 -12.67
C GLN E 355 30.28 5.02 -13.27
N GLU E 356 31.07 4.35 -12.43
CA GLU E 356 32.35 3.81 -12.84
C GLU E 356 32.20 2.40 -13.38
N SER E 357 32.96 2.10 -14.43
CA SER E 357 32.95 0.77 -15.05
C SER E 357 34.28 0.55 -15.76
N PRO E 358 35.33 0.17 -15.02
CA PRO E 358 36.62 -0.12 -15.67
C PRO E 358 36.63 -1.45 -16.41
N GLU E 359 35.59 -2.27 -16.25
CA GLU E 359 35.39 -3.51 -17.01
C GLU E 359 36.42 -4.58 -16.65
N ASP E 360 37.30 -4.30 -15.68
CA ASP E 360 38.24 -5.30 -15.17
C ASP E 360 38.10 -5.43 -13.65
N MET E 361 36.84 -5.43 -13.20
CA MET E 361 36.55 -5.49 -11.79
C MET E 361 36.98 -6.83 -11.19
N PRO E 362 37.40 -6.83 -9.93
CA PRO E 362 37.73 -8.10 -9.25
C PRO E 362 36.49 -8.93 -8.97
N ALA E 363 36.67 -10.07 -8.32
CA ALA E 363 35.56 -10.98 -8.05
C ALA E 363 34.69 -10.42 -6.94
N GLY E 364 33.42 -10.19 -7.24
CA GLY E 364 32.45 -9.76 -6.26
C GLY E 364 32.40 -8.27 -5.98
N GLN E 365 32.95 -7.44 -6.86
CA GLN E 365 32.95 -5.99 -6.65
C GLN E 365 31.80 -5.36 -7.41
N THR E 366 31.00 -4.54 -6.72
CA THR E 366 29.87 -3.87 -7.32
C THR E 366 30.31 -2.57 -7.98
N PRO E 367 29.52 -2.03 -8.91
CA PRO E 367 29.85 -0.74 -9.52
C PRO E 367 29.86 0.37 -8.49
N HIS E 368 30.53 1.47 -8.85
CA HIS E 368 30.76 2.58 -7.94
C HIS E 368 30.16 3.87 -8.50
N THR E 369 29.74 4.75 -7.58
CA THR E 369 29.18 6.05 -7.94
C THR E 369 30.07 7.13 -7.34
N VAL E 370 30.45 8.11 -8.18
CA VAL E 370 31.35 9.17 -7.78
C VAL E 370 30.66 10.51 -8.00
N ILE E 371 31.02 11.49 -7.17
CA ILE E 371 30.46 12.84 -7.25
C ILE E 371 31.56 13.80 -7.70
N LEU E 372 31.26 14.59 -8.72
CA LEU E 372 32.19 15.57 -9.27
C LEU E 372 31.60 16.98 -9.16
N PHE E 373 32.48 17.96 -9.05
CA PHE E 373 32.09 19.37 -9.01
C PHE E 373 32.81 20.12 -10.11
N ALA E 374 32.06 20.84 -10.93
CA ALA E 374 32.59 21.62 -12.04
C ALA E 374 32.36 23.10 -11.79
N HIS E 375 33.30 23.92 -12.24
CA HIS E 375 33.27 25.36 -12.01
C HIS E 375 33.45 26.10 -13.33
N ASN E 376 32.92 27.33 -13.37
CA ASN E 376 33.09 28.24 -14.50
C ASN E 376 32.55 27.66 -15.81
N ASP E 377 33.31 27.82 -16.90
CA ASP E 377 32.81 27.46 -18.22
C ASP E 377 32.60 25.96 -18.39
N LEU E 378 33.17 25.14 -17.52
CA LEU E 378 33.00 23.69 -17.63
C LEU E 378 31.58 23.25 -17.31
N VAL E 379 30.74 24.14 -16.79
CA VAL E 379 29.37 23.78 -16.49
C VAL E 379 28.61 23.46 -17.78
N ASP E 380 27.82 22.39 -17.74
CA ASP E 380 26.95 21.98 -18.85
C ASP E 380 27.74 21.61 -20.10
N LYS E 381 28.96 21.12 -19.93
CA LYS E 381 29.72 20.59 -21.04
C LYS E 381 29.48 19.10 -21.29
N VAL E 382 28.72 18.45 -20.41
CA VAL E 382 28.38 17.03 -20.56
C VAL E 382 26.89 16.86 -20.34
N GLN E 383 26.36 15.76 -20.84
CA GLN E 383 24.95 15.42 -20.75
C GLN E 383 24.80 14.02 -20.18
N PRO E 384 23.68 13.71 -19.54
CA PRO E 384 23.47 12.37 -19.01
C PRO E 384 23.53 11.31 -20.11
N GLY E 385 24.14 10.17 -19.78
CA GLY E 385 24.32 9.09 -20.73
C GLY E 385 25.60 9.14 -21.51
N ASP E 386 26.38 10.22 -21.39
CA ASP E 386 27.63 10.33 -22.14
C ASP E 386 28.76 9.61 -21.41
N ARG E 387 29.65 9.00 -22.18
CA ARG E 387 30.83 8.32 -21.66
C ARG E 387 32.03 9.25 -21.81
N VAL E 388 32.59 9.69 -20.69
CA VAL E 388 33.62 10.73 -20.71
C VAL E 388 34.78 10.33 -19.80
N ASN E 389 35.94 10.93 -20.10
CA ASN E 389 37.11 10.84 -19.24
C ASN E 389 37.30 12.18 -18.54
N VAL E 390 37.46 12.13 -17.22
CA VAL E 390 37.51 13.30 -16.36
C VAL E 390 38.89 13.38 -15.72
N THR E 391 39.56 14.50 -15.90
CA THR E 391 40.83 14.77 -15.23
C THR E 391 40.61 15.84 -14.18
N GLY E 392 41.06 15.58 -12.96
CA GLY E 392 40.80 16.54 -11.90
C GLY E 392 41.62 16.26 -10.66
N ILE E 393 41.16 16.82 -9.54
CA ILE E 393 41.86 16.74 -8.27
C ILE E 393 41.01 15.98 -7.27
N TYR E 394 41.68 15.33 -6.32
CA TYR E 394 41.02 14.54 -5.28
C TYR E 394 40.96 15.36 -3.99
N ARG E 395 39.79 15.43 -3.37
CA ARG E 395 39.57 16.26 -2.21
C ARG E 395 38.93 15.46 -1.08
N ALA E 396 39.12 15.94 0.14
CA ALA E 396 38.49 15.38 1.33
C ALA E 396 37.86 16.51 2.13
N VAL E 397 36.58 16.35 2.46
CA VAL E 397 35.82 17.40 3.14
C VAL E 397 35.25 16.86 4.44
N PRO E 398 35.41 17.55 5.56
CA PRO E 398 34.78 17.11 6.81
C PRO E 398 33.26 17.27 6.77
N ILE E 399 32.59 16.46 7.58
CA ILE E 399 31.14 16.47 7.68
C ILE E 399 30.74 16.93 9.07
N ARG E 400 29.86 17.93 9.13
CA ARG E 400 29.35 18.40 10.41
C ARG E 400 28.46 17.35 11.05
N VAL E 401 28.47 17.30 12.38
CA VAL E 401 27.54 16.45 13.10
C VAL E 401 26.11 16.89 12.84
N ASN E 402 25.87 18.20 12.88
CA ASN E 402 24.57 18.77 12.54
C ASN E 402 24.79 20.21 12.10
N PRO E 403 23.87 20.78 11.33
CA PRO E 403 24.10 22.12 10.75
C PRO E 403 24.37 23.21 11.78
N ARG E 404 23.76 23.15 12.97
CA ARG E 404 23.85 24.23 13.93
C ARG E 404 24.87 23.98 15.04
N VAL E 405 25.68 22.94 14.92
CA VAL E 405 26.74 22.64 15.88
C VAL E 405 28.04 22.49 15.13
N SER E 406 29.10 23.17 15.61
CA SER E 406 30.39 23.17 14.96
C SER E 406 31.11 21.84 15.03
N ASN E 407 30.65 20.90 15.85
CA ASN E 407 31.30 19.59 15.94
C ASN E 407 31.18 18.85 14.62
N VAL E 408 32.26 18.17 14.24
CA VAL E 408 32.34 17.46 12.98
C VAL E 408 32.76 16.02 13.24
N LYS E 409 32.41 15.14 12.30
CA LYS E 409 32.77 13.74 12.42
C LYS E 409 34.25 13.54 12.07
N SER E 410 34.86 12.54 12.72
CA SER E 410 36.27 12.25 12.44
C SER E 410 36.45 11.68 11.05
N VAL E 411 35.50 10.90 10.56
CA VAL E 411 35.58 10.33 9.22
C VAL E 411 35.25 11.40 8.19
N TYR E 412 36.15 11.60 7.24
CA TYR E 412 35.97 12.64 6.24
C TYR E 412 35.18 12.11 5.04
N LYS E 413 34.79 13.03 4.17
CA LYS E 413 34.01 12.71 2.98
C LYS E 413 34.85 12.94 1.73
N THR E 414 34.81 11.96 0.83
CA THR E 414 35.54 12.05 -0.42
C THR E 414 34.87 13.06 -1.35
N HIS E 415 35.67 13.69 -2.21
CA HIS E 415 35.18 14.70 -3.12
C HIS E 415 36.21 14.87 -4.24
N ILE E 416 35.71 15.19 -5.43
CA ILE E 416 36.55 15.32 -6.62
C ILE E 416 36.20 16.63 -7.32
N ASP E 417 37.23 17.39 -7.70
CA ASP E 417 37.08 18.62 -8.47
C ASP E 417 37.52 18.33 -9.90
N VAL E 418 36.79 18.88 -10.87
CA VAL E 418 36.99 18.59 -12.28
C VAL E 418 37.73 19.73 -12.95
N ILE E 419 38.75 19.42 -13.73
CA ILE E 419 39.48 20.43 -14.50
C ILE E 419 39.53 20.13 -15.98
N HIS E 420 39.26 18.91 -16.45
CA HIS E 420 39.35 18.63 -17.87
C HIS E 420 38.41 17.48 -18.25
N TYR E 421 37.84 17.56 -19.45
CA TYR E 421 36.96 16.55 -20.00
C TYR E 421 37.51 16.06 -21.32
N ARG E 422 37.37 14.76 -21.58
CA ARG E 422 37.80 14.15 -22.84
C ARG E 422 36.68 13.23 -23.34
N LYS E 423 36.41 13.29 -24.64
CA LYS E 423 35.32 12.53 -25.24
C LYS E 423 35.80 11.41 -26.14
N THR E 424 36.95 11.58 -26.79
CA THR E 424 37.42 10.61 -27.78
C THR E 424 37.74 9.27 -27.13
N ASP E 425 37.39 8.19 -27.82
CA ASP E 425 37.68 6.84 -27.39
C ASP E 425 38.29 6.07 -28.55
N ALA E 426 39.23 5.17 -28.23
CA ALA E 426 39.94 4.43 -29.27
C ALA E 426 39.11 3.30 -29.86
N LYS E 427 38.00 2.93 -29.22
CA LYS E 427 37.20 1.81 -29.68
C LYS E 427 35.81 2.20 -30.18
N ARG E 428 35.22 3.25 -29.61
CA ARG E 428 33.86 3.63 -29.95
C ARG E 428 33.85 4.68 -31.07
N LEU E 429 32.67 4.86 -31.66
CA LEU E 429 32.52 5.81 -32.75
C LEU E 429 32.54 7.24 -32.23
N HIS E 430 32.64 8.18 -33.17
CA HIS E 430 32.65 9.59 -32.81
C HIS E 430 31.27 10.03 -32.31
N GLY E 431 31.26 10.93 -31.32
CA GLY E 431 30.02 11.42 -30.78
C GLY E 431 29.45 12.60 -31.56
N LEU E 432 28.33 13.12 -31.07
CA LEU E 432 27.68 14.25 -31.72
C LEU E 432 28.44 15.55 -31.50
N ASP E 433 29.18 15.66 -30.39
CA ASP E 433 29.94 16.87 -30.12
C ASP E 433 31.02 17.08 -31.17
N GLU E 434 31.72 16.01 -31.55
CA GLU E 434 32.77 16.13 -32.55
C GLU E 434 32.21 16.42 -33.94
N GLU E 435 31.03 15.88 -34.26
CA GLU E 435 30.43 16.05 -35.59
C GLU E 435 30.08 17.49 -35.91
N ALA E 436 30.03 18.37 -34.91
CA ALA E 436 29.72 19.78 -35.13
C ALA E 436 30.99 20.63 -35.24
N GLU E 437 32.10 20.03 -35.65
CA GLU E 437 33.36 20.74 -35.78
C GLU E 437 33.96 20.43 -37.15
N GLN E 438 34.89 21.30 -37.57
CA GLN E 438 35.57 21.13 -38.84
C GLN E 438 37.00 20.61 -38.70
N LYS E 439 37.49 20.46 -37.47
CA LYS E 439 38.87 20.00 -37.26
C LYS E 439 39.00 18.49 -37.30
N LEU E 440 37.90 17.75 -37.46
CA LEU E 440 37.95 16.29 -37.37
C LEU E 440 38.79 15.69 -38.50
N PHE E 441 38.60 16.16 -39.72
CA PHE E 441 39.12 15.48 -40.90
C PHE E 441 40.18 16.34 -41.57
N SER E 442 41.33 15.74 -41.88
CA SER E 442 42.33 16.38 -42.73
C SER E 442 41.94 16.18 -44.19
N GLU E 443 42.45 17.05 -45.07
CA GLU E 443 42.08 16.99 -46.47
C GLU E 443 42.54 15.68 -47.13
N LYS E 444 43.69 15.15 -46.71
CA LYS E 444 44.16 13.89 -47.26
C LYS E 444 43.19 12.75 -46.98
N ARG E 445 42.70 12.67 -45.73
CA ARG E 445 41.76 11.63 -45.38
C ARG E 445 40.43 11.82 -46.10
N VAL E 446 40.02 13.08 -46.29
CA VAL E 446 38.79 13.36 -47.03
C VAL E 446 38.93 12.87 -48.47
N GLU E 447 40.06 13.15 -49.10
CA GLU E 447 40.30 12.69 -50.46
C GLU E 447 40.32 11.17 -50.54
N LEU E 448 40.96 10.52 -49.57
CA LEU E 448 41.02 9.06 -49.55
C LEU E 448 39.62 8.47 -49.43
N LEU E 449 38.80 9.02 -48.53
CA LEU E 449 37.44 8.51 -48.35
C LEU E 449 36.60 8.75 -49.59
N LYS E 450 36.75 9.92 -50.23
CA LYS E 450 35.99 10.20 -51.44
C LYS E 450 36.38 9.25 -52.57
N GLU E 451 37.68 8.95 -52.69
CA GLU E 451 38.12 7.99 -53.70
C GLU E 451 37.59 6.59 -53.39
N LEU E 452 37.58 6.21 -52.12
CA LEU E 452 37.08 4.90 -51.73
C LEU E 452 35.59 4.77 -52.01
N SER E 453 34.83 5.84 -51.80
CA SER E 453 33.38 5.79 -51.98
C SER E 453 33.01 5.54 -53.43
N ARG E 454 33.88 5.90 -54.37
CA ARG E 454 33.55 5.74 -55.78
C ARG E 454 33.53 4.28 -56.20
N LYS E 455 34.28 3.42 -55.51
CA LYS E 455 34.31 2.01 -55.88
C LYS E 455 32.94 1.38 -55.62
N PRO E 456 32.49 0.45 -56.46
CA PRO E 456 31.12 -0.06 -56.32
C PRO E 456 30.94 -1.00 -55.14
N ASP E 457 31.96 -1.80 -54.81
CA ASP E 457 31.83 -2.84 -53.79
C ASP E 457 32.02 -2.33 -52.37
N ILE E 458 32.31 -1.03 -52.20
CA ILE E 458 32.64 -0.50 -50.87
C ILE E 458 31.52 -0.79 -49.88
N TYR E 459 30.26 -0.64 -50.33
CA TYR E 459 29.12 -1.03 -49.51
C TYR E 459 29.32 -2.42 -48.93
N GLU E 460 29.45 -3.43 -49.80
CA GLU E 460 29.71 -4.78 -49.31
C GLU E 460 30.98 -4.82 -48.47
N ARG E 461 32.01 -4.08 -48.87
CA ARG E 461 33.24 -4.03 -48.08
C ARG E 461 32.94 -3.58 -46.67
N LEU E 462 32.09 -2.55 -46.52
CA LEU E 462 31.72 -2.10 -45.18
C LEU E 462 31.02 -3.22 -44.42
N ALA E 463 30.13 -3.95 -45.10
CA ALA E 463 29.45 -5.07 -44.45
C ALA E 463 30.45 -6.15 -44.06
N SER E 464 31.57 -6.24 -44.78
CA SER E 464 32.60 -7.20 -44.41
C SER E 464 33.39 -6.71 -43.20
N ALA E 465 33.48 -5.40 -43.02
CA ALA E 465 34.34 -4.84 -41.97
C ALA E 465 33.59 -4.55 -40.68
N LEU E 466 32.27 -4.75 -40.64
CA LEU E 466 31.51 -4.41 -39.44
C LEU E 466 31.84 -5.35 -38.29
N ALA E 467 31.82 -6.66 -38.53
CA ALA E 467 32.06 -7.65 -37.49
C ALA E 467 32.74 -8.86 -38.10
N PRO E 468 34.07 -8.94 -38.01
CA PRO E 468 34.77 -10.10 -38.58
C PRO E 468 34.73 -11.33 -37.69
N SER E 469 34.24 -11.22 -36.45
CA SER E 469 34.23 -12.33 -35.51
C SER E 469 32.98 -13.19 -35.63
N ILE E 470 32.03 -12.82 -36.47
CA ILE E 470 30.79 -13.57 -36.67
C ILE E 470 30.72 -13.98 -38.13
N TYR E 471 30.51 -15.26 -38.38
CA TYR E 471 30.57 -15.80 -39.73
C TYR E 471 29.36 -15.37 -40.55
N GLU E 472 29.62 -15.04 -41.82
CA GLU E 472 28.61 -14.66 -42.80
C GLU E 472 27.60 -13.66 -42.26
N HIS E 473 26.31 -13.98 -42.36
CA HIS E 473 25.23 -13.08 -41.96
C HIS E 473 25.36 -11.73 -42.66
N GLU E 474 25.52 -11.77 -43.98
CA GLU E 474 25.73 -10.54 -44.75
C GLU E 474 24.53 -9.61 -44.68
N ASP E 475 23.31 -10.17 -44.78
CA ASP E 475 22.12 -9.34 -44.76
C ASP E 475 21.94 -8.63 -43.42
N ILE E 476 22.21 -9.35 -42.33
CA ILE E 476 22.10 -8.74 -41.00
C ILE E 476 23.11 -7.61 -40.84
N LYS E 477 24.34 -7.83 -41.28
CA LYS E 477 25.36 -6.78 -41.20
C LYS E 477 25.00 -5.58 -42.06
N LYS E 478 24.45 -5.83 -43.25
CA LYS E 478 24.01 -4.72 -44.10
C LYS E 478 22.90 -3.93 -43.43
N GLY E 479 21.94 -4.62 -42.82
CA GLY E 479 20.87 -3.92 -42.10
C GLY E 479 21.41 -3.11 -40.92
N ILE E 480 22.36 -3.67 -40.19
CA ILE E 480 22.96 -2.95 -39.08
C ILE E 480 23.69 -1.70 -39.58
N LEU E 481 24.40 -1.82 -40.69
CA LEU E 481 25.10 -0.67 -41.27
C LEU E 481 24.11 0.40 -41.70
N LEU E 482 23.01 -0.01 -42.33
CA LEU E 482 21.98 0.96 -42.74
C LEU E 482 21.36 1.64 -41.53
N GLN E 483 21.14 0.90 -40.44
CA GLN E 483 20.68 1.53 -39.22
C GLN E 483 21.69 2.54 -38.70
N LEU E 484 22.97 2.20 -38.75
CA LEU E 484 24.01 3.11 -38.27
C LEU E 484 24.03 4.39 -39.09
N PHE E 485 23.90 4.28 -40.41
CA PHE E 485 23.88 5.47 -41.26
C PHE E 485 22.63 6.31 -40.98
N GLY E 486 21.47 5.67 -40.91
CA GLY E 486 20.24 6.38 -40.60
C GLY E 486 19.62 7.09 -41.79
N GLY E 487 18.41 7.61 -41.61
CA GLY E 487 17.74 8.34 -42.67
C GLY E 487 17.83 9.84 -42.50
N THR E 488 17.18 10.55 -43.43
CA THR E 488 17.16 12.00 -43.39
C THR E 488 16.20 12.49 -42.31
N ARG E 489 16.66 13.44 -41.48
CA ARG E 489 15.86 13.99 -40.40
C ARG E 489 15.13 15.24 -40.90
N LYS E 490 13.98 15.02 -41.51
CA LYS E 490 13.17 16.11 -42.01
C LYS E 490 12.43 16.80 -40.88
N ASP E 491 12.02 18.05 -41.13
CA ASP E 491 11.30 18.86 -40.17
C ASP E 491 9.88 19.09 -40.67
N PHE E 492 8.89 18.70 -39.86
CA PHE E 492 7.48 18.85 -40.23
C PHE E 492 6.72 19.76 -39.27
N SER E 493 7.39 20.75 -38.68
CA SER E 493 6.72 21.64 -37.74
C SER E 493 5.63 22.46 -38.41
N HIS E 494 5.89 22.97 -39.61
CA HIS E 494 4.91 23.80 -40.30
C HIS E 494 3.68 23.01 -40.72
N THR E 495 3.85 21.72 -41.00
CA THR E 495 2.72 20.90 -41.45
C THR E 495 1.75 20.57 -40.33
N GLY E 496 2.24 20.52 -39.08
CA GLY E 496 1.41 20.12 -37.97
C GLY E 496 1.35 18.63 -37.73
N ARG E 497 1.96 17.82 -38.59
CA ARG E 497 1.99 16.38 -38.39
C ARG E 497 2.80 16.00 -37.16
N GLY E 498 3.81 16.79 -36.82
CA GLY E 498 4.64 16.48 -35.67
C GLY E 498 5.97 15.88 -36.08
N LYS E 499 6.67 15.33 -35.09
CA LYS E 499 7.96 14.71 -35.33
C LYS E 499 7.81 13.45 -36.17
N PHE E 500 8.75 13.27 -37.10
CA PHE E 500 8.78 12.11 -37.99
C PHE E 500 10.02 11.30 -37.67
N ARG E 501 9.82 10.00 -37.44
CA ARG E 501 10.92 9.11 -37.09
C ARG E 501 11.83 8.85 -38.28
N ALA E 502 13.10 9.25 -38.16
CA ALA E 502 14.09 9.07 -39.22
C ALA E 502 15.05 7.93 -38.93
N GLU E 503 14.81 7.15 -37.89
CA GLU E 503 15.68 6.05 -37.49
C GLU E 503 15.02 4.71 -37.79
N ILE E 504 15.83 3.66 -37.75
CA ILE E 504 15.42 2.32 -38.15
C ILE E 504 15.44 1.40 -36.93
N ASN E 505 14.35 0.66 -36.74
CA ASN E 505 14.24 -0.34 -35.70
C ASN E 505 14.28 -1.73 -36.33
N ILE E 506 15.05 -2.63 -35.73
CA ILE E 506 15.29 -3.95 -36.30
C ILE E 506 14.97 -5.02 -35.27
N LEU E 507 14.28 -6.06 -35.72
CA LEU E 507 13.95 -7.21 -34.89
C LEU E 507 14.60 -8.46 -35.48
N LEU E 508 15.14 -9.30 -34.60
CA LEU E 508 15.76 -10.56 -35.01
C LEU E 508 15.09 -11.70 -34.26
N CYS E 509 14.54 -12.66 -35.00
CA CYS E 509 13.87 -13.82 -34.43
C CYS E 509 14.59 -15.09 -34.86
N GLY E 510 14.83 -15.99 -33.91
CA GLY E 510 15.52 -17.23 -34.22
C GLY E 510 15.64 -18.08 -32.98
N ASP E 511 16.25 -19.26 -33.18
CA ASP E 511 16.42 -20.20 -32.09
C ASP E 511 17.43 -19.66 -31.08
N PRO E 512 17.39 -20.13 -29.82
CA PRO E 512 18.39 -19.67 -28.84
C PRO E 512 19.81 -19.98 -29.25
N GLY E 513 20.04 -21.06 -29.99
CA GLY E 513 21.39 -21.39 -30.44
C GLY E 513 21.84 -20.57 -31.63
N THR E 514 21.74 -19.25 -31.52
CA THR E 514 22.12 -18.33 -32.58
C THR E 514 22.98 -17.22 -31.99
N SER E 515 23.70 -16.53 -32.88
CA SER E 515 24.63 -15.48 -32.49
C SER E 515 24.00 -14.08 -32.47
N LYS E 516 22.69 -13.98 -32.29
CA LYS E 516 22.06 -12.67 -32.21
C LYS E 516 22.53 -11.90 -30.98
N SER E 517 22.73 -12.61 -29.86
CA SER E 517 23.22 -11.95 -28.65
C SER E 517 24.63 -11.39 -28.86
N GLN E 518 25.47 -12.10 -29.61
CA GLN E 518 26.80 -11.57 -29.92
C GLN E 518 26.71 -10.29 -30.72
N LEU E 519 25.80 -10.25 -31.71
CA LEU E 519 25.61 -9.02 -32.49
C LEU E 519 25.12 -7.88 -31.61
N LEU E 520 24.17 -8.17 -30.72
CA LEU E 520 23.67 -7.13 -29.82
C LEU E 520 24.78 -6.60 -28.92
N GLN E 521 25.60 -7.49 -28.38
CA GLN E 521 26.70 -7.06 -27.51
C GLN E 521 27.71 -6.23 -28.30
N TYR E 522 28.02 -6.64 -29.52
CA TYR E 522 28.97 -5.88 -30.34
C TYR E 522 28.44 -4.50 -30.66
N VAL E 523 27.14 -4.40 -30.98
CA VAL E 523 26.55 -3.09 -31.26
C VAL E 523 26.56 -2.23 -30.02
N TYR E 524 26.25 -2.81 -28.86
CA TYR E 524 26.27 -2.07 -27.61
C TYR E 524 27.67 -1.55 -27.29
N ASN E 525 28.69 -2.37 -27.51
CA ASN E 525 30.06 -1.96 -27.19
C ASN E 525 30.61 -0.98 -28.22
N LEU E 526 30.13 -1.03 -29.45
CA LEU E 526 30.70 -0.20 -30.51
C LEU E 526 30.11 1.20 -30.52
N VAL E 527 28.79 1.31 -30.38
CA VAL E 527 28.09 2.57 -30.57
C VAL E 527 28.01 3.34 -29.25
N PRO E 528 28.47 4.58 -29.21
CA PRO E 528 28.30 5.38 -27.98
C PRO E 528 26.84 5.71 -27.73
N ARG E 529 26.53 6.01 -26.47
CA ARG E 529 25.16 6.25 -26.02
C ARG E 529 24.27 5.02 -26.31
N GLY E 530 24.78 3.85 -25.99
CA GLY E 530 24.08 2.60 -26.18
C GLY E 530 23.62 2.02 -24.85
N GLN E 531 22.45 1.40 -24.85
CA GLN E 531 21.88 0.81 -23.65
C GLN E 531 21.44 -0.61 -23.93
N TYR E 532 21.43 -1.44 -22.89
CA TYR E 532 21.13 -2.85 -23.00
C TYR E 532 20.13 -3.26 -21.92
N THR E 533 19.10 -4.00 -22.33
CA THR E 533 18.11 -4.54 -21.41
C THR E 533 17.85 -6.00 -21.77
N SER E 534 17.43 -6.78 -20.78
CA SER E 534 17.26 -8.22 -20.96
C SER E 534 16.00 -8.70 -20.26
N GLY E 535 14.96 -8.98 -21.04
CA GLY E 535 13.78 -9.67 -20.52
C GLY E 535 13.08 -8.92 -19.42
N LYS E 536 12.72 -9.66 -18.36
CA LYS E 536 11.93 -9.10 -17.27
C LYS E 536 12.77 -8.32 -16.27
N GLY E 537 14.09 -8.23 -16.46
CA GLY E 537 14.92 -7.47 -15.56
C GLY E 537 14.62 -6.00 -15.51
N SER E 538 13.92 -5.48 -16.52
CA SER E 538 13.54 -4.08 -16.58
C SER E 538 12.03 -3.95 -16.44
N SER E 539 11.59 -2.92 -15.72
CA SER E 539 10.19 -2.64 -15.48
C SER E 539 9.74 -1.47 -16.34
N ALA E 540 8.41 -1.27 -16.37
CA ALA E 540 7.85 -0.14 -17.11
C ALA E 540 8.30 1.18 -16.51
N VAL E 541 8.34 1.26 -15.17
CA VAL E 541 8.80 2.45 -14.48
C VAL E 541 10.31 2.60 -14.54
N GLY E 542 11.04 1.49 -14.70
CA GLY E 542 12.49 1.58 -14.85
C GLY E 542 12.89 2.38 -16.08
N LEU E 543 12.19 2.18 -17.19
CA LEU E 543 12.38 3.02 -18.36
C LEU E 543 11.72 4.38 -18.14
N THR E 544 11.83 5.24 -19.16
CA THR E 544 11.28 6.59 -19.12
C THR E 544 11.87 7.37 -17.94
N ALA E 545 11.06 7.61 -16.92
CA ALA E 545 11.51 8.34 -15.75
C ALA E 545 10.69 7.92 -14.53
N TYR E 546 11.26 8.15 -13.35
CA TYR E 546 10.60 7.85 -12.10
C TYR E 546 10.84 8.98 -11.10
N VAL E 547 9.96 9.07 -10.12
CA VAL E 547 9.98 10.18 -9.17
C VAL E 547 10.98 9.88 -8.05
N MET E 548 11.84 10.84 -7.77
CA MET E 548 12.82 10.75 -6.68
C MET E 548 13.09 12.16 -6.17
N LYS E 549 13.23 12.31 -4.85
CA LYS E 549 13.48 13.62 -4.30
C LYS E 549 14.93 14.04 -4.55
N ASP E 550 15.17 15.34 -4.59
CA ASP E 550 16.51 15.91 -4.58
C ASP E 550 17.20 15.46 -3.31
N PRO E 551 18.52 15.19 -3.35
CA PRO E 551 19.20 14.66 -2.16
C PRO E 551 19.15 15.58 -0.95
N GLU E 552 18.84 16.86 -1.12
CA GLU E 552 18.81 17.79 0.01
C GLU E 552 17.40 18.26 0.33
N THR E 553 16.72 18.88 -0.64
CA THR E 553 15.40 19.44 -0.40
C THR E 553 14.34 18.75 -1.25
N ARG E 554 13.08 19.14 -1.08
CA ARG E 554 11.97 18.57 -1.82
C ARG E 554 11.76 19.29 -3.15
N GLN E 555 12.64 18.98 -4.10
CA GLN E 555 12.55 19.58 -5.43
C GLN E 555 11.72 18.74 -6.41
N LEU E 556 11.31 17.53 -6.01
CA LEU E 556 10.55 16.63 -6.87
C LEU E 556 11.28 16.40 -8.20
N VAL E 557 12.51 15.87 -8.10
CA VAL E 557 13.39 15.75 -9.26
C VAL E 557 13.12 14.48 -10.03
N LEU E 558 12.52 14.61 -11.21
CA LEU E 558 12.36 13.47 -12.10
C LEU E 558 13.74 12.95 -12.52
N GLN E 559 13.89 11.64 -12.58
CA GLN E 559 15.15 11.01 -12.89
C GLN E 559 15.00 10.14 -14.15
N THR E 560 15.93 10.32 -15.08
CA THR E 560 15.83 9.67 -16.37
C THR E 560 16.02 8.16 -16.25
N GLY E 561 15.54 7.44 -17.28
CA GLY E 561 15.65 6.00 -17.33
C GLY E 561 16.50 5.54 -18.51
N ALA E 562 16.42 4.24 -18.77
CA ALA E 562 17.24 3.64 -19.82
C ALA E 562 16.88 4.20 -21.20
N LEU E 563 15.58 4.34 -21.48
CA LEU E 563 15.17 4.82 -22.80
C LEU E 563 15.57 6.27 -23.01
N VAL E 564 15.45 7.10 -21.97
CA VAL E 564 15.81 8.51 -22.10
C VAL E 564 17.32 8.66 -22.28
N LEU E 565 18.10 7.87 -21.55
CA LEU E 565 19.55 7.88 -21.71
C LEU E 565 19.98 7.38 -23.08
N SER E 566 19.08 6.70 -23.81
CA SER E 566 19.36 6.21 -25.14
C SER E 566 19.03 7.21 -26.24
N ASP E 567 18.66 8.44 -25.87
CA ASP E 567 18.34 9.47 -26.84
C ASP E 567 19.52 9.69 -27.78
N ASN E 568 19.23 9.74 -29.08
CA ASN E 568 20.26 9.85 -30.13
C ASN E 568 21.25 8.71 -30.06
N GLY E 569 20.79 7.53 -29.62
CA GLY E 569 21.65 6.37 -29.50
C GLY E 569 20.96 5.08 -29.93
N ILE E 570 21.36 3.95 -29.34
CA ILE E 570 20.82 2.65 -29.69
C ILE E 570 20.45 1.91 -28.42
N CYS E 571 19.24 1.35 -28.40
CA CYS E 571 18.77 0.53 -27.29
C CYS E 571 18.60 -0.90 -27.78
N CYS E 572 19.25 -1.83 -27.10
CA CYS E 572 19.16 -3.25 -27.43
C CYS E 572 18.35 -3.96 -26.35
N ILE E 573 17.43 -4.82 -26.79
CA ILE E 573 16.57 -5.60 -25.89
C ILE E 573 16.74 -7.06 -26.24
N ASP E 574 17.05 -7.88 -25.24
CA ASP E 574 17.16 -9.32 -25.36
C ASP E 574 16.01 -9.97 -24.61
N GLU E 575 15.60 -11.14 -25.10
CA GLU E 575 14.43 -11.86 -24.57
C GLU E 575 13.20 -10.96 -24.58
N PHE E 576 12.87 -10.46 -25.78
CA PHE E 576 11.74 -9.55 -25.93
C PHE E 576 10.41 -10.23 -25.63
N ASP E 577 10.38 -11.56 -25.67
CA ASP E 577 9.14 -12.28 -25.39
C ASP E 577 8.69 -12.09 -23.95
N LYS E 578 9.65 -12.11 -23.00
CA LYS E 578 9.29 -12.12 -21.59
C LYS E 578 8.77 -10.76 -21.13
N MET E 579 8.96 -9.71 -21.92
CA MET E 579 8.49 -8.39 -21.53
C MET E 579 6.97 -8.35 -21.42
N ASN E 580 6.48 -7.75 -20.34
CA ASN E 580 5.05 -7.70 -20.10
C ASN E 580 4.38 -6.63 -20.98
N GLU E 581 3.05 -6.66 -21.00
CA GLU E 581 2.29 -5.71 -21.79
C GLU E 581 2.46 -4.28 -21.27
N SER E 582 2.61 -4.13 -19.96
CA SER E 582 2.81 -2.80 -19.38
C SER E 582 4.10 -2.17 -19.89
N THR E 583 5.17 -2.96 -19.99
CA THR E 583 6.42 -2.45 -20.53
C THR E 583 6.30 -2.15 -22.02
N ARG E 584 5.55 -2.98 -22.75
CA ARG E 584 5.39 -2.77 -24.19
C ARG E 584 4.52 -1.55 -24.48
N SER E 585 3.71 -1.14 -23.49
CA SER E 585 2.90 0.07 -23.66
C SER E 585 3.79 1.29 -23.86
N VAL E 586 4.89 1.37 -23.12
CA VAL E 586 5.85 2.46 -23.31
C VAL E 586 6.46 2.40 -24.70
N LEU E 587 6.89 1.21 -25.12
CA LEU E 587 7.51 1.07 -26.43
C LEU E 587 6.56 1.44 -27.56
N HIS E 588 5.25 1.21 -27.36
CA HIS E 588 4.27 1.57 -28.38
C HIS E 588 4.37 3.06 -28.72
N GLU E 589 4.45 3.91 -27.70
CA GLU E 589 4.58 5.35 -27.95
C GLU E 589 6.00 5.72 -28.37
N VAL E 590 7.00 5.07 -27.78
CA VAL E 590 8.39 5.45 -28.02
C VAL E 590 8.78 5.19 -29.47
N MET E 591 8.39 4.03 -30.01
CA MET E 591 8.87 3.62 -31.31
C MET E 591 8.32 4.50 -32.44
N GLU E 592 7.24 5.23 -32.19
CA GLU E 592 6.60 6.03 -33.22
C GLU E 592 6.72 7.53 -32.94
N GLN E 593 6.26 7.99 -31.77
CA GLN E 593 6.20 9.42 -31.52
C GLN E 593 7.56 10.02 -31.18
N GLN E 594 8.55 9.20 -30.84
CA GLN E 594 9.88 9.65 -30.42
C GLN E 594 9.82 10.56 -29.21
N THR E 595 8.68 10.62 -28.52
CA THR E 595 8.51 11.47 -27.35
C THR E 595 7.79 10.68 -26.27
N LEU E 596 8.04 11.08 -25.03
CA LEU E 596 7.42 10.47 -23.86
C LEU E 596 6.66 11.53 -23.07
N SER E 597 5.41 11.23 -22.74
CA SER E 597 4.57 12.15 -21.99
C SER E 597 4.40 11.61 -20.58
N ILE E 598 4.78 12.42 -19.58
CA ILE E 598 4.71 12.02 -18.18
C ILE E 598 3.75 12.95 -17.46
N ALA E 599 2.77 12.36 -16.77
CA ALA E 599 1.78 13.13 -16.03
C ALA E 599 1.51 12.41 -14.72
N LYS E 600 2.24 12.81 -13.67
CA LYS E 600 2.04 12.28 -12.33
C LYS E 600 1.88 13.46 -11.37
N ALA E 601 1.84 13.15 -10.08
CA ALA E 601 1.55 14.14 -9.05
C ALA E 601 2.54 15.30 -9.10
N GLY E 602 2.06 16.48 -9.51
CA GLY E 602 2.90 17.66 -9.57
C GLY E 602 3.87 17.70 -10.72
N ILE E 603 3.80 16.74 -11.64
CA ILE E 603 4.73 16.66 -12.76
C ILE E 603 3.93 16.45 -14.04
N ILE E 604 4.08 17.38 -14.99
CA ILE E 604 3.52 17.22 -16.33
C ILE E 604 4.56 17.70 -17.33
N CYS E 605 5.08 16.78 -18.15
CA CYS E 605 6.19 17.12 -19.01
C CYS E 605 6.25 16.19 -20.21
N GLN E 606 7.03 16.59 -21.20
CA GLN E 606 7.32 15.78 -22.38
C GLN E 606 8.83 15.72 -22.57
N LEU E 607 9.33 14.53 -22.89
CA LEU E 607 10.76 14.29 -23.06
C LEU E 607 11.02 13.70 -24.43
N ASN E 608 12.23 13.95 -24.95
CA ASN E 608 12.64 13.45 -26.25
C ASN E 608 13.18 12.04 -26.10
N ALA E 609 12.75 11.15 -27.00
CA ALA E 609 13.14 9.73 -26.96
C ALA E 609 13.53 9.27 -28.35
N ARG E 610 14.40 10.05 -29.01
CA ARG E 610 14.90 9.68 -30.35
C ARG E 610 15.90 8.52 -30.21
N THR E 611 15.34 7.32 -30.18
CA THR E 611 16.11 6.10 -29.96
C THR E 611 15.77 5.05 -31.02
N SER E 612 16.80 4.37 -31.52
CA SER E 612 16.65 3.24 -32.43
C SER E 612 16.82 1.94 -31.66
N VAL E 613 15.95 0.97 -31.95
CA VAL E 613 15.82 -0.23 -31.13
C VAL E 613 16.24 -1.45 -31.93
N LEU E 614 17.08 -2.28 -31.30
CA LEU E 614 17.42 -3.62 -31.77
C LEU E 614 16.82 -4.63 -30.80
N ALA E 615 15.85 -5.41 -31.27
CA ALA E 615 15.14 -6.36 -30.43
C ALA E 615 15.47 -7.79 -30.85
N ALA E 616 15.55 -8.67 -29.85
CA ALA E 616 15.79 -10.09 -30.09
C ALA E 616 14.64 -10.90 -29.51
N ALA E 617 14.17 -11.88 -30.27
CA ALA E 617 13.01 -12.67 -29.87
C ALA E 617 13.26 -14.14 -30.18
N ASN E 618 12.40 -14.99 -29.62
CA ASN E 618 12.49 -16.44 -29.76
C ASN E 618 11.12 -17.03 -30.09
N PRO E 619 11.07 -18.22 -30.70
CA PRO E 619 9.79 -18.89 -30.92
C PRO E 619 9.16 -19.35 -29.62
N ILE E 620 7.97 -19.95 -29.76
CA ILE E 620 7.20 -20.39 -28.60
C ILE E 620 7.97 -21.44 -27.81
N GLU E 621 8.29 -22.56 -28.45
CA GLU E 621 8.92 -23.70 -27.81
C GLU E 621 10.45 -23.66 -27.92
N SER E 622 11.02 -22.48 -28.16
CA SER E 622 12.44 -22.30 -28.46
C SER E 622 12.87 -23.01 -29.75
N GLN E 623 11.91 -23.49 -30.54
CA GLN E 623 12.18 -24.15 -31.80
C GLN E 623 11.21 -23.61 -32.84
N TRP E 624 11.65 -23.57 -34.09
CA TRP E 624 10.80 -23.11 -35.19
C TRP E 624 10.05 -24.32 -35.74
N ASN E 625 8.80 -24.49 -35.33
CA ASN E 625 7.99 -25.61 -35.78
C ASN E 625 7.56 -25.37 -37.23
N PRO E 626 7.95 -26.25 -38.15
CA PRO E 626 7.54 -26.05 -39.56
C PRO E 626 6.05 -26.18 -39.79
N LYS E 627 5.33 -26.90 -38.92
CA LYS E 627 3.89 -27.06 -39.12
C LYS E 627 3.11 -25.79 -38.82
N LYS E 628 3.62 -24.96 -37.91
CA LYS E 628 2.96 -23.72 -37.55
C LYS E 628 3.44 -22.57 -38.43
N THR E 629 2.59 -21.58 -38.59
CA THR E 629 2.90 -20.44 -39.44
C THR E 629 3.86 -19.48 -38.73
N THR E 630 4.34 -18.49 -39.47
CA THR E 630 5.26 -17.52 -38.92
C THR E 630 4.61 -16.69 -37.83
N ILE E 631 3.37 -16.24 -38.06
CA ILE E 631 2.67 -15.44 -37.07
C ILE E 631 2.44 -16.24 -35.80
N GLU E 632 2.03 -17.51 -35.96
CA GLU E 632 1.82 -18.37 -34.80
C GLU E 632 3.12 -18.57 -34.03
N ASN E 633 4.23 -18.81 -34.75
CA ASN E 633 5.50 -19.03 -34.09
C ASN E 633 5.96 -17.78 -33.32
N ILE E 634 5.78 -16.61 -33.92
CA ILE E 634 6.28 -15.38 -33.29
C ILE E 634 5.44 -15.03 -32.07
N GLN E 635 4.12 -15.05 -32.20
CA GLN E 635 3.18 -14.57 -31.17
C GLN E 635 3.55 -13.17 -30.70
N LEU E 636 3.45 -12.21 -31.61
CA LEU E 636 3.53 -10.80 -31.27
C LEU E 636 2.39 -10.06 -31.94
N PRO E 637 1.85 -9.02 -31.29
CA PRO E 637 0.73 -8.28 -31.88
C PRO E 637 1.13 -7.59 -33.18
N HIS E 638 0.16 -7.45 -34.08
CA HIS E 638 0.41 -6.84 -35.37
C HIS E 638 0.86 -5.39 -35.24
N THR E 639 0.31 -4.66 -34.26
CA THR E 639 0.71 -3.27 -34.06
C THR E 639 2.18 -3.17 -33.69
N LEU E 640 2.64 -4.06 -32.80
CA LEU E 640 4.05 -4.04 -32.39
C LEU E 640 4.97 -4.42 -33.53
N LEU E 641 4.55 -5.40 -34.34
CA LEU E 641 5.40 -5.86 -35.44
C LEU E 641 5.44 -4.85 -36.57
N SER E 642 4.38 -4.07 -36.75
CA SER E 642 4.31 -3.11 -37.84
C SER E 642 5.32 -1.98 -37.69
N ARG E 643 5.76 -1.69 -36.46
CA ARG E 643 6.68 -0.58 -36.24
C ARG E 643 8.13 -0.96 -36.52
N PHE E 644 8.43 -2.23 -36.74
CA PHE E 644 9.79 -2.65 -37.06
C PHE E 644 10.04 -2.56 -38.56
N ASP E 645 11.09 -1.82 -38.93
CA ASP E 645 11.42 -1.68 -40.34
C ASP E 645 11.87 -3.01 -40.94
N LEU E 646 12.76 -3.71 -40.25
CA LEU E 646 13.31 -4.98 -40.73
C LEU E 646 13.13 -6.05 -39.68
N ILE E 647 12.63 -7.21 -40.10
CA ILE E 647 12.51 -8.39 -39.26
C ILE E 647 13.31 -9.50 -39.93
N PHE E 648 14.29 -10.03 -39.20
CA PHE E 648 15.21 -11.03 -39.73
C PHE E 648 14.90 -12.37 -39.07
N LEU E 649 14.43 -13.33 -39.87
CA LEU E 649 14.15 -14.68 -39.39
C LEU E 649 15.38 -15.54 -39.64
N MET E 650 15.98 -16.05 -38.56
CA MET E 650 17.19 -16.87 -38.65
C MET E 650 16.79 -18.33 -38.51
N LEU E 651 17.11 -19.12 -39.53
CA LEU E 651 16.78 -20.54 -39.58
C LEU E 651 18.04 -21.35 -39.88
N ASP E 652 17.94 -22.66 -39.64
CA ASP E 652 19.05 -23.57 -39.83
C ASP E 652 18.82 -24.44 -41.04
N PRO E 653 19.56 -24.26 -42.15
CA PRO E 653 19.32 -25.06 -43.35
C PRO E 653 20.01 -26.41 -43.30
N GLN E 654 20.91 -26.59 -42.33
CA GLN E 654 21.65 -27.85 -42.16
C GLN E 654 22.45 -28.22 -43.41
N ASP E 655 23.23 -27.28 -43.94
CA ASP E 655 24.07 -27.55 -45.09
C ASP E 655 25.43 -28.06 -44.61
N GLU E 656 25.93 -29.10 -45.29
CA GLU E 656 27.22 -29.68 -44.89
C GLU E 656 28.36 -28.68 -45.05
N ALA E 657 28.35 -27.93 -46.15
CA ALA E 657 29.38 -26.91 -46.35
C ALA E 657 29.31 -25.84 -45.28
N TYR E 658 28.10 -25.41 -44.91
CA TYR E 658 27.94 -24.43 -43.86
C TYR E 658 28.48 -24.94 -42.53
N ASP E 659 28.18 -26.21 -42.21
CA ASP E 659 28.68 -26.79 -40.96
C ASP E 659 30.20 -26.87 -40.97
N ARG E 660 30.79 -27.28 -42.10
CA ARG E 660 32.24 -27.37 -42.19
C ARG E 660 32.88 -26.00 -42.03
N ARG E 661 32.32 -24.99 -42.69
CA ARG E 661 32.87 -23.64 -42.59
C ARG E 661 32.75 -23.11 -41.17
N LEU E 662 31.60 -23.33 -40.52
CA LEU E 662 31.43 -22.88 -39.15
C LEU E 662 32.42 -23.55 -38.21
N ALA E 663 32.60 -24.87 -38.35
CA ALA E 663 33.54 -25.59 -37.50
C ALA E 663 34.96 -25.10 -37.72
N HIS E 664 35.35 -24.89 -38.98
CA HIS E 664 36.70 -24.41 -39.27
C HIS E 664 36.92 -23.03 -38.67
N HIS E 665 35.94 -22.13 -38.83
CA HIS E 665 36.07 -20.79 -38.28
C HIS E 665 36.16 -20.82 -36.76
N LEU E 666 35.31 -21.63 -36.12
CA LEU E 666 35.30 -21.70 -34.66
C LEU E 666 36.61 -22.24 -34.13
N VAL E 667 37.17 -23.27 -34.78
CA VAL E 667 38.44 -23.82 -34.32
C VAL E 667 39.58 -22.83 -34.58
N ALA E 668 39.56 -22.16 -35.74
CA ALA E 668 40.59 -21.18 -36.05
C ALA E 668 40.53 -19.97 -35.13
N LEU E 669 39.37 -19.69 -34.52
CA LEU E 669 39.29 -18.63 -33.52
C LEU E 669 40.23 -18.86 -32.35
N TYR E 670 40.54 -20.11 -32.03
CA TYR E 670 41.47 -20.40 -30.94
C TYR E 670 42.89 -19.97 -31.32
N TYR E 671 43.29 -20.18 -32.57
CA TYR E 671 44.62 -19.81 -33.02
C TYR E 671 44.55 -18.79 -34.15
N LEU E 682 39.26 -3.80 -43.11
CA LEU E 682 39.50 -2.37 -43.19
C LEU E 682 39.91 -1.80 -41.84
N ASP E 683 40.62 -0.67 -41.86
CA ASP E 683 41.06 -0.02 -40.64
C ASP E 683 39.86 0.55 -39.88
N MET E 684 39.84 0.36 -38.56
CA MET E 684 38.72 0.83 -37.75
C MET E 684 38.64 2.36 -37.77
N ALA E 685 39.78 3.03 -37.71
CA ALA E 685 39.79 4.49 -37.75
C ALA E 685 39.23 5.01 -39.08
N VAL E 686 39.58 4.34 -40.18
CA VAL E 686 39.07 4.72 -41.49
C VAL E 686 37.55 4.58 -41.52
N LEU E 687 37.04 3.47 -40.98
CA LEU E 687 35.59 3.25 -40.92
C LEU E 687 34.91 4.33 -40.09
N LYS E 688 35.51 4.66 -38.94
CA LYS E 688 34.94 5.71 -38.07
C LYS E 688 34.88 7.05 -38.80
N ASP E 689 35.99 7.42 -39.46
CA ASP E 689 36.02 8.68 -40.17
C ASP E 689 35.01 8.70 -41.31
N TYR E 690 34.90 7.60 -42.06
CA TYR E 690 33.94 7.55 -43.16
C TYR E 690 32.52 7.69 -42.65
N ILE E 691 32.18 6.97 -41.57
CA ILE E 691 30.83 7.03 -41.02
C ILE E 691 30.52 8.44 -40.53
N ALA E 692 31.46 9.06 -39.80
CA ALA E 692 31.22 10.40 -39.28
C ALA E 692 31.06 11.41 -40.42
N TYR E 693 31.92 11.33 -41.43
CA TYR E 693 31.84 12.27 -42.55
C TYR E 693 30.54 12.10 -43.32
N ALA E 694 30.11 10.85 -43.55
CA ALA E 694 28.86 10.62 -44.24
C ALA E 694 27.67 11.11 -43.42
N HIS E 695 27.71 10.91 -42.10
CA HIS E 695 26.58 11.25 -41.26
C HIS E 695 26.48 12.75 -40.99
N SER E 696 27.58 13.49 -41.06
CA SER E 696 27.59 14.90 -40.67
C SER E 696 27.71 15.85 -41.85
N THR E 697 27.54 15.39 -43.08
CA THR E 697 27.73 16.25 -44.24
C THR E 697 26.59 16.23 -45.26
N ILE E 698 25.91 15.09 -45.44
CA ILE E 698 25.03 14.89 -46.58
C ILE E 698 23.60 14.69 -46.10
N MET E 699 22.66 15.42 -46.71
CA MET E 699 21.23 15.27 -46.48
C MET E 699 20.59 14.80 -47.77
N PRO E 700 20.30 13.50 -47.91
CA PRO E 700 19.79 12.99 -49.18
C PRO E 700 18.39 13.51 -49.51
N ARG E 701 18.09 13.56 -50.80
CA ARG E 701 16.77 13.90 -51.31
C ARG E 701 16.41 12.94 -52.44
N LEU E 702 15.11 12.70 -52.61
CA LEU E 702 14.62 11.72 -53.56
C LEU E 702 13.92 12.41 -54.74
N SER E 703 13.93 11.73 -55.89
CA SER E 703 13.40 12.28 -57.12
C SER E 703 12.12 11.57 -57.53
N GLU E 704 11.61 11.93 -58.72
CA GLU E 704 10.35 11.39 -59.21
C GLU E 704 10.46 9.90 -59.52
N GLU E 705 11.60 9.47 -60.07
CA GLU E 705 11.78 8.06 -60.38
C GLU E 705 11.70 7.22 -59.12
N ALA E 706 12.35 7.68 -58.05
CA ALA E 706 12.25 6.98 -56.77
C ALA E 706 10.82 7.01 -56.26
N SER E 707 10.09 8.10 -56.52
CA SER E 707 8.69 8.18 -56.11
C SER E 707 7.85 7.09 -56.76
N GLN E 708 7.95 6.97 -58.09
CA GLN E 708 7.18 5.96 -58.80
C GLN E 708 7.62 4.55 -58.39
N ALA E 709 8.93 4.35 -58.21
CA ALA E 709 9.41 3.05 -57.76
C ALA E 709 8.86 2.69 -56.40
N LEU E 710 8.81 3.67 -55.48
CA LEU E 710 8.28 3.40 -54.15
C LEU E 710 6.79 3.10 -54.20
N ILE E 711 6.04 3.81 -55.05
CA ILE E 711 4.61 3.54 -55.17
C ILE E 711 4.37 2.12 -55.68
N GLU E 712 5.12 1.73 -56.72
CA GLU E 712 4.98 0.39 -57.27
C GLU E 712 5.40 -0.66 -56.24
N ALA E 713 6.47 -0.41 -55.49
CA ALA E 713 6.89 -1.34 -54.46
C ALA E 713 5.83 -1.48 -53.38
N TYR E 714 5.19 -0.37 -53.00
CA TYR E 714 4.15 -0.41 -51.97
C TYR E 714 2.96 -1.24 -52.43
N VAL E 715 2.51 -1.02 -53.68
CA VAL E 715 1.34 -1.76 -54.15
C VAL E 715 1.69 -3.24 -54.31
N ASP E 716 2.90 -3.55 -54.76
CA ASP E 716 3.32 -4.94 -54.88
C ASP E 716 3.40 -5.60 -53.51
N MET E 717 3.92 -4.88 -52.50
CA MET E 717 3.99 -5.42 -51.15
C MET E 717 2.61 -5.69 -50.60
N ARG E 718 1.67 -4.78 -50.83
CA ARG E 718 0.30 -5.00 -50.36
C ARG E 718 -0.32 -6.22 -51.05
N LYS E 719 -0.11 -6.36 -52.35
CA LYS E 719 -0.64 -7.52 -53.06
C LYS E 719 -0.03 -8.82 -52.53
N ILE E 720 1.28 -8.80 -52.25
CA ILE E 720 1.95 -10.00 -51.74
C ILE E 720 1.43 -10.35 -50.35
N GLY E 721 1.30 -9.36 -49.48
CA GLY E 721 0.88 -9.56 -48.11
C GLY E 721 -0.61 -9.69 -47.89
N SER E 722 -1.42 -9.53 -48.94
CA SER E 722 -2.86 -9.70 -48.79
C SER E 722 -3.21 -11.12 -48.35
N SER E 723 -2.42 -12.11 -48.75
CA SER E 723 -2.70 -13.49 -48.41
C SER E 723 -2.55 -13.72 -46.91
N ARG E 724 -3.42 -14.55 -46.35
CA ARG E 724 -3.36 -14.87 -44.94
C ARG E 724 -2.19 -15.80 -44.64
N GLY E 725 -1.78 -15.83 -43.37
CA GLY E 725 -0.69 -16.64 -42.90
C GLY E 725 0.63 -15.91 -42.81
N MET E 726 0.89 -14.98 -43.72
CA MET E 726 2.09 -14.18 -43.71
C MET E 726 1.84 -12.86 -43.01
N VAL E 727 2.93 -12.15 -42.72
CA VAL E 727 2.81 -10.83 -42.09
C VAL E 727 2.24 -9.85 -43.08
N SER E 728 1.11 -9.25 -42.73
CA SER E 728 0.43 -8.33 -43.63
C SER E 728 1.20 -7.02 -43.76
N ALA E 729 0.86 -6.25 -44.78
CA ALA E 729 1.50 -4.97 -45.06
C ALA E 729 0.56 -3.82 -44.71
N TYR E 730 1.17 -2.71 -44.32
CA TYR E 730 0.44 -1.51 -43.93
C TYR E 730 1.10 -0.29 -44.55
N PRO E 731 0.41 0.84 -44.66
CA PRO E 731 1.05 2.04 -45.23
C PRO E 731 2.31 2.47 -44.50
N ARG E 732 2.36 2.24 -43.18
CA ARG E 732 3.57 2.57 -42.42
C ARG E 732 4.81 1.92 -43.01
N GLN E 733 4.68 0.66 -43.45
CA GLN E 733 5.81 -0.04 -44.05
C GLN E 733 6.42 0.76 -45.20
N LEU E 734 5.56 1.42 -45.99
CA LEU E 734 6.05 2.25 -47.08
C LEU E 734 7.08 3.26 -46.58
N GLU E 735 6.76 3.96 -45.49
CA GLU E 735 7.69 4.94 -44.93
C GLU E 735 9.04 4.28 -44.65
N SER E 736 9.02 3.07 -44.08
CA SER E 736 10.23 2.34 -43.79
C SER E 736 11.12 2.25 -45.04
N LEU E 737 10.52 1.86 -46.16
CA LEU E 737 11.27 1.76 -47.40
C LEU E 737 12.03 3.05 -47.68
N ILE E 738 11.33 4.19 -47.58
CA ILE E 738 11.96 5.48 -47.85
C ILE E 738 13.20 5.63 -46.99
N ARG E 739 13.06 5.36 -45.68
CA ARG E 739 14.19 5.47 -44.78
C ARG E 739 15.35 4.62 -45.27
N LEU E 740 15.07 3.36 -45.61
CA LEU E 740 16.13 2.49 -46.10
C LEU E 740 16.80 3.10 -47.32
N ALA E 741 16.00 3.62 -48.26
CA ALA E 741 16.57 4.24 -49.45
C ALA E 741 17.52 5.36 -49.05
N GLU E 742 17.08 6.21 -48.12
CA GLU E 742 17.92 7.31 -47.68
C GLU E 742 19.23 6.79 -47.11
N ALA E 743 19.17 5.69 -46.36
CA ALA E 743 20.39 5.11 -45.81
C ALA E 743 21.35 4.74 -46.93
N HIS E 744 20.83 4.14 -48.00
CA HIS E 744 21.68 3.78 -49.13
C HIS E 744 22.32 5.03 -49.73
N ALA E 745 21.58 6.13 -49.76
CA ALA E 745 22.12 7.38 -50.31
C ALA E 745 23.30 7.85 -49.49
N LYS E 746 23.32 7.54 -48.19
CA LYS E 746 24.45 7.91 -47.35
C LYS E 746 25.64 6.98 -47.59
N VAL E 747 25.38 5.76 -48.07
CA VAL E 747 26.47 4.82 -48.32
C VAL E 747 27.32 5.28 -49.50
N ARG E 748 26.67 5.75 -50.56
CA ARG E 748 27.38 6.15 -51.77
C ARG E 748 27.79 7.62 -51.76
N LEU E 749 27.56 8.33 -50.66
CA LEU E 749 27.87 9.76 -50.55
C LEU E 749 27.16 10.56 -51.64
N SER E 750 25.91 10.22 -51.90
CA SER E 750 25.10 10.86 -52.93
C SER E 750 23.99 11.67 -52.28
N ASN E 751 23.82 12.92 -52.73
CA ASN E 751 22.76 13.77 -52.21
C ASN E 751 21.41 13.49 -52.85
N LYS E 752 21.38 12.70 -53.92
CA LYS E 752 20.15 12.38 -54.64
C LYS E 752 19.87 10.89 -54.53
N VAL E 753 18.64 10.55 -54.17
CA VAL E 753 18.23 9.15 -54.08
C VAL E 753 17.79 8.68 -55.47
N GLU E 754 18.38 7.57 -55.91
CA GLU E 754 18.12 7.02 -57.23
C GLU E 754 17.36 5.71 -57.11
N ALA E 755 17.03 5.14 -58.27
CA ALA E 755 16.27 3.89 -58.30
C ALA E 755 17.08 2.72 -57.76
N ILE E 756 18.41 2.82 -57.79
CA ILE E 756 19.25 1.75 -57.27
C ILE E 756 19.03 1.56 -55.78
N ASP E 757 18.95 2.67 -55.04
CA ASP E 757 18.69 2.59 -53.61
C ASP E 757 17.34 1.96 -53.32
N VAL E 758 16.31 2.34 -54.08
CA VAL E 758 14.98 1.76 -53.89
C VAL E 758 15.00 0.27 -54.17
N GLU E 759 15.68 -0.14 -55.24
CA GLU E 759 15.76 -1.56 -55.57
C GLU E 759 16.49 -2.33 -54.47
N GLU E 760 17.58 -1.77 -53.95
CA GLU E 760 18.31 -2.44 -52.87
C GLU E 760 17.46 -2.55 -51.61
N ALA E 761 16.71 -1.49 -51.29
CA ALA E 761 15.83 -1.53 -50.12
C ALA E 761 14.74 -2.59 -50.30
N LYS E 762 14.16 -2.67 -51.49
CA LYS E 762 13.14 -3.68 -51.76
C LYS E 762 13.73 -5.09 -51.64
N ARG E 763 14.94 -5.29 -52.17
CA ARG E 763 15.60 -6.58 -52.08
C ARG E 763 15.84 -6.96 -50.63
N LEU E 764 16.34 -6.02 -49.83
CA LEU E 764 16.59 -6.30 -48.42
C LEU E 764 15.31 -6.61 -47.67
N HIS E 765 14.24 -5.86 -47.95
CA HIS E 765 12.96 -6.12 -47.29
C HIS E 765 12.42 -7.49 -47.66
N ARG E 766 12.54 -7.87 -48.93
CA ARG E 766 12.06 -9.18 -49.38
C ARG E 766 12.87 -10.31 -48.76
N GLU E 767 14.20 -10.15 -48.71
CA GLU E 767 15.06 -11.22 -48.22
C GLU E 767 14.99 -11.35 -46.71
N ALA E 768 14.69 -10.25 -46.00
CA ALA E 768 14.67 -10.28 -44.55
C ALA E 768 13.60 -11.23 -44.02
N LEU E 769 12.41 -11.19 -44.62
CA LEU E 769 11.29 -12.01 -44.17
C LEU E 769 11.25 -13.39 -44.81
N LYS E 770 12.19 -13.69 -45.71
CA LYS E 770 12.23 -14.97 -46.42
C LYS E 770 10.92 -15.26 -47.15
N GLN E 771 10.34 -14.23 -47.77
CA GLN E 771 9.06 -14.40 -48.45
C GLN E 771 9.19 -15.25 -49.70
N SER E 772 10.36 -15.23 -50.36
CA SER E 772 10.54 -16.01 -51.58
C SER E 772 10.43 -17.50 -51.29
N ALA E 773 11.09 -17.98 -50.23
CA ALA E 773 11.02 -19.38 -49.87
C ALA E 773 9.69 -19.73 -49.21
N THR E 774 9.06 -18.77 -48.55
CA THR E 774 7.80 -19.03 -47.85
C THR E 774 6.69 -19.30 -48.85
N ASP E 775 5.85 -20.29 -48.53
CA ASP E 775 4.69 -20.59 -49.36
C ASP E 775 3.66 -19.48 -49.21
N PRO E 776 3.30 -18.77 -50.29
CA PRO E 776 2.41 -17.61 -50.14
C PRO E 776 1.01 -17.95 -49.68
N ARG E 777 0.56 -19.21 -49.81
CA ARG E 777 -0.82 -19.56 -49.50
C ARG E 777 -0.97 -20.45 -48.28
N THR E 778 0.13 -20.85 -47.65
CA THR E 778 0.06 -21.64 -46.42
C THR E 778 0.87 -21.06 -45.27
N GLY E 779 1.78 -20.12 -45.51
CA GLY E 779 2.57 -19.54 -44.44
C GLY E 779 3.58 -20.47 -43.82
N ILE E 780 4.09 -21.44 -44.58
CA ILE E 780 5.08 -22.40 -44.09
C ILE E 780 6.33 -22.25 -44.94
N VAL E 781 7.48 -22.10 -44.27
CA VAL E 781 8.76 -21.89 -44.93
C VAL E 781 9.46 -23.23 -45.07
N ASP E 782 9.95 -23.51 -46.28
CA ASP E 782 10.67 -24.75 -46.55
C ASP E 782 11.69 -24.47 -47.65
N ILE E 783 12.96 -24.46 -47.28
CA ILE E 783 14.03 -24.18 -48.23
C ILE E 783 14.23 -25.38 -49.15
N ALA F 26 -13.53 27.54 57.79
CA ALA F 26 -14.40 27.74 58.94
C ALA F 26 -15.79 27.20 58.67
N ARG F 27 -16.52 27.85 57.76
CA ARG F 27 -17.86 27.40 57.42
C ARG F 27 -17.83 26.06 56.68
N LYS F 28 -16.74 25.79 55.96
CA LYS F 28 -16.59 24.50 55.30
C LYS F 28 -16.57 23.36 56.30
N SER F 29 -16.02 23.58 57.49
CA SER F 29 -16.10 22.58 58.54
C SER F 29 -17.54 22.33 58.97
N GLN F 30 -18.35 23.39 59.05
CA GLN F 30 -19.77 23.22 59.37
C GLN F 30 -20.49 22.45 58.27
N LEU F 31 -20.15 22.72 57.01
CA LEU F 31 -20.74 21.96 55.90
C LEU F 31 -20.35 20.49 55.96
N GLN F 32 -19.08 20.22 56.32
CA GLN F 32 -18.63 18.84 56.49
C GLN F 32 -19.40 18.16 57.62
N ARG F 33 -19.65 18.90 58.71
CA ARG F 33 -20.43 18.35 59.81
C ARG F 33 -21.86 18.05 59.36
N ARG F 34 -22.45 18.93 58.54
CA ARG F 34 -23.78 18.69 58.01
C ARG F 34 -23.82 17.44 57.14
N PHE F 35 -22.79 17.26 56.30
CA PHE F 35 -22.70 16.04 55.49
C PHE F 35 -22.56 14.81 56.38
N LYS F 36 -21.76 14.91 57.45
CA LYS F 36 -21.60 13.81 58.39
C LYS F 36 -22.95 13.45 59.03
N GLU F 37 -23.70 14.45 59.44
CA GLU F 37 -25.01 14.20 60.06
C GLU F 37 -25.97 13.58 59.05
N PHE F 38 -25.93 14.06 57.80
CA PHE F 38 -26.78 13.49 56.76
C PHE F 38 -26.44 12.01 56.54
N LEU F 39 -25.16 11.68 56.48
CA LEU F 39 -24.76 10.29 56.28
C LEU F 39 -25.15 9.42 57.46
N ARG F 40 -24.99 9.94 58.69
CA ARG F 40 -25.27 9.13 59.87
C ARG F 40 -26.76 9.04 60.18
N GLN F 41 -27.57 9.94 59.65
CA GLN F 41 -28.96 10.04 60.07
C GLN F 41 -29.98 9.63 59.00
N TYR F 42 -29.58 9.57 57.73
CA TYR F 42 -30.53 9.26 56.68
C TYR F 42 -31.05 7.82 56.82
N ARG F 43 -32.34 7.65 56.58
CA ARG F 43 -32.98 6.35 56.69
C ARG F 43 -34.08 6.18 55.65
N PHE F 51 -37.47 1.84 57.31
CA PHE F 51 -36.82 2.78 58.22
C PHE F 51 -35.49 2.22 58.71
N THR F 52 -34.59 1.96 57.77
CA THR F 52 -33.26 1.44 58.08
C THR F 52 -32.19 2.41 57.59
N PHE F 53 -31.06 2.43 58.31
CA PHE F 53 -29.95 3.32 57.97
C PHE F 53 -29.29 2.78 56.71
N LYS F 54 -29.72 3.31 55.56
CA LYS F 54 -29.22 2.84 54.27
C LYS F 54 -27.72 3.11 54.13
N TYR F 55 -27.33 4.38 54.16
CA TYR F 55 -25.93 4.74 53.91
C TYR F 55 -25.01 4.22 55.01
N ARG F 56 -25.45 4.22 56.26
CA ARG F 56 -24.62 3.72 57.36
C ARG F 56 -24.27 2.25 57.15
N ASP F 57 -25.28 1.42 56.93
CA ASP F 57 -25.05 -0.01 56.72
C ASP F 57 -24.28 -0.27 55.43
N GLU F 58 -24.58 0.49 54.37
CA GLU F 58 -23.86 0.32 53.11
C GLU F 58 -22.38 0.62 53.28
N LEU F 59 -22.06 1.72 53.97
CA LEU F 59 -20.67 2.07 54.22
C LEU F 59 -19.98 1.03 55.08
N LYS F 60 -20.67 0.56 56.12
CA LYS F 60 -20.07 -0.47 56.99
C LYS F 60 -19.76 -1.73 56.20
N ARG F 61 -20.71 -2.18 55.38
CA ARG F 61 -20.51 -3.40 54.61
C ARG F 61 -19.38 -3.22 53.59
N HIS F 62 -19.35 -2.06 52.91
CA HIS F 62 -18.31 -1.82 51.92
C HIS F 62 -16.92 -1.77 52.56
N TYR F 63 -16.83 -1.14 53.74
CA TYR F 63 -15.55 -1.08 54.43
C TYR F 63 -15.11 -2.47 54.90
N ASN F 64 -16.06 -3.26 55.39
CA ASN F 64 -15.74 -4.61 55.85
C ASN F 64 -15.28 -5.49 54.69
N LEU F 65 -15.96 -5.40 53.55
CA LEU F 65 -15.60 -6.24 52.40
C LEU F 65 -14.31 -5.77 51.75
N GLY F 66 -13.88 -4.54 52.02
CA GLY F 66 -12.69 -4.00 51.42
C GLY F 66 -12.90 -3.10 50.22
N GLU F 67 -14.16 -2.84 49.86
CA GLU F 67 -14.47 -1.94 48.74
C GLU F 67 -14.65 -0.54 49.31
N TYR F 68 -13.62 0.29 49.16
CA TYR F 68 -13.63 1.63 49.73
C TYR F 68 -14.27 2.63 48.78
N TRP F 69 -15.53 2.40 48.40
CA TRP F 69 -16.25 3.31 47.53
C TRP F 69 -17.74 3.17 47.80
N ILE F 70 -18.45 4.29 47.72
CA ILE F 70 -19.90 4.32 47.91
C ILE F 70 -20.53 5.13 46.78
N GLU F 71 -21.81 4.90 46.55
CA GLU F 71 -22.59 5.63 45.57
C GLU F 71 -23.71 6.38 46.30
N VAL F 72 -23.83 7.67 46.03
CA VAL F 72 -24.79 8.53 46.70
C VAL F 72 -25.80 9.03 45.68
N GLU F 73 -27.08 8.84 45.98
CA GLU F 73 -28.17 9.34 45.14
C GLU F 73 -28.54 10.73 45.62
N MET F 74 -28.44 11.72 44.72
CA MET F 74 -28.64 13.11 45.12
C MET F 74 -30.08 13.42 45.48
N GLU F 75 -31.03 12.58 45.06
CA GLU F 75 -32.41 12.77 45.49
C GLU F 75 -32.54 12.60 47.00
N ASP F 76 -31.80 11.63 47.56
CA ASP F 76 -31.79 11.44 49.01
C ASP F 76 -31.22 12.66 49.71
N LEU F 77 -30.14 13.23 49.17
CA LEU F 77 -29.55 14.43 49.75
C LEU F 77 -30.53 15.59 49.69
N ALA F 78 -31.21 15.76 48.56
CA ALA F 78 -32.19 16.83 48.43
C ALA F 78 -33.33 16.65 49.44
N SER F 79 -33.78 15.41 49.63
CA SER F 79 -34.83 15.14 50.62
C SER F 79 -34.35 15.48 52.02
N PHE F 80 -33.11 15.11 52.35
CA PHE F 80 -32.57 15.39 53.67
C PHE F 80 -32.35 16.88 53.88
N ASP F 81 -31.70 17.54 52.90
CA ASP F 81 -31.42 18.97 53.00
C ASP F 81 -31.18 19.50 51.60
N GLU F 82 -32.02 20.43 51.16
CA GLU F 82 -31.94 20.93 49.79
C GLU F 82 -30.74 21.85 49.59
N ASP F 83 -30.27 22.47 50.67
CA ASP F 83 -29.19 23.46 50.55
C ASP F 83 -27.92 22.83 50.00
N LEU F 84 -27.48 21.73 50.61
CA LEU F 84 -26.23 21.08 50.19
C LEU F 84 -26.38 20.49 48.79
N ALA F 85 -27.56 19.96 48.47
CA ALA F 85 -27.82 19.42 47.14
C ALA F 85 -27.70 20.52 46.08
N ASP F 86 -28.25 21.69 46.38
CA ASP F 86 -28.14 22.82 45.46
C ASP F 86 -26.70 23.29 45.34
N TYR F 87 -25.98 23.30 46.46
CA TYR F 87 -24.58 23.72 46.46
C TYR F 87 -23.72 22.80 45.61
N LEU F 88 -24.01 21.49 45.64
CA LEU F 88 -23.20 20.53 44.91
C LEU F 88 -23.28 20.76 43.40
N TYR F 89 -24.40 21.32 42.92
CA TYR F 89 -24.57 21.51 41.49
C TYR F 89 -23.68 22.62 40.92
N LYS F 90 -23.26 23.58 41.74
CA LYS F 90 -22.53 24.74 41.25
C LYS F 90 -21.03 24.69 41.56
N GLN F 91 -20.64 24.14 42.71
CA GLN F 91 -19.25 24.04 43.12
C GLN F 91 -18.91 22.61 43.51
N PRO F 92 -18.83 21.69 42.54
CA PRO F 92 -18.57 20.28 42.89
C PRO F 92 -17.20 20.03 43.47
N ALA F 93 -16.18 20.80 43.08
CA ALA F 93 -14.81 20.47 43.45
C ALA F 93 -14.59 20.50 44.95
N GLU F 94 -15.08 21.53 45.63
CA GLU F 94 -14.86 21.67 47.06
C GLU F 94 -15.84 20.81 47.87
N HIS F 95 -17.11 20.83 47.49
CA HIS F 95 -18.12 20.07 48.21
C HIS F 95 -17.87 18.57 48.10
N LEU F 96 -17.30 18.13 46.98
CA LEU F 96 -16.95 16.71 46.83
C LEU F 96 -15.88 16.31 47.84
N GLN F 97 -14.86 17.15 48.01
CA GLN F 97 -13.82 16.86 49.01
C GLN F 97 -14.40 16.87 50.41
N LEU F 98 -15.28 17.83 50.70
CA LEU F 98 -15.92 17.88 52.01
C LEU F 98 -16.75 16.61 52.25
N LEU F 99 -17.49 16.16 51.24
CA LEU F 99 -18.29 14.95 51.37
C LEU F 99 -17.42 13.73 51.56
N GLU F 100 -16.29 13.67 50.85
CA GLU F 100 -15.36 12.56 51.01
C GLU F 100 -14.79 12.50 52.42
N GLU F 101 -14.41 13.66 52.96
CA GLU F 101 -13.90 13.71 54.33
C GLU F 101 -14.98 13.30 55.33
N ALA F 102 -16.21 13.77 55.12
CA ALA F 102 -17.31 13.40 56.00
C ALA F 102 -17.57 11.89 55.96
N ALA F 103 -17.53 11.31 54.75
CA ALA F 103 -17.73 9.88 54.61
C ALA F 103 -16.62 9.09 55.30
N LYS F 104 -15.38 9.56 55.17
CA LYS F 104 -14.26 8.91 55.85
C LYS F 104 -14.45 8.95 57.36
N GLU F 105 -14.87 10.10 57.90
CA GLU F 105 -15.11 10.21 59.34
C GLU F 105 -16.25 9.30 59.77
N VAL F 106 -17.32 9.22 58.97
CA VAL F 106 -18.45 8.35 59.30
C VAL F 106 -17.99 6.89 59.33
N ALA F 107 -17.20 6.48 58.34
CA ALA F 107 -16.70 5.11 58.30
C ALA F 107 -15.81 4.82 59.50
N ASP F 108 -14.99 5.79 59.89
CA ASP F 108 -14.14 5.61 61.06
C ASP F 108 -14.99 5.45 62.33
N GLU F 109 -16.06 6.23 62.45
CA GLU F 109 -16.88 6.16 63.66
C GLU F 109 -17.72 4.89 63.70
N VAL F 110 -18.13 4.38 62.53
CA VAL F 110 -18.91 3.15 62.50
C VAL F 110 -18.06 1.95 62.88
N THR F 111 -16.85 1.87 62.34
CA THR F 111 -15.97 0.72 62.57
C THR F 111 -14.93 1.04 63.65
N ARG F 112 -15.39 1.01 64.90
CA ARG F 112 -14.48 1.20 66.03
C ARG F 112 -13.64 -0.04 66.33
N PRO F 113 -14.25 -1.26 66.54
CA PRO F 113 -13.45 -2.45 66.86
C PRO F 113 -12.85 -3.14 65.63
N ARG F 114 -12.04 -2.40 64.88
CA ARG F 114 -11.40 -2.97 63.72
C ARG F 114 -10.34 -4.00 64.15
N PRO F 115 -10.10 -5.03 63.34
CA PRO F 115 -9.13 -6.07 63.73
C PRO F 115 -7.73 -5.50 63.87
N SER F 116 -6.90 -6.20 64.66
CA SER F 116 -5.54 -5.78 64.88
C SER F 116 -4.75 -5.77 63.57
N GLY F 117 -3.89 -4.77 63.41
CA GLY F 117 -3.12 -4.61 62.19
C GLY F 117 -3.75 -3.63 61.23
N GLU F 118 -5.08 -3.57 61.22
CA GLU F 118 -5.79 -2.64 60.34
C GLU F 118 -6.07 -1.33 61.05
N GLU F 119 -5.03 -0.72 61.63
CA GLU F 119 -5.20 0.54 62.34
C GLU F 119 -5.38 1.70 61.37
N VAL F 120 -4.80 1.59 60.18
CA VAL F 120 -4.79 2.71 59.23
C VAL F 120 -6.20 2.89 58.67
N LEU F 121 -6.68 4.14 58.70
CA LEU F 121 -7.97 4.50 58.11
C LEU F 121 -7.76 4.89 56.65
N GLN F 122 -8.36 4.14 55.74
CA GLN F 122 -8.15 4.37 54.32
C GLN F 122 -9.18 5.34 53.75
N ASP F 123 -8.77 6.06 52.71
CA ASP F 123 -9.66 7.02 52.07
C ASP F 123 -10.77 6.31 51.28
N ILE F 124 -11.87 7.02 51.08
CA ILE F 124 -13.05 6.48 50.43
C ILE F 124 -13.42 7.38 49.26
N GLN F 125 -13.72 6.77 48.11
CA GLN F 125 -14.20 7.50 46.95
C GLN F 125 -15.72 7.57 46.97
N VAL F 126 -16.25 8.71 46.55
CA VAL F 126 -17.69 8.97 46.54
C VAL F 126 -18.13 9.20 45.11
N MET F 127 -19.15 8.47 44.67
CA MET F 127 -19.71 8.61 43.34
C MET F 127 -21.11 9.22 43.42
N LEU F 128 -21.54 9.84 42.32
CA LEU F 128 -22.82 10.52 42.25
C LEU F 128 -23.74 9.84 41.26
N LYS F 129 -25.04 9.89 41.56
CA LYS F 129 -26.06 9.29 40.71
C LYS F 129 -27.35 10.08 40.84
N SER F 130 -28.04 10.25 39.72
CA SER F 130 -29.29 11.00 39.71
C SER F 130 -30.18 10.47 38.59
N ASP F 131 -31.48 10.74 38.72
CA ASP F 131 -32.45 10.31 37.72
C ASP F 131 -32.81 11.42 36.73
N ALA F 132 -32.11 12.54 36.76
CA ALA F 132 -32.41 13.65 35.85
C ALA F 132 -32.12 13.24 34.41
N SER F 133 -32.91 13.77 33.48
CA SER F 133 -32.73 13.47 32.07
C SER F 133 -31.40 14.04 31.58
N PRO F 134 -30.70 13.36 30.69
CA PRO F 134 -29.42 13.87 30.19
C PRO F 134 -29.62 14.99 29.19
N SER F 135 -28.52 15.68 28.89
CA SER F 135 -28.51 16.77 27.94
C SER F 135 -27.59 16.43 26.78
N SER F 136 -27.93 16.93 25.59
CA SER F 136 -27.15 16.62 24.40
C SER F 136 -25.74 17.18 24.51
N ILE F 137 -24.80 16.45 23.90
CA ILE F 137 -23.39 16.87 23.94
C ILE F 137 -23.19 18.16 23.15
N ARG F 138 -24.08 18.44 22.19
CA ARG F 138 -23.96 19.66 21.39
C ARG F 138 -24.29 20.90 22.20
N SER F 139 -24.90 20.76 23.37
CA SER F 139 -25.30 21.91 24.18
C SER F 139 -24.16 22.44 25.03
N LEU F 140 -23.01 21.78 25.03
CA LEU F 140 -21.87 22.24 25.83
C LEU F 140 -21.33 23.55 25.26
N LYS F 141 -21.32 24.60 26.09
CA LYS F 141 -20.82 25.91 25.70
C LYS F 141 -20.04 26.50 26.86
N SER F 142 -19.74 27.80 26.75
CA SER F 142 -18.93 28.47 27.76
C SER F 142 -19.64 28.53 29.11
N ASP F 143 -20.96 28.71 29.10
CA ASP F 143 -21.70 28.88 30.35
C ASP F 143 -21.67 27.62 31.21
N MET F 144 -21.40 26.47 30.62
CA MET F 144 -21.37 25.22 31.38
C MET F 144 -20.00 24.91 31.97
N MET F 145 -19.06 25.86 31.92
CA MET F 145 -17.73 25.63 32.45
C MET F 145 -17.76 25.44 33.96
N SER F 146 -16.98 24.46 34.43
CA SER F 146 -16.79 24.20 35.86
C SER F 146 -18.09 23.81 36.55
N HIS F 147 -19.10 23.43 35.78
CA HIS F 147 -20.36 22.98 36.34
C HIS F 147 -20.49 21.46 36.22
N LEU F 148 -21.53 20.90 36.83
CA LEU F 148 -21.80 19.47 36.75
C LEU F 148 -22.74 19.21 35.57
N VAL F 149 -22.34 18.27 34.71
CA VAL F 149 -23.08 17.97 33.50
C VAL F 149 -23.33 16.48 33.41
N LYS F 150 -24.36 16.11 32.64
CA LYS F 150 -24.70 14.72 32.34
C LYS F 150 -24.86 14.59 30.84
N ILE F 151 -24.16 13.63 30.26
CA ILE F 151 -24.08 13.52 28.80
C ILE F 151 -24.15 12.06 28.38
N PRO F 152 -24.98 11.73 27.38
CA PRO F 152 -24.95 10.38 26.80
C PRO F 152 -23.98 10.29 25.64
N GLY F 153 -23.52 9.09 25.32
CA GLY F 153 -22.58 8.93 24.23
C GLY F 153 -22.19 7.48 24.07
N ILE F 154 -21.22 7.26 23.17
CA ILE F 154 -20.69 5.94 22.87
C ILE F 154 -19.18 6.00 22.97
N ILE F 155 -18.58 4.98 23.58
CA ILE F 155 -17.14 4.92 23.79
C ILE F 155 -16.48 4.24 22.60
N ILE F 156 -15.41 4.84 22.09
CA ILE F 156 -14.70 4.31 20.93
C ILE F 156 -13.24 4.01 21.22
N ALA F 157 -12.68 4.51 22.32
CA ALA F 157 -11.28 4.27 22.64
C ALA F 157 -11.09 4.34 24.15
N ALA F 158 -10.27 3.43 24.67
CA ALA F 158 -9.97 3.38 26.09
C ALA F 158 -8.48 3.11 26.26
N SER F 159 -7.77 4.05 26.88
CA SER F 159 -6.34 3.88 27.09
C SER F 159 -6.07 2.94 28.26
N ALA F 160 -4.82 2.52 28.37
CA ALA F 160 -4.43 1.61 29.45
C ALA F 160 -4.43 2.34 30.79
N VAL F 161 -4.68 1.58 31.86
CA VAL F 161 -4.71 2.14 33.20
C VAL F 161 -3.28 2.45 33.65
N ARG F 162 -3.06 3.66 34.16
CA ARG F 162 -1.75 4.07 34.61
C ARG F 162 -1.84 4.61 36.04
N ALA F 163 -0.69 4.98 36.59
CA ALA F 163 -0.60 5.40 37.98
C ALA F 163 -0.31 6.90 38.08
N LYS F 164 -1.01 7.55 39.00
CA LYS F 164 -0.84 8.98 39.26
C LYS F 164 -0.62 9.18 40.76
N ALA F 165 0.34 10.05 41.09
CA ALA F 165 0.71 10.27 42.48
C ALA F 165 -0.30 11.18 43.18
N THR F 166 -0.50 10.94 44.47
CA THR F 166 -1.33 11.78 45.33
C THR F 166 -0.53 12.47 46.42
N ARG F 167 0.42 11.77 47.04
CA ARG F 167 1.32 12.36 48.03
C ARG F 167 2.75 12.04 47.61
N ILE F 168 3.60 13.07 47.59
CA ILE F 168 4.97 12.93 47.13
C ILE F 168 5.92 13.55 48.15
N SER F 169 7.19 13.16 48.06
CA SER F 169 8.25 13.70 48.90
C SER F 169 9.44 14.06 48.02
N ILE F 170 10.15 15.12 48.40
CA ILE F 170 11.28 15.62 47.64
C ILE F 170 12.50 15.74 48.53
N GLN F 171 13.68 15.69 47.93
CA GLN F 171 14.94 15.75 48.63
C GLN F 171 15.88 16.74 47.95
N CYS F 172 16.68 17.44 48.75
CA CYS F 172 17.59 18.45 48.24
C CYS F 172 18.92 17.82 47.83
N ARG F 173 19.61 18.46 46.89
CA ARG F 173 20.85 17.93 46.36
C ARG F 173 21.98 18.04 47.39
N SER F 174 22.14 19.21 48.00
CA SER F 174 23.33 19.48 48.81
C SER F 174 23.14 19.09 50.27
N CYS F 175 22.16 19.69 50.94
CA CYS F 175 21.96 19.44 52.37
C CYS F 175 21.12 18.21 52.65
N ARG F 176 20.54 17.59 51.62
CA ARG F 176 19.74 16.38 51.74
C ARG F 176 18.53 16.55 52.65
N ASN F 177 18.03 17.78 52.78
CA ASN F 177 16.80 17.99 53.53
C ASN F 177 15.60 17.44 52.75
N THR F 178 14.54 17.12 53.49
CA THR F 178 13.41 16.42 52.92
C THR F 178 12.11 17.14 53.25
N LEU F 179 11.26 17.31 52.24
CA LEU F 179 9.90 17.78 52.41
C LEU F 179 8.95 16.62 52.08
N THR F 180 8.07 16.30 53.02
CA THR F 180 7.26 15.10 52.93
C THR F 180 5.77 15.45 52.94
N ASN F 181 4.98 14.53 52.40
CA ASN F 181 3.52 14.61 52.42
C ASN F 181 3.00 15.86 51.72
N ILE F 182 3.48 16.07 50.49
CA ILE F 182 2.96 17.17 49.67
C ILE F 182 1.71 16.68 48.95
N ALA F 183 0.61 17.40 49.13
CA ALA F 183 -0.67 17.00 48.56
C ALA F 183 -0.73 17.38 47.09
N MET F 184 -1.22 16.47 46.26
CA MET F 184 -1.39 16.72 44.83
C MET F 184 -2.86 16.90 44.49
N ARG F 185 -3.12 17.84 43.57
CA ARG F 185 -4.48 18.13 43.15
C ARG F 185 -5.00 17.05 42.21
N PRO F 186 -6.30 16.77 42.25
CA PRO F 186 -6.89 15.80 41.33
C PRO F 186 -7.03 16.35 39.93
N GLY F 187 -7.29 15.45 38.99
CA GLY F 187 -7.45 15.83 37.60
C GLY F 187 -6.12 15.99 36.88
N LEU F 188 -6.22 16.46 35.64
CA LEU F 188 -5.05 16.65 34.79
C LEU F 188 -4.37 17.97 35.14
N GLU F 189 -3.77 18.00 36.32
CA GLU F 189 -3.05 19.17 36.82
C GLU F 189 -1.73 18.71 37.40
N GLY F 190 -0.65 19.40 37.01
CA GLY F 190 0.68 19.07 37.47
C GLY F 190 1.07 19.81 38.74
N TYR F 191 2.35 19.71 39.08
CA TYR F 191 2.89 20.35 40.27
C TYR F 191 4.21 21.01 39.92
N ALA F 192 4.54 22.09 40.63
CA ALA F 192 5.78 22.83 40.43
C ALA F 192 6.64 22.69 41.67
N LEU F 193 7.87 22.20 41.48
CA LEU F 193 8.78 22.05 42.61
C LEU F 193 9.30 23.41 43.05
N PRO F 194 9.56 23.61 44.34
CA PRO F 194 10.10 24.89 44.80
C PRO F 194 11.52 25.09 44.31
N ARG F 195 11.90 26.37 44.16
CA ARG F 195 13.22 26.73 43.69
C ARG F 195 14.15 27.22 44.80
N LYS F 196 13.60 27.59 45.95
CA LYS F 196 14.38 28.11 47.06
C LYS F 196 14.47 27.06 48.17
N CYS F 197 15.66 26.84 48.69
CA CYS F 197 15.90 25.87 49.75
C CYS F 197 16.06 26.61 51.08
N ASN F 198 15.27 26.20 52.07
CA ASN F 198 15.33 26.81 53.39
C ASN F 198 16.29 26.08 54.30
N CYS F 207 23.35 26.47 49.04
CA CYS F 207 22.60 25.53 48.22
C CYS F 207 22.26 26.13 46.87
N PRO F 208 22.49 25.37 45.80
CA PRO F 208 22.20 25.88 44.45
C PRO F 208 20.70 25.94 44.20
N LEU F 209 20.33 26.77 43.21
CA LEU F 209 18.94 26.95 42.84
C LEU F 209 18.40 25.70 42.16
N ASP F 210 17.11 25.45 42.37
CA ASP F 210 16.42 24.25 41.88
C ASP F 210 17.16 22.98 42.30
N PRO F 211 17.33 22.72 43.60
CA PRO F 211 18.06 21.53 44.03
C PRO F 211 17.20 20.33 44.38
N TYR F 212 15.89 20.40 44.20
CA TYR F 212 14.98 19.37 44.69
C TYR F 212 14.76 18.29 43.64
N PHE F 213 14.68 17.04 44.10
CA PHE F 213 14.41 15.89 43.24
C PHE F 213 13.38 15.00 43.91
N ILE F 214 12.62 14.27 43.10
CA ILE F 214 11.51 13.46 43.59
C ILE F 214 12.02 12.06 43.90
N MET F 215 11.72 11.58 45.11
CA MET F 215 12.08 10.22 45.52
C MET F 215 10.94 9.27 45.16
N PRO F 216 11.20 8.24 44.35
CA PRO F 216 10.09 7.40 43.87
C PRO F 216 9.61 6.39 44.89
N ASP F 217 10.43 6.06 45.89
CA ASP F 217 10.10 4.99 46.82
C ASP F 217 9.19 5.43 47.96
N LYS F 218 8.84 6.71 48.04
CA LYS F 218 8.05 7.24 49.14
C LYS F 218 6.85 8.03 48.63
N CYS F 219 6.11 7.45 47.69
CA CYS F 219 4.94 8.10 47.12
C CYS F 219 3.74 7.15 47.13
N LYS F 220 2.55 7.74 47.19
CA LYS F 220 1.30 7.01 47.10
C LYS F 220 0.68 7.26 45.74
N CYS F 221 0.19 6.21 45.09
CA CYS F 221 -0.31 6.29 43.73
C CYS F 221 -1.70 5.67 43.62
N VAL F 222 -2.47 6.15 42.65
CA VAL F 222 -3.81 5.66 42.36
C VAL F 222 -3.92 5.41 40.85
N ASP F 223 -4.95 4.66 40.48
CA ASP F 223 -5.16 4.29 39.08
C ASP F 223 -5.98 5.36 38.37
N PHE F 224 -5.60 5.65 37.12
CA PHE F 224 -6.34 6.56 36.28
C PHE F 224 -6.36 6.04 34.85
N GLN F 225 -7.35 6.51 34.09
CA GLN F 225 -7.54 6.07 32.72
C GLN F 225 -8.17 7.20 31.92
N THR F 226 -7.92 7.19 30.60
CA THR F 226 -8.49 8.17 29.69
C THR F 226 -9.32 7.47 28.64
N LEU F 227 -10.47 8.06 28.32
CA LEU F 227 -11.44 7.47 27.40
C LEU F 227 -11.83 8.50 26.34
N LYS F 228 -12.35 7.99 25.22
CA LYS F 228 -12.86 8.83 24.14
C LYS F 228 -14.34 8.54 23.96
N LEU F 229 -15.14 9.60 23.87
CA LEU F 229 -16.59 9.48 23.73
C LEU F 229 -17.03 10.19 22.45
N GLN F 230 -17.98 9.59 21.74
CA GLN F 230 -18.50 10.11 20.49
C GLN F 230 -19.99 10.33 20.60
N GLU F 231 -20.49 11.31 19.83
CA GLU F 231 -21.92 11.60 19.83
C GLU F 231 -22.72 10.40 19.33
N LEU F 232 -23.88 10.19 19.93
CA LEU F 232 -24.72 9.05 19.56
C LEU F 232 -25.19 9.20 18.12
N PRO F 233 -25.13 8.14 17.31
CA PRO F 233 -25.62 8.24 15.93
C PRO F 233 -27.10 8.57 15.82
N ASP F 234 -27.89 8.22 16.83
CA ASP F 234 -29.32 8.49 16.79
C ASP F 234 -29.65 9.97 17.01
N ALA F 235 -28.69 10.76 17.51
CA ALA F 235 -28.93 12.16 17.81
C ALA F 235 -28.13 13.12 16.94
N VAL F 236 -27.27 12.62 16.07
CA VAL F 236 -26.47 13.50 15.20
C VAL F 236 -27.39 14.17 14.18
N PRO F 237 -27.23 15.47 13.92
CA PRO F 237 -28.05 16.10 12.88
C PRO F 237 -27.74 15.54 11.50
N HIS F 238 -28.75 15.55 10.64
CA HIS F 238 -28.59 15.02 9.29
C HIS F 238 -27.60 15.86 8.49
N GLY F 239 -26.69 15.19 7.80
CA GLY F 239 -25.72 15.88 6.97
C GLY F 239 -24.65 16.64 7.72
N GLU F 240 -24.38 16.28 8.98
CA GLU F 240 -23.38 16.95 9.78
C GLU F 240 -22.48 15.92 10.44
N MET F 241 -21.21 16.29 10.59
CA MET F 241 -20.24 15.37 11.19
C MET F 241 -20.45 15.30 12.70
N PRO F 242 -20.17 14.16 13.32
CA PRO F 242 -20.31 14.05 14.77
C PRO F 242 -19.15 14.72 15.50
N ARG F 243 -19.34 14.96 16.80
CA ARG F 243 -18.34 15.57 17.64
C ARG F 243 -17.92 14.62 18.76
N HIS F 244 -16.75 14.88 19.32
CA HIS F 244 -16.12 13.97 20.27
C HIS F 244 -15.80 14.69 21.57
N MET F 245 -15.40 13.90 22.56
CA MET F 245 -15.04 14.43 23.87
C MET F 245 -14.05 13.47 24.51
N GLN F 246 -13.24 13.99 25.43
CA GLN F 246 -12.26 13.22 26.16
C GLN F 246 -12.68 13.10 27.62
N LEU F 247 -12.50 11.91 28.19
CA LEU F 247 -12.99 11.58 29.52
C LEU F 247 -11.84 11.10 30.40
N TYR F 248 -11.90 11.43 31.68
CA TYR F 248 -10.88 11.02 32.64
C TYR F 248 -11.55 10.27 33.79
N CYS F 249 -11.08 9.05 34.05
CA CYS F 249 -11.61 8.22 35.12
C CYS F 249 -10.51 7.97 36.15
N ASP F 250 -10.89 7.97 37.42
CA ASP F 250 -9.92 7.85 38.50
C ASP F 250 -10.37 6.77 39.48
N ARG F 251 -9.38 6.14 40.12
CA ARG F 251 -9.60 5.13 41.16
C ARG F 251 -10.47 3.98 40.68
N TYR F 252 -11.63 3.80 41.32
CA TYR F 252 -12.49 2.64 41.07
C TYR F 252 -13.27 2.74 39.77
N LEU F 253 -13.26 3.90 39.10
CA LEU F 253 -14.00 4.06 37.86
C LEU F 253 -13.28 3.43 36.66
N CYS F 254 -12.04 2.98 36.84
CA CYS F 254 -11.31 2.37 35.74
C CYS F 254 -11.86 0.98 35.43
N ASP F 255 -11.82 0.62 34.15
CA ASP F 255 -12.23 -0.67 33.61
C ASP F 255 -13.73 -0.95 33.77
N LYS F 256 -14.52 0.03 34.20
CA LYS F 256 -15.96 -0.18 34.31
C LYS F 256 -16.64 -0.14 32.95
N VAL F 257 -15.97 0.40 31.93
CA VAL F 257 -16.57 0.56 30.60
C VAL F 257 -15.65 -0.10 29.57
N VAL F 258 -16.24 -0.98 28.77
CA VAL F 258 -15.54 -1.61 27.65
C VAL F 258 -15.83 -0.77 26.41
N PRO F 259 -14.84 -0.52 25.55
CA PRO F 259 -15.10 0.28 24.35
C PRO F 259 -16.22 -0.31 23.50
N GLY F 260 -17.08 0.56 22.98
CA GLY F 260 -18.23 0.16 22.22
C GLY F 260 -19.55 0.24 22.96
N ASN F 261 -19.51 0.41 24.29
CA ASN F 261 -20.72 0.49 25.07
C ASN F 261 -21.39 1.86 24.93
N ARG F 262 -22.71 1.88 25.07
CA ARG F 262 -23.48 3.12 25.10
C ARG F 262 -23.66 3.55 26.55
N VAL F 263 -23.13 4.72 26.90
CA VAL F 263 -22.99 5.12 28.29
C VAL F 263 -23.63 6.49 28.49
N THR F 264 -24.08 6.73 29.73
CA THR F 264 -24.46 8.05 30.20
C THR F 264 -23.57 8.41 31.38
N ILE F 265 -22.82 9.49 31.26
CA ILE F 265 -21.79 9.85 32.23
C ILE F 265 -22.08 11.23 32.79
N MET F 266 -22.00 11.33 34.12
CA MET F 266 -22.12 12.58 34.84
C MET F 266 -20.76 12.98 35.37
N GLY F 267 -20.38 14.24 35.16
CA GLY F 267 -19.06 14.67 35.57
C GLY F 267 -18.95 16.18 35.60
N ILE F 268 -17.70 16.64 35.63
CA ILE F 268 -17.35 18.05 35.70
C ILE F 268 -16.64 18.45 34.42
N TYR F 269 -17.13 19.51 33.78
CA TYR F 269 -16.53 20.04 32.56
C TYR F 269 -15.41 21.01 32.94
N SER F 270 -14.18 20.65 32.57
CA SER F 270 -13.00 21.41 32.99
C SER F 270 -12.06 21.57 31.81
N ILE F 271 -10.89 22.16 32.08
CA ILE F 271 -9.84 22.35 31.09
C ILE F 271 -8.52 21.89 31.67
N LYS F 272 -7.59 21.50 30.80
CA LYS F 272 -6.27 21.06 31.25
C LYS F 272 -5.44 22.25 31.70
N LYS F 273 -4.64 22.05 32.75
CA LYS F 273 -3.76 23.08 33.29
C LYS F 273 -2.34 22.52 33.34
N PHE F 274 -1.48 23.04 32.46
CA PHE F 274 -0.07 22.64 32.42
C PHE F 274 0.82 23.88 32.30
N GLY F 275 0.54 24.89 33.11
CA GLY F 275 1.33 26.11 33.03
C GLY F 275 1.02 26.88 31.76
N LEU F 276 2.05 27.47 31.17
CA LEU F 276 1.89 28.26 29.96
C LEU F 276 2.99 27.90 28.97
N THR F 277 2.69 28.08 27.68
CA THR F 277 3.65 27.83 26.62
C THR F 277 3.31 28.65 25.38
N THR F 278 4.34 29.08 24.65
CA THR F 278 4.12 29.83 23.42
C THR F 278 3.50 28.93 22.35
N SER F 279 2.61 29.51 21.55
CA SER F 279 1.99 28.77 20.45
C SER F 279 3.04 28.30 19.47
N ARG F 280 2.96 27.03 19.07
CA ARG F 280 3.92 26.42 18.19
C ARG F 280 3.21 25.75 17.01
N GLY F 281 4.00 25.29 16.06
CA GLY F 281 3.47 24.66 14.87
C GLY F 281 3.32 25.60 13.71
N ARG F 282 2.70 25.09 12.64
CA ARG F 282 2.52 25.88 11.44
C ARG F 282 1.47 26.97 11.62
N ASP F 283 0.43 26.71 12.40
CA ASP F 283 -0.70 27.62 12.55
C ASP F 283 -0.63 28.29 13.91
N ARG F 284 -0.73 29.62 13.93
CA ARG F 284 -0.71 30.40 15.16
C ARG F 284 -1.87 31.38 15.25
N VAL F 285 -2.97 31.11 14.53
CA VAL F 285 -4.11 32.02 14.58
C VAL F 285 -4.80 31.96 15.93
N GLY F 286 -4.98 30.76 16.47
CA GLY F 286 -5.63 30.60 17.77
C GLY F 286 -4.80 31.21 18.87
N VAL F 287 -5.43 32.07 19.68
CA VAL F 287 -4.78 32.76 20.79
C VAL F 287 -5.57 32.51 22.06
N GLY F 288 -4.88 32.05 23.10
CA GLY F 288 -5.53 31.83 24.38
C GLY F 288 -6.59 30.75 24.38
N ILE F 289 -6.32 29.62 23.73
CA ILE F 289 -7.25 28.50 23.67
C ILE F 289 -6.67 27.35 24.46
N ARG F 290 -7.44 26.84 25.42
CA ARG F 290 -7.02 25.74 26.27
C ARG F 290 -7.88 24.52 25.96
N SER F 291 -7.22 23.36 25.86
CA SER F 291 -7.95 22.11 25.62
C SER F 291 -8.84 21.78 26.80
N SER F 292 -10.04 21.28 26.50
CA SER F 292 -11.04 20.99 27.52
C SER F 292 -11.28 19.49 27.63
N TYR F 293 -11.77 19.08 28.80
CA TYR F 293 -12.10 17.68 29.06
C TYR F 293 -13.13 17.62 30.17
N ILE F 294 -13.62 16.41 30.43
CA ILE F 294 -14.64 16.17 31.45
C ILE F 294 -14.12 15.14 32.44
N ARG F 295 -14.18 15.50 33.72
CA ARG F 295 -13.75 14.63 34.81
C ARG F 295 -14.94 13.80 35.26
N VAL F 296 -14.86 12.49 35.05
CA VAL F 296 -15.99 11.59 35.24
C VAL F 296 -16.22 11.35 36.73
N LEU F 297 -17.48 11.37 37.15
CA LEU F 297 -17.84 11.05 38.52
C LEU F 297 -18.94 9.99 38.61
N GLY F 298 -19.68 9.74 37.53
CA GLY F 298 -20.70 8.70 37.56
C GLY F 298 -20.95 8.11 36.19
N ILE F 299 -21.10 6.79 36.13
CA ILE F 299 -21.23 6.07 34.87
C ILE F 299 -22.46 5.17 34.94
N GLN F 300 -23.29 5.22 33.91
CA GLN F 300 -24.42 4.31 33.77
C GLN F 300 -24.34 3.66 32.40
N VAL F 301 -24.46 2.33 32.36
CA VAL F 301 -24.33 1.56 31.13
C VAL F 301 -25.71 1.07 30.72
N ASP F 302 -26.08 1.33 29.46
CA ASP F 302 -27.37 0.90 28.93
C ASP F 302 -27.41 -0.61 28.73
N PRO F 316 -31.95 -15.32 45.17
CA PRO F 316 -32.11 -16.58 45.90
C PRO F 316 -33.52 -17.13 45.80
N GLN F 317 -34.51 -16.24 45.68
CA GLN F 317 -35.90 -16.67 45.57
C GLN F 317 -36.19 -17.34 44.23
N GLU F 318 -35.44 -16.97 43.19
CA GLU F 318 -35.69 -17.54 41.87
C GLU F 318 -35.28 -19.01 41.80
N GLU F 319 -34.42 -19.45 42.71
CA GLU F 319 -34.02 -20.85 42.74
C GLU F 319 -35.21 -21.77 42.99
N GLU F 320 -36.05 -21.39 43.96
CA GLU F 320 -37.26 -22.18 44.24
C GLU F 320 -38.22 -22.15 43.06
N GLU F 321 -38.34 -21.01 42.39
CA GLU F 321 -39.21 -20.93 41.22
C GLU F 321 -38.72 -21.86 40.10
N PHE F 322 -37.41 -21.86 39.84
CA PHE F 322 -36.86 -22.74 38.82
C PHE F 322 -37.02 -24.21 39.21
N ARG F 323 -36.81 -24.54 40.49
CA ARG F 323 -37.01 -25.91 40.94
C ARG F 323 -38.46 -26.36 40.79
N ARG F 324 -39.42 -25.49 41.13
CA ARG F 324 -40.83 -25.82 40.93
C ARG F 324 -41.15 -26.00 39.45
N LEU F 325 -40.59 -25.13 38.61
CA LEU F 325 -40.82 -25.24 37.17
C LEU F 325 -40.28 -26.54 36.61
N ALA F 326 -39.09 -26.95 37.05
CA ALA F 326 -38.46 -28.17 36.54
C ALA F 326 -39.00 -29.44 37.17
N ALA F 327 -39.64 -29.34 38.33
CA ALA F 327 -40.12 -30.52 39.03
C ALA F 327 -41.44 -31.06 38.49
N LEU F 328 -42.09 -30.34 37.57
CA LEU F 328 -43.37 -30.78 37.05
C LEU F 328 -43.18 -31.98 36.12
N PRO F 329 -44.23 -32.77 35.90
CA PRO F 329 -44.15 -33.84 34.90
C PRO F 329 -44.31 -33.35 33.47
N ASN F 330 -44.79 -32.12 33.28
CA ASN F 330 -45.06 -31.59 31.94
C ASN F 330 -44.10 -30.48 31.54
N VAL F 331 -42.86 -30.49 32.05
CA VAL F 331 -41.90 -29.43 31.71
C VAL F 331 -41.56 -29.46 30.23
N TYR F 332 -41.44 -30.65 29.64
CA TYR F 332 -41.05 -30.77 28.24
C TYR F 332 -42.08 -30.09 27.33
N GLU F 333 -43.36 -30.36 27.56
CA GLU F 333 -44.40 -29.77 26.73
C GLU F 333 -44.45 -28.25 26.89
N VAL F 334 -44.29 -27.76 28.13
CA VAL F 334 -44.31 -26.32 28.38
C VAL F 334 -43.15 -25.65 27.66
N ILE F 335 -41.96 -26.23 27.75
CA ILE F 335 -40.80 -25.66 27.08
C ILE F 335 -40.99 -25.68 25.57
N SER F 336 -41.51 -26.79 25.04
CA SER F 336 -41.71 -26.89 23.60
C SER F 336 -42.70 -25.84 23.11
N LYS F 337 -43.79 -25.63 23.87
CA LYS F 337 -44.77 -24.61 23.49
C LYS F 337 -44.18 -23.21 23.63
N SER F 338 -43.28 -23.03 24.58
CA SER F 338 -42.70 -21.70 24.81
C SER F 338 -41.78 -21.28 23.68
N ILE F 339 -41.30 -22.22 22.87
CA ILE F 339 -40.39 -21.91 21.77
C ILE F 339 -41.17 -21.48 20.55
N ALA F 340 -41.19 -20.16 20.31
CA ALA F 340 -41.84 -19.58 19.13
C ALA F 340 -43.30 -20.00 18.99
N PRO F 341 -44.18 -19.54 19.88
CA PRO F 341 -45.61 -19.87 19.73
C PRO F 341 -46.24 -19.28 18.49
N SER F 342 -45.64 -18.23 17.91
CA SER F 342 -46.21 -17.59 16.74
C SER F 342 -46.12 -18.46 15.49
N ILE F 343 -45.08 -19.26 15.37
CA ILE F 343 -44.87 -20.07 14.17
C ILE F 343 -45.78 -21.30 14.24
N PHE F 344 -46.53 -21.52 13.17
CA PHE F 344 -47.47 -22.64 13.13
C PHE F 344 -46.73 -23.94 12.85
N GLY F 345 -47.04 -24.98 13.61
CA GLY F 345 -46.47 -26.29 13.39
C GLY F 345 -45.01 -26.40 13.82
N GLY F 346 -44.38 -27.47 13.36
CA GLY F 346 -42.98 -27.73 13.67
C GLY F 346 -42.71 -28.03 15.13
N THR F 347 -43.56 -28.85 15.74
CA THR F 347 -43.38 -29.20 17.15
C THR F 347 -42.06 -29.95 17.37
N ASP F 348 -41.75 -30.89 16.48
CA ASP F 348 -40.50 -31.63 16.58
C ASP F 348 -39.29 -30.70 16.43
N MET F 349 -39.38 -29.75 15.49
CA MET F 349 -38.32 -28.78 15.33
C MET F 349 -38.15 -27.92 16.57
N LYS F 350 -39.26 -27.53 17.20
CA LYS F 350 -39.20 -26.74 18.42
C LYS F 350 -38.55 -27.53 19.55
N LYS F 351 -38.90 -28.81 19.67
CA LYS F 351 -38.29 -29.66 20.69
C LYS F 351 -36.79 -29.81 20.45
N ALA F 352 -36.40 -29.98 19.19
CA ALA F 352 -34.98 -30.08 18.85
C ALA F 352 -34.25 -28.78 19.18
N ILE F 353 -34.87 -27.64 18.89
CA ILE F 353 -34.27 -26.35 19.21
C ILE F 353 -34.13 -26.19 20.72
N ALA F 354 -35.14 -26.61 21.49
CA ALA F 354 -35.07 -26.51 22.94
C ALA F 354 -33.93 -27.36 23.50
N CYS F 355 -33.85 -28.63 23.06
CA CYS F 355 -32.79 -29.49 23.57
C CYS F 355 -31.41 -29.03 23.11
N LEU F 356 -31.33 -28.38 21.95
CA LEU F 356 -30.09 -27.74 21.54
C LEU F 356 -29.74 -26.58 22.46
N LEU F 357 -30.73 -25.78 22.85
CA LEU F 357 -30.50 -24.65 23.74
C LEU F 357 -30.00 -25.12 25.10
N PHE F 358 -30.62 -26.17 25.64
CA PHE F 358 -30.16 -26.72 26.90
C PHE F 358 -28.77 -27.36 26.75
N GLY F 359 -28.59 -28.15 25.70
CA GLY F 359 -27.29 -28.70 25.38
C GLY F 359 -26.90 -29.86 26.29
N GLY F 360 -25.79 -30.49 25.92
CA GLY F 360 -25.25 -31.62 26.66
C GLY F 360 -24.20 -31.20 27.65
N SER F 361 -23.32 -32.14 27.98
CA SER F 361 -22.24 -31.93 28.94
C SER F 361 -20.92 -32.40 28.33
N ARG F 362 -19.88 -31.60 28.53
CA ARG F 362 -18.53 -31.95 28.09
C ARG F 362 -17.82 -32.76 29.17
N LYS F 363 -16.94 -33.67 28.73
CA LYS F 363 -16.25 -34.58 29.64
C LYS F 363 -14.77 -34.64 29.27
N ARG F 364 -13.90 -34.49 30.26
CA ARG F 364 -12.49 -34.72 30.08
C ARG F 364 -12.13 -36.15 30.48
N LEU F 365 -10.93 -36.56 30.09
CA LEU F 365 -10.43 -37.90 30.34
C LEU F 365 -9.03 -37.84 30.93
N PRO F 366 -8.61 -38.87 31.66
CA PRO F 366 -7.25 -38.88 32.22
C PRO F 366 -6.17 -38.79 31.15
N ASP F 367 -6.44 -39.28 29.94
CA ASP F 367 -5.46 -39.17 28.86
C ASP F 367 -5.28 -37.75 28.38
N GLY F 368 -6.15 -36.82 28.79
CA GLY F 368 -6.09 -35.45 28.36
C GLY F 368 -6.97 -35.11 27.18
N LEU F 369 -7.54 -36.11 26.50
CA LEU F 369 -8.43 -35.84 25.39
C LEU F 369 -9.79 -35.35 25.88
N THR F 370 -10.45 -34.57 25.03
CA THR F 370 -11.75 -34.01 25.34
C THR F 370 -12.77 -34.47 24.30
N ARG F 371 -14.03 -34.50 24.72
CA ARG F 371 -15.14 -34.91 23.86
C ARG F 371 -16.19 -33.81 23.84
N ARG F 372 -16.77 -33.57 22.66
CA ARG F 372 -17.68 -32.46 22.49
C ARG F 372 -18.95 -32.65 23.31
N GLY F 373 -19.43 -31.56 23.90
CA GLY F 373 -20.64 -31.58 24.69
C GLY F 373 -21.74 -30.71 24.09
N ASP F 374 -21.53 -30.22 22.87
CA ASP F 374 -22.48 -29.36 22.20
C ASP F 374 -23.08 -30.06 20.99
N ILE F 375 -24.28 -29.62 20.61
CA ILE F 375 -25.04 -30.22 19.52
C ILE F 375 -25.00 -29.30 18.31
N ASN F 376 -24.96 -29.89 17.13
CA ASN F 376 -25.00 -29.16 15.87
C ASN F 376 -26.17 -29.66 15.03
N LEU F 377 -26.91 -28.73 14.43
CA LEU F 377 -28.09 -29.04 13.64
C LEU F 377 -27.99 -28.41 12.26
N LEU F 378 -28.62 -29.05 11.28
CA LEU F 378 -28.68 -28.55 9.92
C LEU F 378 -30.12 -28.60 9.42
N MET F 379 -30.50 -27.57 8.66
CA MET F 379 -31.84 -27.47 8.11
C MET F 379 -31.76 -27.19 6.62
N LEU F 380 -32.49 -27.97 5.83
CA LEU F 380 -32.61 -27.77 4.39
C LEU F 380 -34.08 -27.65 4.05
N GLY F 381 -34.40 -26.78 3.10
CA GLY F 381 -35.80 -26.61 2.70
C GLY F 381 -35.94 -25.54 1.65
N ASP F 382 -37.15 -25.47 1.10
CA ASP F 382 -37.49 -24.46 0.11
C ASP F 382 -37.65 -23.10 0.78
N PRO F 383 -37.49 -22.01 0.03
CA PRO F 383 -37.70 -20.68 0.61
C PRO F 383 -39.14 -20.49 1.07
N GLY F 384 -39.31 -19.69 2.12
CA GLY F 384 -40.62 -19.43 2.65
C GLY F 384 -41.10 -20.40 3.70
N THR F 385 -40.21 -21.15 4.31
CA THR F 385 -40.56 -22.11 5.36
C THR F 385 -40.28 -21.59 6.76
N ALA F 386 -40.00 -20.29 6.91
CA ALA F 386 -39.76 -19.65 8.20
C ALA F 386 -38.57 -20.29 8.93
N LYS F 387 -37.40 -20.23 8.29
CA LYS F 387 -36.17 -20.72 8.90
C LYS F 387 -35.38 -19.62 9.59
N SER F 388 -35.34 -18.43 8.98
CA SER F 388 -34.62 -17.31 9.58
C SER F 388 -35.27 -16.84 10.87
N GLN F 389 -36.60 -16.94 10.94
CA GLN F 389 -37.32 -16.52 12.15
C GLN F 389 -36.91 -17.39 13.33
N LEU F 390 -36.77 -18.70 13.11
CA LEU F 390 -36.32 -19.58 14.18
C LEU F 390 -34.91 -19.23 14.63
N LEU F 391 -34.03 -18.91 13.67
CA LEU F 391 -32.67 -18.52 14.03
C LEU F 391 -32.65 -17.25 14.87
N LYS F 392 -33.47 -16.26 14.48
CA LYS F 392 -33.53 -15.03 15.26
C LYS F 392 -34.10 -15.27 16.65
N PHE F 393 -35.12 -16.12 16.75
CA PHE F 393 -35.70 -16.45 18.05
C PHE F 393 -34.68 -17.15 18.94
N VAL F 394 -33.89 -18.07 18.36
CA VAL F 394 -32.83 -18.73 19.12
C VAL F 394 -31.78 -17.73 19.57
N GLU F 395 -31.38 -16.81 18.69
CA GLU F 395 -30.39 -15.81 19.07
C GLU F 395 -30.89 -14.93 20.21
N LYS F 396 -32.17 -14.54 20.17
CA LYS F 396 -32.72 -13.70 21.24
C LYS F 396 -32.88 -14.47 22.54
N CYS F 397 -33.27 -15.75 22.45
CA CYS F 397 -33.59 -16.52 23.64
C CYS F 397 -32.33 -16.96 24.38
N SER F 398 -31.30 -17.34 23.64
CA SER F 398 -30.09 -17.86 24.27
C SER F 398 -29.38 -16.77 25.06
N PRO F 399 -28.80 -17.10 26.21
CA PRO F 399 -28.03 -16.08 26.97
C PRO F 399 -26.88 -15.50 26.17
N ILE F 400 -26.20 -16.32 25.38
CA ILE F 400 -25.17 -15.87 24.47
C ILE F 400 -25.53 -16.39 23.08
N GLY F 401 -25.60 -15.49 22.11
CA GLY F 401 -26.01 -15.89 20.76
C GLY F 401 -25.44 -14.94 19.73
N VAL F 402 -25.00 -15.51 18.62
CA VAL F 402 -24.48 -14.75 17.49
C VAL F 402 -25.22 -15.19 16.23
N TYR F 403 -25.51 -14.24 15.35
CA TYR F 403 -26.19 -14.49 14.09
C TYR F 403 -25.31 -13.98 12.95
N THR F 404 -25.00 -14.84 12.00
CA THR F 404 -24.13 -14.49 10.89
C THR F 404 -24.80 -14.87 9.57
N SER F 405 -24.17 -14.46 8.47
CA SER F 405 -24.67 -14.73 7.13
C SER F 405 -23.77 -15.69 6.35
N GLY F 406 -22.91 -16.44 7.03
CA GLY F 406 -22.04 -17.38 6.36
C GLY F 406 -20.73 -16.76 5.91
N LYS F 407 -20.80 -15.59 5.27
CA LYS F 407 -19.62 -14.88 4.80
C LYS F 407 -19.10 -13.88 5.82
N GLY F 408 -19.45 -14.04 7.09
CA GLY F 408 -19.04 -13.09 8.11
C GLY F 408 -20.16 -12.13 8.44
N SER F 409 -19.86 -10.83 8.41
CA SER F 409 -20.85 -9.81 8.68
C SER F 409 -20.40 -8.52 7.98
N SER F 410 -21.07 -7.41 8.32
CA SER F 410 -20.75 -6.13 7.69
C SER F 410 -19.34 -5.69 8.02
N ALA F 411 -18.94 -5.83 9.29
CA ALA F 411 -17.63 -5.37 9.73
C ALA F 411 -16.97 -6.36 10.69
N ALA F 412 -17.24 -7.65 10.52
CA ALA F 412 -16.62 -8.67 11.36
C ALA F 412 -16.60 -9.99 10.61
N GLY F 413 -15.46 -10.69 10.66
CA GLY F 413 -15.33 -11.96 10.00
C GLY F 413 -15.91 -13.10 10.80
N LEU F 414 -16.00 -14.27 10.14
CA LEU F 414 -16.54 -15.45 10.80
C LEU F 414 -15.54 -16.07 11.77
N THR F 415 -14.25 -16.03 11.45
CA THR F 415 -13.21 -16.60 12.28
C THR F 415 -12.19 -15.52 12.65
N ALA F 416 -11.42 -15.81 13.69
CA ALA F 416 -10.45 -14.84 14.21
C ALA F 416 -9.25 -14.71 13.26
N SER F 417 -8.57 -13.58 13.38
CA SER F 417 -7.36 -13.31 12.63
C SER F 417 -6.32 -12.70 13.55
N VAL F 418 -5.05 -12.87 13.21
CA VAL F 418 -3.94 -12.42 14.03
C VAL F 418 -3.04 -11.52 13.18
N MET F 419 -2.69 -10.36 13.73
CA MET F 419 -1.78 -9.43 13.08
C MET F 419 -0.77 -8.91 14.10
N ARG F 420 0.27 -8.26 13.60
CA ARG F 420 1.28 -7.65 14.45
C ARG F 420 1.35 -6.15 14.15
N ASP F 421 1.24 -5.34 15.18
CA ASP F 421 1.29 -3.90 15.02
C ASP F 421 2.74 -3.47 14.78
N PRO F 422 3.05 -2.86 13.64
CA PRO F 422 4.44 -2.42 13.41
C PRO F 422 4.93 -1.39 14.43
N SER F 423 4.04 -0.54 14.93
CA SER F 423 4.46 0.53 15.83
C SER F 423 4.87 -0.03 17.19
N SER F 424 4.05 -0.91 17.75
CA SER F 424 4.26 -1.41 19.12
C SER F 424 4.80 -2.83 19.17
N ARG F 425 4.76 -3.56 18.05
CA ARG F 425 5.22 -4.95 17.98
C ARG F 425 4.49 -5.82 19.01
N ASN F 426 3.16 -5.79 18.91
CA ASN F 426 2.28 -6.58 19.76
C ASN F 426 1.35 -7.42 18.90
N PHE F 427 0.96 -8.58 19.42
CA PHE F 427 0.12 -9.53 18.69
C PHE F 427 -1.34 -9.17 18.94
N ILE F 428 -1.98 -8.58 17.94
CA ILE F 428 -3.38 -8.17 18.04
C ILE F 428 -4.24 -9.24 17.38
N MET F 429 -5.29 -9.67 18.08
CA MET F 429 -6.22 -10.65 17.56
C MET F 429 -7.58 -10.01 17.37
N GLU F 430 -8.19 -10.26 16.22
CA GLU F 430 -9.52 -9.74 15.92
C GLU F 430 -10.56 -10.82 16.22
N GLY F 431 -11.46 -10.53 17.15
CA GLY F 431 -12.46 -11.49 17.56
C GLY F 431 -13.43 -11.80 16.43
N GLY F 432 -13.48 -13.05 15.99
CA GLY F 432 -14.41 -13.47 14.98
C GLY F 432 -15.78 -13.81 15.57
N ALA F 433 -16.70 -14.17 14.67
CA ALA F 433 -18.04 -14.53 15.11
C ALA F 433 -18.04 -15.76 16.00
N MET F 434 -17.24 -16.77 15.65
CA MET F 434 -17.15 -17.96 16.49
C MET F 434 -16.46 -17.67 17.81
N VAL F 435 -15.42 -16.84 17.79
CA VAL F 435 -14.67 -16.55 19.01
C VAL F 435 -15.50 -15.71 19.98
N LEU F 436 -16.31 -14.79 19.45
CA LEU F 436 -17.10 -13.91 20.32
C LEU F 436 -18.12 -14.69 21.15
N ALA F 437 -18.45 -15.91 20.76
CA ALA F 437 -19.39 -16.75 21.50
C ALA F 437 -18.62 -17.88 22.16
N ASP F 438 -18.83 -18.05 23.46
CA ASP F 438 -18.24 -19.15 24.22
C ASP F 438 -19.35 -19.78 25.07
N GLY F 439 -19.74 -20.99 24.73
CA GLY F 439 -20.85 -21.64 25.39
C GLY F 439 -22.21 -21.23 24.89
N GLY F 440 -22.28 -20.39 23.86
CA GLY F 440 -23.53 -19.92 23.32
C GLY F 440 -23.94 -20.66 22.06
N VAL F 441 -24.75 -19.99 21.24
CA VAL F 441 -25.28 -20.57 20.00
C VAL F 441 -24.94 -19.63 18.85
N VAL F 442 -24.43 -20.19 17.76
CA VAL F 442 -24.11 -19.44 16.56
C VAL F 442 -25.05 -19.92 15.45
N CYS F 443 -25.85 -18.98 14.93
CA CYS F 443 -26.76 -19.25 13.83
C CYS F 443 -26.12 -18.77 12.54
N ILE F 444 -26.14 -19.62 11.52
CA ILE F 444 -25.47 -19.35 10.25
C ILE F 444 -26.49 -19.54 9.12
N ASP F 445 -26.89 -18.44 8.50
CA ASP F 445 -27.68 -18.49 7.28
C ASP F 445 -26.76 -18.52 6.07
N GLU F 446 -27.31 -19.03 4.96
CA GLU F 446 -26.57 -19.15 3.69
C GLU F 446 -25.29 -19.96 3.90
N PHE F 447 -25.46 -21.23 4.28
CA PHE F 447 -24.33 -22.11 4.54
C PHE F 447 -23.53 -22.41 3.28
N ASP F 448 -24.11 -22.21 2.10
CA ASP F 448 -23.44 -22.61 0.86
C ASP F 448 -22.32 -21.65 0.47
N LYS F 449 -22.47 -20.36 0.77
CA LYS F 449 -21.58 -19.34 0.25
C LYS F 449 -20.34 -19.12 1.12
N MET F 450 -19.94 -20.10 1.92
CA MET F 450 -18.77 -19.94 2.79
C MET F 450 -17.49 -19.89 1.96
N ARG F 451 -16.53 -19.09 2.43
CA ARG F 451 -15.24 -19.00 1.78
C ARG F 451 -14.35 -20.19 2.18
N GLU F 452 -13.25 -20.35 1.44
CA GLU F 452 -12.42 -21.54 1.58
C GLU F 452 -11.75 -21.62 2.95
N ASP F 453 -11.10 -20.54 3.37
CA ASP F 453 -10.38 -20.53 4.64
C ASP F 453 -11.34 -20.74 5.81
N ASP F 454 -12.48 -20.04 5.79
CA ASP F 454 -13.48 -20.21 6.84
C ASP F 454 -14.04 -21.62 6.83
N ARG F 455 -14.26 -22.19 5.64
CA ARG F 455 -14.77 -23.55 5.55
C ARG F 455 -13.79 -24.55 6.15
N VAL F 456 -12.49 -24.34 5.89
CA VAL F 456 -11.48 -25.22 6.48
C VAL F 456 -11.45 -25.07 7.99
N ALA F 457 -11.52 -23.83 8.48
CA ALA F 457 -11.43 -23.60 9.92
C ALA F 457 -12.64 -24.15 10.67
N ILE F 458 -13.82 -24.09 10.07
CA ILE F 458 -15.04 -24.53 10.75
C ILE F 458 -15.01 -26.04 10.98
N HIS F 459 -14.26 -26.79 10.17
CA HIS F 459 -14.11 -28.22 10.44
C HIS F 459 -13.50 -28.46 11.81
N GLU F 460 -12.37 -27.82 12.10
CA GLU F 460 -11.74 -27.95 13.41
C GLU F 460 -12.59 -27.30 14.49
N ALA F 461 -13.28 -26.21 14.16
CA ALA F 461 -14.13 -25.54 15.14
C ALA F 461 -15.26 -26.46 15.61
N MET F 462 -15.85 -27.22 14.68
CA MET F 462 -16.91 -28.15 15.04
C MET F 462 -16.37 -29.40 15.70
N GLU F 463 -15.22 -29.90 15.24
CA GLU F 463 -14.71 -31.17 15.78
C GLU F 463 -14.10 -30.99 17.16
N GLN F 464 -13.01 -30.23 17.24
CA GLN F 464 -12.26 -30.09 18.49
C GLN F 464 -12.63 -28.84 19.28
N GLN F 465 -13.52 -28.00 18.76
CA GLN F 465 -13.95 -26.77 19.43
C GLN F 465 -12.77 -25.84 19.72
N THR F 466 -11.71 -25.92 18.90
CA THR F 466 -10.54 -25.07 19.05
C THR F 466 -10.12 -24.58 17.67
N ILE F 467 -9.43 -23.45 17.65
CA ILE F 467 -8.87 -22.90 16.43
C ILE F 467 -7.38 -22.64 16.64
N SER F 468 -6.57 -23.22 15.77
CA SER F 468 -5.12 -23.11 15.87
C SER F 468 -4.62 -22.16 14.80
N ILE F 469 -3.88 -21.13 15.21
CA ILE F 469 -3.35 -20.13 14.31
C ILE F 469 -1.85 -20.00 14.56
N ALA F 470 -1.05 -20.14 13.50
CA ALA F 470 0.40 -20.03 13.60
C ALA F 470 0.87 -18.98 12.60
N LYS F 471 1.63 -18.00 13.09
CA LYS F 471 2.23 -16.97 12.26
C LYS F 471 3.66 -16.75 12.73
N ALA F 472 4.34 -15.81 12.06
CA ALA F 472 5.75 -15.57 12.33
C ALA F 472 5.98 -15.21 13.80
N GLY F 473 6.62 -16.11 14.54
CA GLY F 473 6.93 -15.87 15.93
C GLY F 473 5.81 -16.14 16.91
N ILE F 474 4.69 -16.73 16.46
CA ILE F 474 3.57 -16.97 17.36
C ILE F 474 2.84 -18.23 16.91
N THR F 475 2.34 -18.98 17.89
CA THR F 475 1.48 -20.14 17.64
C THR F 475 0.50 -20.24 18.80
N THR F 476 -0.79 -20.12 18.51
CA THR F 476 -1.80 -20.05 19.55
C THR F 476 -2.97 -20.96 19.21
N THR F 477 -3.69 -21.37 20.25
CA THR F 477 -4.88 -22.21 20.13
C THR F 477 -6.00 -21.58 20.94
N LEU F 478 -6.91 -20.90 20.25
CA LEU F 478 -8.05 -20.26 20.88
C LEU F 478 -9.20 -21.26 21.04
N ASN F 479 -10.02 -21.03 22.06
CA ASN F 479 -11.14 -21.91 22.37
C ASN F 479 -12.43 -21.38 21.77
N SER F 480 -13.18 -22.27 21.11
CA SER F 480 -14.47 -21.91 20.54
C SER F 480 -15.44 -23.06 20.85
N ARG F 481 -16.11 -22.97 21.99
CA ARG F 481 -17.07 -23.99 22.42
C ARG F 481 -18.49 -23.52 22.07
N CYS F 482 -18.80 -23.62 20.79
CA CYS F 482 -20.03 -23.07 20.24
C CYS F 482 -20.93 -24.17 19.68
N SER F 483 -22.20 -24.12 20.06
CA SER F 483 -23.22 -24.89 19.37
C SER F 483 -23.56 -24.18 18.06
N VAL F 484 -23.80 -24.96 17.00
CA VAL F 484 -23.99 -24.42 15.66
C VAL F 484 -25.39 -24.78 15.19
N LEU F 485 -26.13 -23.77 14.74
CA LEU F 485 -27.44 -23.96 14.11
C LEU F 485 -27.38 -23.31 12.73
N ALA F 486 -27.54 -24.10 11.68
CA ALA F 486 -27.30 -23.67 10.33
C ALA F 486 -28.54 -23.83 9.46
N ALA F 487 -28.68 -22.94 8.48
CA ALA F 487 -29.75 -23.02 7.49
C ALA F 487 -29.13 -22.88 6.10
N ALA F 488 -29.70 -23.60 5.14
CA ALA F 488 -29.19 -23.60 3.79
C ALA F 488 -30.33 -23.87 2.81
N ASN F 489 -30.08 -23.56 1.54
CA ASN F 489 -31.06 -23.70 0.47
C ASN F 489 -30.70 -24.85 -0.44
N SER F 490 -31.67 -25.29 -1.23
CA SER F 490 -31.45 -26.41 -2.15
C SER F 490 -30.53 -26.00 -3.29
N VAL F 491 -29.94 -27.00 -3.93
CA VAL F 491 -29.01 -26.74 -5.03
C VAL F 491 -29.73 -26.12 -6.21
N PHE F 492 -30.88 -26.67 -6.58
CA PHE F 492 -31.65 -26.17 -7.71
C PHE F 492 -32.59 -25.02 -7.35
N GLY F 493 -32.59 -24.59 -6.08
CA GLY F 493 -33.50 -23.58 -5.61
C GLY F 493 -34.76 -24.12 -4.95
N ARG F 494 -35.27 -25.25 -5.42
CA ARG F 494 -36.41 -25.91 -4.80
C ARG F 494 -36.15 -27.41 -4.80
N TRP F 495 -36.66 -28.08 -3.78
CA TRP F 495 -36.41 -29.51 -3.62
C TRP F 495 -37.07 -30.32 -4.72
N ASP F 496 -36.36 -31.34 -5.21
CA ASP F 496 -36.87 -32.28 -6.20
C ASP F 496 -36.96 -33.64 -5.51
N GLU F 497 -38.19 -34.07 -5.20
CA GLU F 497 -38.39 -35.29 -4.42
C GLU F 497 -37.88 -36.52 -5.17
N THR F 498 -38.16 -36.60 -6.47
CA THR F 498 -37.81 -37.80 -7.22
C THR F 498 -36.31 -37.96 -7.38
N LYS F 499 -35.57 -36.85 -7.48
CA LYS F 499 -34.11 -36.96 -7.66
C LYS F 499 -33.44 -37.55 -6.43
N GLY F 500 -34.06 -37.42 -5.25
CA GLY F 500 -33.49 -37.96 -4.04
C GLY F 500 -32.19 -37.28 -3.65
N GLU F 501 -31.07 -37.98 -3.81
CA GLU F 501 -29.77 -37.41 -3.54
C GLU F 501 -29.40 -36.39 -4.63
N ASP F 502 -28.17 -35.88 -4.54
CA ASP F 502 -27.61 -34.85 -5.40
C ASP F 502 -28.28 -33.50 -5.19
N ASN F 503 -29.26 -33.40 -4.30
CA ASN F 503 -29.85 -32.11 -3.94
C ASN F 503 -29.04 -31.38 -2.88
N ILE F 504 -28.00 -32.01 -2.33
CA ILE F 504 -27.15 -31.42 -1.31
C ILE F 504 -25.76 -31.26 -1.88
N ASP F 505 -25.24 -30.04 -1.85
CA ASP F 505 -23.91 -29.76 -2.40
C ASP F 505 -22.79 -30.04 -1.41
N PHE F 506 -23.10 -30.11 -0.12
CA PHE F 506 -22.07 -30.32 0.88
C PHE F 506 -21.48 -31.73 0.78
N MET F 507 -20.18 -31.83 1.03
CA MET F 507 -19.51 -33.12 1.03
C MET F 507 -19.94 -33.94 2.25
N PRO F 508 -19.82 -35.26 2.18
CA PRO F 508 -20.18 -36.09 3.34
C PRO F 508 -19.33 -35.80 4.57
N THR F 509 -18.11 -35.30 4.41
CA THR F 509 -17.25 -35.02 5.55
C THR F 509 -17.88 -33.98 6.48
N ILE F 510 -18.31 -32.85 5.92
CA ILE F 510 -18.93 -31.81 6.73
C ILE F 510 -20.31 -32.26 7.21
N LEU F 511 -20.98 -33.12 6.45
CA LEU F 511 -22.29 -33.60 6.84
C LEU F 511 -22.20 -34.57 8.02
N SER F 512 -21.07 -35.24 8.19
CA SER F 512 -20.92 -36.16 9.31
C SER F 512 -20.85 -35.44 10.64
N ARG F 513 -20.40 -34.18 10.64
CA ARG F 513 -20.27 -33.42 11.88
C ARG F 513 -21.62 -33.07 12.50
N PHE F 514 -22.63 -32.77 11.68
CA PHE F 514 -23.92 -32.36 12.18
C PHE F 514 -24.62 -33.51 12.88
N ASP F 515 -25.20 -33.22 14.05
CA ASP F 515 -25.89 -34.25 14.83
C ASP F 515 -27.22 -34.64 14.18
N MET F 516 -28.01 -33.65 13.76
CA MET F 516 -29.30 -33.92 13.13
C MET F 516 -29.45 -33.03 11.90
N ILE F 517 -30.12 -33.57 10.88
CA ILE F 517 -30.39 -32.85 9.64
C ILE F 517 -31.89 -32.96 9.37
N PHE F 518 -32.55 -31.82 9.19
CA PHE F 518 -33.97 -31.75 8.94
C PHE F 518 -34.22 -31.28 7.52
N ILE F 519 -35.26 -31.83 6.89
CA ILE F 519 -35.65 -31.46 5.53
C ILE F 519 -37.10 -31.02 5.58
N VAL F 520 -37.37 -29.82 5.04
CA VAL F 520 -38.70 -29.25 5.01
C VAL F 520 -39.11 -29.03 3.56
N LYS F 521 -40.34 -29.41 3.23
CA LYS F 521 -40.85 -29.29 1.88
C LYS F 521 -42.19 -28.58 1.90
N ASP F 522 -42.52 -27.92 0.79
CA ASP F 522 -43.77 -27.19 0.65
C ASP F 522 -44.87 -28.18 0.33
N GLU F 523 -45.46 -28.74 1.39
CA GLU F 523 -46.56 -29.70 1.25
C GLU F 523 -47.82 -28.91 0.92
N HIS F 524 -48.23 -28.97 -0.35
CA HIS F 524 -49.35 -28.19 -0.84
C HIS F 524 -50.66 -28.93 -0.57
N ASN F 525 -51.42 -28.45 0.40
CA ASN F 525 -52.76 -28.95 0.68
C ASN F 525 -53.72 -27.78 0.63
N GLU F 526 -54.89 -28.00 -0.01
CA GLU F 526 -55.87 -26.92 -0.14
C GLU F 526 -56.39 -26.48 1.21
N GLU F 527 -56.64 -27.44 2.11
CA GLU F 527 -57.16 -27.11 3.44
C GLU F 527 -56.09 -26.51 4.35
N ARG F 528 -54.81 -26.79 4.09
CA ARG F 528 -53.76 -26.31 4.98
C ARG F 528 -53.48 -24.82 4.77
N ASP F 529 -53.56 -24.35 3.53
CA ASP F 529 -53.21 -22.97 3.22
C ASP F 529 -54.18 -22.00 3.87
N VAL F 530 -55.46 -22.37 3.93
CA VAL F 530 -56.46 -21.52 4.58
C VAL F 530 -56.13 -21.34 6.05
N MET F 531 -55.72 -22.43 6.72
CA MET F 531 -55.36 -22.35 8.13
C MET F 531 -54.17 -21.41 8.33
N LEU F 532 -53.15 -21.52 7.48
CA LEU F 532 -51.98 -20.66 7.60
C LEU F 532 -52.35 -19.20 7.38
N ALA F 533 -53.15 -18.92 6.36
CA ALA F 533 -53.55 -17.54 6.07
C ALA F 533 -54.35 -16.95 7.23
N LYS F 534 -55.32 -17.71 7.75
CA LYS F 534 -56.11 -17.24 8.87
C LYS F 534 -55.25 -17.02 10.11
N HIS F 535 -54.30 -17.92 10.36
CA HIS F 535 -53.41 -17.78 11.51
C HIS F 535 -52.55 -16.52 11.39
N VAL F 536 -52.03 -16.26 10.19
CA VAL F 536 -51.19 -15.09 9.96
C VAL F 536 -52.01 -13.82 10.17
N ILE F 537 -53.22 -13.78 9.61
CA ILE F 537 -54.06 -12.60 9.75
C ILE F 537 -54.44 -12.39 11.21
N THR F 538 -54.76 -13.47 11.93
CA THR F 538 -55.11 -13.36 13.33
C THR F 538 -53.93 -12.85 14.15
N LEU F 539 -52.73 -13.33 13.86
CA LEU F 539 -51.53 -12.83 14.55
C LEU F 539 -51.34 -11.35 14.29
N HIS F 540 -51.48 -10.92 13.02
CA HIS F 540 -51.30 -9.52 12.68
C HIS F 540 -52.33 -8.65 13.39
N VAL F 541 -53.57 -9.13 13.49
CA VAL F 541 -54.62 -8.36 14.15
C VAL F 541 -54.36 -8.28 15.66
N SER F 542 -53.99 -9.41 16.27
CA SER F 542 -53.90 -9.45 17.73
C SER F 542 -52.57 -8.91 18.24
N ALA F 543 -51.61 -8.66 17.35
CA ALA F 543 -50.34 -8.10 17.79
C ALA F 543 -50.50 -6.71 18.39
N LEU F 544 -51.54 -5.97 17.98
CA LEU F 544 -51.71 -4.60 18.44
C LEU F 544 -52.27 -4.54 19.86
N THR F 545 -53.16 -5.48 20.21
CA THR F 545 -53.94 -5.36 21.44
C THR F 545 -53.30 -6.06 22.63
N GLN F 546 -53.09 -7.38 22.54
CA GLN F 546 -52.69 -8.19 23.68
C GLN F 546 -51.44 -8.97 23.37
N THR F 547 -50.57 -9.10 24.37
CA THR F 547 -49.37 -9.95 24.30
C THR F 547 -49.40 -10.84 25.54
N GLN F 548 -50.06 -11.98 25.42
CA GLN F 548 -50.25 -12.89 26.55
C GLN F 548 -49.89 -14.31 26.13
N ALA F 549 -49.48 -15.11 27.11
CA ALA F 549 -49.17 -16.51 26.86
C ALA F 549 -50.44 -17.27 26.49
N VAL F 550 -50.31 -18.20 25.54
CA VAL F 550 -51.47 -18.96 25.08
C VAL F 550 -51.95 -19.91 26.17
N GLU F 551 -51.10 -20.87 26.56
CA GLU F 551 -51.44 -21.81 27.63
C GLU F 551 -50.18 -22.07 28.45
N GLY F 552 -50.02 -21.30 29.51
CA GLY F 552 -48.93 -21.51 30.45
C GLY F 552 -47.54 -21.29 29.89
N GLU F 553 -47.42 -20.56 28.79
CA GLU F 553 -46.11 -20.34 28.18
C GLU F 553 -45.24 -19.46 29.08
N ILE F 554 -43.96 -19.78 29.13
CA ILE F 554 -43.02 -19.07 29.99
C ILE F 554 -42.59 -17.77 29.32
N ASP F 555 -42.42 -16.72 30.11
CA ASP F 555 -41.96 -15.44 29.58
C ASP F 555 -40.52 -15.57 29.07
N LEU F 556 -40.15 -14.68 28.15
CA LEU F 556 -38.83 -14.76 27.53
C LEU F 556 -37.71 -14.59 28.55
N ALA F 557 -37.83 -13.59 29.42
CA ALA F 557 -36.82 -13.38 30.44
C ALA F 557 -36.77 -14.54 31.43
N LYS F 558 -37.95 -15.02 31.84
CA LYS F 558 -38.02 -16.16 32.75
C LYS F 558 -37.42 -17.41 32.11
N LEU F 559 -37.72 -17.65 30.83
CA LEU F 559 -37.18 -18.80 30.13
C LEU F 559 -35.66 -18.69 30.02
N LYS F 560 -35.16 -17.49 29.71
CA LYS F 560 -33.72 -17.26 29.61
C LYS F 560 -33.02 -17.56 30.94
N LYS F 561 -33.57 -17.02 32.03
CA LYS F 561 -32.98 -17.24 33.35
C LYS F 561 -33.04 -18.71 33.74
N PHE F 562 -34.16 -19.37 33.43
CA PHE F 562 -34.30 -20.79 33.76
C PHE F 562 -33.29 -21.63 32.99
N ILE F 563 -33.10 -21.33 31.70
CA ILE F 563 -32.13 -22.07 30.89
C ILE F 563 -30.72 -21.85 31.45
N ALA F 564 -30.38 -20.61 31.79
CA ALA F 564 -29.06 -20.33 32.34
C ALA F 564 -28.86 -21.08 33.66
N TYR F 565 -29.87 -21.07 34.53
CA TYR F 565 -29.77 -21.76 35.81
C TYR F 565 -29.58 -23.26 35.61
N CYS F 566 -30.35 -23.85 34.69
CA CYS F 566 -30.22 -25.29 34.44
C CYS F 566 -28.85 -25.63 33.88
N ARG F 567 -28.34 -24.81 32.96
CA ARG F 567 -27.01 -25.07 32.40
C ARG F 567 -25.93 -24.95 33.46
N VAL F 568 -26.03 -23.95 34.33
CA VAL F 568 -24.99 -23.74 35.34
C VAL F 568 -25.03 -24.83 36.41
N LYS F 569 -26.24 -25.25 36.81
CA LYS F 569 -26.39 -26.02 38.05
C LYS F 569 -25.78 -27.41 37.94
N CYS F 570 -26.29 -28.25 37.05
CA CYS F 570 -25.94 -29.67 37.07
C CYS F 570 -25.84 -30.21 35.66
N GLY F 571 -25.20 -31.38 35.54
CA GLY F 571 -25.07 -32.10 34.30
C GLY F 571 -25.13 -33.60 34.51
N PRO F 572 -26.04 -34.27 33.78
CA PRO F 572 -26.28 -35.69 34.01
C PRO F 572 -25.43 -36.59 33.13
N ARG F 573 -25.49 -37.89 33.44
CA ARG F 573 -24.79 -38.92 32.67
C ARG F 573 -25.71 -40.12 32.51
N LEU F 574 -25.33 -41.03 31.61
CA LEU F 574 -26.19 -42.13 31.22
C LEU F 574 -26.16 -43.26 32.26
N SER F 575 -26.94 -44.30 31.98
CA SER F 575 -27.02 -45.50 32.80
C SER F 575 -26.72 -46.74 31.97
N ALA F 576 -26.60 -47.88 32.65
CA ALA F 576 -26.17 -49.11 31.99
C ALA F 576 -27.24 -49.66 31.06
N GLU F 577 -28.48 -49.74 31.54
CA GLU F 577 -29.56 -50.32 30.73
C GLU F 577 -29.82 -49.49 29.47
N ALA F 578 -29.84 -48.17 29.63
CA ALA F 578 -29.99 -47.30 28.47
C ALA F 578 -28.81 -47.45 27.52
N ALA F 579 -27.61 -47.64 28.07
CA ALA F 579 -26.44 -47.85 27.23
C ALA F 579 -26.57 -49.13 26.41
N GLU F 580 -27.04 -50.21 27.03
CA GLU F 580 -27.22 -51.46 26.30
C GLU F 580 -28.29 -51.33 25.21
N LYS F 581 -29.39 -50.66 25.55
CA LYS F 581 -30.44 -50.43 24.55
C LYS F 581 -29.91 -49.62 23.38
N LEU F 582 -29.14 -48.58 23.66
CA LEU F 582 -28.58 -47.74 22.61
C LEU F 582 -27.57 -48.53 21.77
N LYS F 583 -26.80 -49.41 22.41
CA LYS F 583 -25.89 -50.27 21.67
C LYS F 583 -26.64 -51.13 20.67
N ASN F 584 -27.70 -51.80 21.14
CA ASN F 584 -28.47 -52.67 20.24
C ASN F 584 -29.08 -51.86 19.10
N ARG F 585 -29.67 -50.71 19.42
CA ARG F 585 -30.30 -49.89 18.39
C ARG F 585 -29.27 -49.38 17.38
N TYR F 586 -28.10 -48.97 17.86
CA TYR F 586 -27.06 -48.48 16.96
C TYR F 586 -26.55 -49.58 16.04
N ILE F 587 -26.35 -50.79 16.58
CA ILE F 587 -25.92 -51.90 15.75
C ILE F 587 -26.96 -52.20 14.67
N ILE F 588 -28.24 -52.25 15.07
CA ILE F 588 -29.30 -52.52 14.10
C ILE F 588 -29.36 -51.43 13.03
N MET F 589 -29.26 -50.17 13.44
CA MET F 589 -29.31 -49.06 12.49
C MET F 589 -28.14 -49.10 11.52
N ARG F 590 -26.93 -49.39 12.02
CA ARG F 590 -25.77 -49.45 11.14
C ARG F 590 -25.89 -50.60 10.16
N SER F 591 -26.36 -51.77 10.62
CA SER F 591 -26.56 -52.89 9.71
C SER F 591 -27.60 -52.57 8.64
N GLY F 592 -28.70 -51.92 9.04
CA GLY F 592 -29.71 -51.54 8.08
C GLY F 592 -29.21 -50.52 7.07
N ALA F 593 -28.41 -49.55 7.54
CA ALA F 593 -27.82 -48.58 6.63
C ALA F 593 -26.89 -49.24 5.63
N ARG F 594 -26.06 -50.18 6.09
CA ARG F 594 -25.18 -50.89 5.18
C ARG F 594 -25.97 -51.68 4.15
N GLN F 595 -27.03 -52.36 4.59
CA GLN F 595 -27.86 -53.12 3.68
C GLN F 595 -28.53 -52.21 2.64
N HIS F 596 -29.02 -51.05 3.09
CA HIS F 596 -29.64 -50.11 2.17
C HIS F 596 -28.64 -49.58 1.15
N GLU F 597 -27.42 -49.26 1.60
CA GLU F 597 -26.40 -48.80 0.67
C GLU F 597 -26.04 -49.87 -0.35
N ARG F 598 -25.93 -51.13 0.09
CA ARG F 598 -25.61 -52.21 -0.83
C ARG F 598 -26.73 -52.43 -1.84
N ASP F 599 -27.98 -52.38 -1.38
CA ASP F 599 -29.12 -52.63 -2.27
C ASP F 599 -29.29 -51.49 -3.27
N SER F 600 -29.17 -50.25 -2.81
CA SER F 600 -29.40 -49.10 -3.69
C SER F 600 -28.26 -48.92 -4.70
N ASP F 601 -27.10 -49.53 -4.41
CA ASP F 601 -25.92 -49.44 -5.29
C ASP F 601 -25.52 -47.97 -5.51
N ARG F 602 -25.51 -47.20 -4.43
CA ARG F 602 -25.14 -45.79 -4.49
C ARG F 602 -24.68 -45.35 -3.11
N ARG F 603 -23.58 -44.59 -3.08
CA ARG F 603 -23.04 -44.10 -1.81
C ARG F 603 -23.97 -43.06 -1.21
N SER F 604 -24.37 -43.28 0.04
CA SER F 604 -25.25 -42.34 0.71
C SER F 604 -24.49 -41.08 1.10
N SER F 605 -25.08 -39.92 0.83
CA SER F 605 -24.46 -38.65 1.19
C SER F 605 -24.54 -38.35 2.68
N ILE F 606 -25.30 -39.13 3.44
CA ILE F 606 -25.44 -38.92 4.88
C ILE F 606 -25.05 -40.22 5.58
N PRO F 607 -23.77 -40.44 5.85
CA PRO F 607 -23.35 -41.70 6.49
C PRO F 607 -23.66 -41.73 7.97
N ILE F 608 -23.62 -42.93 8.53
CA ILE F 608 -23.84 -43.16 9.94
C ILE F 608 -22.55 -43.70 10.54
N THR F 609 -22.07 -43.04 11.59
CA THR F 609 -20.80 -43.39 12.23
C THR F 609 -20.95 -43.30 13.73
N VAL F 610 -19.81 -43.40 14.42
CA VAL F 610 -19.78 -43.27 15.88
C VAL F 610 -20.21 -41.88 16.31
N ARG F 611 -19.99 -40.88 15.44
CA ARG F 611 -20.41 -39.52 15.77
C ARG F 611 -21.92 -39.44 15.97
N GLN F 612 -22.70 -40.20 15.19
CA GLN F 612 -24.14 -40.24 15.41
C GLN F 612 -24.49 -40.87 16.76
N LEU F 613 -23.77 -41.92 17.16
CA LEU F 613 -23.99 -42.51 18.48
C LEU F 613 -23.69 -41.51 19.58
N GLU F 614 -22.60 -40.76 19.46
CA GLU F 614 -22.29 -39.73 20.43
C GLU F 614 -23.33 -38.62 20.42
N ALA F 615 -23.88 -38.29 19.25
CA ALA F 615 -24.94 -37.30 19.16
C ALA F 615 -26.19 -37.77 19.89
N ILE F 616 -26.55 -39.04 19.73
CA ILE F 616 -27.70 -39.59 20.44
C ILE F 616 -27.46 -39.56 21.95
N VAL F 617 -26.25 -39.92 22.38
CA VAL F 617 -25.89 -39.85 23.79
C VAL F 617 -26.04 -38.42 24.31
N ARG F 618 -25.58 -37.45 23.51
CA ARG F 618 -25.65 -36.05 23.91
C ARG F 618 -27.09 -35.56 24.00
N ILE F 619 -27.94 -35.98 23.06
CA ILE F 619 -29.35 -35.57 23.10
C ILE F 619 -30.03 -36.17 24.33
N ALA F 620 -29.73 -37.43 24.64
CA ALA F 620 -30.28 -38.04 25.85
C ALA F 620 -29.81 -37.31 27.10
N GLU F 621 -28.52 -36.92 27.13
CA GLU F 621 -27.99 -36.18 28.26
C GLU F 621 -28.67 -34.83 28.40
N ALA F 622 -28.94 -34.16 27.27
CA ALA F 622 -29.64 -32.88 27.31
C ALA F 622 -31.06 -33.05 27.83
N LEU F 623 -31.73 -34.12 27.40
CA LEU F 623 -33.08 -34.39 27.89
C LEU F 623 -33.09 -34.64 29.39
N SER F 624 -32.10 -35.39 29.88
CA SER F 624 -31.98 -35.60 31.32
C SER F 624 -31.66 -34.30 32.05
N LYS F 625 -30.81 -33.47 31.46
CA LYS F 625 -30.45 -32.18 32.06
C LYS F 625 -31.65 -31.26 32.17
N MET F 626 -32.59 -31.38 31.23
CA MET F 626 -33.77 -30.54 31.24
C MET F 626 -34.59 -30.74 32.52
N LYS F 627 -34.52 -31.92 33.12
CA LYS F 627 -35.24 -32.22 34.35
C LYS F 627 -34.36 -32.17 35.59
N LEU F 628 -33.10 -31.75 35.45
CA LEU F 628 -32.16 -31.61 36.56
C LEU F 628 -31.87 -32.95 37.24
N GLN F 629 -32.25 -34.05 36.62
CA GLN F 629 -31.96 -35.36 37.18
C GLN F 629 -30.48 -35.69 37.00
N PRO F 630 -29.85 -36.33 37.98
CA PRO F 630 -28.42 -36.65 37.83
C PRO F 630 -28.15 -37.79 36.87
N PHE F 631 -29.13 -38.66 36.63
CA PHE F 631 -28.97 -39.80 35.75
C PHE F 631 -30.10 -39.84 34.74
N ALA F 632 -29.78 -40.24 33.51
CA ALA F 632 -30.78 -40.35 32.46
C ALA F 632 -31.60 -41.62 32.62
N THR F 633 -32.77 -41.63 32.01
CA THR F 633 -33.69 -42.75 32.06
C THR F 633 -33.90 -43.29 30.66
N GLU F 634 -34.65 -44.40 30.58
CA GLU F 634 -34.90 -45.04 29.29
C GLU F 634 -35.84 -44.21 28.43
N ALA F 635 -36.75 -43.45 29.05
CA ALA F 635 -37.67 -42.61 28.30
C ALA F 635 -36.94 -41.54 27.51
N ASP F 636 -35.93 -40.91 28.13
CA ASP F 636 -35.15 -39.90 27.43
C ASP F 636 -34.42 -40.49 26.24
N VAL F 637 -33.87 -41.70 26.41
CA VAL F 637 -33.18 -42.37 25.32
C VAL F 637 -34.16 -42.71 24.20
N GLU F 638 -35.37 -43.15 24.55
CA GLU F 638 -36.37 -43.45 23.54
C GLU F 638 -36.75 -42.20 22.76
N GLU F 639 -36.94 -41.07 23.46
CA GLU F 639 -37.27 -39.82 22.77
C GLU F 639 -36.14 -39.37 21.87
N ALA F 640 -34.90 -39.48 22.35
CA ALA F 640 -33.74 -39.10 21.52
C ALA F 640 -33.65 -39.99 20.29
N LEU F 641 -33.88 -41.29 20.45
CA LEU F 641 -33.85 -42.20 19.31
C LEU F 641 -34.96 -41.86 18.32
N ARG F 642 -36.15 -41.53 18.81
CA ARG F 642 -37.24 -41.15 17.92
C ARG F 642 -36.90 -39.90 17.12
N LEU F 643 -36.34 -38.89 17.80
CA LEU F 643 -35.95 -37.66 17.10
C LEU F 643 -34.87 -37.93 16.08
N PHE F 644 -33.85 -38.70 16.47
CA PHE F 644 -32.76 -39.02 15.54
C PHE F 644 -33.26 -39.79 14.34
N GLN F 645 -34.15 -40.77 14.56
CA GLN F 645 -34.79 -41.45 13.45
C GLN F 645 -35.48 -40.46 12.53
N VAL F 646 -36.47 -39.73 13.07
CA VAL F 646 -37.32 -38.87 12.25
C VAL F 646 -36.50 -37.89 11.43
N SER F 647 -35.42 -37.38 12.01
CA SER F 647 -34.61 -36.45 11.24
C SER F 647 -33.64 -37.17 10.30
N THR F 648 -32.70 -37.92 10.85
CA THR F 648 -31.56 -38.40 10.07
C THR F 648 -31.96 -39.52 9.13
N LEU F 649 -32.75 -40.49 9.60
CA LEU F 649 -33.10 -41.61 8.75
C LEU F 649 -34.02 -41.18 7.62
N ASP F 650 -34.91 -40.23 7.89
CA ASP F 650 -35.74 -39.68 6.82
C ASP F 650 -34.91 -38.89 5.81
N ALA F 651 -33.91 -38.14 6.29
CA ALA F 651 -33.06 -37.40 5.37
C ALA F 651 -32.23 -38.35 4.49
N ALA F 652 -31.67 -39.39 5.10
CA ALA F 652 -30.75 -40.27 4.38
C ALA F 652 -31.51 -41.20 3.42
N LEU F 653 -32.62 -41.77 3.87
CA LEU F 653 -33.35 -42.74 3.07
C LEU F 653 -34.25 -42.09 2.03
N SER F 654 -34.29 -40.76 1.96
CA SER F 654 -35.10 -40.06 0.98
C SER F 654 -34.63 -40.35 -0.44
N GLU F 667 -41.33 -45.76 1.01
CA GLU F 667 -41.60 -46.46 -0.23
C GLU F 667 -42.25 -45.53 -1.25
N ASP F 668 -42.71 -44.38 -0.78
CA ASP F 668 -43.40 -43.43 -1.67
C ASP F 668 -42.46 -42.89 -2.74
N GLN F 669 -41.23 -42.54 -2.35
CA GLN F 669 -40.29 -41.95 -3.30
C GLN F 669 -39.82 -42.98 -4.33
N GLU F 670 -39.58 -44.22 -3.89
CA GLU F 670 -39.21 -45.28 -4.83
C GLU F 670 -40.35 -45.56 -5.80
N MET F 671 -41.59 -45.53 -5.30
CA MET F 671 -42.75 -45.70 -6.17
C MET F 671 -42.87 -44.56 -7.17
N LEU F 672 -42.59 -43.33 -6.73
CA LEU F 672 -42.57 -42.20 -7.66
C LEU F 672 -41.48 -42.39 -8.72
N SER F 673 -40.32 -42.92 -8.32
CA SER F 673 -39.26 -43.19 -9.28
C SER F 673 -39.70 -44.26 -10.28
N ARG F 674 -40.42 -45.28 -9.82
CA ARG F 674 -40.96 -46.28 -10.72
C ARG F 674 -41.91 -45.65 -11.73
N ILE F 675 -42.78 -44.75 -11.26
CA ILE F 675 -43.71 -44.08 -12.17
C ILE F 675 -42.94 -43.23 -13.18
N GLU F 676 -41.89 -42.55 -12.71
CA GLU F 676 -41.09 -41.72 -13.62
C GLU F 676 -40.43 -42.57 -14.69
N LYS F 677 -39.86 -43.71 -14.30
CA LYS F 677 -39.22 -44.59 -15.28
C LYS F 677 -40.23 -45.14 -16.27
N GLN F 678 -41.41 -45.55 -15.78
CA GLN F 678 -42.44 -46.07 -16.67
C GLN F 678 -42.91 -44.99 -17.65
N LEU F 679 -43.09 -43.77 -17.16
CA LEU F 679 -43.54 -42.70 -18.04
C LEU F 679 -42.47 -42.35 -19.08
N LYS F 680 -41.21 -42.33 -18.67
CA LYS F 680 -40.13 -42.08 -19.63
C LYS F 680 -40.08 -43.15 -20.70
N ARG F 681 -40.25 -44.41 -20.31
CA ARG F 681 -40.24 -45.50 -21.29
C ARG F 681 -41.43 -45.40 -22.23
N ARG F 682 -42.61 -45.06 -21.71
CA ARG F 682 -43.81 -45.05 -22.54
C ARG F 682 -43.83 -43.83 -23.48
N PHE F 683 -43.39 -42.67 -23.00
CA PHE F 683 -43.42 -41.49 -23.84
C PHE F 683 -42.37 -41.58 -24.95
N ALA F 684 -42.60 -40.81 -26.00
CA ALA F 684 -41.68 -40.69 -27.13
C ALA F 684 -41.59 -39.23 -27.52
N ILE F 685 -40.50 -38.87 -28.20
CA ILE F 685 -40.29 -37.48 -28.58
C ILE F 685 -41.22 -37.13 -29.73
N GLY F 686 -41.97 -36.03 -29.56
CA GLY F 686 -42.88 -35.56 -30.57
C GLY F 686 -44.27 -36.17 -30.55
N SER F 687 -44.53 -37.12 -29.65
CA SER F 687 -45.83 -37.76 -29.56
C SER F 687 -46.71 -37.05 -28.54
N GLN F 688 -48.01 -37.09 -28.77
CA GLN F 688 -48.98 -36.49 -27.87
C GLN F 688 -49.72 -37.56 -27.09
N VAL F 689 -49.99 -37.27 -25.82
CA VAL F 689 -50.70 -38.19 -24.94
C VAL F 689 -51.76 -37.40 -24.18
N SER F 690 -52.96 -37.97 -24.08
CA SER F 690 -54.02 -37.37 -23.29
C SER F 690 -53.81 -37.71 -21.81
N GLU F 691 -54.14 -36.75 -20.95
CA GLU F 691 -53.99 -36.97 -19.51
C GLU F 691 -54.89 -38.11 -19.03
N HIS F 692 -56.08 -38.22 -19.61
CA HIS F 692 -56.99 -39.29 -19.23
C HIS F 692 -56.39 -40.66 -19.53
N SER F 693 -55.68 -40.78 -20.65
CA SER F 693 -55.05 -42.05 -21.00
C SER F 693 -54.00 -42.43 -19.96
N ILE F 694 -53.17 -41.48 -19.54
CA ILE F 694 -52.17 -41.75 -18.53
C ILE F 694 -52.82 -42.15 -17.22
N ILE F 695 -53.87 -41.42 -16.82
CA ILE F 695 -54.55 -41.72 -15.56
C ILE F 695 -55.15 -43.11 -15.60
N LYS F 696 -55.81 -43.45 -16.69
CA LYS F 696 -56.42 -44.78 -16.82
C LYS F 696 -55.35 -45.87 -16.81
N ASP F 697 -54.25 -45.65 -17.53
CA ASP F 697 -53.20 -46.67 -17.61
C ASP F 697 -52.57 -46.91 -16.24
N PHE F 698 -52.34 -45.84 -15.48
CA PHE F 698 -51.69 -46.03 -14.18
C PHE F 698 -52.67 -46.44 -13.08
N THR F 699 -53.97 -46.17 -13.24
CA THR F 699 -54.94 -46.70 -12.30
C THR F 699 -55.22 -48.17 -12.55
N LYS F 700 -55.13 -48.62 -13.81
CA LYS F 700 -55.22 -50.05 -14.09
C LYS F 700 -54.05 -50.80 -13.47
N GLN F 701 -52.90 -50.12 -13.33
CA GLN F 701 -51.78 -50.68 -12.59
C GLN F 701 -51.91 -50.48 -11.09
N LYS F 702 -52.98 -49.79 -10.64
CA LYS F 702 -53.29 -49.61 -9.23
C LYS F 702 -52.27 -48.75 -8.50
N TYR F 703 -51.77 -47.71 -9.16
CA TYR F 703 -50.94 -46.72 -8.50
C TYR F 703 -51.77 -45.51 -8.10
N PRO F 704 -51.43 -44.85 -6.99
CA PRO F 704 -52.23 -43.70 -6.54
C PRO F 704 -52.17 -42.55 -7.52
N GLU F 705 -53.29 -41.82 -7.62
CA GLU F 705 -53.38 -40.71 -8.56
C GLU F 705 -52.54 -39.54 -8.13
N HIS F 706 -52.39 -39.34 -6.81
CA HIS F 706 -51.60 -38.21 -6.31
C HIS F 706 -50.15 -38.31 -6.75
N ALA F 707 -49.59 -39.53 -6.73
CA ALA F 707 -48.21 -39.71 -7.18
C ALA F 707 -48.07 -39.36 -8.66
N ILE F 708 -49.05 -39.77 -9.48
CA ILE F 708 -49.01 -39.45 -10.90
C ILE F 708 -49.07 -37.95 -11.11
N HIS F 709 -49.95 -37.27 -10.38
CA HIS F 709 -50.09 -35.83 -10.51
C HIS F 709 -48.80 -35.12 -10.08
N LYS F 710 -48.19 -35.59 -8.99
CA LYS F 710 -46.93 -35.00 -8.53
C LYS F 710 -45.82 -35.19 -9.56
N VAL F 711 -45.74 -36.38 -10.17
CA VAL F 711 -44.73 -36.62 -11.19
C VAL F 711 -44.97 -35.72 -12.40
N LEU F 712 -46.23 -35.57 -12.80
CA LEU F 712 -46.56 -34.69 -13.92
C LEU F 712 -46.18 -33.24 -13.61
N GLN F 713 -46.45 -32.78 -12.39
CA GLN F 713 -46.09 -31.42 -12.01
C GLN F 713 -44.58 -31.23 -12.00
N LEU F 714 -43.84 -32.23 -11.52
CA LEU F 714 -42.38 -32.13 -11.52
C LEU F 714 -41.84 -32.11 -12.96
N MET F 715 -42.43 -32.91 -13.84
CA MET F 715 -42.01 -32.90 -15.24
C MET F 715 -42.32 -31.55 -15.89
N LEU F 716 -43.47 -30.96 -15.56
CA LEU F 716 -43.82 -29.63 -16.05
C LEU F 716 -42.81 -28.60 -15.54
N ARG F 717 -42.40 -28.72 -14.28
CA ARG F 717 -41.39 -27.82 -13.73
C ARG F 717 -40.07 -27.97 -14.48
N ARG F 718 -39.68 -29.21 -14.77
CA ARG F 718 -38.44 -29.44 -15.52
C ARG F 718 -38.57 -28.97 -16.97
N GLY F 719 -39.79 -28.99 -17.52
CA GLY F 719 -40.01 -28.53 -18.88
C GLY F 719 -40.14 -29.62 -19.92
N GLU F 720 -40.12 -30.89 -19.51
CA GLU F 720 -40.25 -31.98 -20.48
C GLU F 720 -41.65 -32.03 -21.07
N ILE F 721 -42.66 -31.74 -20.27
CA ILE F 721 -44.06 -31.85 -20.69
C ILE F 721 -44.60 -30.44 -20.94
N GLN F 722 -45.31 -30.28 -22.06
CA GLN F 722 -45.94 -29.02 -22.40
C GLN F 722 -47.37 -29.27 -22.87
N HIS F 723 -48.20 -28.23 -22.74
CA HIS F 723 -49.61 -28.33 -23.12
C HIS F 723 -49.78 -27.87 -24.56
N ARG F 724 -50.45 -28.70 -25.37
CA ARG F 724 -50.68 -28.38 -26.77
C ARG F 724 -52.04 -27.72 -26.99
N MET F 725 -53.12 -28.41 -26.64
CA MET F 725 -54.48 -27.92 -26.82
C MET F 725 -55.12 -27.78 -25.43
N GLN F 726 -55.15 -26.56 -24.93
CA GLN F 726 -55.68 -26.23 -23.60
C GLN F 726 -54.90 -27.05 -22.58
N ARG F 727 -55.55 -27.77 -21.67
CA ARG F 727 -54.87 -28.57 -20.67
C ARG F 727 -55.20 -30.06 -20.80
N LYS F 728 -55.77 -30.50 -21.92
CA LYS F 728 -56.23 -31.88 -22.04
C LYS F 728 -55.15 -32.80 -22.58
N VAL F 729 -54.36 -32.33 -23.54
CA VAL F 729 -53.37 -33.16 -24.22
C VAL F 729 -51.98 -32.58 -24.00
N LEU F 730 -51.05 -33.44 -23.60
CA LEU F 730 -49.67 -33.05 -23.34
C LEU F 730 -48.76 -33.61 -24.42
N TYR F 731 -47.62 -32.95 -24.61
CA TYR F 731 -46.60 -33.44 -25.52
C TYR F 731 -45.23 -33.29 -24.87
N ARG F 732 -44.30 -34.13 -25.31
CA ARG F 732 -43.00 -34.28 -24.67
C ARG F 732 -41.96 -33.42 -25.37
N LEU F 733 -41.22 -32.63 -24.59
CA LEU F 733 -40.08 -31.85 -25.06
C LEU F 733 -38.86 -32.22 -24.24
N LYS F 734 -37.74 -31.57 -24.55
CA LYS F 734 -36.49 -31.82 -23.83
C LYS F 734 -35.86 -30.51 -23.36
N VAL G 18 28.39 60.87 0.55
CA VAL G 18 28.68 60.06 -0.62
C VAL G 18 27.55 60.21 -1.64
N ARG G 19 27.92 60.37 -2.90
CA ARG G 19 26.96 60.62 -3.98
C ARG G 19 27.01 59.48 -5.00
N ASP G 20 25.84 59.10 -5.49
CA ASP G 20 25.72 58.10 -6.55
C ASP G 20 25.51 58.85 -7.87
N GLU G 21 26.63 59.15 -8.53
CA GLU G 21 26.63 59.96 -9.74
C GLU G 21 25.86 59.31 -10.88
N VAL G 22 26.10 58.01 -11.09
CA VAL G 22 25.43 57.30 -12.19
C VAL G 22 23.92 57.29 -11.97
N ALA G 23 23.49 57.06 -10.72
CA ALA G 23 22.07 57.05 -10.41
C ALA G 23 21.44 58.42 -10.66
N GLU G 24 22.14 59.50 -10.28
CA GLU G 24 21.63 60.84 -10.52
C GLU G 24 21.49 61.15 -12.00
N LYS G 25 22.50 60.76 -12.79
CA LYS G 25 22.43 60.96 -14.23
C LYS G 25 21.28 60.16 -14.83
N CYS G 26 21.09 58.93 -14.36
CA CYS G 26 19.98 58.12 -14.84
C CYS G 26 18.64 58.77 -14.50
N GLN G 27 18.50 59.29 -13.28
CA GLN G 27 17.30 60.00 -12.89
C GLN G 27 17.02 61.18 -13.80
N LYS G 28 18.05 62.00 -14.05
CA LYS G 28 17.90 63.18 -14.89
C LYS G 28 17.48 62.79 -16.30
N LEU G 29 18.17 61.80 -16.88
CA LEU G 29 17.87 61.39 -18.24
C LEU G 29 16.49 60.77 -18.36
N PHE G 30 16.08 59.96 -17.38
CA PHE G 30 14.76 59.33 -17.46
C PHE G 30 13.64 60.37 -17.26
N LEU G 31 13.85 61.34 -16.37
CA LEU G 31 12.86 62.41 -16.22
C LEU G 31 12.77 63.23 -17.50
N ASP G 32 13.91 63.53 -18.13
CA ASP G 32 13.88 64.25 -19.39
C ASP G 32 13.17 63.45 -20.48
N PHE G 33 13.39 62.13 -20.52
CA PHE G 33 12.70 61.29 -21.48
C PHE G 33 11.20 61.30 -21.25
N LEU G 34 10.77 61.21 -20.00
CA LEU G 34 9.34 61.23 -19.69
C LEU G 34 8.72 62.57 -20.07
N GLU G 35 9.42 63.67 -19.78
CA GLU G 35 8.84 64.99 -20.01
C GLU G 35 8.89 65.42 -21.48
N GLU G 36 9.85 64.92 -22.24
CA GLU G 36 10.15 65.49 -23.56
C GLU G 36 9.78 64.58 -24.74
N PHE G 37 9.59 63.29 -24.52
CA PHE G 37 9.38 62.36 -25.63
C PHE G 37 8.13 62.70 -26.43
N GLN G 38 8.32 63.11 -27.69
CA GLN G 38 7.22 63.45 -28.57
C GLN G 38 6.81 62.23 -29.39
N SER G 39 5.52 61.93 -29.42
CA SER G 39 5.01 60.79 -30.16
C SER G 39 4.91 61.13 -31.65
N SER G 40 4.38 60.17 -32.42
CA SER G 40 4.19 60.40 -33.85
C SER G 40 3.13 61.45 -34.13
N ASP G 41 2.16 61.63 -33.23
CA ASP G 41 1.10 62.61 -33.38
C ASP G 41 1.46 63.96 -32.79
N GLY G 42 2.64 64.10 -32.18
CA GLY G 42 3.08 65.35 -31.59
C GLY G 42 2.89 65.46 -30.09
N GLU G 43 1.90 64.74 -29.55
CA GLU G 43 1.65 64.76 -28.12
C GLU G 43 2.57 63.76 -27.41
N ILE G 44 2.38 63.66 -26.10
CA ILE G 44 3.14 62.74 -25.26
C ILE G 44 2.19 61.66 -24.75
N LYS G 45 2.49 60.41 -25.08
CA LYS G 45 1.65 59.30 -24.61
C LYS G 45 1.72 59.17 -23.09
N TYR G 46 2.91 59.28 -22.52
CA TYR G 46 3.11 58.98 -21.11
C TYR G 46 2.41 59.97 -20.19
N LEU G 47 2.25 61.24 -20.60
CA LEU G 47 1.49 62.17 -19.79
C LEU G 47 0.03 61.71 -19.63
N GLN G 48 -0.60 61.34 -20.75
CA GLN G 48 -1.98 60.85 -20.69
C GLN G 48 -2.06 59.53 -19.93
N LEU G 49 -1.04 58.67 -20.10
CA LEU G 49 -1.04 57.40 -19.37
C LEU G 49 -0.93 57.62 -17.87
N ALA G 50 -0.08 58.54 -17.44
CA ALA G 50 0.07 58.83 -16.02
C ALA G 50 -1.13 59.59 -15.48
N GLU G 51 -1.89 60.26 -16.35
CA GLU G 51 -3.12 60.89 -15.91
C GLU G 51 -4.13 59.87 -15.38
N GLU G 52 -3.99 58.60 -15.75
CA GLU G 52 -4.85 57.55 -15.23
C GLU G 52 -4.36 56.96 -13.90
N LEU G 53 -3.22 57.44 -13.39
CA LEU G 53 -2.69 56.92 -12.14
C LEU G 53 -3.37 57.51 -10.91
N ILE G 54 -4.36 58.39 -11.10
CA ILE G 54 -5.07 58.97 -9.96
C ILE G 54 -5.82 57.90 -9.19
N ARG G 55 -6.35 56.90 -9.90
CA ARG G 55 -7.08 55.83 -9.26
C ARG G 55 -6.17 55.06 -8.30
N PRO G 56 -6.68 54.71 -7.11
CA PRO G 56 -5.84 53.97 -6.15
C PRO G 56 -5.46 52.57 -6.61
N GLU G 57 -6.18 52.00 -7.59
CA GLU G 57 -5.91 50.64 -8.03
C GLU G 57 -4.75 50.54 -9.02
N ARG G 58 -4.23 51.67 -9.49
CA ARG G 58 -3.16 51.69 -10.49
C ARG G 58 -1.88 52.21 -9.85
N ASN G 59 -0.79 51.45 -10.02
CA ASN G 59 0.51 51.84 -9.48
C ASN G 59 1.66 51.69 -10.47
N THR G 60 1.48 51.00 -11.59
CA THR G 60 2.55 50.72 -12.53
C THR G 60 2.29 51.43 -13.84
N LEU G 61 3.35 52.02 -14.40
CA LEU G 61 3.31 52.67 -15.71
C LEU G 61 4.11 51.86 -16.70
N VAL G 62 3.56 51.66 -17.90
CA VAL G 62 4.17 50.83 -18.93
C VAL G 62 4.92 51.74 -19.89
N VAL G 63 6.23 51.49 -20.05
CA VAL G 63 7.07 52.24 -20.97
C VAL G 63 7.73 51.26 -21.93
N SER G 64 7.66 51.58 -23.21
CA SER G 64 8.24 50.73 -24.25
C SER G 64 9.74 50.97 -24.35
N PHE G 65 10.46 49.92 -24.78
CA PHE G 65 11.91 50.00 -24.88
C PHE G 65 12.39 50.48 -26.25
N VAL G 66 11.63 50.21 -27.31
CA VAL G 66 12.02 50.69 -28.63
C VAL G 66 11.96 52.22 -28.68
N ASP G 67 11.01 52.83 -27.96
CA ASP G 67 10.96 54.28 -27.89
C ASP G 67 12.19 54.84 -27.17
N LEU G 68 12.64 54.14 -26.12
CA LEU G 68 13.87 54.54 -25.44
C LEU G 68 15.08 54.39 -26.37
N GLU G 69 15.07 53.37 -27.23
CA GLU G 69 16.17 53.19 -28.17
C GLU G 69 16.29 54.36 -29.14
N GLN G 70 15.18 55.05 -29.42
CA GLN G 70 15.18 56.18 -30.32
C GLN G 70 15.41 57.52 -29.61
N PHE G 71 15.63 57.49 -28.29
CA PHE G 71 15.81 58.71 -27.52
C PHE G 71 17.23 58.87 -27.01
N ASN G 72 17.77 57.88 -26.31
CA ASN G 72 19.12 57.99 -25.74
C ASN G 72 19.71 56.59 -25.69
N GLN G 73 20.66 56.31 -26.59
CA GLN G 73 21.34 55.02 -26.58
C GLN G 73 22.17 54.85 -25.31
N GLN G 74 22.81 55.92 -24.86
CA GLN G 74 23.60 55.86 -23.63
C GLN G 74 22.74 55.49 -22.43
N LEU G 75 21.57 56.13 -22.32
CA LEU G 75 20.66 55.81 -21.22
C LEU G 75 20.16 54.37 -21.32
N SER G 76 19.87 53.92 -22.55
CA SER G 76 19.41 52.55 -22.75
C SER G 76 20.47 51.55 -22.30
N THR G 77 21.72 51.77 -22.70
CA THR G 77 22.80 50.86 -22.31
C THR G 77 23.02 50.88 -20.81
N THR G 78 22.99 52.07 -20.20
CA THR G 78 23.19 52.18 -18.76
C THR G 78 22.08 51.47 -18.00
N ILE G 79 20.83 51.61 -18.46
CA ILE G 79 19.71 50.94 -17.82
C ILE G 79 19.84 49.43 -17.97
N GLN G 80 20.19 48.97 -19.16
CA GLN G 80 20.29 47.53 -19.41
C GLN G 80 21.40 46.90 -18.58
N GLU G 81 22.54 47.59 -18.46
CA GLU G 81 23.68 47.01 -17.75
C GLU G 81 23.66 47.30 -16.25
N GLU G 82 22.78 48.21 -15.79
CA GLU G 82 22.73 48.56 -14.38
C GLU G 82 21.28 48.67 -13.90
N PHE G 83 20.43 47.70 -14.26
CA PHE G 83 18.99 47.83 -13.99
C PHE G 83 18.68 47.86 -12.51
N TYR G 84 19.29 46.95 -11.73
CA TYR G 84 18.96 46.86 -10.32
C TYR G 84 19.42 48.09 -9.55
N ARG G 85 20.59 48.62 -9.90
CA ARG G 85 21.13 49.79 -9.21
C ARG G 85 20.29 51.03 -9.50
N VAL G 86 19.67 51.09 -10.68
CA VAL G 86 19.06 52.32 -11.15
C VAL G 86 17.54 52.33 -10.90
N TYR G 87 16.92 51.15 -10.85
CA TYR G 87 15.46 51.05 -10.81
C TYR G 87 14.81 51.84 -9.66
N PRO G 88 15.27 51.76 -8.40
CA PRO G 88 14.63 52.60 -7.36
C PRO G 88 14.71 54.09 -7.65
N TYR G 89 15.82 54.54 -8.25
CA TYR G 89 15.94 55.96 -8.59
C TYR G 89 14.97 56.33 -9.70
N LEU G 90 14.74 55.43 -10.66
CA LEU G 90 13.71 55.68 -11.67
C LEU G 90 12.33 55.76 -11.04
N CYS G 91 12.07 54.89 -10.05
CA CYS G 91 10.80 54.94 -9.33
C CYS G 91 10.63 56.29 -8.61
N ARG G 92 11.70 56.77 -7.99
CA ARG G 92 11.65 58.06 -7.32
C ARG G 92 11.39 59.19 -8.31
N ALA G 93 12.04 59.13 -9.48
CA ALA G 93 11.84 60.15 -10.50
C ALA G 93 10.39 60.14 -10.99
N LEU G 94 9.83 58.95 -11.21
CA LEU G 94 8.43 58.86 -11.62
C LEU G 94 7.50 59.41 -10.55
N LYS G 95 7.80 59.11 -9.27
CA LYS G 95 7.00 59.64 -8.18
C LYS G 95 7.03 61.17 -8.15
N THR G 96 8.22 61.74 -8.32
CA THR G 96 8.33 63.20 -8.37
C THR G 96 7.55 63.77 -9.54
N PHE G 97 7.65 63.13 -10.71
CA PHE G 97 6.93 63.61 -11.88
C PHE G 97 5.43 63.60 -11.66
N VAL G 98 4.88 62.50 -11.15
CA VAL G 98 3.44 62.40 -10.96
C VAL G 98 2.97 63.34 -9.85
N LYS G 99 3.81 63.52 -8.82
CA LYS G 99 3.46 64.46 -7.75
C LYS G 99 3.41 65.89 -8.29
N ASP G 100 4.35 66.25 -9.17
CA ASP G 100 4.33 67.57 -9.77
C ASP G 100 3.11 67.75 -10.68
N ARG G 101 2.76 66.71 -11.43
CA ARG G 101 1.70 66.83 -12.43
C ARG G 101 0.30 66.72 -11.85
N LYS G 102 0.13 66.19 -10.64
CA LYS G 102 -1.20 65.99 -10.10
C LYS G 102 -1.13 65.94 -8.58
N GLU G 103 -2.28 66.21 -7.96
CA GLU G 103 -2.41 66.17 -6.51
C GLU G 103 -2.72 64.73 -6.08
N ILE G 104 -1.72 64.05 -5.55
CA ILE G 104 -1.85 62.65 -5.14
C ILE G 104 -1.35 62.54 -3.70
N PRO G 105 -2.00 61.76 -2.84
CA PRO G 105 -1.48 61.56 -1.48
C PRO G 105 -0.08 60.95 -1.51
N LEU G 106 0.74 61.38 -0.55
CA LEU G 106 2.15 60.98 -0.52
C LEU G 106 2.35 59.51 -0.20
N ALA G 107 1.32 58.84 0.34
CA ALA G 107 1.47 57.44 0.71
C ALA G 107 1.64 56.53 -0.49
N LYS G 108 1.08 56.92 -1.64
CA LYS G 108 1.12 56.07 -2.82
C LYS G 108 2.54 55.96 -3.38
N ASP G 109 2.86 54.78 -3.89
CA ASP G 109 4.11 54.52 -4.58
C ASP G 109 3.85 54.22 -6.05
N PHE G 110 4.91 54.22 -6.85
CA PHE G 110 4.79 54.05 -8.29
C PHE G 110 5.95 53.21 -8.81
N TYR G 111 5.71 52.53 -9.93
CA TYR G 111 6.68 51.61 -10.50
C TYR G 111 6.69 51.76 -12.02
N VAL G 112 7.77 51.28 -12.64
CA VAL G 112 7.95 51.37 -14.08
C VAL G 112 8.14 49.96 -14.63
N ALA G 113 7.67 49.76 -15.87
CA ALA G 113 7.78 48.47 -16.53
C ALA G 113 8.25 48.66 -17.96
N PHE G 114 8.95 47.66 -18.49
CA PHE G 114 9.45 47.66 -19.87
C PHE G 114 9.03 46.39 -20.57
N GLN G 115 8.66 46.50 -21.84
CA GLN G 115 8.07 45.39 -22.59
C GLN G 115 8.93 44.92 -23.75
N ASP G 116 9.29 45.82 -24.67
CA ASP G 116 9.82 45.42 -25.97
C ASP G 116 11.35 45.27 -25.94
N LEU G 117 11.78 44.17 -25.32
CA LEU G 117 13.18 43.81 -25.40
C LEU G 117 13.45 43.04 -26.69
N PRO G 118 14.40 43.51 -27.51
CA PRO G 118 14.61 42.89 -28.83
C PRO G 118 15.39 41.59 -28.79
N THR G 119 15.75 41.07 -27.62
CA THR G 119 16.51 39.84 -27.52
C THR G 119 15.88 38.93 -26.47
N ARG G 120 16.12 37.63 -26.62
CA ARG G 120 15.64 36.62 -25.70
C ARG G 120 16.79 35.72 -25.30
N HIS G 121 16.71 35.18 -24.08
CA HIS G 121 17.73 34.31 -23.53
C HIS G 121 17.08 33.03 -23.02
N LYS G 122 17.74 31.90 -23.28
CA LYS G 122 17.23 30.62 -22.80
C LYS G 122 17.36 30.52 -21.29
N ILE G 123 16.54 29.65 -20.69
CA ILE G 123 16.60 29.44 -19.25
C ILE G 123 17.95 28.90 -18.84
N ARG G 124 18.49 27.94 -19.58
CA ARG G 124 19.79 27.38 -19.29
C ARG G 124 20.94 28.36 -19.55
N GLU G 125 20.67 29.48 -20.22
CA GLU G 125 21.69 30.48 -20.51
C GLU G 125 21.79 31.54 -19.42
N LEU G 126 21.01 31.43 -18.35
CA LEU G 126 21.02 32.41 -17.26
C LEU G 126 22.14 32.07 -16.28
N THR G 127 23.36 32.46 -16.67
CA THR G 127 24.53 32.23 -15.83
C THR G 127 24.63 33.31 -14.75
N SER G 128 25.62 33.15 -13.87
CA SER G 128 25.83 34.11 -12.80
C SER G 128 26.33 35.45 -13.31
N SER G 129 26.83 35.51 -14.55
CA SER G 129 27.31 36.77 -15.10
C SER G 129 26.17 37.73 -15.43
N ARG G 130 24.93 37.24 -15.45
CA ARG G 130 23.77 38.07 -15.77
C ARG G 130 23.02 38.53 -14.53
N ILE G 131 23.60 38.38 -13.34
CA ILE G 131 22.93 38.81 -12.11
C ILE G 131 22.87 40.33 -12.09
N GLY G 132 21.66 40.86 -11.89
CA GLY G 132 21.46 42.29 -11.84
C GLY G 132 21.22 42.96 -13.17
N LEU G 133 21.27 42.21 -14.28
CA LEU G 133 21.04 42.78 -15.59
C LEU G 133 19.58 42.59 -16.01
N LEU G 134 19.18 43.30 -17.06
CA LEU G 134 17.82 43.25 -17.57
C LEU G 134 17.73 42.21 -18.67
N THR G 135 16.88 41.21 -18.46
CA THR G 135 16.73 40.09 -19.39
C THR G 135 15.26 39.82 -19.65
N ARG G 136 15.01 39.07 -20.71
CA ARG G 136 13.68 38.61 -21.08
C ARG G 136 13.75 37.14 -21.43
N ILE G 137 12.89 36.34 -20.81
CA ILE G 137 12.89 34.89 -20.98
C ILE G 137 11.48 34.44 -21.33
N SER G 138 11.36 33.16 -21.66
CA SER G 138 10.09 32.53 -21.98
C SER G 138 9.94 31.25 -21.16
N GLY G 139 8.70 30.89 -20.86
CA GLY G 139 8.47 29.70 -20.06
C GLY G 139 7.01 29.33 -20.01
N GLN G 140 6.73 28.28 -19.24
CA GLN G 140 5.39 27.76 -19.05
C GLN G 140 5.08 27.69 -17.57
N VAL G 141 3.93 28.23 -17.18
CA VAL G 141 3.51 28.30 -15.79
C VAL G 141 3.08 26.92 -15.33
N VAL G 142 3.55 26.53 -14.14
CA VAL G 142 3.25 25.21 -13.59
C VAL G 142 2.45 25.36 -12.30
N ARG G 143 2.70 26.43 -11.55
CA ARG G 143 2.05 26.59 -10.25
C ARG G 143 2.07 28.06 -9.85
N THR G 144 1.02 28.46 -9.13
CA THR G 144 0.87 29.83 -8.64
C THR G 144 0.52 29.80 -7.16
N HIS G 145 0.96 30.82 -6.42
CA HIS G 145 0.72 30.92 -4.98
C HIS G 145 -0.19 32.11 -4.67
N PRO G 146 -0.89 32.07 -3.55
CA PRO G 146 -1.86 33.14 -3.23
C PRO G 146 -1.19 34.48 -2.97
N VAL G 147 -1.98 35.55 -3.17
CA VAL G 147 -1.50 36.91 -3.01
C VAL G 147 -1.15 37.15 -1.54
N HIS G 148 -0.10 37.92 -1.30
CA HIS G 148 0.34 38.25 0.03
C HIS G 148 0.87 39.67 0.07
N PRO G 149 0.87 40.30 1.25
CA PRO G 149 1.63 41.54 1.43
C PRO G 149 3.05 41.26 1.88
N GLU G 150 3.94 42.20 1.56
CA GLU G 150 5.35 42.08 1.89
C GLU G 150 5.92 43.45 2.26
N LEU G 151 6.81 43.45 3.25
CA LEU G 151 7.44 44.67 3.70
C LEU G 151 8.43 45.20 2.67
N VAL G 152 8.60 46.51 2.65
CA VAL G 152 9.57 47.16 1.76
C VAL G 152 10.60 47.88 2.62
N SER G 153 10.15 48.85 3.41
CA SER G 153 11.00 49.62 4.31
C SER G 153 10.25 49.83 5.62
N GLY G 154 10.63 49.06 6.64
CA GLY G 154 9.96 49.17 7.92
C GLY G 154 10.52 50.27 8.79
N THR G 155 9.84 50.50 9.91
CA THR G 155 10.24 51.49 10.91
C THR G 155 10.44 50.79 12.24
N PHE G 156 11.58 51.05 12.89
CA PHE G 156 11.92 50.40 14.15
C PHE G 156 12.09 51.44 15.24
N LEU G 157 11.59 51.11 16.43
CA LEU G 157 11.70 51.95 17.61
C LEU G 157 12.65 51.29 18.60
N CYS G 158 13.63 52.07 19.08
CA CYS G 158 14.60 51.57 20.04
C CYS G 158 13.95 51.44 21.41
N LEU G 159 14.19 50.32 22.09
CA LEU G 159 13.64 50.09 23.41
C LEU G 159 14.43 50.76 24.53
N ASP G 160 15.67 51.20 24.25
CA ASP G 160 16.50 51.79 25.29
C ASP G 160 16.40 53.31 25.31
N CYS G 161 16.76 53.96 24.20
CA CYS G 161 16.76 55.41 24.12
C CYS G 161 15.52 55.98 23.44
N GLN G 162 14.57 55.14 23.06
CA GLN G 162 13.30 55.55 22.46
C GLN G 162 13.50 56.34 21.16
N THR G 163 14.57 56.07 20.43
CA THR G 163 14.79 56.75 19.16
C THR G 163 14.10 55.99 18.03
N VAL G 164 13.44 56.74 17.14
CA VAL G 164 12.69 56.16 16.04
C VAL G 164 13.62 56.04 14.83
N ILE G 165 13.75 54.83 14.30
CA ILE G 165 14.55 54.57 13.11
C ILE G 165 13.59 54.18 11.99
N ARG G 166 13.64 54.91 10.89
CA ARG G 166 12.75 54.69 9.76
C ARG G 166 13.55 54.41 8.49
N ASP G 167 12.85 53.86 7.50
CA ASP G 167 13.42 53.61 6.17
C ASP G 167 14.63 52.69 6.24
N VAL G 168 14.42 51.47 6.71
CA VAL G 168 15.44 50.42 6.69
C VAL G 168 15.05 49.41 5.62
N GLU G 169 15.98 49.13 4.71
CA GLU G 169 15.68 48.23 3.60
C GLU G 169 15.69 46.78 4.07
N GLN G 170 14.64 46.04 3.70
CA GLN G 170 14.53 44.64 4.07
C GLN G 170 15.09 43.70 3.03
N GLN G 171 15.27 44.16 1.79
CA GLN G 171 15.75 43.33 0.69
C GLN G 171 14.88 42.09 0.53
N PHE G 172 15.40 40.93 0.96
CA PHE G 172 14.67 39.68 0.85
C PHE G 172 14.75 38.87 2.14
N LYS G 173 14.88 39.55 3.27
CA LYS G 173 14.93 38.89 4.57
C LYS G 173 14.47 39.86 5.64
N TYR G 174 13.96 39.31 6.75
CA TYR G 174 13.55 40.16 7.86
C TYR G 174 14.78 40.66 8.60
N THR G 175 15.25 41.84 8.22
CA THR G 175 16.50 42.39 8.75
C THR G 175 16.19 43.54 9.69
N GLN G 176 16.58 43.39 10.96
CA GLN G 176 16.51 44.46 11.93
C GLN G 176 17.68 45.43 11.70
N PRO G 177 17.58 46.66 12.19
CA PRO G 177 18.70 47.59 12.06
C PRO G 177 19.96 47.02 12.71
N ASN G 178 21.09 47.22 12.04
CA ASN G 178 22.35 46.64 12.51
C ASN G 178 22.76 47.24 13.86
N ILE G 179 22.62 48.55 14.00
CA ILE G 179 22.99 49.23 15.24
C ILE G 179 22.17 50.51 15.33
N CYS G 180 21.87 50.93 16.56
CA CYS G 180 21.13 52.17 16.78
C CYS G 180 21.90 53.35 16.20
N ARG G 181 21.19 54.22 15.48
CA ARG G 181 21.83 55.36 14.85
C ARG G 181 22.38 56.37 15.85
N ASN G 182 21.94 56.31 17.11
CA ASN G 182 22.51 57.16 18.15
C ASN G 182 23.88 56.60 18.54
N PRO G 183 24.96 57.38 18.39
CA PRO G 183 26.28 56.84 18.76
C PRO G 183 26.40 56.42 20.21
N VAL G 184 25.75 57.14 21.12
CA VAL G 184 25.82 56.80 22.54
C VAL G 184 25.09 55.50 22.84
N CYS G 185 23.96 55.26 22.18
CA CYS G 185 23.12 54.11 22.49
C CYS G 185 23.79 52.79 22.10
N ALA G 186 24.08 52.62 20.81
CA ALA G 186 24.72 51.42 20.28
C ALA G 186 23.94 50.16 20.65
N ASN G 187 22.62 50.21 20.50
CA ASN G 187 21.77 49.05 20.73
C ASN G 187 21.59 48.27 19.43
N ARG G 188 21.73 46.95 19.52
CA ARG G 188 21.69 46.11 18.33
C ARG G 188 20.72 44.93 18.42
N ARG G 189 20.09 44.69 19.57
CA ARG G 189 19.24 43.51 19.74
C ARG G 189 17.90 43.78 20.38
N ARG G 190 17.54 45.03 20.67
CA ARG G 190 16.24 45.35 21.26
C ARG G 190 15.57 46.42 20.40
N PHE G 191 14.55 46.01 19.65
CA PHE G 191 13.80 46.93 18.79
C PHE G 191 12.34 46.49 18.74
N LEU G 192 11.47 47.44 18.41
CA LEU G 192 10.06 47.18 18.22
C LEU G 192 9.65 47.59 16.81
N LEU G 193 8.82 46.77 16.17
CA LEU G 193 8.38 47.02 14.80
C LEU G 193 6.97 47.61 14.83
N ASP G 194 6.81 48.77 14.20
CA ASP G 194 5.50 49.43 14.11
C ASP G 194 4.91 49.12 12.75
N THR G 195 3.90 48.23 12.75
CA THR G 195 3.28 47.80 11.50
C THR G 195 2.47 48.92 10.87
N ASN G 196 1.89 49.80 11.70
CA ASN G 196 1.03 50.87 11.18
C ASN G 196 1.81 51.82 10.28
N LYS G 197 3.03 52.16 10.66
CA LYS G 197 3.85 53.10 9.90
C LYS G 197 4.74 52.43 8.86
N SER G 198 4.62 51.11 8.69
CA SER G 198 5.47 50.41 7.76
C SER G 198 5.01 50.62 6.31
N ARG G 199 5.76 50.05 5.38
CA ARG G 199 5.52 50.19 3.95
C ARG G 199 5.35 48.80 3.34
N PHE G 200 4.24 48.58 2.64
CA PHE G 200 3.87 47.28 2.11
C PHE G 200 3.83 47.30 0.59
N VAL G 201 3.82 46.09 0.02
CA VAL G 201 3.68 45.92 -1.43
C VAL G 201 3.11 44.52 -1.68
N ASP G 202 2.41 44.37 -2.80
CA ASP G 202 1.85 43.08 -3.17
C ASP G 202 2.96 42.11 -3.59
N PHE G 203 2.72 40.82 -3.36
CA PHE G 203 3.74 39.80 -3.59
C PHE G 203 3.05 38.50 -3.96
N GLN G 204 3.55 37.85 -5.01
CA GLN G 204 3.06 36.54 -5.42
C GLN G 204 4.21 35.72 -5.99
N LYS G 205 4.17 34.41 -5.75
CA LYS G 205 5.20 33.49 -6.22
C LYS G 205 4.62 32.57 -7.28
N VAL G 206 5.39 32.34 -8.35
CA VAL G 206 4.99 31.52 -9.49
C VAL G 206 6.14 30.59 -9.84
N ARG G 207 5.81 29.42 -10.36
CA ARG G 207 6.80 28.46 -10.85
C ARG G 207 6.68 28.30 -12.36
N ILE G 208 7.82 28.33 -13.05
CA ILE G 208 7.86 28.21 -14.50
C ILE G 208 8.76 27.05 -14.88
N GLN G 209 8.53 26.52 -16.08
CA GLN G 209 9.23 25.34 -16.58
C GLN G 209 9.81 25.63 -17.95
N GLU G 210 10.96 25.02 -18.23
CA GLU G 210 11.59 25.17 -19.54
C GLU G 210 10.76 24.47 -20.61
N THR G 211 10.64 25.11 -21.77
CA THR G 211 9.87 24.55 -22.87
C THR G 211 10.60 23.39 -23.51
N GLN G 212 9.86 22.60 -24.30
CA GLN G 212 10.44 21.42 -24.92
C GLN G 212 11.43 21.78 -26.02
N ALA G 213 11.22 22.92 -26.68
CA ALA G 213 12.08 23.30 -27.80
C ALA G 213 13.51 23.58 -27.38
N GLU G 214 13.74 23.91 -26.10
CA GLU G 214 15.08 24.20 -25.61
C GLU G 214 15.76 23.01 -24.96
N LEU G 215 15.14 21.84 -25.00
CA LEU G 215 15.71 20.67 -24.34
C LEU G 215 16.92 20.14 -25.10
N PRO G 216 18.07 19.98 -24.45
CA PRO G 216 19.20 19.31 -25.11
C PRO G 216 19.05 17.80 -25.08
N ARG G 217 20.09 17.07 -25.49
CA ARG G 217 19.99 15.62 -25.56
C ARG G 217 19.87 15.02 -24.16
N GLY G 218 18.88 14.13 -23.99
CA GLY G 218 18.71 13.37 -22.77
C GLY G 218 18.60 14.20 -21.51
N SER G 219 17.85 15.29 -21.56
CA SER G 219 17.75 16.21 -20.45
C SER G 219 16.29 16.44 -20.05
N ILE G 220 16.09 16.67 -18.76
CA ILE G 220 14.76 16.93 -18.20
C ILE G 220 14.60 18.44 -18.06
N PRO G 221 13.43 19.00 -18.37
CA PRO G 221 13.26 20.46 -18.33
C PRO G 221 13.52 21.03 -16.94
N ARG G 222 14.13 22.21 -16.91
CA ARG G 222 14.49 22.86 -15.66
C ARG G 222 13.33 23.70 -15.13
N SER G 223 13.29 23.85 -13.82
CA SER G 223 12.25 24.63 -13.15
C SER G 223 12.85 25.89 -12.55
N LEU G 224 12.10 26.98 -12.61
CA LEU G 224 12.55 28.27 -12.11
C LEU G 224 11.44 28.92 -11.31
N GLU G 225 11.81 29.81 -10.40
CA GLU G 225 10.87 30.52 -9.55
C GLU G 225 10.84 32.00 -9.93
N VAL G 226 9.65 32.56 -10.07
CA VAL G 226 9.45 33.95 -10.44
C VAL G 226 8.59 34.61 -9.37
N ILE G 227 8.81 35.90 -9.15
CA ILE G 227 8.06 36.68 -8.18
C ILE G 227 7.44 37.88 -8.88
N LEU G 228 6.14 38.06 -8.66
CA LEU G 228 5.38 39.16 -9.24
C LEU G 228 4.99 40.13 -8.14
N ARG G 229 5.10 41.42 -8.45
CA ARG G 229 4.78 42.51 -7.53
C ARG G 229 3.70 43.40 -8.12
N ALA G 230 2.80 43.86 -7.28
CA ALA G 230 1.77 44.86 -7.63
C ALA G 230 0.87 44.28 -8.74
N GLU G 231 0.55 45.07 -9.76
CA GLU G 231 -0.45 44.67 -10.75
C GLU G 231 -0.03 43.41 -11.51
N ALA G 232 1.27 43.20 -11.70
CA ALA G 232 1.74 42.01 -12.41
C ALA G 232 1.37 40.73 -11.68
N VAL G 233 0.97 40.83 -10.41
CA VAL G 233 0.49 39.67 -9.66
C VAL G 233 -0.75 39.07 -10.32
N GLU G 234 -1.59 39.92 -10.93
CA GLU G 234 -2.89 39.46 -11.42
C GLU G 234 -2.75 38.39 -12.50
N SER G 235 -1.81 38.57 -13.42
CA SER G 235 -1.70 37.70 -14.59
C SER G 235 -0.95 36.42 -14.22
N ALA G 236 -0.43 35.72 -15.24
CA ALA G 236 0.39 34.53 -15.09
C ALA G 236 -0.36 33.42 -14.35
N GLN G 237 -1.47 33.01 -14.95
CA GLN G 237 -2.22 31.88 -14.45
C GLN G 237 -1.55 30.57 -14.83
N ALA G 238 -1.92 29.50 -14.12
CA ALA G 238 -1.31 28.20 -14.34
C ALA G 238 -1.67 27.66 -15.72
N GLY G 239 -0.74 26.92 -16.32
CA GLY G 239 -0.95 26.31 -17.62
C GLY G 239 -0.66 27.18 -18.80
N ASP G 240 -0.29 28.45 -18.59
CA ASP G 240 -0.04 29.35 -19.69
C ASP G 240 1.39 29.21 -20.21
N LYS G 241 1.63 29.79 -21.39
CA LYS G 241 2.94 29.84 -22.02
C LYS G 241 3.24 31.32 -22.23
N CYS G 242 4.11 31.88 -21.38
CA CYS G 242 4.28 33.32 -21.31
C CYS G 242 5.75 33.72 -21.31
N ASP G 243 5.99 34.94 -21.77
CA ASP G 243 7.31 35.57 -21.74
C ASP G 243 7.36 36.55 -20.57
N PHE G 244 8.45 36.51 -19.82
CA PHE G 244 8.65 37.37 -18.66
C PHE G 244 9.83 38.31 -18.91
N THR G 245 9.74 39.52 -18.37
CA THR G 245 10.83 40.47 -18.44
C THR G 245 11.23 40.89 -17.04
N GLY G 246 12.52 40.79 -16.72
CA GLY G 246 12.96 41.11 -15.37
C GLY G 246 14.44 40.86 -15.18
N THR G 247 14.82 40.68 -13.92
CA THR G 247 16.22 40.55 -13.53
C THR G 247 16.46 39.23 -12.81
N LEU G 248 17.74 38.91 -12.65
CA LEU G 248 18.16 37.72 -11.91
C LEU G 248 18.85 38.16 -10.63
N ILE G 249 18.32 37.71 -9.50
CA ILE G 249 18.71 38.18 -8.18
C ILE G 249 18.87 36.98 -7.24
N VAL G 250 19.95 37.02 -6.46
CA VAL G 250 20.34 35.93 -5.57
C VAL G 250 19.66 36.10 -4.22
N VAL G 251 19.07 35.02 -3.72
CA VAL G 251 18.41 34.99 -2.42
C VAL G 251 19.09 33.95 -1.55
N PRO G 252 19.46 34.28 -0.32
CA PRO G 252 20.12 33.29 0.55
C PRO G 252 19.19 32.16 0.93
N ASP G 253 19.78 30.98 1.14
CA ASP G 253 19.05 29.79 1.51
C ASP G 253 19.66 29.13 2.75
N ALA G 262 31.94 27.97 2.76
CA ALA G 262 32.28 29.36 3.04
C ALA G 262 31.39 29.93 4.13
N ARG G 263 31.98 30.75 5.00
CA ARG G 263 31.26 31.37 6.09
C ARG G 263 31.87 32.73 6.40
N ALA G 264 31.08 33.59 7.02
CA ALA G 264 31.50 34.94 7.35
C ALA G 264 32.01 35.03 8.77
N GLU G 265 32.78 36.09 9.04
CA GLU G 265 33.34 36.31 10.36
C GLU G 265 33.62 37.80 10.53
N THR G 266 33.83 38.20 11.78
CA THR G 266 34.08 39.60 12.10
C THR G 266 35.58 39.86 12.22
N ASN G 267 36.03 40.97 11.67
CA ASN G 267 37.44 41.34 11.70
C ASN G 267 37.87 41.71 13.12
N LEU G 292 27.53 30.72 4.14
CA LEU G 292 27.01 31.48 3.00
C LEU G 292 26.39 30.56 1.96
N SER G 293 25.09 30.35 2.06
CA SER G 293 24.33 29.53 1.12
C SER G 293 23.38 30.42 0.35
N TYR G 294 23.34 30.25 -0.98
CA TYR G 294 22.56 31.13 -1.84
C TYR G 294 21.81 30.31 -2.88
N ARG G 295 20.80 30.95 -3.47
CA ARG G 295 20.00 30.35 -4.52
C ARG G 295 19.52 31.45 -5.47
N LEU G 296 19.13 31.03 -6.68
CA LEU G 296 18.76 31.97 -7.73
C LEU G 296 17.24 32.14 -7.79
N VAL G 297 16.80 33.39 -7.81
CA VAL G 297 15.39 33.74 -7.87
C VAL G 297 15.21 34.83 -8.90
N PHE G 298 14.20 34.70 -9.75
CA PHE G 298 13.94 35.66 -10.81
C PHE G 298 12.82 36.63 -10.44
N LEU G 299 13.09 37.93 -10.57
CA LEU G 299 12.05 38.95 -10.43
C LEU G 299 11.66 39.42 -11.81
N ALA G 300 10.36 39.44 -12.08
CA ALA G 300 9.81 39.83 -13.37
C ALA G 300 9.06 41.16 -13.24
N CYS G 301 9.15 41.96 -14.29
CA CYS G 301 8.46 43.25 -14.35
C CYS G 301 7.17 43.18 -15.16
N CYS G 302 7.20 42.55 -16.33
CA CYS G 302 6.01 42.39 -17.15
C CYS G 302 5.93 40.95 -17.65
N VAL G 303 4.70 40.48 -17.83
CA VAL G 303 4.39 39.16 -18.35
C VAL G 303 3.50 39.34 -19.57
N ALA G 304 3.86 38.68 -20.67
CA ALA G 304 3.12 38.80 -21.93
C ALA G 304 2.87 37.41 -22.50
N PRO G 305 1.84 37.25 -23.32
CA PRO G 305 1.66 35.97 -24.03
C PRO G 305 2.78 35.77 -25.04
N THR G 306 3.20 34.52 -25.18
CA THR G 306 4.26 34.20 -26.15
C THR G 306 3.77 34.44 -27.58
N ASN G 307 2.55 34.00 -27.89
CA ASN G 307 1.95 34.20 -29.20
C ASN G 307 0.52 34.68 -29.02
N PRO G 308 0.29 36.00 -29.03
CA PRO G 308 -1.05 36.56 -28.83
C PRO G 308 -1.94 36.41 -30.05
N THR G 321 -19.46 38.55 -23.94
CA THR G 321 -18.38 39.53 -24.03
C THR G 321 -17.91 39.68 -25.47
N ALA G 322 -18.85 39.58 -26.42
CA ALA G 322 -18.51 39.73 -27.83
C ALA G 322 -18.06 41.14 -28.16
N GLU G 323 -18.66 42.14 -27.50
CA GLU G 323 -18.30 43.53 -27.77
C GLU G 323 -16.84 43.80 -27.39
N SER G 324 -16.39 43.26 -26.26
CA SER G 324 -15.00 43.45 -25.85
C SER G 324 -14.05 42.81 -26.86
N ILE G 325 -14.39 41.61 -27.35
CA ILE G 325 -13.54 40.96 -28.34
C ILE G 325 -13.51 41.77 -29.63
N LYS G 326 -14.65 42.30 -30.04
CA LYS G 326 -14.70 43.15 -31.23
C LYS G 326 -13.83 44.39 -31.06
N ASN G 327 -13.89 45.02 -29.88
CA ASN G 327 -13.08 46.20 -29.63
C ASN G 327 -11.60 45.88 -29.61
N GLN G 328 -11.21 44.74 -29.03
CA GLN G 328 -9.80 44.38 -28.92
C GLN G 328 -9.18 44.17 -30.30
N MET G 329 -9.91 43.51 -31.20
CA MET G 329 -9.38 43.17 -32.52
C MET G 329 -9.13 44.43 -33.35
N THR G 330 -8.10 44.37 -34.19
CA THR G 330 -7.79 45.47 -35.08
C THR G 330 -8.71 45.46 -36.30
N VAL G 331 -8.53 46.46 -37.16
CA VAL G 331 -9.39 46.58 -38.34
C VAL G 331 -9.16 45.42 -39.30
N LYS G 332 -7.90 45.05 -39.54
CA LYS G 332 -7.62 43.96 -40.48
C LYS G 332 -8.06 42.62 -39.94
N GLU G 333 -7.89 42.38 -38.64
CA GLU G 333 -8.35 41.14 -38.04
C GLU G 333 -9.87 41.02 -38.13
N TRP G 334 -10.58 42.11 -37.86
CA TRP G 334 -12.03 42.10 -37.99
C TRP G 334 -12.46 41.89 -39.43
N GLU G 335 -11.73 42.50 -40.37
CA GLU G 335 -12.03 42.30 -41.79
C GLU G 335 -11.87 40.83 -42.17
N LYS G 336 -10.80 40.19 -41.70
CA LYS G 336 -10.60 38.78 -41.99
C LYS G 336 -11.69 37.92 -41.35
N VAL G 337 -12.10 38.26 -40.13
CA VAL G 337 -13.16 37.52 -39.46
C VAL G 337 -14.47 37.64 -40.24
N PHE G 338 -14.78 38.85 -40.70
CA PHE G 338 -15.98 39.06 -41.49
C PHE G 338 -15.92 38.31 -42.80
N GLU G 339 -14.75 38.30 -43.45
CA GLU G 339 -14.58 37.55 -44.69
C GLU G 339 -14.82 36.05 -44.46
N MET G 340 -14.30 35.52 -43.35
CA MET G 340 -14.52 34.12 -43.04
C MET G 340 -15.99 33.84 -42.75
N SER G 341 -16.66 34.74 -42.03
CA SER G 341 -18.02 34.47 -41.56
C SER G 341 -19.00 34.32 -42.72
N GLN G 342 -18.79 35.04 -43.82
CA GLN G 342 -19.73 35.08 -44.93
C GLN G 342 -19.38 34.07 -46.03
N ASP G 343 -18.79 32.93 -45.67
CA ASP G 343 -18.44 31.90 -46.64
C ASP G 343 -19.08 30.57 -46.22
N LYS G 344 -19.82 29.95 -47.14
CA LYS G 344 -20.33 28.61 -46.90
C LYS G 344 -19.19 27.60 -46.88
N ASN G 345 -18.23 27.77 -47.78
CA ASN G 345 -17.09 26.86 -47.86
C ASN G 345 -16.29 26.81 -46.56
N LEU G 346 -16.61 27.66 -45.59
CA LEU G 346 -16.03 27.55 -44.26
C LEU G 346 -16.24 26.15 -43.69
N TYR G 347 -17.37 25.53 -44.02
CA TYR G 347 -17.58 24.16 -43.55
C TYR G 347 -16.63 23.19 -44.23
N HIS G 348 -16.29 23.44 -45.49
CA HIS G 348 -15.39 22.55 -46.21
C HIS G 348 -13.94 22.98 -46.05
N ASN G 349 -13.66 24.27 -46.22
CA ASN G 349 -12.28 24.75 -46.23
C ASN G 349 -11.56 24.46 -44.92
N LEU G 350 -12.24 24.66 -43.79
CA LEU G 350 -11.64 24.34 -42.50
C LEU G 350 -11.21 22.87 -42.44
N CYS G 351 -11.99 21.97 -43.06
CA CYS G 351 -11.60 20.57 -43.11
C CYS G 351 -10.26 20.40 -43.81
N THR G 352 -10.04 21.15 -44.90
CA THR G 352 -8.74 21.13 -45.55
C THR G 352 -7.71 21.92 -44.76
N SER G 353 -8.14 22.89 -43.96
CA SER G 353 -7.19 23.75 -43.26
C SER G 353 -6.50 23.01 -42.12
N LEU G 354 -7.25 22.28 -41.30
CA LEU G 354 -6.67 21.61 -40.15
C LEU G 354 -6.01 20.29 -40.50
N PHE G 355 -6.50 19.59 -41.52
CA PHE G 355 -6.00 18.28 -41.91
C PHE G 355 -5.66 18.28 -43.40
N PRO G 356 -4.56 18.92 -43.79
CA PRO G 356 -4.19 18.95 -45.21
C PRO G 356 -3.63 17.62 -45.70
N THR G 357 -2.77 17.00 -44.89
CA THR G 357 -2.07 15.79 -45.32
C THR G 357 -2.97 14.57 -45.31
N ILE G 358 -3.93 14.51 -44.39
CA ILE G 358 -4.78 13.33 -44.25
C ILE G 358 -5.71 13.24 -45.46
N HIS G 359 -5.76 12.05 -46.06
CA HIS G 359 -6.60 11.81 -47.23
C HIS G 359 -7.88 11.10 -46.80
N GLY G 360 -9.02 11.62 -47.25
CA GLY G 360 -10.28 11.02 -46.90
C GLY G 360 -10.65 11.26 -45.44
N ASN G 361 -11.54 10.41 -44.94
CA ASN G 361 -12.01 10.48 -43.55
C ASN G 361 -12.59 11.86 -43.22
N ASP G 362 -13.44 12.37 -44.11
CA ASP G 362 -14.04 13.69 -43.90
C ASP G 362 -15.01 13.68 -42.73
N GLU G 363 -15.63 12.53 -42.46
CA GLU G 363 -16.56 12.42 -41.34
C GLU G 363 -15.85 12.68 -40.02
N VAL G 364 -14.65 12.12 -39.86
CA VAL G 364 -13.88 12.34 -38.63
C VAL G 364 -13.51 13.82 -38.49
N LYS G 365 -13.14 14.45 -39.61
CA LYS G 365 -12.79 15.87 -39.58
C LYS G 365 -13.98 16.72 -39.16
N ARG G 366 -15.16 16.43 -39.72
CA ARG G 366 -16.36 17.19 -39.35
C ARG G 366 -16.73 16.96 -37.89
N GLY G 367 -16.61 15.72 -37.41
CA GLY G 367 -16.85 15.45 -36.01
C GLY G 367 -15.89 16.20 -35.10
N VAL G 368 -14.61 16.25 -35.48
CA VAL G 368 -13.63 16.99 -34.70
C VAL G 368 -13.95 18.48 -34.68
N LEU G 369 -14.35 19.04 -35.83
CA LEU G 369 -14.74 20.44 -35.87
C LEU G 369 -15.93 20.72 -34.96
N LEU G 370 -16.96 19.85 -35.01
CA LEU G 370 -18.13 20.05 -34.17
C LEU G 370 -17.79 19.91 -32.70
N MET G 371 -16.90 18.98 -32.35
CA MET G 371 -16.43 18.86 -30.97
C MET G 371 -15.68 20.12 -30.54
N LEU G 372 -14.85 20.66 -31.42
CA LEU G 372 -14.10 21.88 -31.10
C LEU G 372 -15.03 23.05 -30.85
N PHE G 373 -16.06 23.22 -31.68
CA PHE G 373 -16.97 24.34 -31.51
C PHE G 373 -17.83 24.18 -30.25
N GLY G 374 -18.36 22.99 -30.00
CA GLY G 374 -19.09 22.74 -28.78
C GLY G 374 -20.49 23.30 -28.76
N GLY G 375 -21.26 22.97 -27.72
CA GLY G 375 -22.63 23.42 -27.60
C GLY G 375 -22.81 24.47 -26.52
N VAL G 376 -24.06 24.64 -26.11
CA VAL G 376 -24.46 25.64 -25.12
C VAL G 376 -24.95 24.91 -23.88
N PRO G 377 -24.28 25.06 -22.73
CA PRO G 377 -24.78 24.44 -21.49
C PRO G 377 -25.94 25.22 -20.90
N LYS G 378 -26.84 24.48 -20.26
CA LYS G 378 -28.04 25.07 -19.68
C LYS G 378 -28.27 24.48 -18.29
N THR G 379 -29.05 25.20 -17.48
CA THR G 379 -29.44 24.75 -16.16
C THR G 379 -30.96 24.79 -16.04
N THR G 380 -31.50 23.86 -15.26
CA THR G 380 -32.94 23.74 -15.09
C THR G 380 -33.39 24.37 -13.78
N GLY G 381 -34.71 24.50 -13.63
CA GLY G 381 -35.28 25.07 -12.42
C GLY G 381 -35.24 24.15 -11.24
N GLU G 382 -35.08 22.84 -11.46
CA GLU G 382 -35.01 21.88 -10.36
C GLU G 382 -33.62 21.78 -9.75
N GLY G 383 -32.64 22.48 -10.31
CA GLY G 383 -31.28 22.43 -9.81
C GLY G 383 -30.35 21.53 -10.60
N THR G 384 -30.85 20.78 -11.57
CA THR G 384 -30.02 19.92 -12.37
C THR G 384 -29.30 20.72 -13.46
N SER G 385 -28.28 20.10 -14.05
CA SER G 385 -27.49 20.71 -15.10
C SER G 385 -27.48 19.84 -16.34
N LEU G 386 -27.40 20.48 -17.51
CA LEU G 386 -27.40 19.79 -18.79
C LEU G 386 -26.04 19.99 -19.44
N ARG G 387 -25.49 18.90 -19.99
CA ARG G 387 -24.17 18.96 -20.61
C ARG G 387 -24.20 19.81 -21.87
N GLY G 388 -23.10 20.51 -22.13
CA GLY G 388 -22.97 21.31 -23.34
C GLY G 388 -21.75 20.94 -24.15
N ASP G 389 -20.92 20.06 -23.61
CA ASP G 389 -19.71 19.62 -24.28
C ASP G 389 -19.97 18.36 -25.10
N ILE G 390 -19.05 18.08 -26.02
CA ILE G 390 -19.16 16.94 -26.91
C ILE G 390 -17.91 16.09 -26.79
N ASN G 391 -18.09 14.78 -26.64
CA ASN G 391 -16.99 13.83 -26.55
C ASN G 391 -17.02 12.93 -27.77
N VAL G 392 -15.84 12.61 -28.29
CA VAL G 392 -15.70 11.83 -29.52
C VAL G 392 -14.77 10.65 -29.26
N CYS G 393 -15.15 9.49 -29.79
CA CYS G 393 -14.32 8.29 -29.69
C CYS G 393 -14.06 7.73 -31.07
N ILE G 394 -12.83 7.25 -31.29
CA ILE G 394 -12.41 6.69 -32.57
C ILE G 394 -11.88 5.28 -32.32
N VAL G 395 -12.30 4.34 -33.15
CA VAL G 395 -11.82 2.96 -33.12
C VAL G 395 -11.52 2.55 -34.56
N GLY G 396 -10.42 1.85 -34.77
CA GLY G 396 -10.08 1.46 -36.13
C GLY G 396 -8.97 0.44 -36.16
N ASP G 397 -8.70 -0.05 -37.38
CA ASP G 397 -7.61 -0.98 -37.61
C ASP G 397 -6.28 -0.27 -37.45
N PRO G 398 -5.20 -1.02 -37.20
CA PRO G 398 -3.89 -0.39 -37.00
C PRO G 398 -3.46 0.43 -38.21
N SER G 399 -2.78 1.54 -37.93
CA SER G 399 -2.19 2.43 -38.93
C SER G 399 -3.24 3.10 -39.82
N THR G 400 -4.48 3.18 -39.37
CA THR G 400 -5.52 3.88 -40.13
C THR G 400 -5.64 5.33 -39.68
N ALA G 401 -4.50 6.04 -39.65
CA ALA G 401 -4.45 7.47 -39.33
C ALA G 401 -5.17 7.80 -38.03
N LYS G 402 -5.14 6.88 -37.06
CA LYS G 402 -5.93 7.06 -35.85
C LYS G 402 -5.30 8.08 -34.90
N SER G 403 -3.98 8.07 -34.78
CA SER G 403 -3.30 8.95 -33.83
C SER G 403 -2.92 10.31 -34.40
N GLN G 404 -3.15 10.53 -35.70
CA GLN G 404 -2.78 11.81 -36.30
C GLN G 404 -3.73 12.92 -35.89
N PHE G 405 -5.01 12.60 -35.73
CA PHE G 405 -5.99 13.62 -35.35
C PHE G 405 -5.69 14.18 -33.97
N LEU G 406 -5.28 13.32 -33.03
CA LEU G 406 -4.95 13.80 -31.69
C LEU G 406 -3.77 14.75 -31.73
N LYS G 407 -2.73 14.43 -32.52
CA LYS G 407 -1.59 15.31 -32.64
C LYS G 407 -1.96 16.64 -33.31
N HIS G 408 -2.85 16.59 -34.31
CA HIS G 408 -3.30 17.82 -34.94
C HIS G 408 -4.06 18.70 -33.95
N VAL G 409 -4.90 18.09 -33.11
CA VAL G 409 -5.59 18.85 -32.08
C VAL G 409 -4.60 19.42 -31.07
N GLU G 410 -3.55 18.66 -30.74
CA GLU G 410 -2.49 19.18 -29.89
C GLU G 410 -1.89 20.45 -30.48
N GLU G 411 -1.49 20.38 -31.76
CA GLU G 411 -0.79 21.51 -32.38
C GLU G 411 -1.71 22.71 -32.55
N PHE G 412 -2.98 22.47 -32.85
CA PHE G 412 -3.90 23.57 -33.12
C PHE G 412 -4.41 24.21 -31.83
N SER G 413 -4.96 23.41 -30.93
CA SER G 413 -5.58 23.96 -29.73
C SER G 413 -4.53 24.57 -28.81
N PRO G 414 -4.82 25.73 -28.21
CA PRO G 414 -3.85 26.34 -27.30
C PRO G 414 -3.84 25.68 -25.92
N ARG G 415 -5.00 25.18 -25.48
CA ARG G 415 -5.15 24.53 -24.19
C ARG G 415 -5.57 23.09 -24.45
N ALA G 416 -4.59 22.19 -24.53
CA ALA G 416 -4.86 20.78 -24.77
C ALA G 416 -3.85 19.94 -24.00
N VAL G 417 -4.34 18.85 -23.41
CA VAL G 417 -3.51 17.91 -22.67
C VAL G 417 -3.73 16.52 -23.25
N TYR G 418 -2.64 15.80 -23.47
CA TYR G 418 -2.66 14.51 -24.13
C TYR G 418 -2.03 13.45 -23.23
N THR G 419 -2.71 12.32 -23.12
CA THR G 419 -2.26 11.20 -22.30
C THR G 419 -2.42 9.90 -23.08
N SER G 420 -1.65 8.89 -22.69
CA SER G 420 -1.67 7.60 -23.37
C SER G 420 -1.52 6.47 -22.36
N GLY G 421 -2.51 5.58 -22.33
CA GLY G 421 -2.40 4.35 -21.56
C GLY G 421 -2.16 4.59 -20.09
N LYS G 422 -1.19 3.86 -19.54
CA LYS G 422 -0.89 3.88 -18.11
C LYS G 422 0.14 4.92 -17.73
N ALA G 423 0.60 5.74 -18.68
CA ALA G 423 1.61 6.75 -18.37
C ALA G 423 1.11 7.81 -17.40
N SER G 424 -0.20 7.97 -17.28
CA SER G 424 -0.78 8.95 -16.36
C SER G 424 -1.36 8.24 -15.14
N SER G 425 -0.94 8.67 -13.96
CA SER G 425 -1.43 8.07 -12.72
C SER G 425 -2.72 8.74 -12.27
N ALA G 426 -3.31 8.19 -11.21
CA ALA G 426 -4.52 8.77 -10.64
C ALA G 426 -4.25 10.17 -10.12
N ALA G 427 -3.12 10.36 -9.44
CA ALA G 427 -2.74 11.68 -8.97
C ALA G 427 -2.36 12.59 -10.14
N GLY G 428 -1.94 12.02 -11.26
CA GLY G 428 -1.68 12.83 -12.44
C GLY G 428 -2.91 13.55 -12.93
N LEU G 429 -4.05 12.86 -12.95
CA LEU G 429 -5.32 13.48 -13.22
C LEU G 429 -5.88 14.10 -11.95
N THR G 430 -7.10 14.63 -12.04
CA THR G 430 -7.79 15.28 -10.92
C THR G 430 -6.89 16.39 -10.40
N ALA G 431 -6.45 16.37 -9.13
CA ALA G 431 -5.58 17.40 -8.61
C ALA G 431 -4.86 16.88 -7.38
N ALA G 432 -3.97 17.71 -6.84
CA ALA G 432 -3.25 17.41 -5.61
C ALA G 432 -3.25 18.65 -4.73
N VAL G 433 -3.05 18.44 -3.42
CA VAL G 433 -3.04 19.52 -2.45
C VAL G 433 -1.72 19.47 -1.70
N VAL G 434 -1.02 20.60 -1.64
CA VAL G 434 0.24 20.71 -0.91
C VAL G 434 0.24 21.98 -0.07
N ARG G 435 1.23 22.08 0.81
CA ARG G 435 1.33 23.19 1.74
C ARG G 435 1.84 24.45 1.06
N ASP G 436 1.51 25.59 1.65
CA ASP G 436 2.11 26.87 1.27
C ASP G 436 3.40 27.06 2.05
N GLU G 437 4.44 27.53 1.36
CA GLU G 437 5.77 27.60 1.96
C GLU G 437 5.92 28.75 2.94
N GLU G 438 5.05 29.76 2.89
CA GLU G 438 5.22 30.95 3.71
C GLU G 438 3.97 31.34 4.48
N SER G 439 2.98 30.46 4.58
CA SER G 439 1.75 30.78 5.32
C SER G 439 1.08 29.48 5.74
N HIS G 440 -0.04 29.61 6.43
CA HIS G 440 -0.83 28.47 6.88
C HIS G 440 -1.79 27.95 5.83
N GLU G 441 -1.85 28.59 4.66
CA GLU G 441 -2.77 28.19 3.61
C GLU G 441 -2.27 26.95 2.89
N PHE G 442 -3.09 26.44 1.98
CA PHE G 442 -2.76 25.31 1.14
C PHE G 442 -2.98 25.69 -0.32
N VAL G 443 -2.22 25.06 -1.22
CA VAL G 443 -2.32 25.34 -2.64
C VAL G 443 -2.61 24.02 -3.37
N ILE G 444 -3.21 24.14 -4.55
CA ILE G 444 -3.67 23.00 -5.31
C ILE G 444 -2.89 22.92 -6.61
N GLU G 445 -2.29 21.77 -6.88
CA GLU G 445 -1.64 21.47 -8.15
C GLU G 445 -2.65 20.85 -9.09
N ALA G 446 -2.82 21.46 -10.25
CA ALA G 446 -3.84 21.04 -11.20
C ALA G 446 -3.39 19.81 -11.99
N GLY G 447 -4.33 18.92 -12.29
CA GLY G 447 -4.06 17.76 -13.09
C GLY G 447 -4.26 18.02 -14.57
N ALA G 448 -4.29 16.92 -15.34
CA ALA G 448 -4.46 17.03 -16.78
C ALA G 448 -5.82 17.60 -17.15
N LEU G 449 -6.88 17.14 -16.46
CA LEU G 449 -8.23 17.61 -16.78
C LEU G 449 -8.38 19.09 -16.48
N MET G 450 -7.85 19.53 -15.34
CA MET G 450 -8.02 20.94 -14.95
C MET G 450 -7.27 21.87 -15.88
N LEU G 451 -6.09 21.46 -16.34
CA LEU G 451 -5.34 22.29 -17.29
C LEU G 451 -6.07 22.42 -18.62
N ALA G 452 -6.81 21.40 -19.03
CA ALA G 452 -7.59 21.42 -20.25
C ALA G 452 -9.01 21.94 -20.04
N ASP G 453 -9.24 22.69 -18.95
CA ASP G 453 -10.56 23.24 -18.69
C ASP G 453 -10.99 24.16 -19.83
N ASN G 454 -12.24 24.00 -20.28
CA ASN G 454 -12.78 24.73 -21.43
C ASN G 454 -11.92 24.50 -22.68
N GLY G 455 -11.39 23.29 -22.82
CA GLY G 455 -10.56 22.92 -23.94
C GLY G 455 -10.84 21.50 -24.39
N VAL G 456 -9.79 20.86 -24.92
CA VAL G 456 -9.88 19.51 -25.44
C VAL G 456 -8.81 18.65 -24.78
N CYS G 457 -9.22 17.48 -24.29
CA CYS G 457 -8.30 16.52 -23.70
C CYS G 457 -8.24 15.28 -24.59
N CYS G 458 -7.03 14.89 -24.99
CA CYS G 458 -6.82 13.78 -25.90
C CYS G 458 -6.29 12.58 -25.13
N ILE G 459 -6.94 11.43 -25.30
CA ILE G 459 -6.54 10.19 -24.64
C ILE G 459 -6.35 9.13 -25.70
N ASP G 460 -5.12 8.65 -25.86
CA ASP G 460 -4.80 7.55 -26.75
C ASP G 460 -4.65 6.26 -25.95
N GLU G 461 -4.88 5.14 -26.63
CA GLU G 461 -4.87 3.82 -25.99
C GLU G 461 -5.79 3.80 -24.78
N PHE G 462 -7.06 4.18 -25.00
CA PHE G 462 -8.01 4.33 -23.90
C PHE G 462 -8.33 3.01 -23.22
N ASP G 463 -8.10 1.87 -23.90
CA ASP G 463 -8.41 0.58 -23.30
C ASP G 463 -7.38 0.18 -22.24
N LYS G 464 -6.14 0.66 -22.36
CA LYS G 464 -5.09 0.27 -21.44
C LYS G 464 -5.19 0.97 -20.09
N MET G 465 -6.06 1.95 -19.95
CA MET G 465 -6.21 2.66 -18.68
C MET G 465 -6.81 1.76 -17.62
N ASP G 466 -6.38 1.95 -16.37
CA ASP G 466 -6.86 1.12 -15.27
C ASP G 466 -8.32 1.41 -14.97
N VAL G 467 -8.98 0.46 -14.28
CA VAL G 467 -10.40 0.59 -13.99
C VAL G 467 -10.67 1.80 -13.08
N ARG G 468 -9.78 2.02 -12.11
CA ARG G 468 -9.92 3.16 -11.21
C ARG G 468 -9.81 4.48 -11.97
N ASP G 469 -8.85 4.56 -12.89
CA ASP G 469 -8.69 5.76 -13.71
C ASP G 469 -9.91 5.98 -14.60
N GLN G 470 -10.46 4.90 -15.16
CA GLN G 470 -11.67 5.01 -15.96
C GLN G 470 -12.85 5.48 -15.13
N VAL G 471 -12.94 5.00 -13.89
CA VAL G 471 -14.02 5.46 -12.99
C VAL G 471 -13.87 6.95 -12.71
N ALA G 472 -12.64 7.39 -12.47
CA ALA G 472 -12.40 8.82 -12.23
C ALA G 472 -12.76 9.65 -13.46
N ILE G 473 -12.41 9.16 -14.65
CA ILE G 473 -12.75 9.86 -15.89
C ILE G 473 -14.26 9.92 -16.07
N HIS G 474 -14.95 8.83 -15.77
CA HIS G 474 -16.41 8.81 -15.86
C HIS G 474 -17.04 9.81 -14.89
N GLU G 475 -16.50 9.88 -13.68
CA GLU G 475 -16.99 10.85 -12.70
C GLU G 475 -16.78 12.28 -13.20
N ALA G 476 -15.62 12.55 -13.77
CA ALA G 476 -15.34 13.88 -14.31
C ALA G 476 -16.27 14.21 -15.46
N MET G 477 -16.55 13.24 -16.34
CA MET G 477 -17.46 13.47 -17.45
C MET G 477 -18.88 13.73 -16.97
N GLU G 478 -19.34 12.97 -15.98
CA GLU G 478 -20.72 13.07 -15.52
C GLU G 478 -20.95 14.32 -14.67
N GLN G 479 -20.26 14.42 -13.53
CA GLN G 479 -20.54 15.51 -12.61
C GLN G 479 -19.88 16.82 -13.05
N GLN G 480 -18.87 16.74 -13.93
CA GLN G 480 -18.08 17.90 -14.35
C GLN G 480 -17.48 18.65 -13.17
N THR G 481 -17.19 17.94 -12.08
CA THR G 481 -16.65 18.53 -10.87
C THR G 481 -15.70 17.55 -10.22
N ILE G 482 -14.60 18.06 -9.69
CA ILE G 482 -13.59 17.27 -8.99
C ILE G 482 -13.64 17.67 -7.52
N SER G 483 -13.84 16.68 -6.65
CA SER G 483 -13.93 16.91 -5.21
C SER G 483 -12.71 16.30 -4.53
N ILE G 484 -12.01 17.11 -3.74
CA ILE G 484 -10.82 16.68 -3.03
C ILE G 484 -11.03 16.89 -1.54
N THR G 485 -10.88 15.81 -0.76
CA THR G 485 -10.95 15.88 0.70
C THR G 485 -9.70 15.18 1.25
N LYS G 486 -8.60 15.94 1.34
CA LYS G 486 -7.32 15.38 1.77
C LYS G 486 -6.53 16.43 2.52
N ALA G 487 -5.71 15.97 3.47
CA ALA G 487 -4.78 16.81 4.23
C ALA G 487 -5.49 17.98 4.89
N GLY G 488 -6.69 17.72 5.43
CA GLY G 488 -7.45 18.76 6.09
C GLY G 488 -8.06 19.79 5.16
N VAL G 489 -8.06 19.54 3.85
CA VAL G 489 -8.56 20.48 2.86
C VAL G 489 -9.69 19.81 2.09
N LYS G 490 -10.85 20.47 2.04
CA LYS G 490 -11.99 20.03 1.26
C LYS G 490 -12.30 21.10 0.21
N ALA G 491 -12.37 20.70 -1.05
CA ALA G 491 -12.57 21.65 -2.13
C ALA G 491 -13.27 20.97 -3.29
N THR G 492 -13.94 21.80 -4.11
CA THR G 492 -14.61 21.36 -5.33
C THR G 492 -14.18 22.29 -6.46
N LEU G 493 -13.80 21.69 -7.60
CA LEU G 493 -13.26 22.42 -8.73
C LEU G 493 -14.01 22.04 -10.00
N ASN G 494 -14.11 23.01 -10.92
CA ASN G 494 -14.86 22.83 -12.15
C ASN G 494 -13.94 22.35 -13.26
N ALA G 495 -14.36 21.30 -13.97
CA ALA G 495 -13.62 20.73 -15.11
C ALA G 495 -14.59 20.57 -16.27
N ARG G 496 -14.73 21.64 -17.08
CA ARG G 496 -15.61 21.63 -18.24
C ARG G 496 -14.82 21.31 -19.51
N THR G 497 -14.44 20.04 -19.63
CA THR G 497 -13.58 19.61 -20.72
C THR G 497 -14.36 18.77 -21.74
N SER G 498 -13.77 18.64 -22.93
CA SER G 498 -14.29 17.78 -23.98
C SER G 498 -13.23 16.75 -24.33
N ILE G 499 -13.62 15.48 -24.37
CA ILE G 499 -12.68 14.37 -24.46
C ILE G 499 -12.70 13.79 -25.87
N LEU G 500 -11.51 13.66 -26.46
CA LEU G 500 -11.31 12.94 -27.71
C LEU G 500 -10.46 11.72 -27.40
N ALA G 501 -11.00 10.53 -27.68
CA ALA G 501 -10.38 9.28 -27.28
C ALA G 501 -10.14 8.38 -28.48
N ALA G 502 -9.06 7.60 -28.41
CA ALA G 502 -8.71 6.63 -29.43
C ALA G 502 -8.59 5.26 -28.77
N ALA G 503 -9.10 4.23 -29.45
CA ALA G 503 -9.13 2.89 -28.90
C ALA G 503 -8.92 1.88 -30.03
N ASN G 504 -8.58 0.65 -29.63
CA ASN G 504 -8.31 -0.46 -30.54
C ASN G 504 -9.20 -1.65 -30.22
N PRO G 505 -9.49 -2.49 -31.20
CA PRO G 505 -10.28 -3.70 -30.93
C PRO G 505 -9.53 -4.67 -30.03
N ILE G 506 -10.31 -5.56 -29.40
CA ILE G 506 -9.72 -6.53 -28.46
C ILE G 506 -8.75 -7.45 -29.18
N SER G 507 -9.14 -7.94 -30.35
CA SER G 507 -8.28 -8.84 -31.12
C SER G 507 -7.29 -8.09 -32.01
N GLY G 508 -7.31 -6.76 -32.02
CA GLY G 508 -6.46 -5.98 -32.88
C GLY G 508 -7.04 -5.67 -34.25
N HIS G 509 -8.16 -6.30 -34.60
CA HIS G 509 -8.86 -6.01 -35.85
C HIS G 509 -10.35 -5.96 -35.57
N TYR G 510 -11.04 -5.10 -36.31
CA TYR G 510 -12.49 -4.92 -36.10
C TYR G 510 -13.24 -6.11 -36.69
N ASP G 511 -14.12 -6.70 -35.89
CA ASP G 511 -14.92 -7.85 -36.32
C ASP G 511 -16.22 -7.31 -36.92
N ARG G 512 -16.41 -7.55 -38.21
CA ARG G 512 -17.57 -7.02 -38.92
C ARG G 512 -18.87 -7.69 -38.49
N SER G 513 -18.82 -8.93 -38.02
CA SER G 513 -20.01 -9.68 -37.68
C SER G 513 -20.44 -9.53 -36.23
N LYS G 514 -19.75 -8.71 -35.45
CA LYS G 514 -20.07 -8.51 -34.05
C LYS G 514 -20.47 -7.06 -33.78
N SER G 515 -21.21 -6.85 -32.70
CA SER G 515 -21.65 -5.52 -32.33
C SER G 515 -20.50 -4.71 -31.73
N LEU G 516 -20.74 -3.42 -31.56
CA LEU G 516 -19.71 -2.54 -31.00
C LEU G 516 -19.38 -2.91 -29.57
N LYS G 517 -20.38 -3.31 -28.79
CA LYS G 517 -20.14 -3.66 -27.39
C LYS G 517 -19.23 -4.87 -27.24
N GLN G 518 -19.33 -5.83 -28.15
CA GLN G 518 -18.51 -7.04 -28.09
C GLN G 518 -17.12 -6.85 -28.67
N ASN G 519 -16.83 -5.69 -29.26
CA ASN G 519 -15.53 -5.45 -29.88
C ASN G 519 -14.60 -4.60 -29.02
N ILE G 520 -15.12 -3.90 -28.02
CA ILE G 520 -14.34 -3.01 -27.18
C ILE G 520 -14.54 -3.39 -25.72
N ASN G 521 -13.44 -3.47 -24.97
CA ASN G 521 -13.50 -3.78 -23.55
C ASN G 521 -13.66 -2.51 -22.72
N LEU G 522 -14.80 -1.85 -22.92
CA LEU G 522 -15.15 -0.63 -22.21
C LEU G 522 -16.47 -0.83 -21.47
N SER G 523 -16.54 -0.28 -20.26
CA SER G 523 -17.74 -0.43 -19.45
C SER G 523 -18.91 0.33 -20.08
N ALA G 524 -20.11 -0.19 -19.87
CA ALA G 524 -21.31 0.46 -20.40
C ALA G 524 -21.52 1.90 -19.93
N PRO G 525 -21.31 2.27 -18.66
CA PRO G 525 -21.50 3.68 -18.28
C PRO G 525 -20.65 4.66 -19.07
N ILE G 526 -19.33 4.41 -19.17
CA ILE G 526 -18.47 5.32 -19.91
C ILE G 526 -18.77 5.25 -21.40
N MET G 527 -19.23 4.09 -21.87
CA MET G 527 -19.60 3.95 -23.28
C MET G 527 -20.81 4.82 -23.63
N SER G 528 -21.79 4.88 -22.73
CA SER G 528 -23.01 5.64 -23.02
C SER G 528 -22.78 7.14 -23.00
N ARG G 529 -21.74 7.61 -22.31
CA ARG G 529 -21.52 9.05 -22.19
C ARG G 529 -20.99 9.66 -23.49
N PHE G 530 -20.28 8.87 -24.29
CA PHE G 530 -19.72 9.39 -25.53
C PHE G 530 -20.82 9.77 -26.51
N ASP G 531 -20.65 10.90 -27.19
CA ASP G 531 -21.66 11.37 -28.13
C ASP G 531 -21.50 10.74 -29.50
N LEU G 532 -20.27 10.66 -30.01
CA LEU G 532 -20.03 10.15 -31.35
C LEU G 532 -18.96 9.06 -31.31
N PHE G 533 -19.23 7.96 -32.02
CA PHE G 533 -18.28 6.88 -32.21
C PHE G 533 -17.97 6.76 -33.70
N PHE G 534 -16.69 6.73 -34.02
CA PHE G 534 -16.23 6.57 -35.40
C PHE G 534 -15.51 5.24 -35.53
N ILE G 535 -15.79 4.52 -36.60
CA ILE G 535 -15.18 3.23 -36.88
C ILE G 535 -14.47 3.32 -38.23
N LEU G 536 -13.19 2.97 -38.23
CA LEU G 536 -12.37 3.01 -39.45
C LEU G 536 -11.92 1.60 -39.79
N VAL G 537 -12.18 1.19 -41.03
CA VAL G 537 -11.80 -0.14 -41.51
C VAL G 537 -10.92 0.04 -42.74
N ASP G 538 -9.78 -0.64 -42.74
CA ASP G 538 -8.84 -0.57 -43.86
C ASP G 538 -9.33 -1.48 -44.98
N GLU G 539 -9.76 -0.87 -46.09
CA GLU G 539 -10.25 -1.63 -47.22
C GLU G 539 -9.09 -2.07 -48.10
N CYS G 540 -9.13 -3.32 -48.56
CA CYS G 540 -8.11 -3.83 -49.46
C CYS G 540 -8.41 -3.42 -50.90
N ASN G 541 -8.41 -2.11 -51.17
CA ASN G 541 -8.73 -1.57 -52.48
C ASN G 541 -7.45 -0.98 -53.09
N GLU G 542 -7.22 -1.29 -54.36
CA GLU G 542 -6.01 -0.81 -55.02
C GLU G 542 -6.01 0.70 -55.19
N VAL G 543 -7.15 1.29 -55.52
CA VAL G 543 -7.22 2.72 -55.78
C VAL G 543 -6.95 3.51 -54.50
N THR G 544 -7.47 3.03 -53.38
CA THR G 544 -7.21 3.70 -52.10
C THR G 544 -5.75 3.63 -51.74
N ASP G 545 -5.10 2.48 -51.96
CA ASP G 545 -3.68 2.35 -51.70
C ASP G 545 -2.87 3.29 -52.58
N TYR G 546 -3.23 3.39 -53.87
CA TYR G 546 -2.56 4.31 -54.77
C TYR G 546 -2.70 5.75 -54.29
N ALA G 547 -3.92 6.14 -53.89
CA ALA G 547 -4.17 7.50 -53.44
C ALA G 547 -3.36 7.82 -52.18
N ILE G 548 -3.31 6.88 -51.24
CA ILE G 548 -2.55 7.09 -50.00
C ILE G 548 -1.06 7.20 -50.31
N ALA G 549 -0.57 6.34 -51.20
CA ALA G 549 0.85 6.37 -51.58
C ALA G 549 1.21 7.68 -52.24
N ARG G 550 0.35 8.19 -53.13
CA ARG G 550 0.61 9.47 -53.77
C ARG G 550 0.80 10.57 -52.73
N ARG G 551 -0.11 10.65 -51.75
CA ARG G 551 -0.03 11.70 -50.74
C ARG G 551 1.20 11.54 -49.87
N ILE G 552 1.53 10.31 -49.45
CA ILE G 552 2.70 10.10 -48.59
C ILE G 552 3.97 10.50 -49.33
N VAL G 553 4.11 10.04 -50.57
CA VAL G 553 5.32 10.33 -51.33
C VAL G 553 5.42 11.82 -51.66
N ASP G 554 4.28 12.46 -51.94
CA ASP G 554 4.31 13.90 -52.19
C ASP G 554 4.72 14.67 -50.95
N LEU G 555 4.22 14.26 -49.78
CA LEU G 555 4.62 14.91 -48.53
C LEU G 555 6.10 14.72 -48.25
N HIS G 556 6.63 13.52 -48.49
CA HIS G 556 8.05 13.29 -48.23
C HIS G 556 8.93 13.99 -49.26
N SER G 557 8.46 14.12 -50.50
CA SER G 557 9.25 14.77 -51.55
C SER G 557 9.33 16.28 -51.34
N ARG G 558 8.19 16.90 -51.04
CA ARG G 558 8.10 18.34 -50.80
C ARG G 558 7.80 18.53 -49.31
N ILE G 559 8.83 18.92 -48.56
CA ILE G 559 8.73 19.00 -47.11
C ILE G 559 7.69 20.04 -46.70
N GLU G 560 7.76 21.22 -47.31
CA GLU G 560 6.86 22.32 -46.95
C GLU G 560 6.10 22.92 -48.13
N GLU G 561 6.39 22.52 -49.36
CA GLU G 561 5.71 23.10 -50.52
C GLU G 561 4.44 22.35 -50.91
N SER G 562 4.09 21.28 -50.20
CA SER G 562 2.92 20.47 -50.53
C SER G 562 1.69 20.87 -49.71
N ILE G 563 1.63 22.10 -49.22
CA ILE G 563 0.52 22.58 -48.39
C ILE G 563 -0.02 23.86 -49.00
N ASP G 564 -1.34 23.93 -49.15
CA ASP G 564 -2.03 25.06 -49.77
C ASP G 564 -3.18 25.53 -48.89
N ARG G 565 -2.88 25.76 -47.61
CA ARG G 565 -3.90 26.17 -46.65
C ARG G 565 -4.60 27.45 -47.11
N VAL G 566 -5.90 27.51 -46.86
CA VAL G 566 -6.69 28.69 -47.20
C VAL G 566 -6.60 29.75 -46.10
N TYR G 567 -6.70 29.33 -44.83
CA TYR G 567 -6.62 30.24 -43.70
C TYR G 567 -5.52 29.76 -42.76
N SER G 568 -4.78 30.72 -42.20
CA SER G 568 -3.73 30.39 -41.24
C SER G 568 -4.35 29.94 -39.93
N LEU G 569 -3.57 29.19 -39.14
CA LEU G 569 -4.07 28.67 -37.88
C LEU G 569 -4.41 29.78 -36.90
N ASP G 570 -3.69 30.90 -36.96
CA ASP G 570 -3.99 32.02 -36.07
C ASP G 570 -5.38 32.59 -36.36
N ASP G 571 -5.72 32.73 -37.65
CA ASP G 571 -7.03 33.22 -38.03
C ASP G 571 -8.13 32.26 -37.57
N ILE G 572 -7.88 30.95 -37.71
CA ILE G 572 -8.85 29.96 -37.25
C ILE G 572 -9.04 30.04 -35.74
N ARG G 573 -7.94 30.21 -34.99
CA ARG G 573 -8.04 30.34 -33.55
C ARG G 573 -8.83 31.58 -33.15
N ARG G 574 -8.56 32.70 -33.82
CA ARG G 574 -9.30 33.93 -33.54
C ARG G 574 -10.79 33.76 -33.84
N TYR G 575 -11.11 33.14 -34.97
CA TYR G 575 -12.51 32.92 -35.33
C TYR G 575 -13.20 32.00 -34.34
N LEU G 576 -12.51 30.96 -33.89
CA LEU G 576 -13.08 30.05 -32.89
C LEU G 576 -13.33 30.78 -31.58
N LEU G 577 -12.37 31.61 -31.15
CA LEU G 577 -12.54 32.37 -29.91
C LEU G 577 -13.73 33.31 -30.02
N PHE G 578 -13.90 33.96 -31.17
CA PHE G 578 -15.03 34.84 -31.36
C PHE G 578 -16.35 34.07 -31.39
N ALA G 579 -16.36 32.90 -32.02
CA ALA G 579 -17.60 32.18 -32.25
C ALA G 579 -18.08 31.47 -30.97
N ARG G 580 -17.16 31.04 -30.11
CA ARG G 580 -17.57 30.30 -28.92
C ARG G 580 -18.38 31.13 -27.95
N GLN G 581 -18.39 32.46 -28.10
CA GLN G 581 -19.14 33.30 -27.19
C GLN G 581 -20.64 33.25 -27.47
N PHE G 582 -21.02 32.94 -28.72
CA PHE G 582 -22.42 32.99 -29.11
C PHE G 582 -23.22 31.89 -28.42
N LYS G 583 -24.49 32.20 -28.14
CA LYS G 583 -25.42 31.27 -27.51
C LYS G 583 -26.72 31.24 -28.31
N PRO G 584 -26.74 30.50 -29.42
CA PRO G 584 -27.95 30.46 -30.26
C PRO G 584 -29.12 29.78 -29.59
N LYS G 585 -30.32 30.17 -30.00
CA LYS G 585 -31.55 29.59 -29.50
C LYS G 585 -32.11 28.57 -30.49
N ILE G 586 -33.21 27.93 -30.08
CA ILE G 586 -33.87 26.93 -30.91
C ILE G 586 -35.20 27.48 -31.40
N SER G 587 -35.43 27.43 -32.70
CA SER G 587 -36.64 27.96 -33.28
C SER G 587 -37.81 26.98 -33.10
N LYS G 588 -39.02 27.48 -33.28
CA LYS G 588 -40.23 26.70 -33.08
C LYS G 588 -40.36 25.57 -34.09
N GLU G 589 -40.15 25.87 -35.37
CA GLU G 589 -40.22 24.83 -36.40
C GLU G 589 -39.12 23.79 -36.22
N SER G 590 -37.99 24.20 -35.67
CA SER G 590 -36.91 23.26 -35.39
C SER G 590 -37.35 22.18 -34.40
N GLU G 591 -38.24 22.52 -33.48
CA GLU G 591 -38.77 21.53 -32.54
C GLU G 591 -39.50 20.41 -33.26
N ASP G 592 -40.42 20.78 -34.16
CA ASP G 592 -41.17 19.77 -34.91
C ASP G 592 -40.25 18.99 -35.84
N PHE G 593 -39.29 19.68 -36.47
CA PHE G 593 -38.35 18.99 -37.35
C PHE G 593 -37.53 17.97 -36.58
N ILE G 594 -37.03 18.35 -35.40
CA ILE G 594 -36.25 17.43 -34.57
C ILE G 594 -37.10 16.26 -34.11
N VAL G 595 -38.36 16.52 -33.74
CA VAL G 595 -39.25 15.45 -33.30
C VAL G 595 -39.46 14.44 -34.43
N GLU G 596 -39.74 14.94 -35.63
CA GLU G 596 -39.97 14.04 -36.77
C GLU G 596 -38.71 13.26 -37.12
N GLN G 597 -37.55 13.92 -37.08
CA GLN G 597 -36.30 13.25 -37.42
C GLN G 597 -35.93 12.19 -36.39
N TYR G 598 -36.19 12.47 -35.11
CA TYR G 598 -35.96 11.47 -34.07
C TYR G 598 -36.93 10.31 -34.22
N LYS G 599 -38.17 10.59 -34.62
CA LYS G 599 -39.13 9.52 -34.89
C LYS G 599 -38.64 8.62 -36.01
N HIS G 600 -38.11 9.22 -37.08
CA HIS G 600 -37.57 8.43 -38.18
C HIS G 600 -36.35 7.61 -37.73
N LEU G 601 -35.49 8.22 -36.91
CA LEU G 601 -34.31 7.51 -36.42
C LEU G 601 -34.70 6.32 -35.55
N ARG G 602 -35.72 6.48 -34.71
CA ARG G 602 -36.20 5.36 -33.90
C ARG G 602 -36.87 4.30 -34.78
N GLN G 603 -37.61 4.72 -35.81
CA GLN G 603 -38.22 3.77 -36.72
C GLN G 603 -37.16 2.97 -37.48
N ARG G 604 -35.98 3.55 -37.68
CA ARG G 604 -34.89 2.82 -38.33
C ARG G 604 -34.52 1.55 -37.55
N ASP G 605 -34.77 1.53 -36.25
CA ASP G 605 -34.43 0.38 -35.41
C ASP G 605 -35.43 -0.77 -35.54
N GLY G 606 -36.24 -0.80 -36.59
CA GLY G 606 -37.20 -1.87 -36.76
C GLY G 606 -36.53 -3.20 -37.08
N SER G 607 -37.33 -4.27 -36.94
CA SER G 607 -36.82 -5.62 -37.19
C SER G 607 -36.86 -6.01 -38.66
N GLY G 608 -37.36 -5.14 -39.53
CA GLY G 608 -37.40 -5.43 -40.95
C GLY G 608 -36.08 -5.25 -41.67
N VAL G 609 -35.05 -4.76 -40.98
CA VAL G 609 -33.74 -4.53 -41.55
C VAL G 609 -32.72 -5.28 -40.70
N THR G 610 -31.53 -5.48 -41.26
CA THR G 610 -30.47 -6.19 -40.55
C THR G 610 -30.08 -5.44 -39.28
N LYS G 611 -29.53 -6.21 -38.33
CA LYS G 611 -29.19 -5.65 -37.03
C LYS G 611 -28.10 -4.58 -37.17
N SER G 612 -28.26 -3.51 -36.39
CA SER G 612 -27.27 -2.44 -36.34
C SER G 612 -26.32 -2.66 -35.18
N SER G 613 -25.13 -2.04 -35.28
CA SER G 613 -24.10 -2.23 -34.27
C SER G 613 -24.29 -1.32 -33.05
N TRP G 614 -25.26 -0.41 -33.07
CA TRP G 614 -25.46 0.50 -31.95
C TRP G 614 -26.91 0.95 -31.93
N ARG G 615 -27.55 0.82 -30.78
CA ARG G 615 -28.96 1.15 -30.64
C ARG G 615 -29.14 2.63 -30.33
N ILE G 616 -30.35 3.13 -30.55
CA ILE G 616 -30.66 4.55 -30.44
C ILE G 616 -31.57 4.77 -29.24
N THR G 617 -31.19 5.73 -28.39
CA THR G 617 -31.97 6.11 -27.22
C THR G 617 -32.16 7.62 -27.24
N VAL G 618 -32.71 8.16 -26.15
CA VAL G 618 -32.92 9.60 -26.05
C VAL G 618 -31.58 10.33 -25.98
N ARG G 619 -30.52 9.63 -25.57
CA ARG G 619 -29.18 10.22 -25.59
C ARG G 619 -28.79 10.63 -27.00
N GLN G 620 -29.26 9.88 -28.00
CA GLN G 620 -29.03 10.28 -29.39
C GLN G 620 -29.76 11.57 -29.71
N LEU G 621 -30.96 11.76 -29.16
CA LEU G 621 -31.68 13.01 -29.35
C LEU G 621 -30.93 14.19 -28.73
N GLU G 622 -30.40 13.98 -27.52
CA GLU G 622 -29.61 15.03 -26.88
C GLU G 622 -28.35 15.34 -27.68
N SER G 623 -27.71 14.30 -28.22
CA SER G 623 -26.53 14.50 -29.07
C SER G 623 -26.89 15.27 -30.32
N MET G 624 -28.06 14.98 -30.92
CA MET G 624 -28.51 15.73 -32.09
C MET G 624 -28.72 17.20 -31.75
N ILE G 625 -29.33 17.48 -30.60
CA ILE G 625 -29.52 18.87 -30.20
C ILE G 625 -28.17 19.56 -29.99
N ARG G 626 -27.22 18.87 -29.35
CA ARG G 626 -25.91 19.44 -29.12
C ARG G 626 -25.18 19.71 -30.44
N LEU G 627 -25.29 18.79 -31.39
CA LEU G 627 -24.64 18.97 -32.68
C LEU G 627 -25.27 20.11 -33.46
N SER G 628 -26.59 20.26 -33.38
CA SER G 628 -27.25 21.39 -34.02
C SER G 628 -26.78 22.71 -33.42
N GLU G 629 -26.65 22.76 -32.09
CA GLU G 629 -26.13 23.96 -31.45
C GLU G 629 -24.70 24.24 -31.87
N ALA G 630 -23.87 23.19 -31.97
CA ALA G 630 -22.49 23.36 -32.39
C ALA G 630 -22.41 23.90 -33.82
N MET G 631 -23.25 23.36 -34.71
CA MET G 631 -23.28 23.85 -36.08
C MET G 631 -23.74 25.30 -36.15
N ALA G 632 -24.75 25.66 -35.35
CA ALA G 632 -25.21 27.04 -35.30
C ALA G 632 -24.11 27.97 -34.81
N ARG G 633 -23.34 27.53 -33.80
CA ARG G 633 -22.20 28.30 -33.33
C ARG G 633 -21.16 28.45 -34.42
N MET G 634 -20.90 27.37 -35.17
CA MET G 634 -19.92 27.41 -36.25
C MET G 634 -20.32 28.41 -37.32
N HIS G 635 -21.59 28.42 -37.69
CA HIS G 635 -22.09 29.33 -38.72
C HIS G 635 -22.44 30.71 -38.18
N CYS G 636 -22.30 30.93 -36.87
CA CYS G 636 -22.52 32.20 -36.19
C CYS G 636 -23.96 32.68 -36.28
N CYS G 637 -24.89 31.82 -36.69
CA CYS G 637 -26.29 32.22 -36.73
C CYS G 637 -26.86 32.28 -35.32
N ASP G 638 -27.80 33.19 -35.10
CA ASP G 638 -28.34 33.40 -33.76
C ASP G 638 -29.43 32.40 -33.41
N GLU G 639 -29.93 31.64 -34.38
CA GLU G 639 -30.98 30.66 -34.14
C GLU G 639 -30.68 29.39 -34.92
N VAL G 640 -31.24 28.28 -34.44
CA VAL G 640 -31.05 26.98 -35.08
C VAL G 640 -32.10 26.83 -36.18
N GLN G 641 -31.66 26.64 -37.41
CA GLN G 641 -32.51 26.44 -38.56
C GLN G 641 -32.44 25.00 -39.03
N PRO G 642 -33.41 24.55 -39.83
CA PRO G 642 -33.46 23.12 -40.19
C PRO G 642 -32.22 22.59 -40.90
N LYS G 643 -31.40 23.45 -41.50
CA LYS G 643 -30.19 22.97 -42.16
C LYS G 643 -29.24 22.31 -41.16
N HIS G 644 -29.05 22.94 -40.00
CA HIS G 644 -28.16 22.38 -38.99
C HIS G 644 -28.69 21.06 -38.46
N VAL G 645 -30.01 20.97 -38.25
CA VAL G 645 -30.61 19.72 -37.78
C VAL G 645 -30.43 18.63 -38.82
N LYS G 646 -30.63 18.96 -40.10
CA LYS G 646 -30.43 17.98 -41.16
C LYS G 646 -28.98 17.49 -41.20
N GLU G 647 -28.03 18.42 -41.05
CA GLU G 647 -26.62 18.03 -41.04
C GLU G 647 -26.31 17.10 -39.87
N ALA G 648 -26.83 17.42 -38.68
CA ALA G 648 -26.59 16.58 -37.52
C ALA G 648 -27.22 15.21 -37.70
N PHE G 649 -28.43 15.16 -38.26
CA PHE G 649 -29.11 13.90 -38.51
C PHE G 649 -28.34 13.04 -39.51
N ARG G 650 -27.83 13.66 -40.58
CA ARG G 650 -27.01 12.95 -41.55
C ARG G 650 -25.75 12.40 -40.91
N LEU G 651 -25.07 13.21 -40.10
CA LEU G 651 -23.83 12.76 -39.46
C LEU G 651 -24.09 11.61 -38.50
N LEU G 652 -25.17 11.71 -37.72
CA LEU G 652 -25.51 10.62 -36.80
C LEU G 652 -25.86 9.34 -37.54
N ASN G 653 -26.56 9.45 -38.67
CA ASN G 653 -26.84 8.26 -39.47
C ASN G 653 -25.58 7.64 -40.03
N LYS G 654 -24.65 8.48 -40.52
CA LYS G 654 -23.42 7.96 -41.08
C LYS G 654 -22.53 7.36 -40.00
N SER G 655 -22.72 7.78 -38.74
CA SER G 655 -21.95 7.19 -37.65
C SER G 655 -22.32 5.73 -37.43
N ILE G 656 -23.60 5.40 -37.55
CA ILE G 656 -24.06 4.04 -37.28
C ILE G 656 -23.70 3.13 -38.44
N ILE G 657 -23.14 1.96 -38.13
CA ILE G 657 -22.72 0.98 -39.13
C ILE G 657 -23.50 -0.31 -38.92
N ARG G 658 -24.06 -0.83 -40.00
CA ARG G 658 -24.84 -2.05 -39.97
C ARG G 658 -23.94 -3.27 -39.81
N VAL G 659 -24.49 -4.33 -39.23
CA VAL G 659 -23.72 -5.55 -39.01
C VAL G 659 -23.83 -6.44 -40.25
N GLU G 660 -22.70 -6.98 -40.69
CA GLU G 660 -22.64 -7.85 -41.86
C GLU G 660 -22.47 -9.30 -41.39
N THR G 661 -23.32 -10.18 -41.90
CA THR G 661 -23.27 -11.59 -41.53
C THR G 661 -22.52 -12.40 -42.59
N PHE G 717 -29.32 -13.49 -46.08
CA PHE G 717 -29.59 -13.81 -44.68
C PHE G 717 -30.89 -13.16 -44.21
N SER G 718 -31.18 -11.98 -44.77
CA SER G 718 -32.41 -11.27 -44.42
C SER G 718 -33.64 -12.04 -44.87
N GLU G 719 -33.56 -12.69 -46.04
CA GLU G 719 -34.70 -13.45 -46.55
C GLU G 719 -35.08 -14.59 -45.61
N TYR G 720 -34.08 -15.29 -45.09
CA TYR G 720 -34.34 -16.37 -44.14
C TYR G 720 -35.05 -15.85 -42.90
N CYS G 721 -34.58 -14.72 -42.36
CA CYS G 721 -35.19 -14.13 -41.18
C CYS G 721 -36.63 -13.72 -41.46
N ARG G 722 -36.88 -13.11 -42.62
CA ARG G 722 -38.23 -12.68 -42.96
C ARG G 722 -39.17 -13.88 -43.09
N ILE G 723 -38.70 -14.94 -43.76
CA ILE G 723 -39.53 -16.14 -43.94
C ILE G 723 -39.84 -16.77 -42.58
N SER G 724 -38.81 -16.86 -41.72
CA SER G 724 -39.02 -17.44 -40.39
C SER G 724 -40.01 -16.62 -39.59
N ASN G 725 -39.88 -15.29 -39.64
CA ASN G 725 -40.81 -14.43 -38.91
C ASN G 725 -42.24 -14.58 -39.41
N LEU G 726 -42.40 -14.66 -40.74
CA LEU G 726 -43.74 -14.83 -41.30
C LEU G 726 -44.34 -16.17 -40.87
N ILE G 727 -43.54 -17.23 -40.90
CA ILE G 727 -44.03 -18.54 -40.49
C ILE G 727 -44.43 -18.53 -39.02
N VAL G 728 -43.59 -17.93 -38.18
CA VAL G 728 -43.88 -17.86 -36.74
C VAL G 728 -45.16 -17.07 -36.49
N LEU G 729 -45.31 -15.94 -37.19
CA LEU G 729 -46.49 -15.11 -37.02
C LEU G 729 -47.75 -15.88 -37.42
N HIS G 730 -47.70 -16.56 -38.57
CA HIS G 730 -48.87 -17.32 -39.02
C HIS G 730 -49.22 -18.44 -38.05
N LEU G 731 -48.22 -19.19 -37.60
CA LEU G 731 -48.49 -20.31 -36.70
C LEU G 731 -49.03 -19.81 -35.36
N ARG G 732 -48.45 -18.73 -34.82
CA ARG G 732 -48.94 -18.20 -33.55
C ARG G 732 -50.34 -17.63 -33.68
N LYS G 733 -50.64 -16.96 -34.80
CA LYS G 733 -51.99 -16.48 -35.02
C LYS G 733 -52.99 -17.63 -35.10
N VAL G 734 -52.62 -18.71 -35.79
CA VAL G 734 -53.48 -19.87 -35.89
C VAL G 734 -53.73 -20.48 -34.51
N GLU G 735 -52.66 -20.60 -33.72
CA GLU G 735 -52.77 -21.20 -32.39
C GLU G 735 -53.64 -20.34 -31.47
N GLU G 736 -53.43 -19.02 -31.49
CA GLU G 736 -54.15 -18.14 -30.56
C GLU G 736 -55.59 -17.93 -30.96
N GLU G 737 -55.88 -17.76 -32.26
CA GLU G 737 -57.25 -17.50 -32.68
C GLU G 737 -58.19 -18.66 -32.37
N GLU G 738 -57.73 -19.90 -32.57
CA GLU G 738 -58.55 -21.06 -32.30
C GLU G 738 -58.12 -21.75 -31.01
N LEU G 743 -52.89 -26.78 -37.94
CA LEU G 743 -52.50 -27.17 -39.29
C LEU G 743 -51.19 -27.97 -39.27
N LYS G 744 -50.83 -28.52 -40.42
CA LYS G 744 -49.63 -29.33 -40.56
C LYS G 744 -48.61 -28.62 -41.45
N ARG G 745 -47.48 -29.28 -41.66
CA ARG G 745 -46.42 -28.71 -42.49
C ARG G 745 -46.89 -28.50 -43.92
N SER G 746 -47.60 -29.49 -44.48
CA SER G 746 -48.11 -29.37 -45.84
C SER G 746 -49.11 -28.22 -45.93
N GLU G 747 -49.96 -28.07 -44.91
CA GLU G 747 -50.91 -26.96 -44.90
C GLU G 747 -50.20 -25.62 -44.86
N LEU G 748 -49.13 -25.53 -44.06
CA LEU G 748 -48.35 -24.29 -43.97
C LEU G 748 -47.71 -23.96 -45.32
N VAL G 749 -47.13 -24.96 -45.97
CA VAL G 749 -46.50 -24.73 -47.28
C VAL G 749 -47.55 -24.30 -48.30
N ASN G 750 -48.70 -24.96 -48.30
CA ASN G 750 -49.77 -24.61 -49.24
C ASN G 750 -50.27 -23.19 -48.99
N TRP G 751 -50.41 -22.80 -47.73
CA TRP G 751 -50.86 -21.44 -47.40
C TRP G 751 -49.83 -20.41 -47.88
N TYR G 752 -48.54 -20.69 -47.65
CA TYR G 752 -47.51 -19.74 -48.08
C TYR G 752 -47.49 -19.61 -49.60
N LEU G 753 -47.61 -20.73 -50.31
CA LEU G 753 -47.66 -20.67 -51.78
C LEU G 753 -48.90 -19.93 -52.26
N LYS G 754 -50.03 -20.14 -51.60
CA LYS G 754 -51.26 -19.44 -51.98
C LYS G 754 -51.10 -17.94 -51.78
N GLU G 755 -50.47 -17.53 -50.68
CA GLU G 755 -50.23 -16.11 -50.46
C GLU G 755 -49.26 -15.54 -51.49
N ILE G 756 -48.24 -16.33 -51.88
CA ILE G 756 -47.27 -15.85 -52.85
C ILE G 756 -47.83 -15.81 -54.26
N GLU G 757 -48.89 -16.59 -54.54
CA GLU G 757 -49.47 -16.75 -55.87
C GLU G 757 -49.47 -15.47 -56.70
N SER G 758 -49.82 -14.33 -56.10
CA SER G 758 -49.81 -13.06 -56.81
C SER G 758 -48.41 -12.54 -57.10
N GLU G 759 -47.36 -13.16 -56.54
CA GLU G 759 -46.00 -12.67 -56.70
C GLU G 759 -45.14 -13.51 -57.63
N ILE G 760 -45.52 -14.76 -57.89
CA ILE G 760 -44.75 -15.66 -58.75
C ILE G 760 -45.50 -15.82 -60.07
N ASP G 761 -44.77 -15.64 -61.18
CA ASP G 761 -45.37 -15.67 -62.51
C ASP G 761 -45.13 -16.97 -63.27
N SER G 762 -44.11 -17.74 -62.91
CA SER G 762 -43.74 -18.92 -63.67
C SER G 762 -43.67 -20.13 -62.75
N GLU G 763 -43.82 -21.31 -63.34
CA GLU G 763 -43.82 -22.55 -62.56
C GLU G 763 -42.42 -22.87 -62.03
N GLU G 764 -41.39 -22.52 -62.79
CA GLU G 764 -40.02 -22.79 -62.35
C GLU G 764 -39.70 -22.04 -61.06
N GLU G 765 -40.04 -20.75 -61.01
CA GLU G 765 -39.83 -19.97 -59.80
C GLU G 765 -40.67 -20.52 -58.66
N LEU G 766 -41.89 -20.96 -58.96
CA LEU G 766 -42.75 -21.52 -57.92
C LEU G 766 -42.14 -22.76 -57.30
N ILE G 767 -41.64 -23.68 -58.14
CA ILE G 767 -41.07 -24.92 -57.61
C ILE G 767 -39.75 -24.63 -56.88
N ASN G 768 -38.98 -23.67 -57.37
CA ASN G 768 -37.74 -23.30 -56.68
C ASN G 768 -38.04 -22.73 -55.30
N LYS G 769 -39.04 -21.85 -55.20
CA LYS G 769 -39.42 -21.29 -53.92
C LYS G 769 -40.00 -22.37 -53.00
N LYS G 770 -40.73 -23.34 -53.56
CA LYS G 770 -41.26 -24.43 -52.77
C LYS G 770 -40.14 -25.26 -52.16
N ARG G 771 -39.13 -25.59 -52.96
CA ARG G 771 -37.98 -26.33 -52.43
C ARG G 771 -37.25 -25.51 -51.37
N ILE G 772 -37.10 -24.21 -51.61
CA ILE G 772 -36.41 -23.35 -50.66
C ILE G 772 -37.14 -23.32 -49.32
N ILE G 773 -38.47 -23.14 -49.36
CA ILE G 773 -39.23 -23.08 -48.11
C ILE G 773 -39.25 -24.44 -47.42
N GLU G 774 -39.29 -25.54 -48.19
CA GLU G 774 -39.24 -26.85 -47.56
C GLU G 774 -37.92 -27.04 -46.81
N LYS G 775 -36.81 -26.66 -47.43
CA LYS G 775 -35.51 -26.78 -46.76
C LYS G 775 -35.44 -25.85 -45.54
N VAL G 776 -35.97 -24.64 -45.66
CA VAL G 776 -35.95 -23.70 -44.55
C VAL G 776 -36.78 -24.22 -43.38
N ILE G 777 -37.95 -24.80 -43.68
CA ILE G 777 -38.81 -25.35 -42.63
C ILE G 777 -38.12 -26.53 -41.96
N HIS G 778 -37.47 -27.38 -42.74
CA HIS G 778 -36.73 -28.51 -42.16
C HIS G 778 -35.63 -28.00 -41.23
N ARG G 779 -34.89 -26.98 -41.66
CA ARG G 779 -33.84 -26.41 -40.83
C ARG G 779 -34.42 -25.82 -39.54
N LEU G 780 -35.54 -25.11 -39.66
CA LEU G 780 -36.15 -24.49 -38.48
C LEU G 780 -36.63 -25.54 -37.48
N THR G 781 -37.25 -26.61 -37.98
CA THR G 781 -37.79 -27.64 -37.10
C THR G 781 -36.67 -28.45 -36.44
N HIS G 782 -35.64 -28.79 -37.21
CA HIS G 782 -34.60 -29.68 -36.72
C HIS G 782 -33.40 -28.94 -36.15
N TYR G 783 -32.85 -28.00 -36.92
CA TYR G 783 -31.61 -27.34 -36.50
C TYR G 783 -31.87 -26.26 -35.46
N ASP G 784 -32.72 -25.29 -35.78
CA ASP G 784 -32.95 -24.16 -34.89
C ASP G 784 -33.86 -24.52 -33.71
N HIS G 785 -34.61 -25.62 -33.80
CA HIS G 785 -35.57 -26.05 -32.79
C HIS G 785 -36.65 -25.01 -32.52
N VAL G 786 -36.86 -24.07 -33.44
CA VAL G 786 -37.88 -23.03 -33.23
C VAL G 786 -39.27 -23.64 -33.30
N LEU G 787 -39.49 -24.53 -34.28
CA LEU G 787 -40.79 -25.14 -34.50
C LEU G 787 -40.75 -26.62 -34.16
N ILE G 788 -41.83 -27.13 -33.59
CA ILE G 788 -41.93 -28.53 -33.23
C ILE G 788 -42.91 -29.25 -34.16
N LEU H 3 48.96 -3.01 41.43
CA LEU H 3 49.58 -2.00 40.59
C LEU H 3 51.03 -2.36 40.29
N LYS H 4 51.56 -1.83 39.20
CA LYS H 4 52.92 -2.13 38.78
C LYS H 4 53.42 -1.00 37.89
N ASP H 5 54.71 -0.68 38.03
CA ASP H 5 55.30 0.39 37.23
C ASP H 5 55.41 -0.05 35.77
N TYR H 6 55.09 0.87 34.86
CA TYR H 6 55.12 0.54 33.44
C TYR H 6 56.51 0.69 32.85
N ALA H 7 57.42 1.37 33.54
CA ALA H 7 58.78 1.55 33.03
C ALA H 7 59.52 0.22 32.95
N LEU H 8 59.40 -0.59 34.00
CA LEU H 8 60.06 -1.89 34.02
C LEU H 8 59.53 -2.79 32.91
N GLU H 9 58.21 -2.79 32.71
CA GLU H 9 57.63 -3.60 31.65
C GLU H 9 58.01 -3.08 30.27
N LYS H 10 58.14 -1.76 30.13
CA LYS H 10 58.62 -1.19 28.87
C LYS H 10 60.04 -1.65 28.58
N GLU H 11 60.89 -1.65 29.60
CA GLU H 11 62.26 -2.14 29.43
C GLU H 11 62.27 -3.63 29.07
N LYS H 12 61.39 -4.40 29.70
CA LYS H 12 61.29 -5.82 29.38
C LYS H 12 60.86 -6.02 27.92
N VAL H 13 59.90 -5.22 27.45
CA VAL H 13 59.48 -5.31 26.06
C VAL H 13 60.63 -4.95 25.12
N LYS H 14 61.37 -3.89 25.48
CA LYS H 14 62.50 -3.46 24.66
C LYS H 14 63.57 -4.55 24.56
N LYS H 15 63.87 -5.21 25.68
CA LYS H 15 64.88 -6.27 25.65
C LYS H 15 64.34 -7.52 24.95
N PHE H 16 63.04 -7.77 25.04
CA PHE H 16 62.45 -8.91 24.33
C PHE H 16 62.53 -8.70 22.82
N LEU H 17 62.29 -7.46 22.36
CA LEU H 17 62.34 -7.19 20.93
C LEU H 17 63.74 -7.32 20.37
N GLN H 18 64.76 -7.34 21.23
CA GLN H 18 66.15 -7.39 20.81
C GLN H 18 66.84 -8.72 21.09
N GLU H 19 66.19 -9.62 21.84
CA GLU H 19 66.83 -10.85 22.30
C GLU H 19 65.94 -12.06 21.99
N PHE H 20 65.46 -12.15 20.76
CA PHE H 20 64.64 -13.29 20.36
C PHE H 20 65.24 -14.01 19.16
N TYR H 21 66.54 -14.29 19.23
CA TYR H 21 67.23 -14.97 18.13
C TYR H 21 66.75 -16.40 17.92
N GLN H 22 66.00 -16.96 18.86
CA GLN H 22 65.69 -18.39 18.88
C GLN H 22 64.58 -18.70 17.87
N ASP H 23 64.86 -18.39 16.61
CA ASP H 23 63.99 -18.77 15.48
C ASP H 23 64.84 -19.11 14.27
N LYS H 29 68.98 -20.19 11.37
CA LYS H 29 68.77 -19.29 12.49
C LYS H 29 69.07 -17.85 12.08
N GLN H 30 68.03 -17.01 12.05
CA GLN H 30 68.16 -15.63 11.63
C GLN H 30 67.44 -14.73 12.62
N PHE H 31 67.99 -13.53 12.83
CA PHE H 31 67.40 -12.54 13.70
C PHE H 31 66.25 -11.86 12.97
N LYS H 32 65.03 -12.32 13.21
CA LYS H 32 63.87 -11.82 12.49
C LYS H 32 63.56 -10.37 12.88
N TYR H 33 63.57 -10.08 14.19
CA TYR H 33 63.15 -8.76 14.65
C TYR H 33 64.14 -7.67 14.22
N GLY H 34 65.43 -8.00 14.13
CA GLY H 34 66.37 -7.03 13.61
C GLY H 34 66.06 -6.64 12.18
N ASN H 35 65.76 -7.63 11.33
CA ASN H 35 65.40 -7.35 9.95
C ASN H 35 64.09 -6.57 9.87
N GLN H 36 63.12 -6.92 10.70
CA GLN H 36 61.85 -6.19 10.70
C GLN H 36 62.04 -4.74 11.09
N LEU H 37 62.86 -4.48 12.12
CA LEU H 37 63.14 -3.12 12.53
C LEU H 37 63.91 -2.36 11.46
N VAL H 38 64.84 -3.02 10.78
CA VAL H 38 65.57 -2.37 9.69
C VAL H 38 64.63 -1.97 8.56
N ARG H 39 63.73 -2.88 8.16
CA ARG H 39 62.76 -2.56 7.12
C ARG H 39 61.83 -1.44 7.55
N LEU H 40 61.39 -1.46 8.81
CA LEU H 40 60.54 -0.40 9.33
C LEU H 40 61.24 0.96 9.40
N ALA H 41 62.54 0.97 9.68
CA ALA H 41 63.30 2.21 9.74
C ALA H 41 63.61 2.76 8.36
N HIS H 42 63.81 1.88 7.37
CA HIS H 42 64.06 2.34 6.01
C HIS H 42 62.78 2.52 5.19
N ARG H 43 61.61 2.50 5.83
CA ARG H 43 60.33 2.65 5.14
C ARG H 43 60.18 1.60 4.03
N GLU H 44 60.51 0.36 4.36
CA GLU H 44 60.28 -0.77 3.47
C GLU H 44 59.23 -1.73 4.03
N GLN H 45 58.61 -1.38 5.15
CA GLN H 45 57.56 -2.16 5.78
C GLN H 45 56.70 -1.23 6.61
N VAL H 46 55.38 -1.40 6.52
CA VAL H 46 54.43 -0.49 7.16
C VAL H 46 53.58 -1.20 8.21
N ALA H 47 53.90 -2.45 8.54
CA ALA H 47 53.12 -3.18 9.53
C ALA H 47 54.00 -4.21 10.20
N LEU H 48 53.83 -4.36 11.51
CA LEU H 48 54.55 -5.35 12.30
C LEU H 48 53.57 -6.07 13.20
N TYR H 49 53.63 -7.40 13.20
CA TYR H 49 52.76 -8.24 14.01
C TYR H 49 53.60 -8.94 15.06
N VAL H 50 53.07 -9.00 16.29
CA VAL H 50 53.75 -9.60 17.43
C VAL H 50 53.02 -10.88 17.81
N ASP H 51 53.78 -11.97 17.94
CA ASP H 51 53.24 -13.28 18.32
C ASP H 51 53.31 -13.41 19.85
N LEU H 52 52.15 -13.64 20.46
CA LEU H 52 52.09 -13.96 21.89
C LEU H 52 52.56 -15.38 22.18
N ASP H 53 52.55 -16.27 21.19
CA ASP H 53 53.18 -17.57 21.36
C ASP H 53 54.69 -17.43 21.46
N ASP H 54 55.26 -16.45 20.75
CA ASP H 54 56.69 -16.17 20.86
C ASP H 54 57.03 -15.64 22.24
N VAL H 55 56.14 -14.86 22.83
CA VAL H 55 56.36 -14.32 24.17
C VAL H 55 56.35 -15.41 25.22
N ALA H 56 55.74 -16.56 24.93
CA ALA H 56 55.66 -17.65 25.90
C ALA H 56 57.03 -18.16 26.33
N GLU H 57 58.06 -18.00 25.49
CA GLU H 57 59.40 -18.35 25.92
C GLU H 57 59.86 -17.49 27.08
N ASP H 58 59.50 -16.21 27.06
CA ASP H 58 59.78 -15.31 28.17
C ASP H 58 58.76 -15.54 29.29
N ASP H 59 58.73 -14.62 30.25
CA ASP H 59 57.84 -14.72 31.39
C ASP H 59 56.39 -14.73 30.93
N PRO H 60 55.59 -15.72 31.32
CA PRO H 60 54.20 -15.78 30.85
C PRO H 60 53.29 -14.74 31.48
N GLU H 61 53.74 -14.06 32.54
CA GLU H 61 52.92 -13.03 33.16
C GLU H 61 52.63 -11.90 32.21
N LEU H 62 53.57 -11.58 31.32
CA LEU H 62 53.35 -10.55 30.32
C LEU H 62 52.18 -10.92 29.40
N VAL H 63 52.05 -12.20 29.08
CA VAL H 63 50.96 -12.66 28.22
C VAL H 63 49.62 -12.40 28.89
N ASP H 64 49.49 -12.75 30.17
CA ASP H 64 48.25 -12.51 30.90
C ASP H 64 47.97 -11.02 31.01
N SER H 65 49.00 -10.23 31.30
CA SER H 65 48.81 -8.78 31.41
C SER H 65 48.33 -8.18 30.10
N ILE H 66 48.91 -8.62 28.98
CA ILE H 66 48.46 -8.15 27.67
C ILE H 66 47.02 -8.60 27.42
N CYS H 67 46.70 -9.84 27.76
CA CYS H 67 45.33 -10.33 27.56
C CYS H 67 44.33 -9.57 28.41
N GLU H 68 44.79 -8.91 29.49
CA GLU H 68 43.90 -8.16 30.35
C GLU H 68 43.86 -6.67 30.04
N ASN H 69 44.95 -6.09 29.56
CA ASN H 69 45.03 -4.64 29.35
C ASN H 69 45.66 -4.35 27.98
N ALA H 70 45.13 -4.98 26.94
CA ALA H 70 45.74 -5.00 25.61
C ALA H 70 46.12 -3.64 25.04
N ARG H 71 45.26 -2.63 25.22
CA ARG H 71 45.52 -1.33 24.61
C ARG H 71 46.77 -0.67 25.19
N ARG H 72 46.93 -0.73 26.51
CA ARG H 72 48.09 -0.14 27.16
C ARG H 72 49.38 -0.76 26.65
N TYR H 73 49.40 -2.09 26.55
CA TYR H 73 50.61 -2.78 26.11
C TYR H 73 50.83 -2.57 24.62
N ALA H 74 49.77 -2.40 23.84
CA ALA H 74 49.94 -2.05 22.43
C ALA H 74 50.63 -0.69 22.30
N LYS H 75 50.19 0.29 23.10
CA LYS H 75 50.84 1.60 23.08
C LYS H 75 52.28 1.50 23.55
N LEU H 76 52.54 0.68 24.57
CA LEU H 76 53.91 0.49 25.07
C LEU H 76 54.80 -0.13 23.99
N PHE H 77 54.29 -1.13 23.28
CA PHE H 77 55.05 -1.72 22.18
C PHE H 77 55.32 -0.72 21.09
N ALA H 78 54.34 0.11 20.75
CA ALA H 78 54.53 1.13 19.72
C ALA H 78 55.63 2.11 20.14
N ASP H 79 55.58 2.56 21.39
CA ASP H 79 56.60 3.48 21.90
C ASP H 79 57.99 2.83 21.88
N ALA H 80 58.06 1.57 22.30
CA ALA H 80 59.34 0.86 22.32
C ALA H 80 59.92 0.71 20.92
N VAL H 81 59.07 0.37 19.95
CA VAL H 81 59.53 0.24 18.57
C VAL H 81 59.99 1.58 18.03
N GLN H 82 59.24 2.65 18.34
CA GLN H 82 59.64 3.99 17.90
C GLN H 82 60.99 4.39 18.47
N GLU H 83 61.23 4.07 19.75
CA GLU H 83 62.51 4.39 20.36
C GLU H 83 63.63 3.53 19.78
N LEU H 84 63.31 2.28 19.42
CA LEU H 84 64.35 1.38 18.90
C LEU H 84 64.71 1.69 17.45
N LEU H 85 63.78 2.32 16.71
CA LEU H 85 63.99 2.59 15.28
C LEU H 85 65.28 3.36 14.97
N PRO H 86 65.63 4.43 15.70
CA PRO H 86 66.85 5.17 15.33
C PRO H 86 68.12 4.34 15.36
N GLN H 87 68.21 3.34 16.25
CA GLN H 87 69.42 2.55 16.36
C GLN H 87 69.70 1.75 15.08
N TYR H 88 68.65 1.20 14.48
CA TYR H 88 68.84 0.33 13.33
C TYR H 88 68.89 1.07 12.00
N LYS H 89 68.76 2.40 12.02
CA LYS H 89 68.81 3.16 10.78
C LYS H 89 70.22 3.15 10.20
N GLU H 90 70.31 3.02 8.88
CA GLU H 90 71.60 2.95 8.20
C GLU H 90 71.69 3.99 7.08
N ARG H 91 70.57 4.25 6.42
CA ARG H 91 70.58 5.10 5.23
C ARG H 91 69.31 5.94 5.22
N GLU H 92 69.26 6.89 4.28
CA GLU H 92 68.08 7.71 4.08
C GLU H 92 67.02 6.94 3.28
N VAL H 93 65.85 7.56 3.16
CA VAL H 93 64.77 6.96 2.37
C VAL H 93 65.12 7.04 0.90
N VAL H 94 65.00 5.91 0.20
CA VAL H 94 65.32 5.88 -1.23
C VAL H 94 64.32 6.73 -2.00
N ASN H 95 63.03 6.43 -1.84
CA ASN H 95 61.96 7.22 -2.44
C ASN H 95 60.99 7.63 -1.34
N LYS H 96 60.90 8.93 -1.10
CA LYS H 96 60.09 9.47 -0.02
C LYS H 96 58.89 10.22 -0.59
N ASP H 97 57.74 10.08 0.06
CA ASP H 97 56.49 10.64 -0.40
C ASP H 97 56.21 11.95 0.35
N VAL H 98 54.97 12.42 0.21
CA VAL H 98 54.57 13.71 0.78
C VAL H 98 54.68 13.71 2.30
N LEU H 99 54.15 12.66 2.94
CA LEU H 99 54.21 12.59 4.40
C LEU H 99 55.66 12.50 4.88
N ASP H 100 56.50 11.72 4.18
CA ASP H 100 57.90 11.65 4.55
C ASP H 100 58.58 13.00 4.38
N VAL H 101 58.19 13.77 3.37
CA VAL H 101 58.75 15.11 3.20
C VAL H 101 58.38 16.00 4.39
N TYR H 102 57.11 15.94 4.82
CA TYR H 102 56.72 16.73 5.98
C TYR H 102 57.46 16.29 7.24
N ILE H 103 57.63 14.97 7.43
CA ILE H 103 58.34 14.48 8.60
C ILE H 103 59.79 14.96 8.59
N GLU H 104 60.44 14.87 7.43
CA GLU H 104 61.83 15.31 7.32
C GLU H 104 61.95 16.81 7.58
N HIS H 105 61.04 17.60 7.02
CA HIS H 105 61.08 19.05 7.24
C HIS H 105 60.84 19.39 8.70
N ARG H 106 59.91 18.70 9.36
CA ARG H 106 59.63 18.98 10.77
C ARG H 106 60.82 18.60 11.64
N LEU H 107 61.48 17.47 11.33
CA LEU H 107 62.67 17.09 12.08
C LEU H 107 63.81 18.07 11.86
N MET H 108 63.94 18.58 10.63
CA MET H 108 65.01 19.53 10.32
C MET H 108 64.84 20.82 11.12
N MET H 109 63.62 21.32 11.22
CA MET H 109 63.36 22.56 11.95
C MET H 109 63.39 22.31 13.46
N GLN H 125 55.47 20.06 21.91
CA GLN H 125 56.13 18.94 21.27
C GLN H 125 55.23 18.29 20.23
N TYR H 126 55.85 17.68 19.22
CA TYR H 126 55.09 16.97 18.19
C TYR H 126 54.45 15.73 18.78
N PRO H 127 53.20 15.42 18.44
CA PRO H 127 52.60 14.17 18.90
C PRO H 127 53.37 12.95 18.38
N ALA H 128 53.42 11.90 19.20
CA ALA H 128 54.16 10.71 18.83
C ALA H 128 53.58 10.06 17.59
N GLU H 129 52.25 10.00 17.49
CA GLU H 129 51.62 9.37 16.35
C GLU H 129 51.79 10.17 15.06
N LEU H 130 52.06 11.47 15.17
CA LEU H 130 52.26 12.28 13.96
C LEU H 130 53.52 11.86 13.23
N MET H 131 54.65 11.76 13.96
CA MET H 131 55.88 11.31 13.33
C MET H 131 55.86 9.81 13.05
N ARG H 132 55.05 9.06 13.78
CA ARG H 132 54.97 7.61 13.59
C ARG H 132 54.32 7.29 12.25
N ARG H 133 54.87 6.26 11.58
CA ARG H 133 54.31 5.82 10.30
C ARG H 133 54.19 4.30 10.24
N PHE H 134 53.96 3.64 11.36
CA PHE H 134 53.80 2.19 11.42
C PHE H 134 52.72 1.83 12.41
N GLU H 135 52.18 0.62 12.27
CA GLU H 135 51.13 0.11 13.14
C GLU H 135 51.53 -1.23 13.72
N LEU H 136 51.11 -1.47 14.95
CA LEU H 136 51.41 -2.71 15.66
C LEU H 136 50.13 -3.45 15.99
N TYR H 137 50.19 -4.78 15.95
CA TYR H 137 49.03 -5.61 16.24
C TYR H 137 49.48 -6.86 16.98
N PHE H 138 48.54 -7.45 17.73
CA PHE H 138 48.79 -8.66 18.50
C PHE H 138 48.08 -9.84 17.89
N GLN H 139 48.75 -11.00 17.89
CA GLN H 139 48.15 -12.24 17.43
C GLN H 139 47.86 -13.12 18.64
N GLY H 140 46.63 -13.63 18.72
CA GLY H 140 46.21 -14.40 19.87
C GLY H 140 46.99 -15.68 20.08
N PRO H 141 47.22 -16.05 21.33
CA PRO H 141 47.95 -17.28 21.62
C PRO H 141 47.19 -18.51 21.12
N SER H 142 47.96 -19.52 20.70
CA SER H 142 47.36 -20.76 20.24
C SER H 142 46.68 -21.50 21.38
N SER H 143 47.17 -21.35 22.61
CA SER H 143 46.53 -21.99 23.75
C SER H 143 45.18 -21.36 24.06
N ASN H 144 44.96 -20.12 23.63
CA ASN H 144 43.68 -19.47 23.88
C ASN H 144 42.61 -20.03 22.96
N LYS H 145 41.62 -20.69 23.55
CA LYS H 145 40.55 -21.29 22.77
C LYS H 145 39.63 -20.21 22.21
N PRO H 146 39.23 -20.31 20.94
CA PRO H 146 38.31 -19.32 20.38
C PRO H 146 36.96 -19.37 21.06
N ARG H 147 36.32 -18.20 21.16
CA ARG H 147 35.04 -18.08 21.84
C ARG H 147 33.89 -18.08 20.84
N VAL H 148 32.69 -17.85 21.37
CA VAL H 148 31.46 -17.81 20.58
C VAL H 148 30.86 -16.40 20.72
N ILE H 149 30.27 -15.89 19.63
CA ILE H 149 29.70 -14.55 19.65
C ILE H 149 28.61 -14.43 20.70
N ARG H 150 27.89 -15.53 20.98
CA ARG H 150 26.83 -15.48 21.97
C ARG H 150 27.38 -15.36 23.39
N GLU H 151 28.59 -15.85 23.63
CA GLU H 151 29.13 -15.96 24.98
C GLU H 151 30.06 -14.81 25.35
N VAL H 152 30.29 -13.84 24.46
CA VAL H 152 31.10 -12.68 24.83
C VAL H 152 30.19 -11.66 25.52
N ARG H 153 30.54 -11.30 26.75
CA ARG H 153 29.69 -10.46 27.58
C ARG H 153 30.56 -9.52 28.40
N ALA H 154 29.98 -8.97 29.46
CA ALA H 154 30.68 -7.95 30.26
C ALA H 154 31.98 -8.48 30.86
N ASP H 155 32.07 -9.79 31.05
CA ASP H 155 33.30 -10.37 31.60
C ASP H 155 34.48 -10.20 30.64
N SER H 156 34.21 -10.10 29.35
CA SER H 156 35.26 -9.98 28.34
C SER H 156 35.54 -8.55 27.93
N VAL H 157 34.91 -7.55 28.56
CA VAL H 157 35.15 -6.17 28.19
C VAL H 157 36.57 -5.77 28.55
N GLY H 158 37.31 -5.25 27.58
CA GLY H 158 38.69 -4.85 27.77
C GLY H 158 39.71 -5.95 27.58
N LYS H 159 39.27 -7.19 27.36
CA LYS H 159 40.19 -8.30 27.19
C LYS H 159 40.44 -8.57 25.71
N LEU H 160 41.34 -9.53 25.44
CA LEU H 160 41.65 -9.95 24.09
C LEU H 160 40.93 -11.27 23.80
N VAL H 161 40.18 -11.31 22.70
CA VAL H 161 39.35 -12.46 22.37
C VAL H 161 39.60 -12.88 20.93
N THR H 162 39.19 -14.11 20.63
CA THR H 162 39.26 -14.66 19.29
C THR H 162 37.89 -15.19 18.91
N VAL H 163 37.40 -14.81 17.72
CA VAL H 163 36.05 -15.13 17.29
C VAL H 163 36.09 -15.68 15.87
N ARG H 164 35.34 -16.76 15.66
CA ARG H 164 35.18 -17.36 14.34
C ARG H 164 33.76 -17.13 13.86
N GLY H 165 33.62 -16.67 12.61
CA GLY H 165 32.30 -16.35 12.12
C GLY H 165 32.28 -16.21 10.62
N ILE H 166 31.16 -15.70 10.12
CA ILE H 166 30.94 -15.49 8.69
C ILE H 166 30.63 -14.03 8.46
N VAL H 167 31.31 -13.43 7.49
CA VAL H 167 31.13 -12.01 7.15
C VAL H 167 29.89 -11.86 6.30
N THR H 168 29.06 -10.88 6.62
CA THR H 168 27.84 -10.61 5.88
C THR H 168 27.81 -9.23 5.22
N ARG H 169 28.33 -8.20 5.86
CA ARG H 169 28.32 -6.85 5.30
C ARG H 169 29.68 -6.20 5.52
N VAL H 170 30.16 -5.51 4.49
CA VAL H 170 31.43 -4.78 4.52
C VAL H 170 31.20 -3.39 3.94
N SER H 171 31.81 -2.39 4.57
CA SER H 171 31.70 -1.01 4.13
C SER H 171 32.90 -0.62 3.28
N GLU H 172 32.74 0.47 2.52
CA GLU H 172 33.81 0.92 1.63
C GLU H 172 34.93 1.57 2.42
N VAL H 173 36.10 1.67 1.80
CA VAL H 173 37.28 2.24 2.44
C VAL H 173 37.19 3.76 2.38
N LYS H 174 37.38 4.42 3.52
CA LYS H 174 37.36 5.88 3.60
C LYS H 174 38.44 6.36 4.56
N PRO H 175 38.94 7.57 4.36
CA PRO H 175 39.95 8.11 5.30
C PRO H 175 39.32 8.58 6.60
N LYS H 176 40.11 8.51 7.66
CA LYS H 176 39.71 8.94 8.99
C LYS H 176 40.85 9.71 9.63
N MET H 177 40.53 10.84 10.25
CA MET H 177 41.54 11.69 10.85
C MET H 177 42.19 11.02 12.05
N VAL H 178 43.48 11.29 12.23
CA VAL H 178 44.20 10.80 13.41
C VAL H 178 44.69 12.01 14.21
N VAL H 179 45.50 12.86 13.59
CA VAL H 179 46.00 14.08 14.20
C VAL H 179 45.72 15.24 13.26
N ALA H 180 45.11 16.30 13.77
CA ALA H 180 44.76 17.46 12.98
C ALA H 180 45.81 18.55 13.15
N THR H 181 46.16 19.21 12.04
CA THR H 181 47.16 20.26 12.02
C THR H 181 46.50 21.58 11.63
N TYR H 182 46.77 22.62 12.41
CA TYR H 182 46.22 23.95 12.18
C TYR H 182 47.36 24.93 11.92
N THR H 183 47.15 25.82 10.95
CA THR H 183 48.08 26.91 10.68
C THR H 183 47.43 28.23 11.05
N CYS H 184 48.20 29.09 11.73
CA CYS H 184 47.66 30.35 12.21
C CYS H 184 47.58 31.38 11.08
N ASP H 185 46.75 32.40 11.29
CA ASP H 185 46.60 33.46 10.31
C ASP H 185 47.76 34.44 10.31
N GLN H 186 48.38 34.68 11.46
CA GLN H 186 49.44 35.68 11.56
C GLN H 186 50.77 35.13 12.05
N CYS H 187 50.97 33.81 12.06
CA CYS H 187 52.25 33.25 12.46
C CYS H 187 52.47 31.94 11.72
N GLY H 188 53.74 31.55 11.62
CA GLY H 188 54.09 30.30 10.97
C GLY H 188 54.03 29.07 11.86
N ALA H 189 53.65 29.24 13.13
CA ALA H 189 53.57 28.12 14.05
C ALA H 189 52.43 27.18 13.65
N GLU H 190 52.64 25.89 13.89
CA GLU H 190 51.67 24.86 13.55
C GLU H 190 51.18 24.20 14.83
N THR H 191 49.87 24.10 14.98
CA THR H 191 49.25 23.52 16.16
C THR H 191 48.77 22.11 15.84
N TYR H 192 48.99 21.18 16.77
CA TYR H 192 48.64 19.78 16.57
C TYR H 192 47.60 19.36 17.61
N GLN H 193 46.58 18.63 17.14
CA GLN H 193 45.49 18.17 18.00
C GLN H 193 45.26 16.69 17.78
N PRO H 194 45.53 15.83 18.76
CA PRO H 194 45.20 14.41 18.62
C PRO H 194 43.70 14.19 18.65
N ILE H 195 43.27 13.10 18.02
CA ILE H 195 41.85 12.72 17.95
C ILE H 195 41.71 11.34 18.57
N GLN H 196 40.84 11.24 19.59
CA GLN H 196 40.54 9.96 20.23
C GLN H 196 39.04 9.73 20.39
N SER H 197 38.21 10.46 19.65
CA SER H 197 36.76 10.37 19.74
C SER H 197 36.18 10.32 18.35
N PRO H 198 35.00 9.69 18.17
CA PRO H 198 34.36 9.71 16.85
C PRO H 198 34.04 11.11 16.36
N THR H 199 33.75 12.04 17.26
CA THR H 199 33.53 13.44 16.91
C THR H 199 34.48 14.31 17.73
N PHE H 200 34.98 15.37 17.10
CA PHE H 200 35.94 16.26 17.73
C PHE H 200 35.55 17.70 17.47
N MET H 201 36.00 18.58 18.36
CA MET H 201 35.70 20.01 18.27
C MET H 201 36.89 20.75 17.67
N PRO H 202 36.75 21.37 16.51
CA PRO H 202 37.88 22.10 15.93
C PRO H 202 38.25 23.32 16.76
N LEU H 203 39.53 23.68 16.71
CA LEU H 203 40.02 24.83 17.44
C LEU H 203 39.80 26.11 16.64
N ILE H 204 39.82 27.23 17.36
CA ILE H 204 39.58 28.53 16.75
C ILE H 204 40.79 29.45 16.98
N MET H 205 41.09 29.73 18.24
CA MET H 205 42.16 30.66 18.58
C MET H 205 43.52 29.96 18.50
N CYS H 206 44.55 30.78 18.32
CA CYS H 206 45.91 30.28 18.18
C CYS H 206 46.59 30.22 19.55
N PRO H 207 46.97 29.05 20.04
CA PRO H 207 47.66 28.96 21.33
C PRO H 207 49.17 29.15 21.23
N SER H 208 49.68 29.66 20.11
CA SER H 208 51.12 29.84 19.95
C SER H 208 51.65 30.88 20.92
N GLN H 209 52.93 30.73 21.29
CA GLN H 209 53.54 31.65 22.24
C GLN H 209 53.63 33.06 21.68
N GLU H 210 53.93 33.19 20.39
CA GLU H 210 54.01 34.50 19.75
C GLU H 210 52.66 35.22 19.83
N CYS H 211 51.59 34.52 19.46
CA CYS H 211 50.26 35.11 19.52
C CYS H 211 49.83 35.38 20.95
N GLN H 212 50.19 34.49 21.87
CA GLN H 212 49.85 34.69 23.27
C GLN H 212 50.53 35.94 23.82
N THR H 213 51.79 36.16 23.46
CA THR H 213 52.50 37.35 23.92
C THR H 213 51.94 38.61 23.27
N ASN H 214 51.71 38.57 21.96
CA ASN H 214 51.22 39.76 21.27
C ASN H 214 49.72 39.95 21.45
N ARG H 215 49.00 38.91 21.86
CA ARG H 215 47.54 38.94 21.99
C ARG H 215 46.88 39.42 20.70
N SER H 216 47.39 38.93 19.57
CA SER H 216 46.84 39.30 18.27
C SER H 216 45.48 38.67 18.04
N GLY H 217 45.25 37.49 18.62
CA GLY H 217 44.00 36.79 18.42
C GLY H 217 43.81 36.18 17.06
N GLY H 218 44.87 35.64 16.46
CA GLY H 218 44.74 35.03 15.15
C GLY H 218 43.90 33.77 15.21
N ARG H 219 43.33 33.41 14.07
CA ARG H 219 42.44 32.26 13.96
C ARG H 219 43.11 31.16 13.13
N LEU H 220 42.92 29.91 13.56
CA LEU H 220 43.57 28.78 12.93
C LEU H 220 42.78 28.29 11.72
N TYR H 221 43.49 27.66 10.79
CA TYR H 221 42.90 27.06 9.60
C TYR H 221 43.37 25.62 9.49
N LEU H 222 42.44 24.72 9.19
CA LEU H 222 42.77 23.30 9.04
C LEU H 222 43.56 23.06 7.77
N GLN H 223 44.47 22.08 7.83
CA GLN H 223 45.26 21.67 6.69
C GLN H 223 45.05 20.18 6.42
N THR H 224 44.72 19.85 5.18
CA THR H 224 44.56 18.45 4.78
C THR H 224 45.89 17.77 4.51
N ARG H 225 46.88 18.52 3.99
CA ARG H 225 48.17 17.92 3.66
C ARG H 225 48.95 17.55 4.92
N GLY H 226 48.97 18.44 5.91
CA GLY H 226 49.72 18.17 7.13
C GLY H 226 49.05 17.16 8.02
N SER H 227 47.73 17.04 7.93
CA SER H 227 47.00 16.12 8.79
C SER H 227 47.29 14.68 8.40
N ARG H 228 47.06 13.76 9.34
CA ARG H 228 47.31 12.35 9.14
C ARG H 228 45.98 11.61 9.04
N PHE H 229 45.87 10.71 8.06
CA PHE H 229 44.66 9.96 7.82
C PHE H 229 44.97 8.46 7.78
N ILE H 230 43.98 7.65 8.16
CA ILE H 230 44.11 6.20 8.14
C ILE H 230 42.87 5.61 7.50
N LYS H 231 43.03 4.45 6.85
CA LYS H 231 41.90 3.77 6.25
C LYS H 231 40.96 3.23 7.32
N PHE H 232 39.66 3.32 7.06
CA PHE H 232 38.63 2.91 8.01
C PHE H 232 37.62 2.04 7.30
N GLN H 233 37.15 0.99 7.98
CA GLN H 233 36.19 0.07 7.41
C GLN H 233 35.30 -0.52 8.49
N GLU H 234 34.06 -0.82 8.11
CA GLU H 234 33.09 -1.49 8.97
C GLU H 234 32.87 -2.89 8.41
N MET H 235 32.60 -3.86 9.29
CA MET H 235 32.18 -5.16 8.83
C MET H 235 31.32 -5.82 9.89
N LYS H 236 30.50 -6.79 9.46
CA LYS H 236 29.60 -7.51 10.35
C LYS H 236 29.86 -9.01 10.23
N MET H 237 29.71 -9.72 11.35
CA MET H 237 29.96 -11.15 11.41
C MET H 237 28.77 -11.84 12.07
N GLN H 238 28.53 -13.09 11.67
CA GLN H 238 27.45 -13.88 12.22
C GLN H 238 27.97 -15.25 12.66
N GLU H 239 27.24 -15.88 13.57
CA GLU H 239 27.62 -17.19 14.07
C GLU H 239 27.40 -18.26 13.01
N HIS H 240 28.16 -19.35 13.13
CA HIS H 240 27.94 -20.51 12.29
C HIS H 240 26.66 -21.22 12.70
N SER H 241 26.01 -21.88 11.73
CA SER H 241 24.77 -22.58 12.03
C SER H 241 24.99 -23.76 12.97
N ASP H 242 26.21 -24.28 13.07
CA ASP H 242 26.47 -25.40 13.97
C ASP H 242 26.43 -24.96 15.43
N GLN H 243 26.88 -23.75 15.73
CA GLN H 243 26.98 -23.29 17.11
C GLN H 243 25.68 -22.68 17.63
N VAL H 244 24.68 -22.52 16.79
CA VAL H 244 23.40 -21.95 17.22
C VAL H 244 22.71 -22.93 18.17
N PRO H 245 22.19 -22.47 19.31
CA PRO H 245 21.47 -23.39 20.20
C PRO H 245 20.13 -23.82 19.63
N VAL H 246 19.38 -24.62 20.39
CA VAL H 246 18.14 -25.19 19.88
C VAL H 246 17.07 -24.11 19.82
N GLY H 247 16.48 -23.94 18.62
CA GLY H 247 15.37 -23.03 18.44
C GLY H 247 15.72 -21.56 18.40
N ASN H 248 17.00 -21.21 18.30
CA ASN H 248 17.42 -19.82 18.33
C ASN H 248 17.83 -19.35 16.93
N ILE H 249 18.32 -18.12 16.86
CA ILE H 249 18.71 -17.48 15.60
C ILE H 249 20.13 -16.98 15.75
N PRO H 250 20.98 -17.09 14.73
CA PRO H 250 22.36 -16.62 14.86
C PRO H 250 22.43 -15.13 15.18
N ARG H 251 23.39 -14.79 16.04
CA ARG H 251 23.59 -13.40 16.46
C ARG H 251 24.70 -12.76 15.64
N SER H 252 24.71 -11.42 15.64
CA SER H 252 25.62 -10.65 14.81
C SER H 252 26.51 -9.77 15.69
N ILE H 253 27.71 -9.51 15.20
CA ILE H 253 28.68 -8.64 15.86
C ILE H 253 29.28 -7.69 14.83
N THR H 254 29.79 -6.56 15.32
CA THR H 254 30.36 -5.52 14.48
C THR H 254 31.86 -5.41 14.73
N VAL H 255 32.64 -5.31 13.65
CA VAL H 255 34.09 -5.23 13.73
C VAL H 255 34.57 -4.01 12.95
N LEU H 256 35.52 -3.29 13.53
CA LEU H 256 36.14 -2.13 12.90
C LEU H 256 37.49 -2.54 12.35
N VAL H 257 37.82 -2.05 11.15
CA VAL H 257 39.07 -2.39 10.48
C VAL H 257 39.83 -1.11 10.16
N GLU H 258 41.11 -1.08 10.54
CA GLU H 258 41.97 0.06 10.26
C GLU H 258 43.37 -0.45 9.92
N GLY H 259 44.12 0.38 9.20
CA GLY H 259 45.49 0.02 8.86
C GLY H 259 45.55 -0.94 7.70
N GLU H 260 46.62 -1.74 7.68
CA GLU H 260 46.84 -2.68 6.59
C GLU H 260 45.88 -3.85 6.62
N ASN H 261 45.13 -4.03 7.71
CA ASN H 261 44.12 -5.08 7.77
C ASN H 261 42.96 -4.80 6.82
N THR H 262 42.88 -3.61 6.27
CA THR H 262 41.79 -3.26 5.37
C THR H 262 41.89 -4.05 4.07
N ARG H 263 40.74 -4.29 3.44
CA ARG H 263 40.60 -5.01 2.17
C ARG H 263 40.94 -6.49 2.27
N ILE H 264 40.86 -7.08 3.47
CA ILE H 264 41.13 -8.51 3.60
C ILE H 264 39.84 -9.31 3.58
N ALA H 265 38.84 -8.89 4.35
CA ALA H 265 37.59 -9.63 4.46
C ALA H 265 36.61 -9.21 3.36
N GLN H 266 35.83 -10.18 2.89
CA GLN H 266 34.81 -9.97 1.89
C GLN H 266 33.53 -10.67 2.34
N PRO H 267 32.36 -10.20 1.89
CA PRO H 267 31.11 -10.85 2.30
C PRO H 267 31.05 -12.31 1.85
N GLY H 268 30.45 -13.14 2.68
CA GLY H 268 30.31 -14.55 2.40
C GLY H 268 31.49 -15.42 2.78
N ASP H 269 32.52 -14.85 3.39
CA ASP H 269 33.71 -15.63 3.75
C ASP H 269 33.66 -16.05 5.22
N HIS H 270 34.23 -17.22 5.49
CA HIS H 270 34.40 -17.71 6.85
C HIS H 270 35.74 -17.22 7.38
N VAL H 271 35.71 -16.41 8.44
CA VAL H 271 36.91 -15.74 8.94
C VAL H 271 37.07 -15.98 10.43
N SER H 272 38.30 -15.78 10.89
CA SER H 272 38.64 -15.79 12.32
C SER H 272 39.37 -14.49 12.64
N VAL H 273 38.87 -13.77 13.63
CA VAL H 273 39.38 -12.44 13.98
C VAL H 273 39.78 -12.43 15.46
N THR H 274 40.99 -11.95 15.71
CA THR H 274 41.49 -11.73 17.06
C THR H 274 41.46 -10.23 17.34
N GLY H 275 40.82 -9.84 18.43
CA GLY H 275 40.63 -8.43 18.69
C GLY H 275 40.36 -8.13 20.15
N ILE H 276 39.92 -6.89 20.38
CA ILE H 276 39.63 -6.38 21.72
C ILE H 276 38.15 -6.03 21.80
N PHE H 277 37.55 -6.30 22.96
CA PHE H 277 36.15 -6.02 23.22
C PHE H 277 36.05 -4.72 24.01
N LEU H 278 35.51 -3.68 23.39
CA LEU H 278 35.42 -2.36 24.00
C LEU H 278 34.02 -1.80 23.87
N PRO H 279 33.59 -1.02 24.86
CA PRO H 279 32.27 -0.38 24.79
C PRO H 279 32.34 1.03 24.22
N ILE H 280 31.15 1.59 23.97
CA ILE H 280 31.00 2.98 23.53
C ILE H 280 29.98 3.64 24.44
N LEU H 281 30.36 4.78 25.02
CA LEU H 281 29.46 5.52 25.91
C LEU H 281 28.42 6.30 25.11
N LEU H 292 23.68 3.91 33.21
CA LEU H 292 24.94 4.13 32.49
C LEU H 292 25.21 2.99 31.51
N LEU H 293 24.34 2.85 30.51
CA LEU H 293 24.47 1.80 29.52
C LEU H 293 25.49 2.20 28.46
N SER H 294 25.95 1.19 27.72
CA SER H 294 26.96 1.38 26.68
C SER H 294 26.74 0.36 25.58
N GLU H 295 27.28 0.68 24.40
CA GLU H 295 27.22 -0.19 23.24
C GLU H 295 28.62 -0.72 22.93
N THR H 296 28.71 -2.00 22.60
CA THR H 296 29.99 -2.68 22.44
C THR H 296 30.35 -2.85 20.97
N TYR H 297 31.64 -3.04 20.73
CA TYR H 297 32.16 -3.25 19.39
C TYR H 297 33.52 -3.92 19.51
N LEU H 298 34.04 -4.39 18.37
CA LEU H 298 35.29 -5.12 18.31
C LEU H 298 36.30 -4.39 17.44
N GLU H 299 37.54 -4.34 17.92
CA GLU H 299 38.66 -3.76 17.17
C GLU H 299 39.56 -4.89 16.71
N ALA H 300 39.64 -5.10 15.41
CA ALA H 300 40.37 -6.23 14.84
C ALA H 300 41.88 -5.99 14.91
N HIS H 301 42.60 -7.07 15.19
CA HIS H 301 44.06 -7.10 15.13
C HIS H 301 44.56 -8.06 14.07
N ARG H 302 43.99 -9.26 13.97
CA ARG H 302 44.37 -10.23 12.96
C ARG H 302 43.13 -10.91 12.41
N ILE H 303 43.04 -10.98 11.09
CA ILE H 303 41.94 -11.61 10.39
C ILE H 303 42.52 -12.67 9.47
N VAL H 304 42.05 -13.90 9.62
CA VAL H 304 42.50 -15.02 8.78
C VAL H 304 41.29 -15.69 8.16
N LYS H 305 41.51 -16.33 7.02
CA LYS H 305 40.46 -16.97 6.25
C LYS H 305 40.55 -18.48 6.41
N MET H 306 39.41 -19.13 6.62
CA MET H 306 39.36 -20.57 6.77
C MET H 306 38.87 -21.24 5.50
N LEU H 336 42.71 -42.52 -9.37
CA LEU H 336 42.19 -41.30 -9.98
C LEU H 336 41.76 -40.29 -8.93
N ALA H 337 41.79 -39.01 -9.30
CA ALA H 337 41.34 -37.94 -8.42
C ALA H 337 39.82 -37.86 -8.34
N ALA H 338 39.10 -38.59 -9.17
CA ALA H 338 37.63 -38.56 -9.18
C ALA H 338 37.12 -39.34 -7.97
N SER H 339 37.29 -38.75 -6.79
CA SER H 339 36.80 -39.35 -5.55
C SER H 339 35.78 -38.44 -4.87
N ILE H 340 34.97 -37.74 -5.65
CA ILE H 340 33.99 -36.81 -5.11
C ILE H 340 32.87 -37.62 -4.46
N ALA H 341 32.63 -37.35 -3.17
CA ALA H 341 31.61 -38.03 -2.37
C ALA H 341 31.76 -39.54 -2.44
N PRO H 342 32.79 -40.12 -1.81
CA PRO H 342 32.89 -41.59 -1.77
C PRO H 342 31.75 -42.26 -1.05
N GLU H 343 30.99 -41.52 -0.24
CA GLU H 343 29.85 -42.03 0.48
C GLU H 343 28.74 -42.57 -0.43
N ILE H 344 28.70 -42.13 -1.69
CA ILE H 344 27.63 -42.48 -2.61
C ILE H 344 28.14 -43.58 -3.53
N TYR H 345 27.42 -44.69 -3.58
CA TYR H 345 27.78 -45.80 -4.44
C TYR H 345 27.38 -45.52 -5.88
N GLY H 346 28.17 -46.07 -6.81
CA GLY H 346 27.86 -45.94 -8.22
C GLY H 346 28.12 -44.55 -8.74
N HIS H 347 27.44 -44.20 -9.84
CA HIS H 347 27.59 -42.91 -10.50
C HIS H 347 29.05 -42.63 -10.85
N GLU H 348 29.72 -43.64 -11.44
CA GLU H 348 31.11 -43.49 -11.82
C GLU H 348 31.29 -42.43 -12.90
N ASP H 349 30.41 -42.44 -13.90
CA ASP H 349 30.50 -41.51 -15.02
C ASP H 349 29.84 -40.17 -14.74
N VAL H 350 29.25 -39.99 -13.57
CA VAL H 350 28.60 -38.75 -13.20
C VAL H 350 29.54 -37.88 -12.34
N LYS H 351 30.73 -38.40 -12.03
CA LYS H 351 31.67 -37.68 -11.18
C LYS H 351 32.81 -37.03 -11.95
N LYS H 352 33.17 -37.55 -13.12
CA LYS H 352 34.17 -36.88 -13.95
C LYS H 352 33.64 -35.56 -14.50
N ALA H 353 32.34 -35.50 -14.80
CA ALA H 353 31.75 -34.26 -15.27
C ALA H 353 31.84 -33.17 -14.19
N LEU H 354 31.61 -33.54 -12.93
CA LEU H 354 31.73 -32.57 -11.85
C LEU H 354 33.17 -32.09 -11.71
N LEU H 355 34.14 -32.99 -11.86
CA LEU H 355 35.54 -32.61 -11.79
C LEU H 355 35.91 -31.64 -12.92
N LEU H 356 35.42 -31.92 -14.14
CA LEU H 356 35.68 -31.01 -15.25
C LEU H 356 34.99 -29.66 -15.04
N LEU H 357 33.80 -29.67 -14.44
CA LEU H 357 33.13 -28.42 -14.09
C LEU H 357 33.95 -27.61 -13.10
N LEU H 358 34.51 -28.28 -12.09
CA LEU H 358 35.33 -27.59 -11.11
C LEU H 358 36.60 -27.04 -11.74
N VAL H 359 37.23 -27.81 -12.62
CA VAL H 359 38.46 -27.35 -13.28
C VAL H 359 38.16 -26.17 -14.21
N GLY H 360 37.12 -26.31 -15.04
CA GLY H 360 36.74 -25.26 -15.97
C GLY H 360 37.57 -25.28 -17.24
N GLY H 361 37.09 -24.51 -18.22
CA GLY H 361 37.73 -24.40 -19.51
C GLY H 361 38.71 -23.24 -19.59
N VAL H 362 39.01 -22.85 -20.82
CA VAL H 362 39.94 -21.76 -21.06
C VAL H 362 39.18 -20.50 -21.48
N ARG H 372 33.98 -17.36 -23.95
CA ARG H 372 34.13 -17.66 -22.54
C ARG H 372 34.19 -19.17 -22.31
N GLY H 373 35.00 -19.58 -21.32
CA GLY H 373 35.23 -20.98 -21.03
C GLY H 373 34.41 -21.56 -19.90
N ASN H 374 33.31 -20.92 -19.52
CA ASN H 374 32.49 -21.43 -18.43
C ASN H 374 31.71 -22.67 -18.88
N ILE H 375 31.33 -23.49 -17.90
CA ILE H 375 30.59 -24.72 -18.13
C ILE H 375 29.37 -24.72 -17.21
N ASN H 376 28.23 -25.15 -17.73
CA ASN H 376 27.00 -25.29 -16.96
C ASN H 376 26.49 -26.71 -17.10
N ILE H 377 26.08 -27.31 -15.99
CA ILE H 377 25.66 -28.71 -15.95
C ILE H 377 24.31 -28.82 -15.26
N CYS H 378 23.42 -29.63 -15.81
CA CYS H 378 22.12 -29.89 -15.22
C CYS H 378 21.91 -31.39 -15.11
N LEU H 379 21.37 -31.83 -13.97
CA LEU H 379 21.09 -33.23 -13.70
C LEU H 379 19.60 -33.40 -13.43
N MET H 380 18.93 -34.17 -14.30
CA MET H 380 17.52 -34.49 -14.14
C MET H 380 17.40 -35.95 -13.71
N GLY H 381 16.60 -36.20 -12.68
CA GLY H 381 16.50 -37.56 -12.17
C GLY H 381 15.25 -37.79 -11.35
N ASP H 382 14.92 -39.07 -11.20
CA ASP H 382 13.82 -39.46 -10.33
C ASP H 382 14.20 -39.25 -8.88
N PRO H 383 13.23 -39.00 -8.00
CA PRO H 383 13.56 -38.77 -6.58
C PRO H 383 14.16 -40.01 -5.94
N GLY H 384 15.03 -39.78 -4.96
CA GLY H 384 15.66 -40.84 -4.21
C GLY H 384 16.98 -41.34 -4.75
N VAL H 385 17.57 -40.65 -5.73
CA VAL H 385 18.85 -41.07 -6.29
C VAL H 385 19.94 -40.15 -5.73
N ALA H 386 19.55 -39.32 -4.76
CA ALA H 386 20.48 -38.46 -4.02
C ALA H 386 21.23 -37.48 -4.92
N LYS H 387 20.49 -36.60 -5.59
CA LYS H 387 21.10 -35.52 -6.35
C LYS H 387 21.58 -34.39 -5.44
N SER H 388 20.86 -34.17 -4.34
CA SER H 388 21.16 -33.04 -3.46
C SER H 388 22.51 -33.19 -2.76
N GLN H 389 22.90 -34.42 -2.41
CA GLN H 389 24.16 -34.63 -1.72
C GLN H 389 25.34 -34.26 -2.61
N LEU H 390 25.26 -34.56 -3.91
CA LEU H 390 26.32 -34.16 -4.83
C LEU H 390 26.44 -32.64 -4.91
N LEU H 391 25.29 -31.94 -4.95
CA LEU H 391 25.32 -30.49 -4.98
C LEU H 391 25.92 -29.92 -3.70
N SER H 392 25.57 -30.50 -2.56
CA SER H 392 26.14 -30.04 -1.30
C SER H 392 27.66 -30.28 -1.26
N TYR H 393 28.11 -31.42 -1.74
CA TYR H 393 29.54 -31.70 -1.80
C TYR H 393 30.26 -30.72 -2.71
N ILE H 394 29.66 -30.40 -3.86
CA ILE H 394 30.26 -29.44 -4.78
C ILE H 394 30.33 -28.07 -4.12
N ASP H 395 29.27 -27.67 -3.42
CA ASP H 395 29.25 -26.39 -2.72
C ASP H 395 30.34 -26.33 -1.65
N ARG H 396 30.50 -27.42 -0.90
CA ARG H 396 31.51 -27.43 0.16
C ARG H 396 32.92 -27.44 -0.41
N LEU H 397 33.13 -28.12 -1.54
CA LEU H 397 34.48 -28.26 -2.08
C LEU H 397 34.97 -26.97 -2.72
N ALA H 398 34.08 -26.28 -3.44
CA ALA H 398 34.49 -25.08 -4.15
C ALA H 398 34.88 -23.98 -3.17
N PRO H 399 35.92 -23.19 -3.48
CA PRO H 399 36.28 -22.09 -2.58
C PRO H 399 35.21 -21.01 -2.50
N ARG H 400 34.78 -20.49 -3.64
CA ARG H 400 33.67 -19.54 -3.71
C ARG H 400 32.46 -20.28 -4.25
N SER H 401 31.47 -20.51 -3.39
CA SER H 401 30.31 -21.29 -3.79
C SER H 401 29.07 -20.77 -3.09
N GLN H 402 27.92 -20.94 -3.74
CA GLN H 402 26.63 -20.61 -3.17
C GLN H 402 25.67 -21.75 -3.49
N TYR H 403 24.74 -22.00 -2.57
CA TYR H 403 23.78 -23.09 -2.69
C TYR H 403 22.39 -22.54 -2.46
N THR H 404 21.47 -22.83 -3.38
CA THR H 404 20.09 -22.37 -3.29
C THR H 404 19.15 -23.56 -3.28
N THR H 405 18.12 -23.49 -2.43
CA THR H 405 17.16 -24.57 -2.30
C THR H 405 15.88 -24.34 -3.07
N GLY H 406 15.44 -23.09 -3.23
CA GLY H 406 14.20 -22.80 -3.92
C GLY H 406 13.72 -21.37 -3.74
N ARG H 407 12.45 -21.20 -3.40
CA ARG H 407 11.87 -19.87 -3.27
C ARG H 407 12.34 -19.13 -2.03
N GLY H 408 13.08 -19.79 -1.13
CA GLY H 408 13.61 -19.11 0.04
C GLY H 408 14.64 -18.06 -0.27
N SER H 409 15.21 -18.08 -1.47
CA SER H 409 16.19 -17.10 -1.92
C SER H 409 15.83 -16.59 -3.31
N SER H 410 14.55 -16.37 -3.55
CA SER H 410 14.06 -15.91 -4.85
C SER H 410 14.00 -14.39 -4.89
N GLY H 411 14.07 -13.85 -6.11
CA GLY H 411 13.97 -12.41 -6.31
C GLY H 411 15.14 -11.65 -5.75
N VAL H 412 14.92 -10.95 -4.64
CA VAL H 412 15.97 -10.16 -4.00
C VAL H 412 17.15 -11.03 -3.57
N GLY H 413 16.90 -12.31 -3.29
CA GLY H 413 17.99 -13.21 -2.96
C GLY H 413 19.04 -13.29 -4.04
N LEU H 414 18.60 -13.29 -5.30
CA LEU H 414 19.50 -13.15 -6.44
C LEU H 414 19.59 -11.68 -6.84
N THR H 415 20.35 -11.41 -7.90
CA THR H 415 20.56 -10.07 -8.44
C THR H 415 21.10 -9.18 -7.31
N ALA H 416 20.54 -8.01 -7.05
CA ALA H 416 21.07 -7.11 -6.05
C ALA H 416 19.97 -6.17 -5.57
N ALA H 417 20.26 -5.47 -4.47
CA ALA H 417 19.32 -4.53 -3.89
C ALA H 417 20.06 -3.34 -3.29
N VAL H 418 19.34 -2.23 -3.15
CA VAL H 418 19.90 -0.98 -2.66
C VAL H 418 19.58 -0.84 -1.18
N LEU H 419 20.59 -0.51 -0.38
CA LEU H 419 20.42 -0.40 1.07
C LEU H 419 21.22 0.79 1.60
N ARG H 420 20.80 1.26 2.77
CA ARG H 420 21.47 2.39 3.42
C ARG H 420 22.87 2.01 3.88
N ASP H 421 23.72 3.02 4.02
CA ASP H 421 25.08 2.81 4.51
C ASP H 421 25.17 3.06 6.00
N SER H 422 26.10 2.34 6.65
CA SER H 422 26.32 2.54 8.08
C SER H 422 27.14 3.80 8.34
N VAL H 423 28.07 4.13 7.45
CA VAL H 423 28.99 5.24 7.68
C VAL H 423 28.52 6.47 6.90
N SER H 424 28.44 6.34 5.56
CA SER H 424 28.13 7.49 4.73
C SER H 424 26.69 7.95 4.88
N GLY H 425 25.79 7.06 5.30
CA GLY H 425 24.39 7.44 5.42
C GLY H 425 23.65 7.52 4.10
N GLU H 426 24.23 7.01 3.02
CA GLU H 426 23.63 7.05 1.69
C GLU H 426 23.33 5.64 1.21
N LEU H 427 22.95 5.52 -0.05
CA LEU H 427 22.50 4.26 -0.63
C LEU H 427 23.63 3.59 -1.41
N THR H 428 23.79 2.29 -1.21
CA THR H 428 24.75 1.49 -1.94
C THR H 428 24.13 0.15 -2.33
N LEU H 429 24.72 -0.48 -3.34
CA LEU H 429 24.20 -1.71 -3.93
C LEU H 429 24.89 -2.92 -3.31
N GLU H 430 24.08 -3.84 -2.79
CA GLU H 430 24.55 -5.10 -2.25
C GLU H 430 24.05 -6.24 -3.13
N GLY H 431 24.97 -7.11 -3.57
CA GLY H 431 24.63 -8.18 -4.49
C GLY H 431 24.01 -9.38 -3.79
N GLY H 432 23.46 -10.27 -4.61
CA GLY H 432 22.83 -11.48 -4.12
C GLY H 432 23.75 -12.69 -4.21
N ALA H 433 23.13 -13.86 -4.30
CA ALA H 433 23.88 -15.11 -4.37
C ALA H 433 24.73 -15.18 -5.63
N LEU H 434 24.16 -14.75 -6.77
CA LEU H 434 24.90 -14.78 -8.02
C LEU H 434 26.10 -13.84 -7.98
N VAL H 435 25.93 -12.66 -7.38
CA VAL H 435 27.03 -11.70 -7.28
C VAL H 435 28.13 -12.24 -6.38
N LEU H 436 27.76 -12.86 -5.25
CA LEU H 436 28.75 -13.43 -4.35
C LEU H 436 29.50 -14.57 -5.02
N ALA H 437 28.81 -15.36 -5.83
CA ALA H 437 29.41 -16.51 -6.51
C ALA H 437 30.19 -16.13 -7.77
N ASP H 438 30.53 -14.86 -7.93
CA ASP H 438 31.32 -14.43 -9.08
C ASP H 438 32.67 -15.15 -9.09
N GLN H 439 33.06 -15.63 -10.27
CA GLN H 439 34.27 -16.44 -10.47
C GLN H 439 34.26 -17.68 -9.58
N GLY H 440 33.09 -18.26 -9.35
CA GLY H 440 32.94 -19.45 -8.54
C GLY H 440 31.92 -20.40 -9.16
N VAL H 441 31.33 -21.23 -8.29
CA VAL H 441 30.36 -22.22 -8.69
C VAL H 441 29.08 -22.01 -7.89
N CYS H 442 27.94 -22.00 -8.57
CA CYS H 442 26.64 -21.89 -7.95
C CYS H 442 25.88 -23.19 -8.13
N CYS H 443 25.12 -23.58 -7.10
CA CYS H 443 24.34 -24.81 -7.11
C CYS H 443 22.88 -24.48 -6.85
N ILE H 444 22.00 -25.03 -7.70
CA ILE H 444 20.56 -24.80 -7.61
C ILE H 444 19.87 -26.15 -7.50
N ASP H 445 18.99 -26.28 -6.51
CA ASP H 445 18.19 -27.49 -6.32
C ASP H 445 16.72 -27.17 -6.57
N GLU H 446 16.00 -28.15 -7.12
CA GLU H 446 14.61 -27.98 -7.53
C GLU H 446 14.50 -26.81 -8.53
N PHE H 447 15.21 -26.96 -9.65
CA PHE H 447 15.29 -25.87 -10.62
C PHE H 447 13.95 -25.61 -11.30
N ASP H 448 13.15 -26.66 -11.50
CA ASP H 448 11.89 -26.51 -12.22
C ASP H 448 10.87 -25.70 -11.43
N LYS H 449 11.05 -25.60 -10.11
CA LYS H 449 10.08 -24.91 -9.27
C LYS H 449 10.37 -23.41 -9.13
N MET H 450 11.44 -22.92 -9.75
CA MET H 450 11.78 -21.51 -9.62
C MET H 450 10.82 -20.64 -10.42
N ALA H 451 10.76 -19.36 -10.05
CA ALA H 451 9.87 -18.42 -10.72
C ALA H 451 10.39 -18.08 -12.11
N GLU H 452 9.52 -17.46 -12.92
CA GLU H 452 9.90 -17.11 -14.29
C GLU H 452 11.02 -16.08 -14.32
N ALA H 453 10.95 -15.07 -13.44
CA ALA H 453 11.98 -14.04 -13.42
C ALA H 453 13.34 -14.62 -13.04
N ASP H 454 13.36 -15.52 -12.05
CA ASP H 454 14.61 -16.16 -11.66
C ASP H 454 15.17 -17.01 -12.79
N ARG H 455 14.30 -17.72 -13.51
CA ARG H 455 14.75 -18.53 -14.63
C ARG H 455 15.33 -17.66 -15.75
N THR H 456 14.68 -16.52 -16.03
CA THR H 456 15.21 -15.60 -17.04
C THR H 456 16.56 -15.05 -16.61
N ALA H 457 16.70 -14.69 -15.33
CA ALA H 457 17.99 -14.21 -14.83
C ALA H 457 19.07 -15.29 -14.95
N ILE H 458 18.72 -16.54 -14.65
CA ILE H 458 19.68 -17.63 -14.77
C ILE H 458 20.09 -17.82 -16.23
N HIS H 459 19.12 -17.74 -17.15
CA HIS H 459 19.44 -17.84 -18.57
C HIS H 459 20.36 -16.71 -19.01
N GLU H 460 20.10 -15.49 -18.53
CA GLU H 460 20.95 -14.35 -18.86
C GLU H 460 22.36 -14.56 -18.33
N VAL H 461 22.48 -15.09 -17.11
CA VAL H 461 23.81 -15.38 -16.54
C VAL H 461 24.52 -16.43 -17.38
N MET H 462 23.80 -17.48 -17.80
CA MET H 462 24.42 -18.55 -18.55
C MET H 462 24.89 -18.08 -19.91
N GLU H 463 24.10 -17.26 -20.61
CA GLU H 463 24.41 -16.93 -21.99
C GLU H 463 25.29 -15.68 -22.11
N GLN H 464 25.07 -14.69 -21.25
CA GLN H 464 25.75 -13.40 -21.37
C GLN H 464 26.76 -13.15 -20.26
N GLN H 465 26.60 -13.80 -19.10
CA GLN H 465 27.51 -13.71 -17.95
C GLN H 465 27.43 -12.35 -17.25
N THR H 466 26.45 -11.52 -17.63
CA THR H 466 26.21 -10.26 -16.94
C THR H 466 24.71 -10.12 -16.68
N ILE H 467 24.37 -9.46 -15.58
CA ILE H 467 22.99 -9.20 -15.20
C ILE H 467 22.70 -7.73 -15.41
N SER H 468 21.57 -7.43 -16.04
CA SER H 468 21.17 -6.05 -16.30
C SER H 468 19.93 -5.74 -15.48
N ILE H 469 20.01 -4.70 -14.64
CA ILE H 469 18.90 -4.30 -13.78
C ILE H 469 18.55 -2.87 -14.12
N ALA H 470 17.27 -2.63 -14.41
CA ALA H 470 16.77 -1.29 -14.71
C ALA H 470 15.38 -1.15 -14.10
N LYS H 471 15.33 -0.67 -12.87
CA LYS H 471 14.08 -0.43 -12.16
C LYS H 471 14.20 0.91 -11.43
N ALA H 472 13.13 1.27 -10.72
CA ALA H 472 13.10 2.55 -10.03
C ALA H 472 14.21 2.63 -8.99
N GLY H 473 15.19 3.50 -9.24
CA GLY H 473 16.31 3.68 -8.36
C GLY H 473 17.51 2.80 -8.65
N ILE H 474 17.39 1.84 -9.56
CA ILE H 474 18.47 0.92 -9.89
C ILE H 474 18.69 0.94 -11.39
N LEU H 475 19.93 1.17 -11.82
CA LEU H 475 20.29 1.07 -13.24
C LEU H 475 21.74 0.60 -13.28
N THR H 476 21.94 -0.72 -13.38
CA THR H 476 23.26 -1.28 -13.21
C THR H 476 23.45 -2.50 -14.11
N THR H 477 24.72 -2.82 -14.36
CA THR H 477 25.12 -4.04 -15.02
C THR H 477 26.15 -4.73 -14.14
N LEU H 478 25.78 -5.89 -13.61
CA LEU H 478 26.61 -6.64 -12.67
C LEU H 478 27.34 -7.76 -13.40
N ASN H 479 28.62 -7.94 -13.09
CA ASN H 479 29.40 -9.01 -13.68
C ASN H 479 29.26 -10.26 -12.84
N ALA H 480 28.87 -11.37 -13.49
CA ALA H 480 28.68 -12.66 -12.81
C ALA H 480 29.27 -13.75 -13.70
N ARG H 481 30.55 -14.06 -13.47
CA ARG H 481 31.25 -15.10 -14.22
C ARG H 481 31.27 -16.41 -13.42
N CYS H 482 30.09 -16.99 -13.26
CA CYS H 482 29.90 -18.16 -12.41
C CYS H 482 29.44 -19.36 -13.24
N SER H 483 29.81 -20.55 -12.79
CA SER H 483 29.40 -21.80 -13.41
C SER H 483 28.25 -22.41 -12.62
N ILE H 484 27.18 -22.80 -13.32
CA ILE H 484 25.92 -23.19 -12.70
C ILE H 484 25.76 -24.70 -12.78
N LEU H 485 25.49 -25.32 -11.63
CA LEU H 485 25.10 -26.73 -11.55
C LEU H 485 23.68 -26.79 -11.00
N ALA H 486 22.80 -27.47 -11.71
CA ALA H 486 21.39 -27.49 -11.38
C ALA H 486 20.89 -28.92 -11.24
N ALA H 487 19.89 -29.10 -10.37
CA ALA H 487 19.24 -30.38 -10.17
C ALA H 487 17.74 -30.25 -10.40
N ALA H 488 17.14 -31.26 -11.00
CA ALA H 488 15.74 -31.19 -11.37
C ALA H 488 15.15 -32.59 -11.48
N ASN H 489 13.82 -32.64 -11.50
CA ASN H 489 13.01 -33.83 -11.68
C ASN H 489 12.30 -33.81 -13.03
N PRO H 490 12.03 -34.97 -13.63
CA PRO H 490 11.35 -34.99 -14.94
C PRO H 490 9.89 -34.56 -14.86
N LEU H 507 11.27 -33.84 -22.83
CA LEU H 507 12.12 -32.83 -22.22
C LEU H 507 11.93 -31.48 -22.90
N PRO H 508 11.84 -30.41 -22.10
CA PRO H 508 11.68 -29.07 -22.68
C PRO H 508 12.91 -28.67 -23.48
N ALA H 509 12.68 -27.91 -24.55
CA ALA H 509 13.76 -27.53 -25.45
C ALA H 509 14.68 -26.46 -24.87
N ALA H 510 14.22 -25.71 -23.87
CA ALA H 510 15.05 -24.64 -23.31
C ALA H 510 16.30 -25.21 -22.64
N LEU H 511 16.14 -26.26 -21.83
CA LEU H 511 17.27 -26.85 -21.13
C LEU H 511 18.27 -27.44 -22.12
N LEU H 512 17.78 -28.14 -23.14
CA LEU H 512 18.68 -28.73 -24.14
C LEU H 512 19.41 -27.65 -24.93
N SER H 513 18.70 -26.57 -25.29
CA SER H 513 19.32 -25.53 -26.11
C SER H 513 20.27 -24.65 -25.30
N ARG H 514 20.07 -24.53 -23.99
CA ARG H 514 20.86 -23.60 -23.20
C ARG H 514 21.98 -24.29 -22.43
N PHE H 515 21.68 -25.37 -21.72
CA PHE H 515 22.69 -26.04 -20.91
C PHE H 515 23.69 -26.79 -21.78
N ASP H 516 24.95 -26.79 -21.34
CA ASP H 516 26.00 -27.49 -22.07
C ASP H 516 25.89 -29.00 -21.90
N LEU H 517 25.59 -29.46 -20.68
CA LEU H 517 25.50 -30.88 -20.39
C LEU H 517 24.25 -31.16 -19.57
N LEU H 518 23.48 -32.15 -20.00
CA LEU H 518 22.32 -32.66 -19.28
C LEU H 518 22.56 -34.13 -18.98
N TRP H 519 22.36 -34.51 -17.72
CA TRP H 519 22.52 -35.91 -17.30
C TRP H 519 21.19 -36.40 -16.75
N LEU H 520 20.59 -37.37 -17.44
CA LEU H 520 19.34 -37.97 -17.01
C LEU H 520 19.66 -39.28 -16.28
N ILE H 521 19.24 -39.36 -15.02
CA ILE H 521 19.52 -40.52 -14.17
C ILE H 521 18.20 -41.27 -13.98
N GLN H 522 18.18 -42.53 -14.40
CA GLN H 522 17.00 -43.38 -14.29
C GLN H 522 17.31 -44.60 -13.44
N ASP H 523 16.33 -45.05 -12.67
CA ASP H 523 16.49 -46.17 -11.76
C ASP H 523 15.56 -47.32 -12.16
N ARG H 524 16.12 -48.54 -12.16
CA ARG H 524 15.40 -49.76 -12.50
C ARG H 524 15.84 -50.86 -11.54
N PRO H 525 14.96 -51.79 -11.20
CA PRO H 525 15.31 -52.78 -10.17
C PRO H 525 16.17 -53.92 -10.71
N ASP H 526 17.31 -54.13 -10.04
CA ASP H 526 18.19 -55.26 -10.32
C ASP H 526 18.64 -55.83 -8.99
N ARG H 527 18.51 -57.14 -8.81
CA ARG H 527 18.76 -57.75 -7.51
C ARG H 527 20.21 -57.57 -7.07
N ASP H 528 21.15 -57.82 -7.98
CA ASP H 528 22.56 -57.72 -7.62
C ASP H 528 22.96 -56.29 -7.29
N ASN H 529 22.53 -55.32 -8.12
CA ASN H 529 22.82 -53.93 -7.85
C ASN H 529 22.17 -53.46 -6.55
N ASP H 530 20.94 -53.92 -6.31
CA ASP H 530 20.25 -53.58 -5.07
C ASP H 530 20.99 -54.11 -3.86
N LEU H 531 21.46 -55.36 -3.94
CA LEU H 531 22.21 -55.94 -2.84
C LEU H 531 23.52 -55.18 -2.60
N ARG H 532 24.23 -54.82 -3.68
CA ARG H 532 25.48 -54.09 -3.53
C ARG H 532 25.23 -52.71 -2.90
N LEU H 533 24.21 -52.00 -3.37
CA LEU H 533 23.90 -50.68 -2.83
C LEU H 533 23.49 -50.77 -1.37
N ALA H 534 22.68 -51.78 -1.03
CA ALA H 534 22.28 -51.97 0.36
C ALA H 534 23.47 -52.29 1.25
N GLN H 535 24.38 -53.14 0.78
CA GLN H 535 25.58 -53.45 1.56
C GLN H 535 26.42 -52.20 1.79
N HIS H 536 26.61 -51.39 0.75
CA HIS H 536 27.36 -50.15 0.89
C HIS H 536 26.69 -49.18 1.85
N ILE H 537 25.36 -49.02 1.76
CA ILE H 537 24.64 -48.11 2.64
C ILE H 537 24.71 -48.57 4.09
N THR H 538 24.54 -49.88 4.33
CA THR H 538 24.67 -50.42 5.67
C THR H 538 26.08 -50.26 6.22
N TYR H 539 27.11 -50.46 5.40
CA TYR H 539 28.48 -50.23 5.84
C TYR H 539 28.69 -48.76 6.22
N VAL H 540 28.15 -47.85 5.42
CA VAL H 540 28.27 -46.42 5.72
C VAL H 540 27.60 -46.09 7.04
N HIS H 541 26.39 -46.61 7.26
CA HIS H 541 25.69 -46.33 8.52
C HIS H 541 26.37 -46.99 9.71
N GLN H 542 27.00 -48.15 9.51
CA GLN H 542 27.60 -48.86 10.63
C GLN H 542 28.95 -48.28 11.02
N HIS H 543 29.91 -48.28 10.09
CA HIS H 543 31.27 -47.87 10.41
C HIS H 543 31.48 -46.36 10.27
N SER H 544 30.46 -45.62 9.84
CA SER H 544 30.54 -44.16 9.67
C SER H 544 31.67 -43.76 8.73
N ARG H 545 31.96 -44.60 7.74
CA ARG H 545 33.04 -44.36 6.79
C ARG H 545 32.82 -45.26 5.59
N GLN H 546 33.20 -44.76 4.41
CA GLN H 546 33.00 -45.52 3.19
C GLN H 546 33.84 -46.79 3.20
N PRO H 547 33.38 -47.85 2.54
CA PRO H 547 34.13 -49.11 2.53
C PRO H 547 35.50 -48.93 1.91
N PRO H 548 36.52 -49.61 2.44
CA PRO H 548 37.87 -49.48 1.89
C PRO H 548 37.99 -50.18 0.54
N SER H 549 38.93 -49.69 -0.26
CA SER H 549 39.19 -50.28 -1.58
C SER H 549 40.68 -50.18 -1.86
N GLN H 550 41.06 -50.59 -3.07
CA GLN H 550 42.47 -50.54 -3.47
C GLN H 550 42.96 -49.10 -3.55
N PHE H 551 42.14 -48.20 -4.07
CA PHE H 551 42.50 -46.79 -4.25
C PHE H 551 41.84 -45.97 -3.15
N GLU H 552 42.65 -45.44 -2.24
CA GLU H 552 42.12 -44.63 -1.16
C GLU H 552 41.75 -43.24 -1.68
N PRO H 553 40.66 -42.64 -1.19
CA PRO H 553 40.31 -41.27 -1.62
C PRO H 553 41.23 -40.23 -1.00
N LEU H 554 40.95 -38.96 -1.26
CA LEU H 554 41.78 -37.85 -0.80
C LEU H 554 40.95 -36.84 -0.02
N ASP H 555 41.61 -36.08 0.83
CA ASP H 555 40.94 -35.07 1.64
C ASP H 555 40.64 -33.83 0.80
N MET H 556 39.86 -32.91 1.38
CA MET H 556 39.43 -31.73 0.65
C MET H 556 40.57 -30.76 0.38
N LYS H 557 41.51 -30.63 1.32
CA LYS H 557 42.62 -29.69 1.15
C LYS H 557 43.49 -30.09 -0.03
N LEU H 558 43.81 -31.38 -0.15
CA LEU H 558 44.63 -31.84 -1.27
C LEU H 558 43.91 -31.63 -2.59
N MET H 559 42.61 -31.90 -2.63
CA MET H 559 41.85 -31.68 -3.86
C MET H 559 41.83 -30.21 -4.25
N ARG H 560 41.64 -29.32 -3.26
CA ARG H 560 41.64 -27.89 -3.53
C ARG H 560 43.00 -27.44 -4.07
N ARG H 561 44.09 -27.91 -3.45
CA ARG H 561 45.42 -27.54 -3.93
C ARG H 561 45.67 -28.06 -5.34
N TYR H 562 45.23 -29.29 -5.62
CA TYR H 562 45.41 -29.86 -6.95
C TYR H 562 44.64 -29.05 -7.99
N ILE H 563 43.40 -28.66 -7.67
CA ILE H 563 42.60 -27.86 -8.60
C ILE H 563 43.25 -26.50 -8.82
N ALA H 564 43.76 -25.88 -7.75
CA ALA H 564 44.42 -24.60 -7.88
C ALA H 564 45.66 -24.69 -8.77
N MET H 565 46.44 -25.77 -8.60
CA MET H 565 47.62 -25.98 -9.43
C MET H 565 47.22 -26.21 -10.89
N CYS H 566 46.15 -26.98 -11.12
CA CYS H 566 45.73 -27.29 -12.48
C CYS H 566 45.23 -26.04 -13.19
N ARG H 567 44.50 -25.17 -12.48
CA ARG H 567 43.87 -24.02 -13.12
C ARG H 567 44.88 -23.01 -13.65
N GLU H 568 46.15 -23.14 -13.28
CA GLU H 568 47.16 -22.14 -13.67
C GLU H 568 47.40 -22.13 -15.17
N LYS H 569 47.49 -23.30 -15.80
CA LYS H 569 47.90 -23.39 -17.20
C LYS H 569 46.76 -23.10 -18.16
N GLN H 570 47.12 -22.77 -19.40
CA GLN H 570 46.16 -22.46 -20.47
C GLN H 570 46.64 -23.12 -21.76
N PRO H 571 46.13 -24.31 -22.07
CA PRO H 571 46.55 -25.00 -23.29
C PRO H 571 46.02 -24.32 -24.54
N MET H 572 46.60 -24.71 -25.69
CA MET H 572 46.20 -24.19 -26.99
C MET H 572 45.94 -25.35 -27.95
N VAL H 573 44.98 -25.14 -28.85
CA VAL H 573 44.59 -26.15 -29.82
C VAL H 573 45.48 -26.02 -31.04
N PRO H 574 46.15 -27.09 -31.47
CA PRO H 574 47.00 -27.00 -32.67
C PRO H 574 46.18 -26.81 -33.93
N GLU H 575 46.81 -26.21 -34.93
CA GLU H 575 46.14 -25.89 -36.18
C GLU H 575 45.72 -27.16 -36.92
N SER H 576 46.59 -28.18 -36.94
CA SER H 576 46.32 -29.39 -37.71
C SER H 576 45.09 -30.13 -37.22
N LEU H 577 44.92 -30.23 -35.89
CA LEU H 577 43.83 -31.02 -35.32
C LEU H 577 42.47 -30.51 -35.75
N ALA H 578 42.38 -29.26 -36.22
CA ALA H 578 41.14 -28.77 -36.79
C ALA H 578 40.60 -29.71 -37.85
N ASP H 579 41.47 -30.13 -38.79
CA ASP H 579 41.02 -31.01 -39.86
C ASP H 579 40.44 -32.31 -39.31
N TYR H 580 40.87 -32.70 -38.10
CA TYR H 580 40.21 -33.80 -37.41
C TYR H 580 38.90 -33.37 -36.80
N ILE H 581 38.94 -32.35 -35.94
CA ILE H 581 37.80 -32.01 -35.09
C ILE H 581 36.57 -31.68 -35.94
N THR H 582 36.77 -30.85 -36.98
CA THR H 582 35.67 -30.50 -37.87
C THR H 582 34.96 -31.75 -38.37
N ALA H 583 35.74 -32.74 -38.85
CA ALA H 583 35.13 -33.98 -39.31
C ALA H 583 34.33 -34.64 -38.19
N ALA H 584 34.93 -34.73 -37.00
CA ALA H 584 34.25 -35.34 -35.86
C ALA H 584 32.95 -34.63 -35.56
N TYR H 585 32.87 -33.34 -35.91
CA TYR H 585 31.61 -32.62 -35.77
C TYR H 585 30.64 -33.01 -36.87
N VAL H 586 31.08 -32.91 -38.13
CA VAL H 586 30.14 -32.94 -39.26
C VAL H 586 29.40 -34.27 -39.28
N GLU H 587 30.13 -35.38 -39.25
CA GLU H 587 29.50 -36.70 -39.23
C GLU H 587 28.50 -36.79 -38.09
N MET H 588 28.89 -36.29 -36.91
CA MET H 588 27.98 -36.31 -35.77
C MET H 588 26.65 -35.65 -36.13
N ARG H 589 26.70 -34.44 -36.69
CA ARG H 589 25.47 -33.76 -37.06
C ARG H 589 24.70 -34.58 -38.09
N ARG H 590 25.42 -35.21 -39.03
CA ARG H 590 24.76 -36.07 -40.00
C ARG H 590 23.98 -37.17 -39.29
N GLU H 591 24.58 -37.76 -38.27
CA GLU H 591 23.87 -38.77 -37.48
C GLU H 591 22.64 -38.15 -36.83
N ALA H 592 22.78 -36.94 -36.31
CA ALA H 592 21.63 -36.25 -35.72
C ALA H 592 20.57 -35.98 -36.76
N TRP H 593 20.97 -35.84 -38.03
CA TRP H 593 19.98 -35.63 -39.08
C TRP H 593 19.27 -36.93 -39.43
N ALA H 594 19.93 -38.07 -39.19
CA ALA H 594 19.29 -39.35 -39.40
C ALA H 594 18.23 -39.61 -38.33
N SER H 595 18.56 -39.32 -37.07
CA SER H 595 17.64 -39.49 -35.94
C SER H 595 16.78 -38.23 -35.79
N LYS H 596 15.68 -38.20 -36.54
CA LYS H 596 14.79 -37.06 -36.54
C LYS H 596 13.78 -37.10 -35.39
N ASP H 597 13.80 -38.15 -34.56
CA ASP H 597 12.85 -38.24 -33.45
C ASP H 597 13.03 -37.09 -32.47
N ALA H 598 14.18 -37.03 -31.80
CA ALA H 598 14.49 -35.93 -30.89
C ALA H 598 15.98 -35.74 -30.74
N THR H 599 16.55 -34.78 -31.46
CA THR H 599 17.97 -34.47 -31.37
C THR H 599 18.17 -32.96 -31.49
N TYR H 600 19.22 -32.47 -30.85
CA TYR H 600 19.59 -31.06 -30.90
C TYR H 600 21.10 -30.93 -31.10
N THR H 601 21.49 -30.23 -32.16
CA THR H 601 22.91 -29.95 -32.42
C THR H 601 23.04 -28.54 -32.95
N SER H 602 24.14 -27.89 -32.59
CA SER H 602 24.44 -26.55 -33.10
C SER H 602 25.93 -26.28 -32.84
N ALA H 603 26.32 -25.04 -33.08
CA ALA H 603 27.70 -24.64 -32.76
C ALA H 603 27.96 -24.71 -31.26
N ARG H 604 26.91 -24.69 -30.44
CA ARG H 604 27.07 -24.77 -28.99
C ARG H 604 27.69 -26.11 -28.59
N THR H 605 27.28 -27.20 -29.25
CA THR H 605 27.86 -28.49 -28.96
C THR H 605 29.36 -28.52 -29.29
N LEU H 606 29.74 -27.93 -30.42
CA LEU H 606 31.16 -27.87 -30.78
C LEU H 606 31.94 -27.02 -29.77
N LEU H 607 31.35 -25.91 -29.33
CA LEU H 607 32.02 -25.09 -28.33
C LEU H 607 32.19 -25.85 -27.01
N ALA H 608 31.17 -26.60 -26.61
CA ALA H 608 31.27 -27.40 -25.39
C ALA H 608 32.33 -28.48 -25.53
N ILE H 609 32.41 -29.12 -26.70
CA ILE H 609 33.46 -30.12 -26.94
C ILE H 609 34.84 -29.48 -26.84
N LEU H 610 35.01 -28.30 -27.43
CA LEU H 610 36.30 -27.62 -27.37
C LEU H 610 36.65 -27.25 -25.94
N ARG H 611 35.68 -26.77 -25.17
CA ARG H 611 35.92 -26.41 -23.78
C ARG H 611 36.31 -27.63 -22.95
N LEU H 612 35.61 -28.75 -23.15
CA LEU H 612 35.93 -29.97 -22.42
C LEU H 612 37.33 -30.48 -22.78
N SER H 613 37.67 -30.41 -24.07
CA SER H 613 38.99 -30.85 -24.51
C SER H 613 40.08 -29.97 -23.92
N THR H 614 39.85 -28.65 -23.87
CA THR H 614 40.83 -27.75 -23.26
C THR H 614 40.98 -28.02 -21.78
N ALA H 615 39.87 -28.30 -21.08
CA ALA H 615 39.95 -28.63 -19.66
C ALA H 615 40.73 -29.92 -19.44
N LEU H 616 40.48 -30.93 -20.27
CA LEU H 616 41.21 -32.19 -20.14
C LEU H 616 42.70 -32.01 -20.43
N ALA H 617 43.04 -31.19 -21.43
CA ALA H 617 44.45 -30.90 -21.70
C ALA H 617 45.09 -30.13 -20.55
N ARG H 618 44.34 -29.21 -19.94
CA ARG H 618 44.84 -28.47 -18.79
C ARG H 618 45.12 -29.41 -17.62
N LEU H 619 44.27 -30.43 -17.46
CA LEU H 619 44.48 -31.42 -16.40
C LEU H 619 45.83 -32.11 -16.54
N ARG H 620 46.34 -32.24 -17.76
CA ARG H 620 47.63 -32.88 -18.00
C ARG H 620 48.78 -31.88 -18.03
N MET H 621 48.51 -30.59 -17.85
CA MET H 621 49.52 -29.53 -17.87
C MET H 621 50.26 -29.45 -19.20
N VAL H 622 49.65 -29.94 -20.28
CA VAL H 622 50.30 -29.92 -21.59
C VAL H 622 49.97 -28.61 -22.30
N ASP H 623 50.95 -28.08 -23.03
CA ASP H 623 50.75 -26.82 -23.74
C ASP H 623 49.90 -27.00 -24.99
N VAL H 624 49.93 -28.18 -25.60
CA VAL H 624 49.20 -28.46 -26.83
C VAL H 624 48.16 -29.53 -26.56
N VAL H 625 46.92 -29.26 -26.97
CA VAL H 625 45.85 -30.23 -26.77
C VAL H 625 46.11 -31.49 -27.60
N GLU H 626 45.84 -32.64 -27.00
CA GLU H 626 46.11 -33.93 -27.63
C GLU H 626 44.79 -34.59 -28.04
N LYS H 627 44.92 -35.67 -28.80
CA LYS H 627 43.75 -36.34 -29.37
C LYS H 627 42.94 -37.04 -28.29
N GLU H 628 43.60 -37.57 -27.26
CA GLU H 628 42.90 -38.34 -26.24
C GLU H 628 41.89 -37.47 -25.48
N ASP H 629 42.23 -36.20 -25.27
CA ASP H 629 41.29 -35.29 -24.62
C ASP H 629 40.03 -35.11 -25.47
N VAL H 630 40.20 -34.95 -26.78
CA VAL H 630 39.05 -34.82 -27.68
C VAL H 630 38.21 -36.08 -27.66
N ASN H 631 38.87 -37.25 -27.67
CA ASN H 631 38.16 -38.51 -27.65
C ASN H 631 37.35 -38.66 -26.36
N GLU H 632 37.96 -38.31 -25.22
CA GLU H 632 37.25 -38.39 -23.95
C GLU H 632 36.07 -37.43 -23.90
N ALA H 633 36.25 -36.21 -24.42
CA ALA H 633 35.14 -35.25 -24.44
C ALA H 633 34.00 -35.76 -25.31
N ILE H 634 34.34 -36.33 -26.47
CA ILE H 634 33.31 -36.87 -27.36
C ILE H 634 32.58 -38.03 -26.68
N ARG H 635 33.33 -38.89 -26.00
CA ARG H 635 32.70 -40.01 -25.28
C ARG H 635 31.76 -39.50 -24.19
N LEU H 636 32.18 -38.50 -23.43
CA LEU H 636 31.33 -37.94 -22.39
C LEU H 636 30.07 -37.33 -22.97
N MET H 637 30.21 -36.58 -24.06
CA MET H 637 29.03 -35.96 -24.68
C MET H 637 28.07 -37.01 -25.21
N GLU H 638 28.62 -38.07 -25.81
CA GLU H 638 27.77 -39.16 -26.31
C GLU H 638 27.04 -39.85 -25.17
N MET H 639 27.76 -40.10 -24.06
CA MET H 639 27.13 -40.73 -22.91
C MET H 639 26.01 -39.86 -22.35
N SER H 640 26.23 -38.54 -22.32
CA SER H 640 25.17 -37.62 -21.90
C SER H 640 23.98 -37.69 -22.85
N LYS H 641 24.26 -37.75 -24.16
CA LYS H 641 23.18 -37.78 -25.14
C LYS H 641 22.43 -39.11 -25.11
N ASP H 642 23.12 -40.22 -24.86
CA ASP H 642 22.53 -41.55 -24.86
C ASP H 642 21.66 -41.83 -23.62
N SER H 643 21.30 -40.81 -22.83
CA SER H 643 20.48 -41.03 -21.64
C SER H 643 19.00 -40.81 -21.96
N LEU H 644 18.64 -41.13 -23.20
CA LEU H 644 17.26 -41.03 -23.68
C LEU H 644 16.67 -39.64 -23.50
#